data_7BKE
#
_entry.id   7BKE
#
_cell.length_a   1.00
_cell.length_b   1.00
_cell.length_c   1.00
_cell.angle_alpha   90.00
_cell.angle_beta   90.00
_cell.angle_gamma   90.00
#
_symmetry.space_group_name_H-M   'P 1'
#
loop_
_entity.id
_entity.type
_entity.pdbx_description
1 polymer 'CoB--CoM heterodisulfide reductase iron-sulfur subunit A'
2 polymer 'CoB--CoM heterodisulfide reductase subunit C'
3 polymer 'CoB--CoM heterodisulfide reductase subunit B'
4 polymer 'F420-non-reducing hydrogenase subunit D'
5 polymer 'Formate dehydrogenase, beta subunit (F420)'
6 polymer 'Formate dehydrogenase'
7 non-polymer 'IRON/SULFUR CLUSTER'
8 non-polymer 'FLAVIN-ADENINE DINUCLEOTIDE'
9 non-polymer 'Non-cubane [4Fe-4S]-cluster'
10 non-polymer 'FE2/S2 (INORGANIC) CLUSTER'
#
loop_
_entity_poly.entity_id
_entity_poly.type
_entity_poly.pdbx_seq_one_letter_code
_entity_poly.pdbx_strand_id
1 'polypeptide(L)'
;MAENTEPRIGVFVCHCGTNIAGSMSIDDVVNYAKTLPYVAVADQYQYMCSTPGQKKIDDAIKEYNLTGVVVAACSPRLHE
PTFRTATKEGGLNPFRFEMANIREQNSWVHMHGMWDEATQKAKDQVRMAVAKAAKLEDLVPKSVPVEKTAMVVGGGVAGM
QAALDLASAGIKTYLIERTPTIGGRMSQLDKTFPTLDCSQCILTPKMVDVGRHPNIEMMTYTEVEKVEGYIGNFDVTLRK
KARGVLTPTEATAKGIVGGGCNGCGDCSAVCPVIKPNPFEMGMAPRKAIYIYHAQVMPLIYTVDFDSCVKCGLCVEACGD
KKAIDLEMQDEFITVKVGTAVLATGYELFPIENKREWGYKQFDNVINALEFERLICASGPTGGHLVRPSDGKTPMKVGFV
LCAGSRDNTGIGKPYCSRFCCMYSLKHAHQIMEKIPGAVAYLFYMDIRSFGKMYEEFYYRIQHEGAKFIRGRVANVLEDK
ETKNLHVFTEDTLLGRPVDVEVDLLVLAAAVQPNEGANELRKKFGVSASQDGWMLEAHPKLNPCGTTTAGVFLAGVCQGP
KDIPDTVAQAEGAASAASIPIHMGEVELEPYFAMCIDELCAGCGMCVNLCPYSALSLGEKNGRTVMVVTEAKCKGCGTCG
GFCPGGAIKMQHFTTPQIVAQIDAFFAGGEQ
;
A,a
2 'polypeptide(L)'
;MAAKSYNIPELDKKLADRRYHLSDTNPEFTQKILKTSRTIANMCYQCGTCTGSCPSAPRSSYRIRLFMRRCVLGLENEAL
TDPDLWLCTTCYSCTDRCPRDIAPTDVIMAMRNLAFKRDIVPKNFLQTVQLIYNSGHGVPNNDVNRAARTKLGLPADPPT
THSYPEFVKGIQKIIDHYELKENADRILKGD
;
C,c
3 'polypeptide(L)'
;MHEYAFFLGCIAPNRYPGCEASAIKTSEKVGIKLLPLKGASCCPAPGAFGSIDLNVWYAMAARNLVLAEEMKKDIALICN
GCYKSIWEVNHILKHNDELRDNVNEVLAEIDMQFKGTIDVWHLAELYYDDKVCGVQKIKDSVTTPLSGAKVAAHYGCHLM
KPKKERHFGDTENPMWFEELIGALGAEPIQYRNKMQCCGAGGGVRGYDIVHALDITNEKLINIQEAGADAITELCPFCQL
QFDRGQIEIKEKFGDVYNIPVLHYNELLGLAQGMSPQDLALDLHAIDCTPFLQKVL
;
B,b
4 'polypeptide(L)'
;MADDWKPQILAIICNWCSYAGADLAGGARIQYPPTVRAIRVMCTGRVDMLFILKAFVEGADGVLVSGCHFGDCHYLEGNY
KAAKRMFMIKNLLRNIGLDDRRFRMTFVSASEGAKWGMVMEDVTNTIKELGPSPIKEFKK
;
F
5 'polypeptide(L)'
;MAAKGDMLYAWAKDAEIQKKGECGGAVTALLKHALETKMVDAVVAIKKGKDLYDAVPTVITNPEDIIQTAGSLHCGTLLI
PKLIKKYLNGAKDMKLAVTCKGCDAMAFYELAKRNQINLDNIIMIGVNCGGSVSPVTARKMISNKFGVDPDTVHKEEIDK
GQFIIEYEGGHKGIKIDELEEEGYGRRSNCRRCKMKIPRQADIAAGNWGVIGDKAGKATFLEICSEKGANLVNSAQSKGA
LEISPADPKGIDIRAKVEKAMFNLGDEWRHRDFEGMGKGKDRLKLMMSESSKCIKCYACVEACPICYCIECSTKKPWYIA
PGVLPTSFMFHLIRFAHVSDSCINCGQCEELCPMEIPNALFMHSQQVEIEKMFGHIPGQDMTPPIHAFVEEKAERARLDA
TGTDSIYTNIFTDE
;
E
6 'polypeptide(L)'
;MSENSEIMKYVATTCPYCGVGCTLNLVVSNGKVVGVEPNQRSPINEGKLCPKGVTCWEHIHSPDRLTTPLIKKDGKFIEA
SWDEALDLVAKNLKVIYDKHGPKGLGFQTSCRTVNEDCYIFQKFARVGFKTNNVDNCARICHGPSVAGLSLSFGSGAATN
GFEDALNADLILIWGSNAVEAHPLAGRRIAQAKKKGIQIIAVDPRYTMTARLADTYVRFNPSTHIALANSMMYWIIKEGL
EDKKFIQDRVNGFEDLKKTVENYADAEAIHGVPLDVVKDIAFRYAKAKNAVIIYCLGITELTTGTDNVRSMGNLALLTGN
VGREGVGVNPLRGQNNVQGACDMGAYPNVYSGYQKCEVAENRAKMEKAWSVTNLPDWYGATLTEQINQCGDEIKGMYILG
LNPVVTYPSSNHVKAQLEKLDFLVVQDIFFTETCQYADVILPGACFAEKDGTFTSGERRINRVRKAVNPPGQAKEDIHII
SELAAKMGFKGFELPTAKDVWDDMRAVTPSMFGATYEKLERPEGICWPCPTEEHPGTPILHREKFATADGKGNLFGIDYR
PPAEVADAEYPFTLMTGRLIFHYHSRTQTDRAADLHREVPESYAQINIEDARRLGIKNNEYIKLKSRRGETTTLARVTDE
VAPGVVYMTMHFADGVNNLTNTVLDPMSKMPELKHCAISIEKVGGN
;
D
#
# COMPACT_ATOMS: atom_id res chain seq x y z
N LYS A 142 -50.61 27.81 -8.36
CA LYS A 142 -51.31 26.77 -7.63
C LYS A 142 -50.30 25.89 -6.89
N SER A 143 -50.55 25.68 -5.61
CA SER A 143 -49.75 24.76 -4.81
C SER A 143 -50.52 23.45 -4.66
N VAL A 144 -49.84 22.34 -4.93
CA VAL A 144 -50.49 21.04 -4.85
C VAL A 144 -49.73 20.16 -3.86
N PRO A 145 -50.41 19.33 -3.08
CA PRO A 145 -49.70 18.44 -2.16
C PRO A 145 -48.96 17.34 -2.92
N VAL A 146 -47.92 16.82 -2.29
CA VAL A 146 -47.08 15.79 -2.89
C VAL A 146 -47.20 14.53 -2.03
N GLU A 147 -47.61 13.43 -2.66
CA GLU A 147 -47.61 12.14 -1.98
C GLU A 147 -46.19 11.78 -1.57
N LYS A 148 -46.05 11.24 -0.36
CA LYS A 148 -44.75 11.03 0.25
C LYS A 148 -44.12 9.70 -0.16
N THR A 149 -44.49 9.16 -1.30
CA THR A 149 -43.84 7.96 -1.83
C THR A 149 -43.12 8.30 -3.12
N ALA A 150 -42.23 7.41 -3.53
CA ALA A 150 -41.48 7.56 -4.76
C ALA A 150 -41.41 6.22 -5.46
N MET A 151 -41.25 6.26 -6.77
CA MET A 151 -41.13 5.06 -7.58
C MET A 151 -39.81 5.09 -8.32
N VAL A 152 -39.13 3.94 -8.34
CA VAL A 152 -37.91 3.77 -9.12
C VAL A 152 -38.14 2.59 -10.06
N VAL A 153 -38.14 2.89 -11.35
CA VAL A 153 -38.33 1.84 -12.39
C VAL A 153 -36.96 1.39 -12.87
N GLY A 154 -36.61 0.16 -12.58
CA GLY A 154 -35.28 -0.35 -12.93
C GLY A 154 -34.56 -0.76 -11.69
N GLY A 155 -34.09 -1.99 -11.64
CA GLY A 155 -33.41 -2.52 -10.45
C GLY A 155 -31.97 -2.82 -10.75
N GLY A 156 -31.34 -1.98 -11.57
CA GLY A 156 -29.91 -2.15 -11.85
C GLY A 156 -29.13 -1.45 -10.78
N VAL A 157 -27.87 -1.15 -11.02
CA VAL A 157 -27.12 -0.37 -10.00
C VAL A 157 -27.74 1.02 -9.82
N ALA A 158 -28.15 1.68 -10.91
CA ALA A 158 -28.71 3.04 -10.81
C ALA A 158 -30.06 3.05 -10.11
N GLY A 159 -30.89 2.05 -10.39
CA GLY A 159 -32.15 1.96 -9.68
C GLY A 159 -31.98 1.61 -8.22
N MET A 160 -31.10 0.66 -7.91
CA MET A 160 -30.86 0.29 -6.53
C MET A 160 -30.25 1.45 -5.75
N GLN A 161 -29.31 2.18 -6.34
CA GLN A 161 -28.72 3.32 -5.64
C GLN A 161 -29.76 4.39 -5.37
N ALA A 162 -30.59 4.70 -6.36
CA ALA A 162 -31.63 5.70 -6.17
C ALA A 162 -32.63 5.27 -5.10
N ALA A 163 -33.02 3.99 -5.11
CA ALA A 163 -33.97 3.50 -4.11
C ALA A 163 -33.38 3.55 -2.71
N LEU A 164 -32.12 3.12 -2.56
CA LEU A 164 -31.48 3.17 -1.25
C LEU A 164 -31.33 4.60 -0.77
N ASP A 165 -30.98 5.51 -1.67
CA ASP A 165 -30.83 6.92 -1.30
C ASP A 165 -32.14 7.51 -0.82
N LEU A 166 -33.23 7.28 -1.56
CA LEU A 166 -34.53 7.79 -1.15
C LEU A 166 -34.97 7.18 0.18
N ALA A 167 -34.83 5.86 0.31
CA ALA A 167 -35.26 5.20 1.54
C ALA A 167 -34.46 5.69 2.74
N SER A 168 -33.15 5.84 2.61
CA SER A 168 -32.35 6.33 3.72
C SER A 168 -32.60 7.82 3.97
N ALA A 169 -33.09 8.55 2.99
CA ALA A 169 -33.62 9.88 3.28
C ALA A 169 -34.96 9.81 3.98
N GLY A 170 -35.62 8.67 3.96
CA GLY A 170 -36.83 8.44 4.74
C GLY A 170 -38.09 8.29 3.93
N ILE A 171 -38.02 8.50 2.62
CA ILE A 171 -39.18 8.41 1.76
C ILE A 171 -39.45 6.94 1.43
N LYS A 172 -40.70 6.52 1.56
CA LYS A 172 -41.07 5.19 1.11
C LYS A 172 -40.93 5.10 -0.40
N THR A 173 -40.36 3.99 -0.87
CA THR A 173 -39.98 3.87 -2.26
C THR A 173 -40.45 2.54 -2.82
N TYR A 174 -40.89 2.56 -4.08
CA TYR A 174 -41.20 1.36 -4.83
C TYR A 174 -40.08 1.12 -5.83
N LEU A 175 -39.58 -0.10 -5.87
CA LEU A 175 -38.55 -0.49 -6.82
C LEU A 175 -39.17 -1.49 -7.79
N ILE A 176 -39.42 -1.04 -9.02
CA ILE A 176 -40.05 -1.94 -10.03
C ILE A 176 -38.95 -2.53 -10.90
N GLU A 177 -38.93 -3.85 -11.05
CA GLU A 177 -37.95 -4.52 -11.91
C GLU A 177 -38.75 -5.50 -12.75
N ARG A 178 -38.59 -5.50 -14.08
CA ARG A 178 -39.30 -6.42 -14.98
C ARG A 178 -38.78 -7.84 -14.81
N THR A 179 -37.55 -7.99 -14.37
CA THR A 179 -36.96 -9.34 -14.29
C THR A 179 -37.11 -9.89 -12.86
N PRO A 180 -36.98 -11.21 -12.60
CA PRO A 180 -37.21 -11.75 -11.25
C PRO A 180 -36.18 -11.35 -10.21
N THR A 181 -35.12 -10.64 -10.60
CA THR A 181 -34.07 -10.26 -9.67
C THR A 181 -33.59 -8.85 -9.96
N ILE A 182 -33.10 -8.17 -8.93
CA ILE A 182 -32.44 -6.89 -9.09
C ILE A 182 -30.96 -7.13 -9.39
N GLY A 183 -30.23 -6.09 -9.78
CA GLY A 183 -28.78 -6.22 -10.03
C GLY A 183 -28.39 -5.60 -11.35
N GLY A 184 -29.09 -5.97 -12.43
CA GLY A 184 -28.82 -5.40 -13.76
C GLY A 184 -27.62 -6.02 -14.44
N ARG A 185 -26.97 -5.26 -15.31
CA ARG A 185 -25.79 -5.71 -16.06
C ARG A 185 -24.59 -5.94 -15.15
N MET A 186 -24.47 -5.18 -14.06
CA MET A 186 -23.28 -5.26 -13.20
C MET A 186 -23.29 -6.63 -12.52
N SER A 187 -24.46 -7.22 -12.32
CA SER A 187 -24.54 -8.58 -11.83
C SER A 187 -24.01 -9.59 -12.85
N GLN A 188 -24.03 -9.24 -14.14
CA GLN A 188 -23.48 -10.13 -15.16
C GLN A 188 -21.98 -9.93 -15.31
N LEU A 189 -21.47 -8.72 -15.07
CA LEU A 189 -20.02 -8.45 -15.14
C LEU A 189 -19.26 -9.41 -14.23
N ASP A 190 -18.06 -9.79 -14.63
CA ASP A 190 -17.20 -10.67 -13.85
C ASP A 190 -16.23 -9.87 -12.97
N LYS A 191 -15.38 -9.04 -13.58
CA LYS A 191 -14.47 -8.18 -12.80
C LYS A 191 -14.71 -6.78 -13.34
N THR A 192 -14.38 -5.75 -12.59
CA THR A 192 -14.71 -4.37 -12.98
C THR A 192 -13.45 -3.54 -13.27
N PHE A 193 -13.41 -2.84 -14.38
CA PHE A 193 -12.32 -1.90 -14.67
C PHE A 193 -12.48 -0.70 -13.74
N PRO A 194 -11.47 0.12 -13.37
CA PRO A 194 -10.05 -0.21 -13.56
C PRO A 194 -9.45 -0.86 -12.33
N THR A 195 -10.29 -1.09 -11.33
CA THR A 195 -9.84 -1.61 -10.04
C THR A 195 -9.80 -3.13 -9.99
N LEU A 196 -10.34 -3.83 -10.99
CA LEU A 196 -10.38 -5.32 -11.09
C LEU A 196 -10.99 -5.99 -9.86
N ASP A 197 -12.04 -5.39 -9.32
CA ASP A 197 -12.77 -6.00 -8.18
C ASP A 197 -13.81 -6.97 -8.75
N CYS A 198 -14.24 -7.96 -7.98
CA CYS A 198 -15.32 -8.88 -8.42
C CYS A 198 -16.62 -8.08 -8.33
N SER A 199 -17.39 -8.05 -9.41
CA SER A 199 -18.63 -7.24 -9.47
C SER A 199 -19.68 -7.70 -8.46
N GLN A 200 -19.91 -9.00 -8.37
CA GLN A 200 -20.95 -9.54 -7.46
C GLN A 200 -20.53 -9.27 -6.03
N CYS A 201 -19.25 -9.40 -5.74
CA CYS A 201 -18.77 -9.21 -4.36
C CYS A 201 -19.05 -7.77 -3.91
N ILE A 202 -18.74 -6.78 -4.74
CA ILE A 202 -18.98 -5.35 -4.40
C ILE A 202 -20.47 -5.00 -4.41
N LEU A 203 -21.29 -5.71 -5.19
CA LEU A 203 -22.72 -5.37 -5.30
C LEU A 203 -23.58 -6.20 -4.35
N THR A 204 -23.18 -7.41 -3.98
CA THR A 204 -24.07 -8.27 -3.14
C THR A 204 -24.43 -7.51 -1.86
N PRO A 205 -23.50 -6.86 -1.14
CA PRO A 205 -23.87 -6.05 0.01
C PRO A 205 -25.04 -5.10 -0.27
N LYS A 206 -25.01 -4.31 -1.34
CA LYS A 206 -26.05 -3.35 -1.67
C LYS A 206 -27.36 -4.02 -2.05
N MET A 207 -27.28 -5.19 -2.70
CA MET A 207 -28.48 -5.96 -2.96
C MET A 207 -29.14 -6.39 -1.66
N VAL A 208 -28.33 -6.80 -0.68
CA VAL A 208 -28.89 -7.19 0.62
C VAL A 208 -29.51 -6.00 1.32
N ASP A 209 -28.87 -4.83 1.23
CA ASP A 209 -29.45 -3.63 1.81
C ASP A 209 -30.81 -3.31 1.21
N VAL A 210 -30.91 -3.39 -0.12
CA VAL A 210 -32.19 -3.13 -0.78
C VAL A 210 -33.23 -4.15 -0.35
N GLY A 211 -32.84 -5.42 -0.27
CA GLY A 211 -33.79 -6.45 0.09
C GLY A 211 -34.28 -6.35 1.52
N ARG A 212 -33.47 -5.78 2.41
CA ARG A 212 -33.83 -5.68 3.82
C ARG A 212 -34.41 -4.33 4.23
N HIS A 213 -34.26 -3.29 3.41
CA HIS A 213 -34.67 -1.97 3.84
C HIS A 213 -36.16 -1.91 4.09
N PRO A 214 -36.61 -1.41 5.25
CA PRO A 214 -38.06 -1.34 5.50
C PRO A 214 -38.76 -0.28 4.68
N ASN A 215 -38.04 0.71 4.16
CA ASN A 215 -38.64 1.80 3.41
C ASN A 215 -38.69 1.53 1.90
N ILE A 216 -38.26 0.36 1.46
CA ILE A 216 -38.24 0.01 0.04
C ILE A 216 -39.23 -1.12 -0.18
N GLU A 217 -40.13 -0.93 -1.12
CA GLU A 217 -41.08 -1.95 -1.54
C GLU A 217 -40.56 -2.55 -2.83
N MET A 218 -39.74 -3.58 -2.70
CA MET A 218 -39.10 -4.21 -3.85
C MET A 218 -40.13 -5.08 -4.55
N MET A 219 -40.46 -4.71 -5.79
CA MET A 219 -41.47 -5.40 -6.60
C MET A 219 -40.77 -5.91 -7.85
N THR A 220 -40.25 -7.12 -7.79
CA THR A 220 -39.58 -7.70 -8.94
C THR A 220 -40.59 -8.41 -9.84
N TYR A 221 -40.22 -8.54 -11.10
CA TYR A 221 -41.01 -9.26 -12.09
C TYR A 221 -42.35 -8.55 -12.28
N THR A 222 -42.27 -7.24 -12.43
CA THR A 222 -43.47 -6.40 -12.46
C THR A 222 -43.23 -5.29 -13.47
N GLU A 223 -44.28 -4.86 -14.15
CA GLU A 223 -44.11 -3.81 -15.17
C GLU A 223 -45.02 -2.64 -14.86
N VAL A 224 -44.94 -1.56 -15.63
CA VAL A 224 -45.76 -0.35 -15.46
C VAL A 224 -46.74 -0.30 -16.62
N GLU A 225 -48.01 -0.63 -16.36
CA GLU A 225 -49.00 -0.61 -17.43
C GLU A 225 -49.34 0.81 -17.87
N LYS A 226 -49.63 1.70 -16.92
CA LYS A 226 -50.11 3.01 -17.30
C LYS A 226 -49.79 3.99 -16.19
N VAL A 227 -49.60 5.25 -16.58
CA VAL A 227 -49.32 6.34 -15.65
C VAL A 227 -50.21 7.52 -16.01
N GLU A 228 -50.94 8.02 -15.02
CA GLU A 228 -51.66 9.28 -15.17
C GLU A 228 -51.48 10.10 -13.92
N GLY A 229 -51.55 11.42 -14.08
CA GLY A 229 -51.34 12.34 -12.99
C GLY A 229 -50.26 13.33 -13.33
N TYR A 230 -49.68 13.92 -12.30
CA TYR A 230 -48.74 15.03 -12.47
C TYR A 230 -47.80 15.04 -11.27
N ILE A 231 -47.04 16.12 -11.14
CA ILE A 231 -46.08 16.27 -10.05
C ILE A 231 -46.68 15.89 -8.70
N GLY A 232 -47.93 16.22 -8.47
CA GLY A 232 -48.53 15.91 -7.19
C GLY A 232 -48.74 14.43 -6.97
N ASN A 233 -49.67 13.84 -7.71
CA ASN A 233 -50.03 12.44 -7.56
C ASN A 233 -49.95 11.75 -8.91
N PHE A 234 -49.11 10.73 -8.99
CA PHE A 234 -49.01 9.89 -10.17
C PHE A 234 -49.75 8.59 -9.85
N ASP A 235 -50.84 8.33 -10.57
CA ASP A 235 -51.58 7.09 -10.38
C ASP A 235 -50.98 6.05 -11.31
N VAL A 236 -50.02 5.29 -10.80
CA VAL A 236 -49.27 4.34 -11.60
C VAL A 236 -49.88 2.96 -11.40
N THR A 237 -50.24 2.32 -12.50
CA THR A 237 -50.78 0.97 -12.48
C THR A 237 -49.67 -0.02 -12.82
N LEU A 238 -49.49 -1.02 -11.97
CA LEU A 238 -48.44 -2.00 -12.14
C LEU A 238 -49.05 -3.34 -12.51
N ARG A 239 -48.34 -4.09 -13.34
CA ARG A 239 -48.72 -5.45 -13.69
C ARG A 239 -47.82 -6.41 -12.92
N LYS A 240 -48.38 -7.12 -11.96
CA LYS A 240 -47.64 -8.14 -11.23
C LYS A 240 -47.74 -9.42 -12.04
N LYS A 241 -46.72 -9.70 -12.83
CA LYS A 241 -46.73 -10.87 -13.68
C LYS A 241 -46.79 -12.13 -12.84
N ALA A 242 -47.39 -13.17 -13.39
CA ALA A 242 -47.59 -14.41 -12.64
C ALA A 242 -46.24 -15.07 -12.42
N ARG A 243 -45.66 -14.86 -11.25
CA ARG A 243 -44.37 -15.48 -10.94
C ARG A 243 -44.50 -16.99 -10.83
N GLY A 244 -45.65 -17.47 -10.34
CA GLY A 244 -45.86 -18.88 -10.16
C GLY A 244 -45.42 -19.44 -8.83
N VAL A 245 -44.70 -18.66 -8.02
CA VAL A 245 -44.19 -19.12 -6.75
C VAL A 245 -44.41 -18.02 -5.70
N LEU A 246 -44.77 -18.44 -4.49
CA LEU A 246 -45.17 -17.54 -3.42
C LEU A 246 -44.03 -17.29 -2.46
N THR A 247 -43.80 -16.02 -2.13
CA THR A 247 -42.88 -15.69 -1.06
C THR A 247 -43.49 -16.14 0.28
N PRO A 248 -42.66 -16.27 1.32
CA PRO A 248 -43.23 -16.67 2.62
C PRO A 248 -44.31 -15.73 3.12
N THR A 249 -44.17 -14.42 2.92
CA THR A 249 -45.18 -13.48 3.38
C THR A 249 -46.52 -13.73 2.68
N GLU A 250 -46.47 -13.85 1.35
CA GLU A 250 -47.69 -14.09 0.58
C GLU A 250 -48.30 -15.44 0.90
N ALA A 251 -47.46 -16.44 1.17
CA ALA A 251 -47.99 -17.75 1.56
C ALA A 251 -48.72 -17.67 2.88
N THR A 252 -48.14 -16.98 3.87
CA THR A 252 -48.81 -16.84 5.15
C THR A 252 -50.11 -16.05 4.99
N ALA A 253 -50.11 -15.03 4.15
CA ALA A 253 -51.33 -14.28 3.89
C ALA A 253 -52.40 -15.17 3.29
N LYS A 254 -52.03 -16.00 2.30
CA LYS A 254 -52.98 -16.92 1.70
C LYS A 254 -53.35 -18.07 2.63
N GLY A 255 -52.65 -18.25 3.74
CA GLY A 255 -53.05 -19.22 4.74
C GLY A 255 -52.10 -20.37 4.95
N ILE A 256 -51.07 -20.52 4.12
CA ILE A 256 -50.10 -21.60 4.28
C ILE A 256 -49.13 -21.21 5.38
N VAL A 257 -49.26 -21.86 6.54
CA VAL A 257 -48.39 -21.52 7.66
C VAL A 257 -46.96 -21.98 7.41
N GLY A 258 -46.79 -23.15 6.79
CA GLY A 258 -45.47 -23.74 6.61
C GLY A 258 -44.51 -22.86 5.84
N GLY A 259 -45.00 -21.90 5.08
CA GLY A 259 -44.18 -20.92 4.41
C GLY A 259 -44.39 -20.93 2.92
N GLY A 260 -43.52 -20.20 2.23
CA GLY A 260 -43.53 -20.17 0.79
C GLY A 260 -42.25 -20.74 0.22
N CYS A 261 -41.50 -19.93 -0.51
CA CYS A 261 -40.27 -20.38 -1.14
C CYS A 261 -39.07 -20.06 -0.26
N ASN A 262 -38.27 -21.09 0.04
CA ASN A 262 -37.02 -20.91 0.77
C ASN A 262 -35.80 -21.08 -0.13
N GLY A 263 -36.00 -21.26 -1.43
CA GLY A 263 -34.89 -21.42 -2.35
C GLY A 263 -34.12 -22.70 -2.19
N CYS A 264 -34.78 -23.83 -1.95
CA CYS A 264 -34.05 -25.08 -1.76
C CYS A 264 -33.53 -25.61 -3.08
N GLY A 265 -34.32 -25.51 -4.15
CA GLY A 265 -33.91 -25.94 -5.47
C GLY A 265 -34.46 -27.28 -5.91
N ASP A 266 -35.28 -27.94 -5.10
CA ASP A 266 -35.82 -29.24 -5.47
C ASP A 266 -36.70 -29.15 -6.71
N CYS A 267 -37.46 -28.06 -6.83
CA CYS A 267 -38.31 -27.86 -7.99
C CYS A 267 -37.49 -27.91 -9.28
N SER A 268 -36.44 -27.10 -9.35
CA SER A 268 -35.63 -27.10 -10.56
C SER A 268 -34.80 -28.37 -10.67
N ALA A 269 -34.61 -29.09 -9.57
CA ALA A 269 -33.94 -30.38 -9.66
C ALA A 269 -34.81 -31.41 -10.37
N VAL A 270 -36.13 -31.27 -10.26
CA VAL A 270 -37.01 -32.26 -10.88
C VAL A 270 -37.68 -31.80 -12.17
N CYS A 271 -37.67 -30.50 -12.47
CA CYS A 271 -38.30 -30.02 -13.69
C CYS A 271 -37.65 -30.66 -14.91
N PRO A 272 -38.44 -31.17 -15.87
CA PRO A 272 -37.84 -31.78 -17.06
C PRO A 272 -37.63 -30.85 -18.24
N VAL A 273 -38.24 -29.69 -18.26
CA VAL A 273 -38.02 -28.73 -19.34
C VAL A 273 -36.66 -28.08 -19.16
N ILE A 274 -35.95 -27.85 -20.26
CA ILE A 274 -34.65 -27.18 -20.24
C ILE A 274 -34.65 -26.11 -21.33
N LYS A 275 -34.33 -24.89 -20.94
CA LYS A 275 -34.38 -23.74 -21.83
C LYS A 275 -33.13 -22.90 -21.60
N PRO A 276 -32.80 -22.02 -22.53
CA PRO A 276 -31.63 -21.14 -22.34
C PRO A 276 -31.85 -20.14 -21.22
N ASN A 277 -30.75 -19.75 -20.59
CA ASN A 277 -30.78 -18.80 -19.49
C ASN A 277 -30.47 -17.41 -20.02
N PRO A 278 -31.40 -16.47 -19.96
CA PRO A 278 -31.11 -15.13 -20.49
C PRO A 278 -30.03 -14.39 -19.70
N PHE A 279 -29.85 -14.72 -18.42
CA PHE A 279 -28.79 -14.11 -17.64
C PHE A 279 -27.43 -14.48 -18.20
N GLU A 280 -27.25 -15.75 -18.55
CA GLU A 280 -26.03 -16.24 -19.17
C GLU A 280 -26.01 -16.03 -20.66
N MET A 281 -26.78 -15.06 -21.16
CA MET A 281 -26.84 -14.75 -22.59
C MET A 281 -27.11 -15.98 -23.44
N GLY A 282 -27.81 -16.94 -22.87
CA GLY A 282 -28.18 -18.13 -23.60
C GLY A 282 -27.17 -19.25 -23.57
N MET A 283 -25.98 -19.06 -23.02
CA MET A 283 -25.02 -20.14 -23.03
C MET A 283 -25.39 -21.29 -22.11
N ALA A 284 -26.29 -21.08 -21.15
CA ALA A 284 -26.44 -22.12 -20.16
C ALA A 284 -27.89 -22.58 -20.03
N PRO A 285 -28.10 -23.84 -19.69
CA PRO A 285 -29.47 -24.33 -19.51
C PRO A 285 -30.05 -23.88 -18.19
N ARG A 286 -31.38 -23.80 -18.17
CA ARG A 286 -32.15 -23.59 -16.95
C ARG A 286 -33.52 -24.21 -17.14
N LYS A 287 -34.07 -24.75 -16.06
CA LYS A 287 -35.34 -25.44 -16.14
C LYS A 287 -36.48 -24.44 -16.34
N ALA A 288 -37.70 -24.96 -16.41
CA ALA A 288 -38.86 -24.06 -16.52
C ALA A 288 -39.07 -23.26 -15.27
N ILE A 289 -38.75 -23.83 -14.10
CA ILE A 289 -38.76 -23.15 -12.83
C ILE A 289 -37.30 -22.91 -12.43
N TYR A 290 -36.95 -21.67 -12.13
CA TYR A 290 -35.54 -21.32 -12.17
C TYR A 290 -35.28 -20.04 -11.42
N ILE A 291 -33.99 -19.82 -11.14
CA ILE A 291 -33.43 -18.53 -10.80
C ILE A 291 -32.32 -18.25 -11.81
N TYR A 292 -32.05 -16.97 -12.06
CA TYR A 292 -30.95 -16.63 -12.96
C TYR A 292 -29.63 -17.17 -12.44
N HIS A 293 -29.19 -16.70 -11.28
CA HIS A 293 -27.96 -17.19 -10.69
C HIS A 293 -28.20 -17.39 -9.20
N ALA A 294 -27.22 -17.99 -8.54
CA ALA A 294 -27.36 -18.33 -7.13
C ALA A 294 -27.35 -17.11 -6.22
N GLN A 295 -27.01 -15.93 -6.73
CA GLN A 295 -26.93 -14.71 -5.92
C GLN A 295 -28.06 -13.74 -6.22
N VAL A 296 -29.19 -14.23 -6.72
CA VAL A 296 -30.33 -13.34 -6.97
C VAL A 296 -30.87 -12.86 -5.64
N MET A 297 -31.33 -11.61 -5.60
CA MET A 297 -31.75 -11.05 -4.32
C MET A 297 -33.06 -11.65 -3.82
N PRO A 298 -34.19 -11.55 -4.51
CA PRO A 298 -35.31 -12.38 -4.09
C PRO A 298 -35.09 -13.79 -4.59
N LEU A 299 -34.70 -14.69 -3.69
CA LEU A 299 -34.41 -16.07 -4.02
C LEU A 299 -35.73 -16.85 -4.02
N ILE A 300 -36.53 -16.65 -5.06
CA ILE A 300 -37.93 -17.05 -5.05
C ILE A 300 -38.32 -17.94 -6.22
N TYR A 301 -37.45 -18.19 -7.18
CA TYR A 301 -37.66 -19.27 -8.16
C TYR A 301 -38.92 -19.05 -9.01
N THR A 302 -38.85 -18.06 -9.88
CA THR A 302 -39.88 -17.86 -10.89
C THR A 302 -40.20 -19.14 -11.66
N VAL A 303 -41.44 -19.22 -12.15
CA VAL A 303 -41.85 -20.24 -13.12
C VAL A 303 -42.04 -19.56 -14.46
N ASP A 304 -41.45 -20.15 -15.51
CA ASP A 304 -41.55 -19.60 -16.85
C ASP A 304 -42.77 -20.21 -17.51
N PHE A 305 -43.88 -19.47 -17.53
CA PHE A 305 -45.14 -20.06 -17.96
C PHE A 305 -45.22 -20.21 -19.46
N ASP A 306 -44.39 -19.49 -20.22
CA ASP A 306 -44.37 -19.73 -21.65
C ASP A 306 -43.76 -21.07 -22.00
N SER A 307 -43.02 -21.68 -21.09
CA SER A 307 -42.33 -22.93 -21.37
C SER A 307 -42.69 -24.06 -20.43
N CYS A 308 -43.42 -23.79 -19.35
CA CYS A 308 -43.87 -24.83 -18.47
C CYS A 308 -44.89 -25.72 -19.17
N VAL A 309 -44.81 -27.02 -18.92
CA VAL A 309 -45.79 -27.96 -19.45
C VAL A 309 -46.76 -28.43 -18.39
N LYS A 310 -46.75 -27.80 -17.22
CA LYS A 310 -47.68 -28.11 -16.13
C LYS A 310 -47.64 -29.59 -15.76
N CYS A 311 -46.44 -30.17 -15.74
CA CYS A 311 -46.33 -31.58 -15.43
C CYS A 311 -46.60 -31.84 -13.96
N GLY A 312 -46.47 -30.82 -13.12
CA GLY A 312 -46.78 -30.95 -11.71
C GLY A 312 -45.73 -31.62 -10.88
N LEU A 313 -44.56 -31.92 -11.44
CA LEU A 313 -43.49 -32.48 -10.63
C LEU A 313 -42.94 -31.47 -9.64
N CYS A 314 -42.94 -30.19 -10.02
CA CYS A 314 -42.40 -29.16 -9.16
C CYS A 314 -43.19 -29.05 -7.86
N VAL A 315 -44.52 -29.16 -7.92
CA VAL A 315 -45.31 -29.02 -6.71
C VAL A 315 -45.09 -30.21 -5.78
N GLU A 316 -44.93 -31.40 -6.34
CA GLU A 316 -44.62 -32.56 -5.52
C GLU A 316 -43.26 -32.41 -4.86
N ALA A 317 -42.28 -31.87 -5.58
CA ALA A 317 -40.98 -31.63 -4.98
C ALA A 317 -41.05 -30.57 -3.88
N CYS A 318 -41.81 -29.51 -4.10
CA CYS A 318 -41.94 -28.47 -3.09
C CYS A 318 -42.62 -28.99 -1.84
N GLY A 319 -43.63 -29.84 -2.00
CA GLY A 319 -44.21 -30.51 -0.85
C GLY A 319 -44.97 -29.56 0.05
N ASP A 320 -44.75 -29.71 1.36
CA ASP A 320 -45.56 -28.99 2.34
C ASP A 320 -45.34 -27.48 2.30
N LYS A 321 -44.23 -27.03 1.71
CA LYS A 321 -44.03 -25.59 1.57
C LYS A 321 -45.10 -24.97 0.68
N LYS A 322 -45.56 -25.71 -0.33
CA LYS A 322 -46.69 -25.30 -1.17
C LYS A 322 -46.49 -23.91 -1.76
N ALA A 323 -45.26 -23.66 -2.23
CA ALA A 323 -44.95 -22.35 -2.77
C ALA A 323 -45.36 -22.18 -4.22
N ILE A 324 -45.65 -23.27 -4.92
CA ILE A 324 -45.87 -23.22 -6.37
C ILE A 324 -47.37 -23.20 -6.64
N ASP A 325 -47.83 -22.18 -7.35
CA ASP A 325 -49.20 -22.07 -7.80
C ASP A 325 -49.19 -21.97 -9.31
N LEU A 326 -49.41 -23.10 -9.99
CA LEU A 326 -49.28 -23.14 -11.45
C LEU A 326 -50.39 -22.42 -12.18
N GLU A 327 -51.45 -22.00 -11.50
CA GLU A 327 -52.57 -21.32 -12.13
C GLU A 327 -52.57 -19.83 -11.90
N MET A 328 -51.48 -19.28 -11.37
CA MET A 328 -51.43 -17.85 -11.06
C MET A 328 -51.58 -17.02 -12.33
N GLN A 329 -52.20 -15.85 -12.18
CA GLN A 329 -52.45 -14.94 -13.29
C GLN A 329 -51.87 -13.57 -13.00
N ASP A 330 -51.75 -12.76 -14.04
CA ASP A 330 -51.25 -11.40 -13.92
C ASP A 330 -52.17 -10.55 -13.05
N GLU A 331 -51.69 -10.15 -11.89
CA GLU A 331 -52.44 -9.27 -11.01
C GLU A 331 -52.07 -7.82 -11.30
N PHE A 332 -53.05 -6.94 -11.15
CA PHE A 332 -52.87 -5.52 -11.40
C PHE A 332 -53.04 -4.73 -10.11
N ILE A 333 -52.15 -3.77 -9.89
CA ILE A 333 -52.13 -2.94 -8.69
C ILE A 333 -52.00 -1.49 -9.12
N THR A 334 -52.69 -0.60 -8.43
CA THR A 334 -52.59 0.83 -8.68
C THR A 334 -51.95 1.51 -7.47
N VAL A 335 -50.90 2.28 -7.72
CA VAL A 335 -50.07 2.88 -6.67
C VAL A 335 -50.00 4.37 -6.94
N LYS A 336 -50.17 5.17 -5.88
CA LYS A 336 -50.07 6.62 -5.99
C LYS A 336 -48.70 7.06 -5.48
N VAL A 337 -47.95 7.77 -6.32
CA VAL A 337 -46.59 8.19 -5.99
C VAL A 337 -46.43 9.67 -6.28
N GLY A 338 -45.46 10.27 -5.63
CA GLY A 338 -45.22 11.69 -5.78
C GLY A 338 -44.27 12.02 -6.92
N THR A 339 -43.17 11.28 -6.99
CA THR A 339 -42.17 11.46 -8.04
C THR A 339 -41.80 10.09 -8.58
N ALA A 340 -41.12 10.08 -9.73
CA ALA A 340 -40.68 8.84 -10.35
C ALA A 340 -39.27 8.99 -10.89
N VAL A 341 -38.48 7.94 -10.75
CA VAL A 341 -37.11 7.90 -11.26
C VAL A 341 -37.02 6.77 -12.27
N LEU A 342 -36.54 7.08 -13.46
CA LEU A 342 -36.43 6.12 -14.54
C LEU A 342 -34.98 5.67 -14.68
N ALA A 343 -34.75 4.36 -14.64
CA ALA A 343 -33.40 3.77 -14.66
C ALA A 343 -33.46 2.49 -15.48
N THR A 344 -33.80 2.57 -16.76
CA THR A 344 -34.07 1.36 -17.59
C THR A 344 -32.83 0.69 -18.17
N GLY A 345 -31.67 1.33 -18.11
CA GLY A 345 -30.42 0.72 -18.58
C GLY A 345 -30.23 0.57 -20.07
N TYR A 346 -29.77 -0.59 -20.50
CA TYR A 346 -29.35 -0.72 -21.91
C TYR A 346 -29.26 -2.16 -22.33
N GLU A 347 -29.16 -2.39 -23.63
CA GLU A 347 -28.90 -3.68 -24.22
C GLU A 347 -27.82 -3.52 -25.27
N LEU A 348 -27.27 -4.64 -25.73
CA LEU A 348 -26.24 -4.60 -26.80
C LEU A 348 -26.87 -4.46 -28.16
N PHE A 349 -26.36 -3.56 -28.98
CA PHE A 349 -26.84 -3.35 -30.33
C PHE A 349 -26.72 -4.65 -31.13
N PRO A 350 -27.69 -4.97 -32.00
CA PRO A 350 -27.61 -6.22 -32.75
C PRO A 350 -26.52 -6.19 -33.80
N ILE A 351 -25.39 -6.86 -33.51
CA ILE A 351 -24.21 -6.76 -34.34
C ILE A 351 -24.18 -7.80 -35.44
N GLU A 352 -25.21 -8.65 -35.52
CA GLU A 352 -25.30 -9.57 -36.65
C GLU A 352 -25.65 -8.84 -37.94
N ASN A 353 -26.09 -7.58 -37.83
CA ASN A 353 -26.39 -6.80 -39.02
C ASN A 353 -25.13 -6.41 -39.78
N LYS A 354 -24.03 -6.23 -39.06
CA LYS A 354 -22.73 -6.00 -39.69
C LYS A 354 -22.19 -7.34 -40.15
N ARG A 355 -22.49 -7.69 -41.40
CA ARG A 355 -22.18 -9.01 -41.93
C ARG A 355 -20.70 -9.26 -42.13
N GLU A 356 -19.88 -8.21 -42.28
CA GLU A 356 -18.47 -8.42 -42.53
C GLU A 356 -17.76 -9.03 -41.33
N TRP A 357 -18.31 -8.88 -40.13
CA TRP A 357 -17.81 -9.56 -38.95
C TRP A 357 -18.81 -10.68 -38.65
N GLY A 358 -18.42 -11.91 -38.92
CA GLY A 358 -19.41 -12.96 -38.97
C GLY A 358 -19.95 -13.39 -37.62
N TYR A 359 -20.72 -12.50 -36.99
CA TYR A 359 -21.09 -12.73 -35.60
C TYR A 359 -21.93 -14.00 -35.44
N LYS A 360 -23.08 -14.05 -36.11
CA LYS A 360 -23.92 -15.24 -36.02
C LYS A 360 -23.49 -16.38 -36.94
N GLN A 361 -22.62 -16.11 -37.91
CA GLN A 361 -22.36 -17.12 -38.92
C GLN A 361 -21.07 -17.89 -38.64
N PHE A 362 -20.14 -17.32 -37.88
CA PHE A 362 -18.95 -18.02 -37.44
C PHE A 362 -19.08 -18.35 -35.96
N ASP A 363 -18.74 -19.59 -35.61
CA ASP A 363 -18.95 -20.07 -34.24
C ASP A 363 -18.12 -19.28 -33.24
N ASN A 364 -16.85 -19.02 -33.55
CA ASN A 364 -15.92 -18.46 -32.58
C ASN A 364 -15.90 -16.93 -32.59
N VAL A 365 -16.99 -16.28 -33.00
CA VAL A 365 -17.16 -14.85 -32.87
C VAL A 365 -18.25 -14.62 -31.84
N ILE A 366 -17.91 -13.91 -30.77
CA ILE A 366 -18.83 -13.63 -29.67
C ILE A 366 -18.82 -12.13 -29.42
N ASN A 367 -19.68 -11.69 -28.53
CA ASN A 367 -19.68 -10.29 -28.14
C ASN A 367 -19.24 -10.14 -26.70
N ALA A 368 -19.11 -8.91 -26.25
CA ALA A 368 -18.50 -8.68 -24.93
C ALA A 368 -19.29 -9.13 -23.70
N LEU A 369 -20.61 -9.28 -23.75
CA LEU A 369 -21.34 -9.78 -22.56
C LEU A 369 -21.27 -11.30 -22.55
N GLU A 370 -21.23 -11.91 -23.71
CA GLU A 370 -21.02 -13.34 -23.74
C GLU A 370 -19.61 -13.69 -23.30
N PHE A 371 -18.63 -12.87 -23.68
CA PHE A 371 -17.28 -13.10 -23.20
C PHE A 371 -17.22 -12.93 -21.68
N GLU A 372 -17.86 -11.91 -21.13
CA GLU A 372 -17.91 -11.68 -19.66
C GLU A 372 -18.58 -12.84 -18.93
N ARG A 373 -19.59 -13.48 -19.50
CA ARG A 373 -20.17 -14.66 -18.87
C ARG A 373 -19.27 -15.88 -19.01
N LEU A 374 -18.58 -16.00 -20.14
CA LEU A 374 -17.67 -17.12 -20.33
C LEU A 374 -16.46 -17.03 -19.41
N ILE A 375 -16.01 -15.82 -19.11
CA ILE A 375 -14.83 -15.64 -18.27
C ILE A 375 -15.17 -15.62 -16.79
N CYS A 376 -16.42 -15.34 -16.43
CA CYS A 376 -16.82 -15.41 -15.03
C CYS A 376 -16.75 -16.84 -14.51
N ALA A 377 -16.34 -16.99 -13.25
CA ALA A 377 -16.23 -18.30 -12.63
C ALA A 377 -17.58 -18.92 -12.31
N SER A 378 -18.66 -18.15 -12.33
CA SER A 378 -20.00 -18.65 -12.09
C SER A 378 -20.77 -18.89 -13.37
N GLY A 379 -20.11 -18.81 -14.52
CA GLY A 379 -20.78 -18.91 -15.80
C GLY A 379 -20.96 -20.34 -16.26
N PRO A 380 -21.37 -20.51 -17.51
CA PRO A 380 -21.58 -21.86 -18.05
C PRO A 380 -20.36 -22.75 -17.98
N THR A 381 -19.19 -22.20 -18.24
CA THR A 381 -17.94 -22.91 -18.01
C THR A 381 -17.52 -22.72 -16.56
N GLY A 382 -16.49 -23.45 -16.16
CA GLY A 382 -15.98 -23.26 -14.83
C GLY A 382 -15.08 -22.04 -14.74
N GLY A 383 -15.47 -20.97 -15.41
CA GLY A 383 -14.61 -19.82 -15.54
C GLY A 383 -13.54 -19.98 -16.59
N HIS A 384 -13.51 -21.10 -17.31
CA HIS A 384 -12.51 -21.36 -18.32
C HIS A 384 -13.00 -20.88 -19.67
N LEU A 385 -12.30 -19.92 -20.26
CA LEU A 385 -12.61 -19.50 -21.61
C LEU A 385 -12.25 -20.61 -22.58
N VAL A 386 -13.24 -21.14 -23.29
CA VAL A 386 -13.02 -22.16 -24.30
C VAL A 386 -13.69 -21.72 -25.59
N ARG A 387 -13.24 -22.28 -26.69
CA ARG A 387 -13.79 -21.93 -27.98
C ARG A 387 -15.18 -22.55 -28.13
N PRO A 388 -16.18 -21.77 -28.54
CA PRO A 388 -17.51 -22.36 -28.77
C PRO A 388 -17.53 -23.45 -29.82
N SER A 389 -16.63 -23.39 -30.80
CA SER A 389 -16.69 -24.35 -31.90
C SER A 389 -16.32 -25.76 -31.45
N ASP A 390 -15.33 -25.90 -30.60
CA ASP A 390 -14.87 -27.24 -30.21
C ASP A 390 -14.55 -27.39 -28.72
N GLY A 391 -14.67 -26.34 -27.92
CA GLY A 391 -14.38 -26.46 -26.51
C GLY A 391 -12.91 -26.46 -26.15
N LYS A 392 -12.03 -26.09 -27.07
CA LYS A 392 -10.61 -26.00 -26.79
C LYS A 392 -10.26 -24.61 -26.30
N THR A 393 -9.15 -24.52 -25.58
CA THR A 393 -8.74 -23.25 -25.02
C THR A 393 -8.10 -22.38 -26.09
N PRO A 394 -8.54 -21.14 -26.26
CA PRO A 394 -7.89 -20.25 -27.22
C PRO A 394 -6.50 -19.85 -26.75
N MET A 395 -5.64 -19.52 -27.71
CA MET A 395 -4.35 -18.94 -27.40
C MET A 395 -4.13 -17.57 -28.03
N LYS A 396 -4.95 -17.18 -29.00
CA LYS A 396 -4.95 -15.83 -29.54
C LYS A 396 -6.38 -15.34 -29.56
N VAL A 397 -6.61 -14.16 -29.00
CA VAL A 397 -7.94 -13.58 -28.92
C VAL A 397 -7.88 -12.18 -29.49
N GLY A 398 -8.81 -11.86 -30.38
CA GLY A 398 -8.90 -10.54 -30.97
C GLY A 398 -10.07 -9.80 -30.38
N PHE A 399 -9.92 -8.49 -30.24
CA PHE A 399 -10.96 -7.61 -29.71
C PHE A 399 -11.21 -6.54 -30.76
N VAL A 400 -12.41 -6.57 -31.34
CA VAL A 400 -12.79 -5.59 -32.35
C VAL A 400 -13.47 -4.44 -31.63
N LEU A 401 -12.76 -3.37 -31.48
CA LEU A 401 -13.30 -2.20 -30.77
C LEU A 401 -14.11 -1.35 -31.75
N CYS A 402 -15.11 -0.64 -31.27
CA CYS A 402 -15.90 0.30 -32.09
C CYS A 402 -16.85 -0.51 -32.97
N ALA A 403 -17.19 -1.72 -32.56
CA ALA A 403 -18.01 -2.61 -33.39
C ALA A 403 -19.42 -2.06 -33.45
N GLY A 404 -19.75 -1.38 -34.55
CA GLY A 404 -21.05 -0.77 -34.70
C GLY A 404 -21.18 0.62 -34.12
N SER A 405 -20.04 1.26 -33.85
CA SER A 405 -20.08 2.58 -33.17
C SER A 405 -19.35 3.64 -33.99
N ARG A 406 -19.62 4.91 -33.72
CA ARG A 406 -18.99 6.03 -34.46
C ARG A 406 -19.17 5.66 -35.93
N ASP A 407 -20.35 5.18 -36.32
CA ASP A 407 -20.61 4.65 -37.64
C ASP A 407 -21.77 5.43 -38.25
N ASN A 408 -21.53 6.07 -39.39
CA ASN A 408 -22.52 6.91 -40.04
C ASN A 408 -23.17 6.25 -41.25
N THR A 409 -23.03 4.93 -41.38
CA THR A 409 -23.57 4.24 -42.54
C THR A 409 -25.04 3.89 -42.40
N GLY A 410 -25.64 4.10 -41.23
CA GLY A 410 -27.02 3.77 -41.01
C GLY A 410 -27.26 2.41 -40.39
N ILE A 411 -26.26 1.54 -40.34
CA ILE A 411 -26.41 0.27 -39.66
C ILE A 411 -26.05 0.38 -38.19
N GLY A 412 -24.85 0.86 -37.89
CA GLY A 412 -24.41 1.01 -36.51
C GLY A 412 -24.88 2.32 -35.91
N LYS A 413 -24.32 2.61 -34.75
CA LYS A 413 -24.64 3.82 -34.01
C LYS A 413 -23.62 4.91 -34.29
N PRO A 414 -24.05 6.15 -34.46
CA PRO A 414 -23.12 7.24 -34.72
C PRO A 414 -22.39 7.78 -33.51
N TYR A 415 -22.60 7.21 -32.33
CA TYR A 415 -22.01 7.73 -31.11
C TYR A 415 -21.00 6.75 -30.54
N CYS A 416 -20.26 7.19 -29.54
CA CYS A 416 -19.32 6.31 -28.82
C CYS A 416 -20.11 5.72 -27.66
N SER A 417 -19.90 4.45 -27.37
CA SER A 417 -20.58 3.78 -26.25
C SER A 417 -19.83 3.98 -24.93
N ARG A 418 -18.78 4.79 -24.91
CA ARG A 418 -18.10 5.24 -23.66
C ARG A 418 -17.24 4.20 -22.95
N PHE A 419 -17.76 3.01 -22.66
CA PHE A 419 -17.02 2.03 -21.83
C PHE A 419 -16.40 0.87 -22.59
N CYS A 420 -16.61 0.77 -23.88
CA CYS A 420 -16.15 -0.41 -24.68
C CYS A 420 -14.62 -0.47 -24.84
N CYS A 421 -13.91 0.64 -24.75
CA CYS A 421 -12.44 0.63 -24.84
C CYS A 421 -11.93 0.10 -23.51
N MET A 422 -12.57 0.49 -22.42
CA MET A 422 -12.13 0.12 -21.09
C MET A 422 -12.41 -1.35 -20.80
N TYR A 423 -13.58 -1.82 -21.22
CA TYR A 423 -13.91 -3.23 -20.92
C TYR A 423 -13.11 -4.15 -21.83
N SER A 424 -12.73 -3.70 -23.01
CA SER A 424 -11.88 -4.50 -23.87
C SER A 424 -10.47 -4.62 -23.29
N LEU A 425 -9.96 -3.54 -22.71
CA LEU A 425 -8.70 -3.62 -21.98
C LEU A 425 -8.82 -4.62 -20.82
N LYS A 426 -9.94 -4.62 -20.09
CA LYS A 426 -10.15 -5.53 -18.95
C LYS A 426 -10.12 -6.96 -19.43
N HIS A 427 -10.80 -7.24 -20.52
CA HIS A 427 -10.90 -8.60 -21.06
C HIS A 427 -9.54 -9.05 -21.59
N ALA A 428 -8.79 -8.15 -22.22
CA ALA A 428 -7.44 -8.53 -22.64
C ALA A 428 -6.58 -8.91 -21.44
N HIS A 429 -6.66 -8.12 -20.37
CA HIS A 429 -5.94 -8.46 -19.16
C HIS A 429 -6.39 -9.81 -18.63
N GLN A 430 -7.69 -10.04 -18.59
CA GLN A 430 -8.20 -11.28 -18.02
C GLN A 430 -7.72 -12.49 -18.80
N ILE A 431 -7.72 -12.43 -20.13
CA ILE A 431 -7.25 -13.58 -20.89
C ILE A 431 -5.75 -13.76 -20.71
N MET A 432 -4.97 -12.66 -20.74
CA MET A 432 -3.53 -12.81 -20.60
C MET A 432 -3.13 -13.32 -19.23
N GLU A 433 -3.96 -13.11 -18.20
CA GLU A 433 -3.62 -13.64 -16.89
C GLU A 433 -4.23 -15.00 -16.62
N LYS A 434 -5.32 -15.37 -17.29
CA LYS A 434 -5.96 -16.65 -17.01
C LYS A 434 -5.45 -17.78 -17.90
N ILE A 435 -5.10 -17.49 -19.14
CA ILE A 435 -4.52 -18.51 -20.02
C ILE A 435 -3.03 -18.18 -20.19
N PRO A 436 -2.13 -19.00 -19.67
CA PRO A 436 -0.70 -18.69 -19.76
C PRO A 436 -0.21 -18.79 -21.19
N GLY A 437 0.43 -17.73 -21.66
CA GLY A 437 0.96 -17.68 -23.01
C GLY A 437 -0.02 -17.18 -24.05
N ALA A 438 -1.26 -16.89 -23.68
CA ALA A 438 -2.22 -16.33 -24.63
C ALA A 438 -1.91 -14.87 -24.90
N VAL A 439 -2.16 -14.45 -26.14
CA VAL A 439 -1.90 -13.08 -26.57
C VAL A 439 -3.21 -12.44 -26.96
N ALA A 440 -3.38 -11.19 -26.55
CA ALA A 440 -4.56 -10.40 -26.87
C ALA A 440 -4.19 -9.37 -27.93
N TYR A 441 -4.99 -9.30 -28.99
CA TYR A 441 -4.84 -8.31 -30.04
C TYR A 441 -6.06 -7.40 -30.01
N LEU A 442 -5.82 -6.10 -29.89
CA LEU A 442 -6.90 -5.12 -29.87
C LEU A 442 -6.82 -4.30 -31.14
N PHE A 443 -7.82 -4.41 -31.99
CA PHE A 443 -7.90 -3.66 -33.22
C PHE A 443 -8.70 -2.41 -32.91
N TYR A 444 -8.00 -1.30 -32.75
CA TYR A 444 -8.60 -0.14 -32.10
C TYR A 444 -8.56 1.07 -33.02
N MET A 445 -9.26 2.11 -32.72
CA MET A 445 -9.32 3.33 -33.56
C MET A 445 -9.59 4.45 -32.59
N ASP A 446 -8.64 4.87 -31.79
CA ASP A 446 -8.83 5.85 -30.67
C ASP A 446 -9.12 5.15 -29.35
N ILE A 447 -8.10 4.66 -28.67
CA ILE A 447 -8.26 4.20 -27.29
C ILE A 447 -8.74 5.34 -26.42
N ARG A 448 -9.85 5.13 -25.69
CA ARG A 448 -10.54 6.20 -24.93
C ARG A 448 -10.55 5.87 -23.43
N SER A 449 -9.41 6.10 -22.75
CA SER A 449 -9.27 5.85 -21.33
C SER A 449 -9.18 7.22 -20.66
N PHE A 450 -10.35 7.79 -20.37
CA PHE A 450 -10.48 9.18 -19.97
C PHE A 450 -10.73 9.36 -18.48
N GLY A 451 -11.25 8.34 -17.80
CA GLY A 451 -11.67 8.46 -16.43
C GLY A 451 -10.51 8.35 -15.45
N LYS A 452 -10.87 8.30 -14.17
CA LYS A 452 -9.88 8.25 -13.10
C LYS A 452 -9.20 6.90 -13.08
N MET A 453 -7.87 6.90 -13.18
CA MET A 453 -7.00 5.73 -13.24
C MET A 453 -7.14 4.96 -14.54
N TYR A 454 -7.87 5.48 -15.53
CA TYR A 454 -8.06 4.76 -16.78
C TYR A 454 -6.79 4.73 -17.61
N GLU A 455 -6.10 5.86 -17.70
CA GLU A 455 -4.85 5.90 -18.46
C GLU A 455 -3.81 5.00 -17.83
N GLU A 456 -3.76 4.95 -16.50
CA GLU A 456 -2.86 4.03 -15.82
C GLU A 456 -3.24 2.57 -16.09
N PHE A 457 -4.53 2.28 -16.17
CA PHE A 457 -4.97 0.95 -16.54
C PHE A 457 -4.50 0.58 -17.96
N TYR A 458 -4.61 1.54 -18.88
CA TYR A 458 -4.17 1.34 -20.25
C TYR A 458 -2.66 1.08 -20.31
N TYR A 459 -1.89 1.86 -19.55
CA TYR A 459 -0.45 1.65 -19.45
C TYR A 459 -0.15 0.26 -18.91
N ARG A 460 -0.87 -0.18 -17.89
CA ARG A 460 -0.60 -1.47 -17.29
C ARG A 460 -0.93 -2.61 -18.24
N ILE A 461 -2.00 -2.47 -19.02
CA ILE A 461 -2.35 -3.52 -19.99
C ILE A 461 -1.29 -3.61 -21.07
N GLN A 462 -0.86 -2.47 -21.60
CA GLN A 462 0.22 -2.52 -22.58
C GLN A 462 1.48 -3.12 -21.99
N HIS A 463 1.77 -2.83 -20.72
CA HIS A 463 2.94 -3.39 -20.05
C HIS A 463 2.84 -4.90 -19.93
N GLU A 464 1.67 -5.41 -19.58
CA GLU A 464 1.49 -6.86 -19.54
C GLU A 464 1.53 -7.50 -20.91
N GLY A 465 1.32 -6.73 -21.97
CA GLY A 465 1.71 -7.21 -23.29
C GLY A 465 0.61 -7.43 -24.28
N ALA A 466 -0.47 -6.68 -24.17
CA ALA A 466 -1.49 -6.69 -25.21
C ALA A 466 -0.96 -5.94 -26.43
N LYS A 467 -1.27 -6.46 -27.61
CA LYS A 467 -0.87 -5.82 -28.85
C LYS A 467 -1.96 -4.86 -29.30
N PHE A 468 -1.59 -3.62 -29.56
CA PHE A 468 -2.53 -2.61 -29.98
C PHE A 468 -2.28 -2.29 -31.45
N ILE A 469 -3.20 -2.69 -32.31
CA ILE A 469 -3.12 -2.46 -33.74
C ILE A 469 -4.14 -1.38 -34.08
N ARG A 470 -3.68 -0.22 -34.49
CA ARG A 470 -4.59 0.87 -34.81
C ARG A 470 -5.13 0.66 -36.22
N GLY A 471 -6.24 -0.07 -36.29
CA GLY A 471 -6.96 -0.23 -37.53
C GLY A 471 -8.32 -0.82 -37.28
N ARG A 472 -9.36 -0.20 -37.83
CA ARG A 472 -10.69 -0.76 -37.77
C ARG A 472 -10.77 -2.00 -38.62
N VAL A 473 -11.33 -3.08 -38.07
CA VAL A 473 -11.38 -4.35 -38.78
C VAL A 473 -12.21 -4.18 -40.03
N ALA A 474 -11.68 -4.67 -41.16
CA ALA A 474 -12.40 -4.57 -42.43
C ALA A 474 -13.39 -5.71 -42.57
N ASN A 475 -12.91 -6.94 -42.50
CA ASN A 475 -13.79 -8.09 -42.58
C ASN A 475 -13.10 -9.27 -41.91
N VAL A 476 -13.88 -10.32 -41.65
CA VAL A 476 -13.43 -11.49 -40.94
C VAL A 476 -13.77 -12.71 -41.78
N LEU A 477 -12.79 -13.58 -42.01
CA LEU A 477 -12.99 -14.82 -42.71
C LEU A 477 -12.73 -15.98 -41.77
N GLU A 478 -13.51 -17.04 -41.92
CA GLU A 478 -13.37 -18.22 -41.06
C GLU A 478 -12.63 -19.31 -41.82
N ASP A 479 -11.57 -19.82 -41.24
CA ASP A 479 -10.90 -20.99 -41.80
C ASP A 479 -11.82 -22.19 -41.74
N LYS A 480 -11.92 -22.91 -42.86
CA LYS A 480 -12.96 -23.93 -42.98
C LYS A 480 -12.75 -25.10 -42.04
N GLU A 481 -11.51 -25.40 -41.67
CA GLU A 481 -11.21 -26.62 -40.92
C GLU A 481 -10.91 -26.35 -39.45
N THR A 482 -9.96 -25.46 -39.17
CA THR A 482 -9.63 -25.16 -37.79
C THR A 482 -10.64 -24.25 -37.11
N LYS A 483 -11.57 -23.67 -37.87
CA LYS A 483 -12.54 -22.71 -37.37
C LYS A 483 -11.88 -21.44 -36.84
N ASN A 484 -10.61 -21.22 -37.18
CA ASN A 484 -9.93 -20.01 -36.79
C ASN A 484 -10.41 -18.83 -37.64
N LEU A 485 -10.23 -17.64 -37.11
CA LEU A 485 -10.81 -16.45 -37.70
C LEU A 485 -9.68 -15.58 -38.24
N HIS A 486 -9.76 -15.25 -39.52
CA HIS A 486 -8.76 -14.40 -40.16
C HIS A 486 -9.29 -12.98 -40.16
N VAL A 487 -8.64 -12.11 -39.39
CA VAL A 487 -9.06 -10.73 -39.24
C VAL A 487 -8.24 -9.87 -40.19
N PHE A 488 -8.92 -9.15 -41.07
CA PHE A 488 -8.26 -8.35 -42.09
C PHE A 488 -8.50 -6.88 -41.80
N THR A 489 -7.42 -6.13 -41.64
CA THR A 489 -7.49 -4.69 -41.54
C THR A 489 -6.15 -4.14 -41.98
N GLU A 490 -5.93 -2.86 -41.76
CA GLU A 490 -4.63 -2.26 -41.97
C GLU A 490 -4.10 -1.77 -40.64
N ASP A 491 -2.82 -2.02 -40.40
CA ASP A 491 -2.12 -1.37 -39.29
C ASP A 491 -1.77 0.03 -39.78
N THR A 492 -2.59 1.00 -39.39
CA THR A 492 -2.46 2.35 -39.91
C THR A 492 -1.14 3.00 -39.51
N LEU A 493 -0.64 2.71 -38.30
CA LEU A 493 0.64 3.26 -37.88
C LEU A 493 1.80 2.55 -38.57
N LEU A 494 1.75 1.23 -38.67
CA LEU A 494 2.77 0.51 -39.43
C LEU A 494 2.69 0.83 -40.91
N GLY A 495 1.49 1.05 -41.44
CA GLY A 495 1.31 1.36 -42.84
C GLY A 495 1.18 0.18 -43.76
N ARG A 496 0.81 -0.99 -43.24
CA ARG A 496 0.67 -2.18 -44.05
C ARG A 496 -0.64 -2.87 -43.71
N PRO A 497 -1.23 -3.57 -44.66
CA PRO A 497 -2.34 -4.46 -44.33
C PRO A 497 -1.86 -5.60 -43.43
N VAL A 498 -2.80 -6.17 -42.68
CA VAL A 498 -2.47 -7.26 -41.76
C VAL A 498 -3.50 -8.37 -41.95
N ASP A 499 -3.10 -9.58 -41.54
CA ASP A 499 -4.00 -10.73 -41.51
C ASP A 499 -3.67 -11.52 -40.24
N VAL A 500 -4.37 -11.21 -39.17
CA VAL A 500 -4.13 -11.81 -37.86
C VAL A 500 -5.11 -12.96 -37.70
N GLU A 501 -4.59 -14.15 -37.49
CA GLU A 501 -5.42 -15.35 -37.31
C GLU A 501 -5.56 -15.63 -35.82
N VAL A 502 -6.79 -15.54 -35.31
CA VAL A 502 -7.07 -15.71 -33.89
C VAL A 502 -7.96 -16.92 -33.70
N ASP A 503 -7.93 -17.45 -32.48
CA ASP A 503 -8.81 -18.57 -32.12
C ASP A 503 -10.18 -18.09 -31.69
N LEU A 504 -10.28 -16.85 -31.20
CA LEU A 504 -11.54 -16.33 -30.69
C LEU A 504 -11.57 -14.84 -30.98
N LEU A 505 -12.71 -14.38 -31.50
CA LEU A 505 -12.89 -12.97 -31.82
C LEU A 505 -14.01 -12.41 -30.97
N VAL A 506 -13.75 -11.31 -30.30
CA VAL A 506 -14.69 -10.66 -29.40
C VAL A 506 -15.03 -9.31 -29.98
N LEU A 507 -16.31 -9.03 -30.14
CA LEU A 507 -16.78 -7.78 -30.70
C LEU A 507 -17.23 -6.87 -29.55
N ALA A 508 -16.63 -5.69 -29.46
CA ALA A 508 -17.04 -4.70 -28.48
C ALA A 508 -18.19 -3.89 -29.08
N ALA A 509 -19.38 -4.48 -29.00
CA ALA A 509 -20.56 -3.95 -29.68
C ALA A 509 -21.07 -2.69 -29.00
N ALA A 510 -21.76 -1.86 -29.78
CA ALA A 510 -22.38 -0.67 -29.24
C ALA A 510 -23.56 -1.03 -28.35
N VAL A 511 -23.96 -0.08 -27.52
CA VAL A 511 -25.11 -0.25 -26.65
C VAL A 511 -26.23 0.65 -27.15
N GLN A 512 -27.45 0.24 -26.86
CA GLN A 512 -28.65 0.97 -27.26
C GLN A 512 -29.65 0.89 -26.13
N PRO A 513 -30.66 1.76 -26.13
CA PRO A 513 -31.69 1.70 -25.09
C PRO A 513 -32.35 0.34 -25.01
N ASN A 514 -32.62 -0.08 -23.78
CA ASN A 514 -33.21 -1.40 -23.53
C ASN A 514 -34.50 -1.61 -24.30
N GLU A 515 -34.95 -2.85 -24.35
CA GLU A 515 -36.19 -3.21 -25.02
C GLU A 515 -37.38 -2.74 -24.21
N GLY A 516 -38.29 -2.00 -24.85
CA GLY A 516 -39.44 -1.43 -24.18
C GLY A 516 -39.20 -0.09 -23.52
N ALA A 517 -37.98 0.42 -23.58
CA ALA A 517 -37.67 1.69 -22.91
C ALA A 517 -38.44 2.84 -23.54
N ASN A 518 -38.62 2.82 -24.86
CA ASN A 518 -39.37 3.88 -25.52
C ASN A 518 -40.85 3.85 -25.12
N GLU A 519 -41.41 2.65 -25.01
CA GLU A 519 -42.77 2.51 -24.50
C GLU A 519 -42.90 3.09 -23.10
N LEU A 520 -41.97 2.76 -22.20
CA LEU A 520 -42.05 3.27 -20.82
C LEU A 520 -41.86 4.79 -20.79
N ARG A 521 -40.94 5.34 -21.57
CA ARG A 521 -40.74 6.78 -21.50
C ARG A 521 -41.89 7.54 -22.17
N LYS A 522 -42.61 6.90 -23.09
CA LYS A 522 -43.83 7.52 -23.58
C LYS A 522 -44.96 7.43 -22.56
N LYS A 523 -45.01 6.35 -21.78
CA LYS A 523 -45.98 6.30 -20.68
C LYS A 523 -45.73 7.42 -19.70
N PHE A 524 -44.47 7.70 -19.40
CA PHE A 524 -44.18 8.76 -18.43
C PHE A 524 -44.08 10.15 -19.04
N GLY A 525 -44.09 10.27 -20.36
CA GLY A 525 -44.10 11.58 -20.99
C GLY A 525 -42.73 12.16 -21.27
N VAL A 526 -41.68 11.35 -21.25
CA VAL A 526 -40.31 11.80 -21.48
C VAL A 526 -40.03 11.75 -22.96
N SER A 527 -39.26 12.71 -23.46
CA SER A 527 -38.89 12.72 -24.87
C SER A 527 -37.57 11.96 -25.05
N ALA A 528 -37.09 11.92 -26.29
CA ALA A 528 -35.86 11.22 -26.63
C ALA A 528 -34.84 12.20 -27.18
N SER A 529 -33.57 11.78 -27.14
CA SER A 529 -32.49 12.60 -27.65
C SER A 529 -32.32 12.35 -29.15
N GLN A 530 -31.37 13.07 -29.76
CA GLN A 530 -30.96 12.72 -31.12
C GLN A 530 -30.43 11.30 -31.17
N ASP A 531 -29.66 10.91 -30.15
CA ASP A 531 -29.05 9.59 -30.07
C ASP A 531 -30.05 8.47 -29.81
N GLY A 532 -31.25 8.79 -29.35
CA GLY A 532 -32.24 7.79 -29.01
C GLY A 532 -32.36 7.49 -27.54
N TRP A 533 -31.53 8.09 -26.69
CA TRP A 533 -31.64 7.94 -25.26
C TRP A 533 -32.60 8.99 -24.70
N MET A 534 -33.02 8.78 -23.45
CA MET A 534 -33.96 9.70 -22.83
C MET A 534 -33.34 11.08 -22.67
N LEU A 535 -34.14 12.11 -22.85
CA LEU A 535 -33.67 13.49 -22.85
C LEU A 535 -33.79 14.11 -21.46
N GLU A 536 -32.83 14.96 -21.13
CA GLU A 536 -32.76 15.65 -19.86
C GLU A 536 -33.25 17.09 -19.99
N ALA A 537 -33.53 17.71 -18.85
CA ALA A 537 -34.12 19.04 -18.85
C ALA A 537 -33.20 20.08 -19.48
N HIS A 538 -31.96 20.16 -19.00
CA HIS A 538 -30.96 21.03 -19.59
C HIS A 538 -29.67 20.22 -19.71
N PRO A 539 -29.10 20.09 -20.91
CA PRO A 539 -27.99 19.15 -21.11
C PRO A 539 -26.77 19.45 -20.25
N LYS A 540 -26.56 20.70 -19.85
CA LYS A 540 -25.41 21.04 -19.01
C LYS A 540 -25.78 21.02 -17.53
N LEU A 541 -26.73 21.85 -17.12
CA LEU A 541 -26.96 22.13 -15.72
C LEU A 541 -28.10 21.34 -15.12
N ASN A 542 -28.66 20.37 -15.83
CA ASN A 542 -29.70 19.56 -15.23
C ASN A 542 -29.76 18.21 -15.92
N PRO A 543 -28.75 17.36 -15.75
CA PRO A 543 -28.70 16.09 -16.48
C PRO A 543 -29.59 15.01 -15.91
N CYS A 544 -30.27 15.25 -14.80
CA CYS A 544 -31.13 14.25 -14.18
C CYS A 544 -32.61 14.50 -14.47
N GLY A 545 -33.10 15.71 -14.24
CA GLY A 545 -34.50 15.98 -14.44
C GLY A 545 -34.87 16.03 -15.92
N THR A 546 -36.13 15.76 -16.17
CA THR A 546 -36.71 15.87 -17.51
C THR A 546 -37.62 17.09 -17.57
N THR A 547 -38.13 17.37 -18.77
CA THR A 547 -39.02 18.51 -18.94
C THR A 547 -40.35 18.29 -18.25
N THR A 548 -40.84 17.05 -18.25
CA THR A 548 -42.03 16.74 -17.46
C THR A 548 -41.68 16.69 -15.98
N ALA A 549 -42.37 17.51 -15.19
CA ALA A 549 -42.04 17.64 -13.78
C ALA A 549 -42.34 16.36 -13.03
N GLY A 550 -41.51 16.07 -12.04
CA GLY A 550 -41.69 14.90 -11.21
C GLY A 550 -41.11 13.62 -11.75
N VAL A 551 -40.44 13.66 -12.90
CA VAL A 551 -39.80 12.49 -13.48
C VAL A 551 -38.31 12.79 -13.61
N PHE A 552 -37.48 11.84 -13.20
CA PHE A 552 -36.04 12.04 -13.18
C PHE A 552 -35.36 10.82 -13.78
N LEU A 553 -34.19 11.05 -14.36
CA LEU A 553 -33.43 10.02 -15.06
C LEU A 553 -32.22 9.61 -14.25
N ALA A 554 -31.84 8.34 -14.37
CA ALA A 554 -30.67 7.84 -13.67
C ALA A 554 -30.06 6.69 -14.46
N GLY A 555 -28.75 6.73 -14.67
CA GLY A 555 -28.09 5.58 -15.28
C GLY A 555 -27.88 5.62 -16.77
N VAL A 556 -27.64 4.45 -17.33
CA VAL A 556 -27.33 4.35 -18.78
C VAL A 556 -28.58 4.71 -19.61
N CYS A 557 -29.77 4.72 -19.02
CA CYS A 557 -30.96 5.05 -19.80
C CYS A 557 -30.90 6.46 -20.38
N GLN A 558 -30.14 7.36 -19.76
CA GLN A 558 -29.93 8.70 -20.28
C GLN A 558 -28.73 8.80 -21.21
N GLY A 559 -27.96 7.73 -21.36
CA GLY A 559 -26.75 7.74 -22.14
C GLY A 559 -25.72 6.83 -21.52
N PRO A 560 -24.88 6.20 -22.34
CA PRO A 560 -23.94 5.21 -21.80
C PRO A 560 -22.97 5.82 -20.78
N LYS A 561 -22.65 5.04 -19.75
CA LYS A 561 -21.74 5.54 -18.68
C LYS A 561 -21.16 4.37 -17.91
N ASP A 562 -20.06 4.57 -17.19
CA ASP A 562 -19.47 3.53 -16.32
C ASP A 562 -20.24 3.48 -15.00
N ILE A 563 -20.00 2.46 -14.18
CA ILE A 563 -20.73 2.27 -12.89
C ILE A 563 -20.52 3.47 -11.96
N PRO A 564 -19.31 4.08 -11.82
CA PRO A 564 -19.14 5.31 -11.04
C PRO A 564 -20.03 6.49 -11.45
N ASP A 565 -20.04 6.86 -12.73
CA ASP A 565 -20.87 7.92 -13.28
C ASP A 565 -22.35 7.58 -13.14
N THR A 566 -22.70 6.31 -13.31
CA THR A 566 -24.12 5.84 -13.18
C THR A 566 -24.58 6.06 -11.74
N VAL A 567 -23.73 5.75 -10.76
CA VAL A 567 -24.12 5.88 -9.36
C VAL A 567 -24.22 7.35 -8.97
N ALA A 568 -23.30 8.18 -9.46
CA ALA A 568 -23.40 9.61 -9.20
C ALA A 568 -24.70 10.18 -9.77
N GLN A 569 -25.04 9.78 -10.99
CA GLN A 569 -26.29 10.22 -11.61
C GLN A 569 -27.49 9.73 -10.83
N ALA A 570 -27.45 8.49 -10.35
CA ALA A 570 -28.57 7.93 -9.60
C ALA A 570 -28.79 8.67 -8.29
N GLU A 571 -27.71 9.01 -7.57
CA GLU A 571 -27.89 9.76 -6.32
C GLU A 571 -28.35 11.18 -6.61
N GLY A 572 -27.86 11.78 -7.70
CA GLY A 572 -28.36 13.08 -8.08
C GLY A 572 -29.86 13.06 -8.35
N ALA A 573 -30.32 12.04 -9.06
CA ALA A 573 -31.75 11.90 -9.34
C ALA A 573 -32.54 11.68 -8.06
N ALA A 574 -32.00 10.88 -7.13
CA ALA A 574 -32.69 10.68 -5.86
C ALA A 574 -32.82 11.98 -5.08
N SER A 575 -31.77 12.80 -5.10
CA SER A 575 -31.85 14.09 -4.44
C SER A 575 -32.90 14.98 -5.08
N ALA A 576 -32.93 15.02 -6.42
CA ALA A 576 -33.91 15.86 -7.10
C ALA A 576 -35.33 15.37 -6.85
N ALA A 577 -35.53 14.05 -6.75
CA ALA A 577 -36.85 13.52 -6.46
C ALA A 577 -37.23 13.74 -5.00
N SER A 578 -36.25 13.88 -4.11
CA SER A 578 -36.54 14.15 -2.71
C SER A 578 -36.88 15.60 -2.45
N ILE A 579 -36.36 16.52 -3.27
CA ILE A 579 -36.62 17.94 -3.06
C ILE A 579 -38.12 18.25 -2.87
N PRO A 580 -39.03 17.78 -3.74
CA PRO A 580 -40.44 18.15 -3.55
C PRO A 580 -41.13 17.33 -2.48
N ILE A 581 -40.66 16.12 -2.23
CA ILE A 581 -41.27 15.27 -1.21
C ILE A 581 -41.00 15.81 0.18
N HIS A 582 -39.77 16.26 0.44
CA HIS A 582 -39.45 16.82 1.75
C HIS A 582 -40.23 18.09 2.02
N MET A 583 -40.34 18.98 1.02
CA MET A 583 -41.18 20.16 1.20
C MET A 583 -42.65 19.78 1.39
N GLY A 584 -43.15 18.83 0.61
CA GLY A 584 -44.55 18.48 0.67
C GLY A 584 -45.46 19.35 -0.15
N GLU A 585 -44.98 20.47 -0.68
CA GLU A 585 -45.84 21.24 -1.60
C GLU A 585 -45.05 21.52 -2.86
N VAL A 586 -45.71 21.64 -4.00
CA VAL A 586 -45.03 22.08 -5.25
C VAL A 586 -46.00 23.08 -5.88
N GLU A 587 -45.47 24.12 -6.50
CA GLU A 587 -46.30 25.17 -7.12
C GLU A 587 -46.33 24.98 -8.64
N LEU A 588 -47.54 24.94 -9.23
CA LEU A 588 -47.71 24.80 -10.69
C LEU A 588 -48.18 26.15 -11.22
N ALA B 2 1.40 -11.79 -54.45
CA ALA B 2 1.36 -12.25 -53.08
C ALA B 2 0.61 -13.56 -52.95
N ALA B 3 0.29 -14.17 -54.09
CA ALA B 3 -0.44 -15.44 -54.06
C ALA B 3 0.40 -16.55 -53.48
N LYS B 4 1.65 -16.67 -53.94
CA LYS B 4 2.60 -17.64 -53.41
C LYS B 4 3.97 -17.33 -54.01
N SER B 5 4.93 -18.19 -53.73
CA SER B 5 6.28 -18.03 -54.26
C SER B 5 6.33 -18.54 -55.70
N TYR B 6 6.80 -17.69 -56.61
CA TYR B 6 6.89 -18.04 -58.01
C TYR B 6 8.29 -18.43 -58.45
N ASN B 7 9.31 -18.05 -57.69
CA ASN B 7 10.71 -18.30 -58.00
C ASN B 7 11.18 -17.58 -59.25
N ILE B 8 10.53 -16.49 -59.62
CA ILE B 8 11.06 -15.59 -60.64
C ILE B 8 11.45 -14.31 -59.90
N PRO B 9 12.74 -14.07 -59.67
CA PRO B 9 13.13 -13.08 -58.64
C PRO B 9 12.53 -11.70 -58.81
N GLU B 10 12.43 -11.18 -60.04
CA GLU B 10 11.85 -9.86 -60.21
C GLU B 10 10.35 -9.85 -59.89
N LEU B 11 9.62 -10.89 -60.28
CA LEU B 11 8.22 -10.96 -59.91
C LEU B 11 8.03 -11.20 -58.42
N ASP B 12 8.92 -11.96 -57.78
CA ASP B 12 8.83 -12.09 -56.33
C ASP B 12 9.06 -10.75 -55.65
N LYS B 13 10.01 -9.96 -56.15
CA LYS B 13 10.24 -8.63 -55.61
C LYS B 13 9.03 -7.73 -55.84
N LYS B 14 8.39 -7.84 -57.00
CA LYS B 14 7.27 -6.96 -57.33
C LYS B 14 6.02 -7.33 -56.55
N LEU B 15 5.76 -8.62 -56.38
CA LEU B 15 4.56 -9.11 -55.70
C LEU B 15 4.88 -9.68 -54.33
N ALA B 16 5.91 -9.16 -53.66
CA ALA B 16 6.17 -9.53 -52.28
C ALA B 16 4.94 -9.28 -51.42
N ASP B 17 4.63 -10.25 -50.57
CA ASP B 17 3.50 -10.11 -49.65
C ASP B 17 3.75 -8.95 -48.70
N ARG B 18 2.94 -7.91 -48.80
CA ARG B 18 3.07 -6.73 -47.96
C ARG B 18 2.27 -6.83 -46.67
N ARG B 19 1.64 -7.97 -46.43
CA ARG B 19 0.64 -8.11 -45.38
C ARG B 19 1.26 -8.76 -44.15
N TYR B 20 1.14 -8.09 -43.01
CA TYR B 20 1.74 -8.59 -41.78
C TYR B 20 0.96 -9.80 -41.26
N HIS B 21 1.68 -10.88 -40.98
CA HIS B 21 1.12 -12.07 -40.38
C HIS B 21 1.70 -12.26 -38.98
N LEU B 22 1.02 -13.05 -38.16
CA LEU B 22 1.56 -13.39 -36.85
C LEU B 22 2.77 -14.31 -36.92
N SER B 23 3.04 -14.89 -38.10
CA SER B 23 4.26 -15.65 -38.27
C SER B 23 5.49 -14.75 -38.43
N ASP B 24 5.28 -13.45 -38.60
CA ASP B 24 6.34 -12.48 -38.81
C ASP B 24 6.94 -11.97 -37.52
N THR B 25 6.33 -12.26 -36.37
CA THR B 25 6.79 -11.71 -35.11
C THR B 25 7.89 -12.57 -34.52
N ASN B 26 8.95 -11.93 -34.03
CA ASN B 26 10.06 -12.60 -33.35
C ASN B 26 10.17 -12.07 -31.93
N PRO B 27 9.47 -12.70 -30.98
CA PRO B 27 9.57 -12.28 -29.59
C PRO B 27 10.97 -12.39 -29.03
N GLU B 28 11.77 -13.35 -29.52
CA GLU B 28 13.17 -13.41 -29.12
C GLU B 28 13.91 -12.16 -29.55
N PHE B 29 13.65 -11.69 -30.78
CA PHE B 29 14.25 -10.44 -31.23
C PHE B 29 13.85 -9.29 -30.33
N THR B 30 12.56 -9.21 -29.95
CA THR B 30 12.13 -8.14 -29.07
C THR B 30 12.83 -8.22 -27.71
N GLN B 31 12.98 -9.43 -27.16
CA GLN B 31 13.59 -9.57 -25.84
C GLN B 31 15.07 -9.22 -25.89
N LYS B 32 15.77 -9.61 -26.95
CA LYS B 32 17.16 -9.22 -27.13
C LYS B 32 17.29 -7.71 -27.23
N ILE B 33 16.39 -7.06 -27.96
CA ILE B 33 16.44 -5.61 -28.05
C ILE B 33 16.24 -4.97 -26.69
N LEU B 34 15.26 -5.47 -25.93
CA LEU B 34 15.00 -4.88 -24.61
C LEU B 34 16.21 -5.04 -23.70
N LYS B 35 16.79 -6.23 -23.68
CA LYS B 35 17.96 -6.46 -22.83
C LYS B 35 19.12 -5.55 -23.22
N THR B 36 19.47 -5.52 -24.50
CA THR B 36 20.64 -4.75 -24.91
C THR B 36 20.42 -3.25 -24.76
N SER B 37 19.23 -2.76 -25.11
CA SER B 37 18.97 -1.32 -25.06
C SER B 37 18.75 -0.80 -23.65
N ARG B 38 18.33 -1.67 -22.72
CA ARG B 38 18.09 -1.24 -21.33
C ARG B 38 17.02 -0.16 -21.25
N THR B 39 16.03 -0.25 -22.12
CA THR B 39 14.96 0.73 -22.19
C THR B 39 13.63 0.01 -22.31
N ILE B 40 12.56 0.72 -21.95
CA ILE B 40 11.19 0.16 -22.01
C ILE B 40 10.66 0.48 -23.40
N ALA B 41 11.05 -0.35 -24.37
CA ALA B 41 10.69 -0.09 -25.75
C ALA B 41 9.31 -0.61 -26.10
N ASN B 42 8.85 -1.64 -25.41
CA ASN B 42 7.54 -2.21 -25.66
C ASN B 42 6.41 -1.29 -25.22
N MET B 43 6.70 -0.12 -24.65
CA MET B 43 5.69 0.77 -24.12
C MET B 43 5.42 1.94 -25.03
N CYS B 44 5.92 1.92 -26.26
CA CYS B 44 5.67 2.98 -27.22
C CYS B 44 4.20 2.97 -27.62
N TYR B 45 3.59 4.15 -27.66
CA TYR B 45 2.25 4.26 -28.21
C TYR B 45 2.19 5.17 -29.42
N GLN B 46 3.30 5.28 -30.14
CA GLN B 46 3.31 5.80 -31.51
C GLN B 46 2.77 7.21 -31.61
N CYS B 47 3.24 8.09 -30.73
CA CYS B 47 2.83 9.48 -30.75
C CYS B 47 3.50 10.28 -31.85
N GLY B 48 4.65 9.84 -32.36
CA GLY B 48 5.35 10.54 -33.41
C GLY B 48 6.27 11.66 -32.98
N THR B 49 6.48 11.86 -31.67
CA THR B 49 7.35 12.93 -31.20
C THR B 49 8.79 12.68 -31.62
N CYS B 50 9.23 11.42 -31.55
CA CYS B 50 10.58 11.06 -31.95
C CYS B 50 10.87 11.41 -33.41
N THR B 51 9.99 11.01 -34.32
CA THR B 51 10.17 11.37 -35.72
C THR B 51 10.04 12.86 -35.92
N GLY B 52 9.15 13.52 -35.19
CA GLY B 52 9.03 14.95 -35.32
C GLY B 52 10.25 15.71 -34.88
N SER B 53 11.07 15.11 -34.04
CA SER B 53 12.29 15.75 -33.57
C SER B 53 13.54 15.31 -34.33
N CYS B 54 13.50 14.20 -35.06
CA CYS B 54 14.69 13.68 -35.72
C CYS B 54 15.23 14.65 -36.77
N PRO B 55 16.54 14.89 -36.81
CA PRO B 55 17.11 15.69 -37.90
C PRO B 55 17.39 14.91 -39.17
N SER B 56 17.36 13.58 -39.11
CA SER B 56 17.56 12.77 -40.30
C SER B 56 16.26 12.54 -41.07
N ALA B 57 15.12 12.64 -40.41
CA ALA B 57 13.85 12.36 -41.06
C ALA B 57 13.50 13.31 -42.21
N PRO B 58 13.72 14.63 -42.13
CA PRO B 58 13.28 15.52 -43.21
C PRO B 58 13.99 15.32 -44.53
N ARG B 59 15.05 14.53 -44.59
CA ARG B 59 15.85 14.42 -45.80
C ARG B 59 16.07 12.97 -46.22
N SER B 60 15.29 12.04 -45.70
CA SER B 60 15.50 10.64 -46.00
C SER B 60 14.21 9.90 -45.70
N SER B 61 14.24 8.59 -45.84
CA SER B 61 13.11 7.74 -45.48
C SER B 61 13.24 7.18 -44.07
N TYR B 62 14.21 7.66 -43.30
CA TYR B 62 14.42 7.17 -41.94
C TYR B 62 13.29 7.61 -41.03
N ARG B 63 12.64 6.64 -40.37
CA ARG B 63 11.54 6.91 -39.43
C ARG B 63 11.80 6.12 -38.15
N ILE B 64 12.23 6.83 -37.12
CA ILE B 64 12.52 6.19 -35.84
C ILE B 64 11.25 5.59 -35.23
N ARG B 65 10.10 6.24 -35.40
CA ARG B 65 8.86 5.67 -34.90
C ARG B 65 8.55 4.36 -35.59
N LEU B 66 8.81 4.28 -36.89
CA LEU B 66 8.63 3.02 -37.60
C LEU B 66 9.56 1.95 -37.07
N PHE B 67 10.80 2.31 -36.74
CA PHE B 67 11.71 1.34 -36.14
C PHE B 67 11.21 0.87 -34.77
N MET B 68 10.64 1.79 -33.99
CA MET B 68 10.05 1.40 -32.70
C MET B 68 8.90 0.43 -32.88
N ARG B 69 8.05 0.69 -33.88
CA ARG B 69 6.95 -0.22 -34.17
C ARG B 69 7.45 -1.59 -34.59
N ARG B 70 8.48 -1.63 -35.42
CA ARG B 70 9.07 -2.91 -35.80
C ARG B 70 9.63 -3.65 -34.60
N CYS B 71 10.29 -2.94 -33.69
CA CYS B 71 10.77 -3.56 -32.47
C CYS B 71 9.62 -4.15 -31.67
N VAL B 72 8.53 -3.39 -31.51
CA VAL B 72 7.40 -3.87 -30.72
C VAL B 72 6.78 -5.12 -31.35
N LEU B 73 6.61 -5.11 -32.67
CA LEU B 73 5.99 -6.23 -33.35
C LEU B 73 6.96 -7.37 -33.66
N GLY B 74 8.25 -7.21 -33.38
CA GLY B 74 9.18 -8.31 -33.60
C GLY B 74 9.58 -8.50 -35.03
N LEU B 75 9.57 -7.45 -35.85
CA LEU B 75 9.85 -7.56 -37.27
C LEU B 75 11.36 -7.53 -37.50
N GLU B 76 11.98 -8.62 -37.09
CA GLU B 76 13.34 -8.96 -37.47
C GLU B 76 13.37 -9.35 -38.94
N ASN B 77 14.43 -8.96 -39.64
CA ASN B 77 14.62 -8.98 -41.09
C ASN B 77 13.87 -7.86 -41.78
N GLU B 78 13.01 -7.12 -41.09
CA GLU B 78 12.55 -5.83 -41.57
C GLU B 78 13.33 -4.69 -40.96
N ALA B 79 13.60 -4.76 -39.66
CA ALA B 79 14.39 -3.72 -39.01
C ALA B 79 15.86 -3.82 -39.38
N LEU B 80 16.43 -5.03 -39.32
CA LEU B 80 17.87 -5.18 -39.41
C LEU B 80 18.39 -4.89 -40.82
N THR B 81 17.66 -5.30 -41.84
CA THR B 81 18.13 -5.13 -43.21
C THR B 81 17.79 -3.76 -43.78
N ASP B 82 17.10 -2.91 -43.05
CA ASP B 82 16.76 -1.60 -43.56
C ASP B 82 18.02 -0.76 -43.67
N PRO B 83 18.36 -0.27 -44.87
CA PRO B 83 19.55 0.59 -44.99
C PRO B 83 19.44 1.90 -44.23
N ASP B 84 18.23 2.33 -43.89
CA ASP B 84 18.11 3.50 -43.02
C ASP B 84 18.12 3.10 -41.56
N LEU B 85 19.04 2.22 -41.18
CA LEU B 85 19.34 1.96 -39.80
C LEU B 85 20.60 2.68 -39.38
N TRP B 86 21.37 3.17 -40.36
CA TRP B 86 22.65 3.82 -40.13
C TRP B 86 22.58 5.31 -40.42
N LEU B 87 21.39 5.88 -40.47
CA LEU B 87 21.22 7.31 -40.63
C LEU B 87 20.92 8.02 -39.32
N CYS B 88 20.90 7.31 -38.21
CA CYS B 88 20.74 7.93 -36.90
C CYS B 88 22.07 8.53 -36.46
N THR B 89 22.07 9.82 -36.15
CA THR B 89 23.25 10.49 -35.64
C THR B 89 23.40 10.36 -34.14
N THR B 90 22.48 9.65 -33.47
CA THR B 90 22.47 9.53 -32.02
C THR B 90 22.51 10.89 -31.35
N CYS B 91 21.72 11.83 -31.88
CA CYS B 91 21.63 13.16 -31.28
C CYS B 91 20.80 13.17 -30.01
N TYR B 92 20.03 12.11 -29.76
CA TYR B 92 19.25 11.92 -28.54
C TYR B 92 18.10 12.90 -28.39
N SER B 93 17.66 13.56 -29.46
CA SER B 93 16.48 14.42 -29.34
C SER B 93 15.22 13.60 -29.08
N CYS B 94 15.08 12.47 -29.75
CA CYS B 94 13.95 11.60 -29.52
C CYS B 94 13.90 11.15 -28.07
N THR B 95 15.02 10.73 -27.52
CA THR B 95 15.07 10.31 -26.12
C THR B 95 14.79 11.49 -25.22
N ASP B 96 15.24 12.68 -25.60
CA ASP B 96 14.98 13.86 -24.81
C ASP B 96 13.49 14.16 -24.71
N ARG B 97 12.72 13.83 -25.75
CA ARG B 97 11.33 14.28 -25.80
C ARG B 97 10.27 13.19 -25.66
N CYS B 98 10.63 11.92 -25.65
CA CYS B 98 9.61 10.89 -25.64
C CYS B 98 8.74 10.99 -24.39
N PRO B 99 7.41 10.98 -24.52
CA PRO B 99 6.55 11.09 -23.34
C PRO B 99 6.47 9.82 -22.52
N ARG B 100 7.00 8.71 -23.01
CA ARG B 100 6.92 7.44 -22.31
C ARG B 100 8.24 7.06 -21.65
N ASP B 101 9.23 7.94 -21.64
CA ASP B 101 10.59 7.63 -21.19
C ASP B 101 11.18 6.42 -21.90
N ILE B 102 11.13 6.46 -23.21
CA ILE B 102 11.81 5.47 -24.03
C ILE B 102 13.06 6.11 -24.59
N ALA B 103 14.07 5.28 -24.84
CA ALA B 103 15.28 5.71 -25.53
C ALA B 103 15.29 5.07 -26.90
N PRO B 104 14.63 5.68 -27.89
CA PRO B 104 14.62 5.10 -29.24
C PRO B 104 16.01 5.00 -29.84
N THR B 105 16.90 5.94 -29.54
CA THR B 105 18.26 5.85 -30.02
C THR B 105 19.01 4.69 -29.39
N ASP B 106 18.69 4.33 -28.14
CA ASP B 106 19.27 3.14 -27.56
C ASP B 106 18.72 1.87 -28.22
N VAL B 107 17.45 1.90 -28.61
CA VAL B 107 16.89 0.79 -29.40
C VAL B 107 17.62 0.69 -30.74
N ILE B 108 17.91 1.83 -31.36
CA ILE B 108 18.66 1.85 -32.61
C ILE B 108 20.04 1.24 -32.40
N MET B 109 20.69 1.58 -31.30
CA MET B 109 22.03 1.04 -31.04
C MET B 109 21.99 -0.47 -30.89
N ALA B 110 21.00 -0.98 -30.14
CA ALA B 110 20.86 -2.43 -30.01
C ALA B 110 20.59 -3.10 -31.35
N MET B 111 19.75 -2.48 -32.18
CA MET B 111 19.49 -3.01 -33.51
C MET B 111 20.77 -3.05 -34.35
N ARG B 112 21.59 -2.01 -34.25
CA ARG B 112 22.85 -1.99 -34.98
C ARG B 112 23.78 -3.10 -34.52
N ASN B 113 23.79 -3.39 -33.22
CA ASN B 113 24.60 -4.50 -32.74
C ASN B 113 24.11 -5.83 -33.31
N LEU B 114 22.79 -6.04 -33.36
CA LEU B 114 22.28 -7.27 -33.93
C LEU B 114 22.57 -7.35 -35.43
N ALA B 115 22.50 -6.22 -36.12
CA ALA B 115 22.84 -6.20 -37.54
C ALA B 115 24.30 -6.57 -37.77
N PHE B 116 25.19 -6.06 -36.91
CA PHE B 116 26.59 -6.45 -37.03
C PHE B 116 26.76 -7.94 -36.78
N LYS B 117 26.07 -8.49 -35.78
CA LYS B 117 26.19 -9.92 -35.52
C LYS B 117 25.65 -10.76 -36.66
N ARG B 118 24.72 -10.25 -37.45
CA ARG B 118 24.30 -10.94 -38.66
C ARG B 118 25.03 -10.46 -39.91
N ASP B 119 26.09 -9.64 -39.74
CA ASP B 119 27.06 -9.25 -40.77
C ASP B 119 26.61 -8.11 -41.68
N ILE B 120 25.54 -7.41 -41.36
CA ILE B 120 25.17 -6.18 -42.06
C ILE B 120 25.82 -5.02 -41.32
N VAL B 121 26.73 -4.32 -41.97
CA VAL B 121 27.46 -3.22 -41.34
C VAL B 121 28.22 -2.43 -42.40
N PRO B 122 28.15 -1.10 -42.37
CA PRO B 122 28.95 -0.31 -43.30
C PRO B 122 30.44 -0.44 -43.05
N LYS B 123 31.22 -0.16 -44.09
CA LYS B 123 32.65 -0.44 -44.07
C LYS B 123 33.45 0.55 -43.25
N ASN B 124 32.95 1.77 -43.03
CA ASN B 124 33.67 2.72 -42.19
C ASN B 124 33.81 2.19 -40.77
N PHE B 125 32.78 1.50 -40.29
CA PHE B 125 32.84 0.92 -38.95
C PHE B 125 33.95 -0.10 -38.85
N LEU B 126 34.06 -0.98 -39.85
CA LEU B 126 35.11 -1.99 -39.85
C LEU B 126 36.48 -1.36 -39.97
N GLN B 127 36.61 -0.31 -40.79
CA GLN B 127 37.90 0.36 -40.91
C GLN B 127 38.31 1.02 -39.61
N THR B 128 37.35 1.60 -38.89
CA THR B 128 37.65 2.16 -37.57
C THR B 128 38.08 1.07 -36.61
N VAL B 129 37.46 -0.11 -36.68
CA VAL B 129 37.89 -1.22 -35.86
C VAL B 129 39.35 -1.57 -36.17
N GLN B 130 39.70 -1.61 -37.45
CA GLN B 130 41.08 -1.91 -37.82
C GLN B 130 42.04 -0.88 -37.25
N LEU B 131 41.70 0.39 -37.38
CA LEU B 131 42.57 1.46 -36.88
C LEU B 131 42.76 1.38 -35.38
N ILE B 132 41.68 1.16 -34.64
CA ILE B 132 41.78 1.10 -33.19
C ILE B 132 42.56 -0.14 -32.76
N TYR B 133 42.40 -1.25 -33.49
CA TYR B 133 43.21 -2.43 -33.19
C TYR B 133 44.69 -2.14 -33.40
N ASN B 134 45.04 -1.47 -34.49
CA ASN B 134 46.45 -1.26 -34.81
C ASN B 134 47.10 -0.26 -33.86
N SER B 135 46.43 0.86 -33.59
CA SER B 135 47.05 1.94 -32.83
C SER B 135 46.28 2.39 -31.60
N GLY B 136 45.09 1.87 -31.36
CA GLY B 136 44.27 2.36 -30.27
C GLY B 136 43.59 3.68 -30.50
N HIS B 137 43.69 4.24 -31.71
CA HIS B 137 43.13 5.56 -32.00
C HIS B 137 42.27 5.48 -33.26
N GLY B 138 41.03 5.95 -33.14
CA GLY B 138 40.16 6.02 -34.31
C GLY B 138 40.65 7.00 -35.34
N VAL B 139 41.25 8.10 -34.92
CA VAL B 139 41.84 9.08 -35.82
C VAL B 139 43.32 9.20 -35.49
N PRO B 140 44.20 8.43 -36.13
CA PRO B 140 45.59 8.37 -35.71
C PRO B 140 46.40 9.55 -36.24
N ASN B 141 47.59 9.69 -35.67
CA ASN B 141 48.53 10.74 -36.02
C ASN B 141 49.23 10.43 -37.34
N ASN B 142 49.67 11.49 -38.01
CA ASN B 142 50.45 11.37 -39.23
C ASN B 142 51.65 12.29 -39.17
N ASP B 143 52.48 12.24 -40.22
CA ASP B 143 53.72 12.99 -40.24
C ASP B 143 53.50 14.50 -40.21
N VAL B 144 52.51 14.97 -40.96
CA VAL B 144 52.28 16.41 -41.02
C VAL B 144 51.80 16.94 -39.67
N ASN B 145 50.98 16.17 -38.97
CA ASN B 145 50.55 16.60 -37.64
C ASN B 145 51.68 16.48 -36.63
N ARG B 146 52.56 15.50 -36.78
CA ARG B 146 53.73 15.46 -35.92
C ARG B 146 54.58 16.71 -36.10
N ALA B 147 54.78 17.12 -37.35
CA ALA B 147 55.53 18.35 -37.61
C ALA B 147 54.81 19.57 -37.04
N ALA B 148 53.49 19.62 -37.17
CA ALA B 148 52.73 20.75 -36.62
C ALA B 148 52.85 20.80 -35.10
N ARG B 149 52.73 19.66 -34.45
CA ARG B 149 52.87 19.61 -32.99
C ARG B 149 54.26 20.06 -32.57
N THR B 150 55.29 19.61 -33.29
CA THR B 150 56.64 20.03 -32.97
C THR B 150 56.79 21.55 -33.12
N LYS B 151 56.26 22.12 -34.21
CA LYS B 151 56.38 23.57 -34.38
C LYS B 151 55.61 24.31 -33.30
N LEU B 152 54.51 23.74 -32.82
CA LEU B 152 53.80 24.32 -31.69
C LEU B 152 54.68 24.32 -30.45
N GLY B 153 55.33 23.20 -30.17
CA GLY B 153 56.08 23.01 -28.94
C GLY B 153 55.68 21.78 -28.15
N LEU B 154 54.59 21.11 -28.54
CA LEU B 154 54.23 19.86 -27.93
C LEU B 154 55.17 18.76 -28.39
N PRO B 155 55.24 17.65 -27.65
CA PRO B 155 55.98 16.49 -28.14
C PRO B 155 55.38 15.99 -29.45
N ALA B 156 56.23 15.38 -30.27
CA ALA B 156 55.82 14.96 -31.61
C ALA B 156 54.68 13.95 -31.57
N ASP B 157 54.48 13.27 -30.44
CA ASP B 157 53.35 12.37 -30.27
C ASP B 157 52.65 12.68 -28.95
N PRO B 158 51.34 12.52 -28.91
CA PRO B 158 50.60 12.77 -27.68
C PRO B 158 50.89 11.71 -26.63
N PRO B 159 50.59 11.98 -25.37
CA PRO B 159 50.88 11.03 -24.28
C PRO B 159 50.09 9.72 -24.37
N THR B 160 49.37 9.52 -25.46
CA THR B 160 48.50 8.36 -25.60
C THR B 160 49.25 7.09 -25.97
N THR B 161 48.52 6.06 -26.41
CA THR B 161 49.15 4.84 -26.90
C THR B 161 49.97 5.06 -28.16
N HIS B 162 49.96 6.27 -28.72
CA HIS B 162 50.90 6.60 -29.78
C HIS B 162 52.31 6.75 -29.24
N SER B 163 52.45 7.10 -27.96
CA SER B 163 53.75 7.21 -27.33
C SER B 163 53.99 6.14 -26.27
N TYR B 164 52.97 5.37 -25.91
CA TYR B 164 53.12 4.26 -24.96
C TYR B 164 52.55 2.99 -25.59
N PRO B 165 53.28 2.38 -26.53
CA PRO B 165 52.71 1.27 -27.31
C PRO B 165 52.49 -0.01 -26.53
N GLU B 166 52.80 -0.06 -25.23
CA GLU B 166 52.57 -1.29 -24.48
C GLU B 166 51.11 -1.48 -24.09
N PHE B 167 50.33 -0.41 -24.01
CA PHE B 167 48.90 -0.53 -23.75
C PHE B 167 48.12 -0.99 -24.97
N VAL B 168 48.70 -0.88 -26.16
CA VAL B 168 48.03 -1.33 -27.37
C VAL B 168 47.74 -2.82 -27.27
N LYS B 169 48.64 -3.57 -26.67
CA LYS B 169 48.44 -5.01 -26.51
C LYS B 169 47.23 -5.32 -25.64
N GLY B 170 47.03 -4.55 -24.57
CA GLY B 170 45.84 -4.72 -23.75
C GLY B 170 44.57 -4.36 -24.49
N ILE B 171 44.60 -3.28 -25.27
CA ILE B 171 43.45 -2.94 -26.09
C ILE B 171 43.13 -4.07 -27.07
N GLN B 172 44.18 -4.63 -27.67
CA GLN B 172 43.99 -5.71 -28.63
C GLN B 172 43.40 -6.95 -27.96
N LYS B 173 43.82 -7.24 -26.72
CA LYS B 173 43.20 -8.37 -26.04
C LYS B 173 41.74 -8.10 -25.73
N ILE B 174 41.40 -6.86 -25.35
CA ILE B 174 39.99 -6.53 -25.12
C ILE B 174 39.18 -6.76 -26.39
N ILE B 175 39.67 -6.28 -27.53
CA ILE B 175 38.94 -6.46 -28.78
C ILE B 175 38.86 -7.93 -29.16
N ASP B 176 39.96 -8.67 -29.00
CA ASP B 176 39.98 -10.07 -29.37
C ASP B 176 39.05 -10.91 -28.50
N HIS B 177 38.82 -10.49 -27.26
CA HIS B 177 37.94 -11.25 -26.38
C HIS B 177 36.53 -11.30 -26.96
N TYR B 178 36.07 -10.20 -27.53
CA TYR B 178 34.77 -10.14 -28.18
C TYR B 178 34.83 -10.53 -29.65
N GLU B 179 36.03 -10.74 -30.20
CA GLU B 179 36.25 -11.25 -31.55
C GLU B 179 35.92 -10.21 -32.60
N LEU B 180 35.99 -8.94 -32.20
CA LEU B 180 35.61 -7.85 -33.09
C LEU B 180 36.51 -7.79 -34.31
N LYS B 181 37.82 -7.95 -34.10
CA LYS B 181 38.75 -7.94 -35.23
C LYS B 181 38.53 -9.15 -36.14
N GLU B 182 38.34 -10.33 -35.54
CA GLU B 182 38.15 -11.54 -36.32
C GLU B 182 36.87 -11.51 -37.14
N ASN B 183 35.89 -10.70 -36.73
CA ASN B 183 34.71 -10.53 -37.56
C ASN B 183 34.88 -9.41 -38.57
N ALA B 184 35.54 -8.31 -38.17
CA ALA B 184 35.68 -7.18 -39.06
C ALA B 184 36.53 -7.54 -40.28
N ASP B 185 37.65 -8.23 -40.07
CA ASP B 185 38.48 -8.60 -41.21
C ASP B 185 37.77 -9.58 -42.13
N ARG B 186 37.04 -10.53 -41.55
CA ARG B 186 36.29 -11.50 -42.36
C ARG B 186 35.24 -10.81 -43.21
N ILE B 187 34.50 -9.86 -42.62
CA ILE B 187 33.48 -9.16 -43.39
C ILE B 187 34.12 -8.29 -44.46
N LEU B 188 35.23 -7.62 -44.13
CA LEU B 188 35.92 -6.80 -45.12
C LEU B 188 36.43 -7.65 -46.29
N LYS B 189 36.83 -8.88 -46.03
CA LYS B 189 37.29 -9.77 -47.10
C LYS B 189 36.09 -10.23 -47.93
N GLY B 190 35.95 -9.68 -49.13
CA GLY B 190 34.86 -10.05 -50.01
C GLY B 190 34.89 -9.30 -51.33
N MET C 1 45.05 25.54 -6.94
CA MET C 1 45.10 25.01 -8.29
C MET C 1 44.57 23.59 -8.34
N HIS C 2 43.35 23.43 -8.83
CA HIS C 2 42.75 22.11 -8.97
C HIS C 2 43.47 21.32 -10.06
N GLU C 3 43.58 20.02 -9.85
CA GLU C 3 44.31 19.15 -10.75
C GLU C 3 43.38 18.10 -11.33
N TYR C 4 43.44 17.91 -12.65
CA TYR C 4 42.62 16.94 -13.34
C TYR C 4 43.47 16.18 -14.35
N ALA C 5 43.17 14.90 -14.51
CA ALA C 5 43.74 14.14 -15.61
C ALA C 5 43.11 14.60 -16.92
N PHE C 6 43.93 14.85 -17.92
CA PHE C 6 43.49 15.41 -19.20
C PHE C 6 43.37 14.28 -20.21
N PHE C 7 42.13 13.93 -20.60
CA PHE C 7 41.93 12.71 -21.37
C PHE C 7 42.47 12.82 -22.79
N LEU C 8 42.15 13.91 -23.50
CA LEU C 8 42.79 14.15 -24.79
C LEU C 8 42.53 13.05 -25.82
N GLY C 9 41.34 13.00 -26.42
CA GLY C 9 41.01 11.87 -27.28
C GLY C 9 41.75 11.87 -28.60
N CYS C 10 41.10 11.54 -29.69
CA CYS C 10 41.82 11.36 -30.94
C CYS C 10 41.95 12.60 -31.80
N ILE C 11 40.89 13.37 -31.97
CA ILE C 11 40.93 14.44 -32.98
C ILE C 11 41.71 15.65 -32.52
N ALA C 12 41.59 16.03 -31.26
CA ALA C 12 42.30 17.22 -30.80
C ALA C 12 43.82 17.04 -30.90
N PRO C 13 44.41 15.93 -30.43
CA PRO C 13 45.86 15.80 -30.54
C PRO C 13 46.36 15.56 -31.95
N ASN C 14 45.57 14.88 -32.79
CA ASN C 14 46.05 14.42 -34.09
C ASN C 14 45.52 15.24 -35.26
N ARG C 15 44.60 16.14 -35.05
CA ARG C 15 44.18 17.01 -36.15
C ARG C 15 44.21 18.48 -35.79
N TYR C 16 43.91 18.82 -34.54
CA TYR C 16 43.83 20.22 -34.10
C TYR C 16 44.65 20.40 -32.83
N PRO C 17 45.97 20.22 -32.90
CA PRO C 17 46.78 20.27 -31.68
C PRO C 17 46.74 21.60 -30.98
N GLY C 18 46.44 22.68 -31.70
CA GLY C 18 46.30 23.97 -31.05
C GLY C 18 45.21 23.96 -30.00
N CYS C 19 44.16 23.15 -30.21
CA CYS C 19 43.11 23.02 -29.22
C CYS C 19 43.66 22.52 -27.90
N GLU C 20 44.46 21.45 -27.92
CA GLU C 20 44.99 20.91 -26.67
C GLU C 20 46.05 21.83 -26.08
N ALA C 21 46.86 22.48 -26.92
CA ALA C 21 47.87 23.39 -26.41
C ALA C 21 47.23 24.56 -25.68
N SER C 22 46.24 25.18 -26.31
CA SER C 22 45.51 26.26 -25.66
C SER C 22 44.77 25.75 -24.44
N ALA C 23 44.26 24.53 -24.48
CA ALA C 23 43.60 23.98 -23.30
C ALA C 23 44.54 24.00 -22.11
N ILE C 24 45.74 23.45 -22.27
CA ILE C 24 46.68 23.39 -21.17
C ILE C 24 47.06 24.80 -20.70
N LYS C 25 47.39 25.69 -21.66
CA LYS C 25 47.86 27.02 -21.28
C LYS C 25 46.78 27.83 -20.57
N THR C 26 45.58 27.89 -21.15
CA THR C 26 44.51 28.69 -20.57
C THR C 26 44.03 28.09 -19.24
N SER C 27 43.93 26.77 -19.17
CA SER C 27 43.54 26.15 -17.91
C SER C 27 44.55 26.45 -16.83
N GLU C 28 45.84 26.49 -17.17
CA GLU C 28 46.84 26.85 -16.17
C GLU C 28 46.73 28.32 -15.79
N LYS C 29 46.39 29.20 -16.74
CA LYS C 29 46.26 30.61 -16.40
C LYS C 29 45.13 30.83 -15.41
N VAL C 30 43.98 30.18 -15.63
CA VAL C 30 42.96 30.11 -14.59
C VAL C 30 43.41 29.01 -13.62
N GLY C 31 42.73 28.85 -12.50
CA GLY C 31 43.25 27.96 -11.49
C GLY C 31 43.04 26.47 -11.72
N ILE C 32 43.48 25.93 -12.86
CA ILE C 32 43.27 24.52 -13.19
C ILE C 32 44.58 23.94 -13.73
N LYS C 33 44.86 22.69 -13.35
CA LYS C 33 46.11 22.03 -13.73
C LYS C 33 45.74 20.74 -14.46
N LEU C 34 46.08 20.66 -15.74
CA LEU C 34 45.68 19.56 -16.60
C LEU C 34 46.86 18.60 -16.77
N LEU C 35 46.76 17.43 -16.15
CA LEU C 35 47.80 16.41 -16.12
C LEU C 35 47.61 15.42 -17.24
N PRO C 36 48.68 15.04 -17.94
CA PRO C 36 48.57 14.04 -19.01
C PRO C 36 48.05 12.71 -18.48
N LEU C 37 47.22 12.05 -19.29
CA LEU C 37 46.75 10.71 -18.98
C LEU C 37 47.71 9.70 -19.59
N LYS C 38 48.11 8.72 -18.80
CA LYS C 38 49.24 7.86 -19.15
C LYS C 38 48.74 6.70 -19.98
N GLY C 39 48.97 6.77 -21.29
CA GLY C 39 48.56 5.68 -22.16
C GLY C 39 47.09 5.59 -22.44
N ALA C 40 46.36 6.70 -22.32
CA ALA C 40 44.97 6.71 -22.73
C ALA C 40 44.85 6.48 -24.23
N SER C 41 43.70 5.99 -24.66
CA SER C 41 43.50 5.71 -26.07
C SER C 41 42.26 6.43 -26.56
N CYS C 42 41.82 6.07 -27.76
CA CYS C 42 40.48 6.41 -28.19
C CYS C 42 39.50 6.02 -27.09
N CYS C 43 38.78 6.99 -26.56
CA CYS C 43 37.54 6.63 -25.92
C CYS C 43 36.76 5.91 -26.99
N PRO C 44 36.29 4.72 -26.75
CA PRO C 44 35.64 4.03 -27.86
C PRO C 44 34.54 4.94 -28.36
N ALA C 45 34.74 5.50 -29.54
CA ALA C 45 33.92 6.61 -30.00
C ALA C 45 32.47 6.17 -30.01
N PRO C 46 31.57 6.92 -29.37
CA PRO C 46 30.24 6.35 -29.05
C PRO C 46 29.46 5.91 -30.27
N GLY C 47 29.57 6.64 -31.38
CA GLY C 47 28.83 6.25 -32.56
C GLY C 47 29.47 5.12 -33.31
N ALA C 48 30.68 5.36 -33.81
CA ALA C 48 31.32 4.42 -34.71
C ALA C 48 31.75 3.13 -34.04
N PHE C 49 31.63 3.02 -32.72
CA PHE C 49 32.14 1.85 -32.04
C PHE C 49 31.05 1.27 -31.15
N GLY C 50 30.25 2.16 -30.56
CA GLY C 50 29.06 1.72 -29.88
C GLY C 50 28.04 1.11 -30.81
N SER C 51 27.95 1.60 -32.05
CA SER C 51 27.07 0.98 -33.03
C SER C 51 27.48 -0.45 -33.33
N ILE C 52 28.77 -0.75 -33.22
CA ILE C 52 29.24 -2.10 -33.52
C ILE C 52 29.06 -3.02 -32.32
N ASP C 53 29.57 -2.63 -31.15
CA ASP C 53 29.54 -3.56 -30.01
C ASP C 53 29.57 -2.79 -28.71
N LEU C 54 28.45 -2.85 -27.99
CA LEU C 54 28.33 -2.12 -26.73
C LEU C 54 29.22 -2.70 -25.64
N ASN C 55 29.45 -4.00 -25.64
CA ASN C 55 30.30 -4.60 -24.60
C ASN C 55 31.75 -4.14 -24.73
N VAL C 56 32.28 -4.09 -25.95
CA VAL C 56 33.64 -3.61 -26.11
C VAL C 56 33.69 -2.10 -25.91
N TRP C 57 32.61 -1.39 -26.23
CA TRP C 57 32.52 0.02 -25.84
C TRP C 57 32.70 0.18 -24.34
N TYR C 58 31.96 -0.61 -23.57
CA TYR C 58 32.06 -0.55 -22.11
C TYR C 58 33.47 -0.88 -21.65
N ALA C 59 34.06 -1.94 -22.20
CA ALA C 59 35.38 -2.36 -21.74
C ALA C 59 36.44 -1.30 -22.01
N MET C 60 36.43 -0.71 -23.21
CA MET C 60 37.47 0.28 -23.50
C MET C 60 37.27 1.56 -22.71
N ALA C 61 36.01 2.02 -22.57
CA ALA C 61 35.80 3.21 -21.75
C ALA C 61 36.20 2.96 -20.31
N ALA C 62 35.94 1.75 -19.80
CA ALA C 62 36.33 1.42 -18.44
C ALA C 62 37.84 1.37 -18.28
N ARG C 63 38.55 0.88 -19.29
CA ARG C 63 40.01 0.90 -19.23
C ARG C 63 40.52 2.33 -19.15
N ASN C 64 39.96 3.21 -19.99
CA ASN C 64 40.33 4.62 -19.92
C ASN C 64 40.03 5.21 -18.54
N LEU C 65 38.94 4.77 -17.92
CA LEU C 65 38.59 5.29 -16.60
C LEU C 65 39.52 4.77 -15.52
N VAL C 66 39.95 3.52 -15.61
CA VAL C 66 40.79 2.96 -14.57
C VAL C 66 42.23 3.43 -14.68
N LEU C 67 42.65 3.90 -15.86
CA LEU C 67 43.94 4.59 -15.92
C LEU C 67 43.96 5.80 -14.97
N ALA C 68 42.97 6.67 -15.09
CA ALA C 68 42.88 7.82 -14.19
C ALA C 68 42.52 7.41 -12.78
N GLU C 69 41.86 6.27 -12.59
CA GLU C 69 41.62 5.76 -11.25
C GLU C 69 42.93 5.43 -10.55
N GLU C 70 43.84 4.73 -11.25
CA GLU C 70 45.16 4.48 -10.69
C GLU C 70 45.91 5.79 -10.47
N MET C 71 45.75 6.74 -11.38
CA MET C 71 46.33 8.07 -11.15
C MET C 71 45.70 8.77 -9.96
N LYS C 72 44.52 8.33 -9.51
CA LYS C 72 43.77 8.96 -8.41
C LYS C 72 43.46 10.42 -8.72
N LYS C 73 42.81 10.65 -9.86
CA LYS C 73 42.49 12.00 -10.30
C LYS C 73 41.14 11.99 -11.01
N ASP C 74 40.58 13.19 -11.18
CA ASP C 74 39.31 13.37 -11.88
C ASP C 74 39.60 13.68 -13.35
N ILE C 75 38.87 13.01 -14.24
CA ILE C 75 39.04 13.24 -15.68
C ILE C 75 38.53 14.63 -16.05
N ALA C 76 39.26 15.31 -16.92
CA ALA C 76 38.78 16.51 -17.59
C ALA C 76 38.83 16.30 -19.10
N LEU C 77 37.78 16.73 -19.79
CA LEU C 77 37.61 16.45 -21.21
C LEU C 77 37.42 17.75 -21.98
N ILE C 78 37.60 17.66 -23.30
CA ILE C 78 37.31 18.80 -24.16
C ILE C 78 36.46 18.38 -25.35
N CYS C 79 35.91 17.18 -25.31
CA CYS C 79 35.11 16.68 -26.43
C CYS C 79 33.76 16.18 -25.93
N ASN C 80 32.68 16.55 -26.61
CA ASN C 80 31.33 16.06 -26.24
C ASN C 80 31.21 14.56 -26.50
N GLY C 81 31.78 14.01 -27.58
CA GLY C 81 31.70 12.58 -27.79
C GLY C 81 32.51 11.79 -26.78
N CYS C 82 33.70 12.29 -26.46
CA CYS C 82 34.51 11.67 -25.41
C CYS C 82 33.80 11.77 -24.08
N TYR C 83 33.12 12.89 -23.82
CA TYR C 83 32.32 13.00 -22.62
C TYR C 83 31.25 11.93 -22.58
N LYS C 84 30.53 11.75 -23.68
CA LYS C 84 29.54 10.69 -23.74
C LYS C 84 30.15 9.37 -23.34
N SER C 85 31.19 8.93 -24.06
CA SER C 85 31.81 7.64 -23.76
C SER C 85 32.24 7.56 -22.31
N ILE C 86 33.18 8.41 -21.90
CA ILE C 86 33.82 8.29 -20.59
C ILE C 86 32.80 8.49 -19.48
N TRP C 87 32.16 9.66 -19.45
CA TRP C 87 31.26 9.98 -18.36
C TRP C 87 30.10 9.01 -18.28
N GLU C 88 29.51 8.64 -19.42
CA GLU C 88 28.32 7.81 -19.38
C GLU C 88 28.66 6.38 -19.00
N VAL C 89 29.79 5.85 -19.46
CA VAL C 89 30.18 4.51 -19.02
C VAL C 89 30.52 4.53 -17.54
N ASN C 90 31.18 5.59 -17.07
CA ASN C 90 31.42 5.74 -15.64
C ASN C 90 30.12 5.71 -14.86
N HIS C 91 29.13 6.47 -15.31
CA HIS C 91 27.87 6.55 -14.61
C HIS C 91 27.12 5.22 -14.64
N ILE C 92 27.14 4.53 -15.78
CA ILE C 92 26.43 3.26 -15.91
C ILE C 92 27.07 2.19 -15.04
N LEU C 93 28.40 2.11 -15.05
CA LEU C 93 29.11 1.13 -14.27
C LEU C 93 29.24 1.52 -12.81
N LYS C 94 28.83 2.72 -12.44
CA LYS C 94 28.76 2.98 -11.01
C LYS C 94 27.47 2.46 -10.39
N HIS C 95 26.51 2.02 -11.20
CA HIS C 95 25.20 1.65 -10.67
C HIS C 95 24.73 0.28 -11.12
N ASN C 96 25.22 -0.23 -12.24
CA ASN C 96 24.75 -1.51 -12.77
C ASN C 96 25.74 -2.61 -12.40
N ASP C 97 25.30 -3.52 -11.54
CA ASP C 97 26.21 -4.48 -10.93
C ASP C 97 26.63 -5.56 -11.91
N GLU C 98 25.70 -6.09 -12.71
CA GLU C 98 26.07 -7.15 -13.64
C GLU C 98 26.99 -6.62 -14.72
N LEU C 99 26.81 -5.36 -15.12
CA LEU C 99 27.73 -4.76 -16.08
C LEU C 99 29.09 -4.51 -15.46
N ARG C 100 29.14 -4.05 -14.21
CA ARG C 100 30.42 -4.02 -13.51
C ARG C 100 31.10 -5.37 -13.55
N ASP C 101 30.36 -6.43 -13.21
CA ASP C 101 30.96 -7.75 -13.15
C ASP C 101 31.52 -8.15 -14.51
N ASN C 102 30.72 -7.98 -15.56
CA ASN C 102 31.15 -8.37 -16.90
C ASN C 102 32.40 -7.61 -17.33
N VAL C 103 32.39 -6.29 -17.14
CA VAL C 103 33.55 -5.50 -17.52
C VAL C 103 34.78 -5.89 -16.71
N ASN C 104 34.57 -6.22 -15.43
CA ASN C 104 35.70 -6.57 -14.58
C ASN C 104 36.31 -7.91 -14.98
N GLU C 105 35.48 -8.89 -15.34
CA GLU C 105 36.10 -10.13 -15.79
C GLU C 105 36.62 -10.05 -17.21
N VAL C 106 36.25 -9.03 -17.98
CA VAL C 106 36.96 -8.79 -19.23
C VAL C 106 38.31 -8.13 -18.95
N LEU C 107 38.34 -7.16 -18.05
CA LEU C 107 39.56 -6.41 -17.73
C LEU C 107 40.55 -7.22 -16.93
N ALA C 108 40.10 -8.26 -16.23
CA ALA C 108 41.01 -9.10 -15.47
C ALA C 108 42.00 -9.84 -16.35
N GLU C 109 41.76 -9.91 -17.65
CA GLU C 109 42.75 -10.48 -18.56
C GLU C 109 43.92 -9.56 -18.79
N ILE C 110 43.83 -8.31 -18.38
CA ILE C 110 44.94 -7.36 -18.50
C ILE C 110 45.29 -6.77 -17.13
N ASP C 111 44.95 -7.46 -16.05
CA ASP C 111 45.41 -7.12 -14.70
C ASP C 111 44.97 -5.70 -14.31
N MET C 112 43.65 -5.52 -14.23
CA MET C 112 43.10 -4.18 -14.25
C MET C 112 41.65 -4.24 -13.80
N GLN C 113 41.25 -3.40 -12.85
CA GLN C 113 39.91 -3.49 -12.26
C GLN C 113 39.26 -2.12 -12.20
N PHE C 114 37.95 -2.11 -12.36
CA PHE C 114 37.14 -0.90 -12.25
C PHE C 114 36.39 -0.92 -10.92
N LYS C 115 36.53 0.16 -10.15
CA LYS C 115 35.83 0.27 -8.89
C LYS C 115 34.92 1.49 -8.79
N GLY C 116 35.08 2.47 -9.68
CA GLY C 116 34.18 3.61 -9.68
C GLY C 116 34.46 4.61 -8.58
N THR C 117 35.60 5.27 -8.64
CA THR C 117 36.03 6.18 -7.59
C THR C 117 36.23 7.61 -8.05
N ILE C 118 36.15 7.90 -9.35
CA ILE C 118 36.47 9.23 -9.85
C ILE C 118 35.26 9.81 -10.57
N ASP C 119 35.40 11.08 -10.94
CA ASP C 119 34.36 11.83 -11.63
C ASP C 119 34.92 12.39 -12.94
N VAL C 120 34.02 12.63 -13.88
CA VAL C 120 34.39 13.08 -15.22
C VAL C 120 33.78 14.45 -15.44
N TRP C 121 34.59 15.39 -15.92
CA TRP C 121 34.15 16.75 -16.15
C TRP C 121 34.54 17.20 -17.55
N HIS C 122 33.68 18.00 -18.16
CA HIS C 122 34.04 18.72 -19.36
C HIS C 122 34.73 20.02 -18.96
N LEU C 123 35.73 20.42 -19.74
CA LEU C 123 36.50 21.61 -19.40
C LEU C 123 35.61 22.85 -19.37
N ALA C 124 34.67 22.96 -20.29
CA ALA C 124 33.76 24.10 -20.26
C ALA C 124 32.86 24.05 -19.03
N GLU C 125 32.47 22.86 -18.61
CA GLU C 125 31.72 22.71 -17.36
C GLU C 125 32.53 23.21 -16.18
N LEU C 126 33.82 22.88 -16.14
CA LEU C 126 34.68 23.40 -15.08
C LEU C 126 34.80 24.91 -15.16
N TYR C 127 34.99 25.45 -16.37
CA TYR C 127 35.08 26.90 -16.53
C TYR C 127 33.81 27.59 -16.09
N TYR C 128 32.68 26.90 -16.16
CA TYR C 128 31.42 27.51 -15.77
C TYR C 128 31.12 27.37 -14.29
N ASP C 129 31.57 26.29 -13.66
CA ASP C 129 31.33 26.07 -12.24
C ASP C 129 31.94 27.21 -11.43
N ASP C 130 31.34 27.49 -10.28
CA ASP C 130 31.81 28.60 -9.44
C ASP C 130 32.86 28.17 -8.44
N LYS C 131 32.79 26.93 -7.93
CA LYS C 131 33.85 26.42 -7.06
C LYS C 131 35.19 26.44 -7.78
N VAL C 132 35.22 25.82 -8.96
CA VAL C 132 36.34 25.86 -9.90
C VAL C 132 36.19 27.20 -10.62
N CYS C 133 37.18 27.57 -11.44
CA CYS C 133 37.12 28.79 -12.23
C CYS C 133 35.71 29.09 -12.74
N GLY C 134 35.24 30.30 -12.46
CA GLY C 134 33.93 30.74 -12.88
C GLY C 134 33.99 31.72 -14.03
N VAL C 135 32.82 32.19 -14.43
CA VAL C 135 32.72 33.16 -15.52
C VAL C 135 33.48 34.43 -15.15
N GLN C 136 33.41 34.83 -13.88
CA GLN C 136 34.12 36.03 -13.46
C GLN C 136 35.63 35.83 -13.56
N LYS C 137 36.12 34.65 -13.18
CA LYS C 137 37.55 34.37 -13.32
C LYS C 137 37.98 34.37 -14.78
N ILE C 138 37.13 33.85 -15.67
CA ILE C 138 37.44 33.90 -17.10
C ILE C 138 37.54 35.35 -17.57
N LYS C 139 36.57 36.18 -17.16
CA LYS C 139 36.61 37.60 -17.50
C LYS C 139 37.89 38.25 -16.99
N ASP C 140 38.31 37.87 -15.78
CA ASP C 140 39.54 38.42 -15.22
C ASP C 140 40.75 38.01 -16.06
N SER C 141 40.80 36.75 -16.47
CA SER C 141 41.97 36.27 -17.21
C SER C 141 42.03 36.85 -18.61
N VAL C 142 40.89 37.24 -19.18
CA VAL C 142 40.88 37.77 -20.54
C VAL C 142 41.68 39.06 -20.58
N THR C 143 42.62 39.15 -21.52
CA THR C 143 43.45 40.34 -21.68
C THR C 143 43.31 41.03 -23.04
N THR C 144 42.86 40.31 -24.08
CA THR C 144 42.51 40.97 -25.34
C THR C 144 41.01 40.93 -25.49
N PRO C 145 40.36 42.08 -25.67
CA PRO C 145 38.88 42.12 -25.56
C PRO C 145 38.13 41.24 -26.54
N LEU C 146 38.63 41.03 -27.75
CA LEU C 146 37.88 40.35 -28.80
C LEU C 146 36.52 41.00 -29.03
N SER C 147 36.48 42.32 -28.93
CA SER C 147 35.23 43.05 -29.07
C SER C 147 34.89 43.24 -30.54
N GLY C 148 33.61 43.47 -30.80
CA GLY C 148 33.14 43.69 -32.16
C GLY C 148 33.22 42.47 -33.04
N ALA C 149 32.91 41.29 -32.50
CA ALA C 149 32.87 40.05 -33.26
C ALA C 149 31.60 39.31 -32.94
N LYS C 150 30.85 38.92 -33.96
CA LYS C 150 29.65 38.12 -33.80
C LYS C 150 30.06 36.66 -33.88
N VAL C 151 29.70 35.90 -32.85
CA VAL C 151 30.18 34.53 -32.68
C VAL C 151 28.98 33.63 -32.40
N ALA C 152 28.83 32.57 -33.18
CA ALA C 152 27.73 31.65 -33.02
C ALA C 152 28.19 30.41 -32.28
N ALA C 153 27.50 30.06 -31.20
CA ALA C 153 27.76 28.81 -30.47
C ALA C 153 27.06 27.54 -30.93
N HIS C 154 27.82 26.46 -31.04
CA HIS C 154 27.24 25.15 -31.32
C HIS C 154 27.48 24.32 -30.07
N TYR C 155 26.44 23.96 -29.34
CA TYR C 155 26.52 23.15 -28.11
C TYR C 155 26.88 21.71 -28.40
N GLY C 156 26.37 21.15 -29.48
CA GLY C 156 26.55 19.72 -29.73
C GLY C 156 25.43 18.98 -29.08
N CYS C 157 25.49 17.67 -29.02
CA CYS C 157 24.34 16.90 -28.54
C CYS C 157 24.76 16.01 -27.38
N HIS C 158 25.98 15.53 -27.39
CA HIS C 158 26.35 14.52 -26.41
C HIS C 158 26.73 15.11 -25.07
N LEU C 159 26.97 16.41 -24.99
CA LEU C 159 27.23 17.02 -23.70
C LEU C 159 25.96 17.14 -22.88
N MET C 160 24.92 17.73 -23.47
CA MET C 160 23.66 18.08 -22.78
C MET C 160 22.54 17.05 -22.93
N LYS C 161 22.61 16.10 -23.87
CA LYS C 161 21.44 15.28 -24.07
C LYS C 161 21.75 13.80 -23.87
N PRO C 162 20.80 13.01 -23.36
CA PRO C 162 19.47 13.41 -22.93
C PRO C 162 19.46 14.05 -21.55
N LYS C 163 18.58 15.01 -21.32
CA LYS C 163 18.59 15.73 -20.05
C LYS C 163 18.17 14.84 -18.89
N LYS C 164 17.51 13.72 -19.16
CA LYS C 164 17.24 12.73 -18.12
C LYS C 164 18.49 11.94 -17.72
N GLU C 165 19.58 12.10 -18.45
CA GLU C 165 20.84 11.43 -18.12
C GLU C 165 21.97 12.39 -17.78
N ARG C 166 21.78 13.69 -17.96
CA ARG C 166 22.80 14.67 -17.62
C ARG C 166 22.27 15.61 -16.55
N HIS C 167 23.08 16.62 -16.23
CA HIS C 167 22.77 17.56 -15.15
C HIS C 167 23.01 19.01 -15.57
N PHE C 168 22.92 19.32 -16.85
CA PHE C 168 23.18 20.66 -17.33
C PHE C 168 21.91 21.49 -17.51
N GLY C 169 20.75 20.93 -17.19
CA GLY C 169 19.52 21.71 -17.23
C GLY C 169 18.78 21.68 -18.54
N ASP C 170 18.30 22.85 -18.97
CA ASP C 170 17.46 22.94 -20.16
C ASP C 170 18.26 22.66 -21.42
N THR C 171 17.74 21.79 -22.27
CA THR C 171 18.33 21.54 -23.57
C THR C 171 17.65 22.32 -24.70
N GLU C 172 16.50 22.94 -24.45
CA GLU C 172 15.80 23.62 -25.53
C GLU C 172 16.44 24.96 -25.89
N ASN C 173 16.89 25.72 -24.90
CA ASN C 173 17.54 27.01 -25.16
C ASN C 173 18.51 27.34 -24.02
N PRO C 174 19.63 26.58 -23.90
CA PRO C 174 20.62 26.89 -22.90
C PRO C 174 21.36 28.19 -23.21
N MET C 175 21.92 28.83 -22.20
CA MET C 175 22.59 30.14 -22.43
C MET C 175 23.94 30.12 -21.73
N TRP C 176 24.29 29.00 -21.13
CA TRP C 176 25.52 28.96 -20.31
C TRP C 176 26.75 29.13 -21.19
N PHE C 177 26.78 28.44 -22.33
CA PHE C 177 27.91 28.52 -23.27
C PHE C 177 27.91 29.91 -23.88
N GLU C 178 26.76 30.53 -24.00
CA GLU C 178 26.71 31.92 -24.53
C GLU C 178 27.35 32.88 -23.53
N GLU C 179 27.25 32.61 -22.22
CA GLU C 179 27.90 33.41 -21.16
C GLU C 179 29.43 33.28 -21.22
N LEU C 180 29.96 32.09 -21.48
CA LEU C 180 31.43 31.91 -21.62
C LEU C 180 31.95 32.71 -22.83
N ILE C 181 31.22 32.76 -23.94
CA ILE C 181 31.62 33.55 -25.13
C ILE C 181 31.44 35.04 -24.80
N GLY C 182 30.44 35.40 -24.02
CA GLY C 182 30.28 36.78 -23.62
C GLY C 182 31.33 37.24 -22.63
N ALA C 183 31.87 36.31 -21.84
CA ALA C 183 32.98 36.63 -20.96
C ALA C 183 34.20 37.08 -21.75
N LEU C 184 34.48 36.41 -22.88
CA LEU C 184 35.61 36.76 -23.71
C LEU C 184 35.49 38.15 -24.33
N GLY C 185 34.31 38.73 -24.35
CA GLY C 185 34.08 40.01 -24.96
C GLY C 185 33.41 39.95 -26.31
N ALA C 186 33.36 38.78 -26.94
CA ALA C 186 32.66 38.62 -28.20
C ALA C 186 31.17 38.49 -27.92
N GLU C 187 30.35 39.13 -28.75
CA GLU C 187 28.91 39.04 -28.55
C GLU C 187 28.37 37.77 -29.19
N PRO C 188 27.77 36.87 -28.42
CA PRO C 188 27.18 35.68 -29.02
C PRO C 188 25.82 36.00 -29.62
N ILE C 189 25.62 35.49 -30.83
CA ILE C 189 24.36 35.75 -31.57
C ILE C 189 23.50 34.49 -31.54
N GLN C 190 22.21 34.65 -31.77
CA GLN C 190 21.26 33.53 -31.76
C GLN C 190 20.83 33.28 -33.21
N TYR C 191 20.72 32.03 -33.62
CA TYR C 191 20.38 31.68 -35.01
C TYR C 191 19.22 30.69 -34.93
N ARG C 192 18.57 30.42 -36.04
CA ARG C 192 17.42 29.50 -36.05
C ARG C 192 17.86 28.07 -35.72
N ASN C 193 17.08 27.35 -34.94
CA ASN C 193 17.34 25.93 -34.61
C ASN C 193 18.80 25.77 -34.14
N LYS C 194 19.23 26.53 -33.13
CA LYS C 194 20.63 26.52 -32.65
C LYS C 194 21.00 25.21 -31.97
N MET C 195 20.04 24.35 -31.70
CA MET C 195 20.30 23.14 -30.93
C MET C 195 20.26 21.93 -31.87
N GLN C 196 20.40 22.19 -33.16
CA GLN C 196 20.38 21.12 -34.15
C GLN C 196 21.72 20.38 -34.17
N CYS C 197 21.64 19.07 -34.41
CA CYS C 197 22.85 18.28 -34.57
C CYS C 197 23.65 18.75 -35.78
N CYS C 198 24.96 18.66 -35.68
CA CYS C 198 25.82 19.00 -36.80
C CYS C 198 25.81 17.93 -37.89
N GLY C 199 25.40 16.71 -37.56
CA GLY C 199 25.25 15.66 -38.53
C GLY C 199 26.34 14.62 -38.53
N ALA C 200 27.40 14.81 -37.76
CA ALA C 200 28.55 13.91 -37.78
C ALA C 200 28.45 12.78 -36.78
N GLY C 201 27.46 12.79 -35.90
CA GLY C 201 27.40 11.79 -34.87
C GLY C 201 26.97 10.44 -35.40
N GLY C 202 27.14 9.43 -34.57
CA GLY C 202 26.63 8.10 -34.86
C GLY C 202 27.27 7.38 -36.01
N GLY C 203 28.38 7.88 -36.54
CA GLY C 203 28.98 7.29 -37.71
C GLY C 203 28.37 7.71 -39.03
N VAL C 204 27.41 8.64 -39.02
CA VAL C 204 26.80 9.09 -40.25
C VAL C 204 27.83 9.81 -41.11
N ARG C 205 28.73 10.56 -40.46
CA ARG C 205 29.85 11.21 -41.13
C ARG C 205 30.57 10.27 -42.09
N GLY C 206 30.70 9.01 -41.71
CA GLY C 206 31.36 8.03 -42.55
C GLY C 206 30.42 7.29 -43.47
N TYR C 207 29.25 6.92 -42.95
CA TYR C 207 28.34 6.08 -43.72
C TYR C 207 27.73 6.82 -44.90
N ASP C 208 27.19 8.03 -44.66
CA ASP C 208 26.50 8.79 -45.71
C ASP C 208 26.93 10.25 -45.60
N ILE C 209 28.00 10.58 -46.34
CA ILE C 209 28.59 11.90 -46.23
C ILE C 209 27.65 12.96 -46.76
N VAL C 210 26.85 12.65 -47.79
CA VAL C 210 25.94 13.65 -48.34
C VAL C 210 24.82 13.96 -47.35
N HIS C 211 24.28 12.94 -46.70
CA HIS C 211 23.27 13.14 -45.67
C HIS C 211 23.81 13.99 -44.53
N ALA C 212 25.00 13.63 -44.04
CA ALA C 212 25.61 14.39 -42.96
C ALA C 212 25.88 15.83 -43.37
N LEU C 213 26.36 16.03 -44.59
CA LEU C 213 26.63 17.37 -45.07
C LEU C 213 25.36 18.19 -45.26
N ASP C 214 24.25 17.56 -45.63
CA ASP C 214 23.00 18.31 -45.71
C ASP C 214 22.57 18.78 -44.34
N ILE C 215 22.69 17.91 -43.33
CA ILE C 215 22.39 18.34 -41.96
C ILE C 215 23.29 19.49 -41.54
N THR C 216 24.57 19.42 -41.89
CA THR C 216 25.49 20.51 -41.56
C THR C 216 25.15 21.79 -42.31
N ASN C 217 24.75 21.66 -43.57
CA ASN C 217 24.48 22.82 -44.40
C ASN C 217 23.26 23.59 -43.91
N GLU C 218 22.28 22.87 -43.35
CA GLU C 218 21.11 23.55 -42.75
C GLU C 218 21.63 24.51 -41.68
N LYS C 219 22.49 24.03 -40.78
CA LYS C 219 23.11 24.88 -39.73
C LYS C 219 23.90 26.04 -40.33
N LEU C 220 24.78 25.79 -41.28
CA LEU C 220 25.59 26.84 -41.87
C LEU C 220 24.75 27.93 -42.49
N ILE C 221 23.63 27.55 -43.12
CA ILE C 221 22.72 28.54 -43.69
C ILE C 221 22.13 29.41 -42.59
N ASN C 222 21.66 28.79 -41.50
CA ASN C 222 21.09 29.57 -40.41
C ASN C 222 22.13 30.50 -39.79
N ILE C 223 23.35 30.02 -39.63
CA ILE C 223 24.41 30.81 -38.99
C ILE C 223 24.78 32.00 -39.86
N GLN C 224 24.93 31.79 -41.17
CA GLN C 224 25.22 32.89 -42.06
C GLN C 224 24.09 33.91 -42.05
N GLU C 225 22.85 33.43 -42.03
CA GLU C 225 21.71 34.34 -41.99
C GLU C 225 21.74 35.19 -40.73
N ALA C 226 22.09 34.59 -39.59
CA ALA C 226 22.26 35.37 -38.37
C ALA C 226 23.37 36.41 -38.52
N GLY C 227 24.49 36.02 -39.12
CA GLY C 227 25.56 36.96 -39.37
C GLY C 227 26.81 36.69 -38.59
N ALA C 228 27.06 35.43 -38.27
CA ALA C 228 28.21 35.07 -37.46
C ALA C 228 29.51 35.29 -38.22
N ASP C 229 30.56 35.54 -37.47
CA ASP C 229 31.90 35.68 -37.99
C ASP C 229 32.80 34.51 -37.62
N ALA C 230 32.34 33.66 -36.71
CA ALA C 230 33.01 32.42 -36.37
C ALA C 230 32.00 31.52 -35.68
N ILE C 231 32.32 30.24 -35.59
CA ILE C 231 31.46 29.29 -34.85
C ILE C 231 32.29 28.66 -33.73
N THR C 232 32.00 28.99 -32.48
CA THR C 232 32.65 28.31 -31.34
C THR C 232 31.98 26.97 -31.16
N GLU C 233 32.67 26.01 -30.59
CA GLU C 233 32.15 24.65 -30.43
C GLU C 233 32.91 24.03 -29.27
N LEU C 234 32.37 22.99 -28.67
CA LEU C 234 33.02 22.30 -27.52
C LEU C 234 33.29 20.86 -27.91
N CYS C 235 33.43 20.55 -29.19
CA CYS C 235 33.61 19.15 -29.63
C CYS C 235 34.53 19.05 -30.84
N PRO C 236 35.64 18.27 -30.81
CA PRO C 236 36.43 18.08 -32.04
C PRO C 236 35.71 17.34 -33.16
N PHE C 237 34.78 16.42 -32.87
CA PHE C 237 33.90 15.94 -33.93
C PHE C 237 33.17 17.08 -34.63
N CYS C 238 32.49 17.94 -33.87
CA CYS C 238 31.69 18.98 -34.50
C CYS C 238 32.58 19.97 -35.23
N GLN C 239 33.76 20.24 -34.67
CA GLN C 239 34.70 21.12 -35.36
C GLN C 239 35.17 20.51 -36.66
N LEU C 240 35.48 19.21 -36.65
CA LEU C 240 35.88 18.54 -37.88
C LEU C 240 34.77 18.59 -38.92
N GLN C 241 33.53 18.32 -38.50
CA GLN C 241 32.41 18.42 -39.43
C GLN C 241 32.28 19.83 -39.99
N PHE C 242 32.19 20.83 -39.11
CA PHE C 242 32.02 22.20 -39.58
C PHE C 242 33.21 22.73 -40.37
N ASP C 243 34.38 22.10 -40.24
CA ASP C 243 35.59 22.57 -40.92
C ASP C 243 35.84 21.85 -42.24
N ARG C 244 36.01 20.53 -42.19
CA ARG C 244 36.11 19.76 -43.42
C ARG C 244 34.84 19.89 -44.25
N GLY C 245 33.68 19.68 -43.64
CA GLY C 245 32.42 19.72 -44.34
C GLY C 245 32.15 21.02 -45.06
N GLN C 246 32.74 22.15 -44.64
CA GLN C 246 32.59 23.33 -45.48
C GLN C 246 33.28 23.15 -46.82
N ILE C 247 34.45 22.51 -46.82
CA ILE C 247 35.17 22.24 -48.06
C ILE C 247 34.41 21.20 -48.89
N GLU C 248 33.97 20.12 -48.25
CA GLU C 248 33.18 19.13 -48.97
C GLU C 248 31.85 19.69 -49.45
N ILE C 249 31.27 20.66 -48.76
CA ILE C 249 30.06 21.30 -49.24
C ILE C 249 30.38 22.17 -50.44
N LYS C 250 31.50 22.90 -50.38
CA LYS C 250 31.91 23.71 -51.51
C LYS C 250 32.14 22.87 -52.76
N GLU C 251 32.54 21.62 -52.59
CA GLU C 251 32.83 20.80 -53.77
C GLU C 251 31.63 19.97 -54.22
N LYS C 252 30.91 19.35 -53.27
CA LYS C 252 29.77 18.50 -53.63
C LYS C 252 28.54 19.32 -53.97
N PHE C 253 28.32 20.44 -53.28
CA PHE C 253 27.31 21.42 -53.58
C PHE C 253 28.03 22.66 -54.10
N GLY C 254 27.31 23.75 -54.29
CA GLY C 254 27.94 24.98 -54.72
C GLY C 254 27.85 26.10 -53.72
N ASP C 255 28.00 25.78 -52.44
CA ASP C 255 27.76 26.74 -51.36
C ASP C 255 29.07 27.18 -50.74
N VAL C 256 29.23 28.49 -50.59
CA VAL C 256 30.44 29.08 -50.01
C VAL C 256 30.03 29.89 -48.80
N TYR C 257 30.64 29.60 -47.67
CA TYR C 257 30.41 30.35 -46.44
C TYR C 257 31.68 30.97 -45.87
N ASN C 258 32.79 30.23 -45.87
CA ASN C 258 34.05 30.67 -45.29
C ASN C 258 33.86 31.25 -43.89
N ILE C 259 33.33 30.41 -43.01
CA ILE C 259 33.08 30.78 -41.62
C ILE C 259 34.07 30.00 -40.77
N PRO C 260 35.02 30.67 -40.09
CA PRO C 260 35.98 29.95 -39.26
C PRO C 260 35.30 29.19 -38.14
N VAL C 261 35.83 28.01 -37.84
CA VAL C 261 35.33 27.17 -36.76
C VAL C 261 36.44 27.03 -35.75
N LEU C 262 36.18 27.43 -34.51
CA LEU C 262 37.19 27.42 -33.46
C LEU C 262 36.62 26.76 -32.22
N HIS C 263 37.46 25.96 -31.57
CA HIS C 263 37.12 25.44 -30.26
C HIS C 263 37.12 26.58 -29.24
N TYR C 264 36.31 26.40 -28.19
CA TYR C 264 36.26 27.44 -27.17
C TYR C 264 37.62 27.66 -26.51
N ASN C 265 38.42 26.61 -26.42
CA ASN C 265 39.76 26.76 -25.85
C ASN C 265 40.64 27.61 -26.76
N GLU C 266 40.47 27.46 -28.08
CA GLU C 266 41.21 28.33 -28.99
C GLU C 266 40.77 29.79 -28.86
N LEU C 267 39.47 30.03 -28.72
CA LEU C 267 39.05 31.41 -28.48
C LEU C 267 39.54 31.95 -27.15
N LEU C 268 39.56 31.09 -26.13
CA LEU C 268 40.06 31.52 -24.82
C LEU C 268 41.54 31.87 -24.92
N GLY C 269 42.30 31.09 -25.67
CA GLY C 269 43.70 31.43 -25.90
C GLY C 269 43.84 32.75 -26.63
N LEU C 270 43.03 32.97 -27.66
CA LEU C 270 43.08 34.25 -28.38
C LEU C 270 42.74 35.40 -27.44
N ALA C 271 41.77 35.21 -26.56
CA ALA C 271 41.40 36.26 -25.61
C ALA C 271 42.52 36.51 -24.62
N GLN C 272 43.19 35.46 -24.17
CA GLN C 272 44.25 35.58 -23.18
C GLN C 272 45.58 35.97 -23.80
N GLY C 273 45.66 36.11 -25.12
CA GLY C 273 46.82 36.68 -25.75
C GLY C 273 47.73 35.72 -26.48
N MET C 274 47.34 34.46 -26.62
CA MET C 274 48.15 33.50 -27.35
C MET C 274 48.19 33.86 -28.82
N SER C 275 49.25 33.46 -29.49
CA SER C 275 49.41 33.87 -30.87
C SER C 275 48.69 32.90 -31.81
N PRO C 276 48.26 33.38 -32.98
CA PRO C 276 47.66 32.45 -33.95
C PRO C 276 48.61 31.33 -34.36
N GLN C 277 49.90 31.61 -34.48
CA GLN C 277 50.86 30.54 -34.76
C GLN C 277 50.92 29.55 -33.60
N ASP C 278 50.89 30.05 -32.37
CA ASP C 278 50.91 29.17 -31.21
C ASP C 278 49.61 28.40 -31.06
N LEU C 279 48.54 28.83 -31.71
CA LEU C 279 47.29 28.10 -31.73
C LEU C 279 47.15 27.21 -32.96
N ALA C 280 48.06 27.33 -33.92
CA ALA C 280 48.05 26.50 -35.12
C ALA C 280 46.74 26.65 -35.89
N LEU C 281 46.32 27.91 -36.07
CA LEU C 281 45.13 28.18 -36.86
C LEU C 281 45.34 27.92 -38.34
N ASP C 282 46.57 27.65 -38.76
CA ASP C 282 46.85 27.28 -40.14
C ASP C 282 46.48 25.84 -40.45
N LEU C 283 46.13 25.06 -39.44
CA LEU C 283 45.75 23.66 -39.62
C LEU C 283 44.26 23.47 -39.87
N HIS C 284 43.48 24.56 -39.87
CA HIS C 284 42.06 24.48 -40.20
C HIS C 284 41.86 24.60 -41.70
N ALA C 285 40.86 23.90 -42.22
CA ALA C 285 40.53 24.03 -43.63
C ALA C 285 40.08 25.43 -43.97
N ILE C 286 39.26 26.04 -43.11
CA ILE C 286 38.70 27.35 -43.37
C ILE C 286 39.60 28.40 -42.74
N ASP C 287 40.05 29.36 -43.56
CA ASP C 287 40.95 30.40 -43.09
C ASP C 287 40.28 31.23 -42.00
N CYS C 288 41.00 31.48 -40.92
CA CYS C 288 40.51 32.32 -39.83
C CYS C 288 40.90 33.77 -40.00
N THR C 289 41.61 34.11 -41.08
CA THR C 289 42.17 35.45 -41.21
C THR C 289 41.15 36.59 -41.17
N PRO C 290 39.96 36.51 -41.78
CA PRO C 290 38.99 37.60 -41.59
C PRO C 290 38.60 37.82 -40.15
N PHE C 291 38.37 36.73 -39.41
CA PHE C 291 38.03 36.84 -38.00
C PHE C 291 39.18 37.43 -37.20
N LEU C 292 40.41 37.05 -37.53
CA LEU C 292 41.57 37.64 -36.87
C LEU C 292 41.70 39.12 -37.18
N GLN C 293 41.42 39.53 -38.41
CA GLN C 293 41.42 40.95 -38.72
C GLN C 293 40.37 41.69 -37.89
N LYS C 294 39.20 41.07 -37.71
CA LYS C 294 38.15 41.74 -36.94
C LYS C 294 38.54 41.86 -35.47
N VAL C 295 39.00 40.77 -34.85
CA VAL C 295 39.26 40.77 -33.42
C VAL C 295 40.68 41.18 -33.06
N LEU C 296 41.50 41.56 -34.02
CA LEU C 296 42.86 42.00 -33.74
C LEU C 296 43.18 43.27 -34.51
N PRO D 7 -19.61 -19.93 27.62
CA PRO D 7 -19.90 -19.49 26.25
C PRO D 7 -20.17 -20.66 25.33
N ARG D 8 -21.01 -20.44 24.32
CA ARG D 8 -21.34 -21.46 23.34
C ARG D 8 -21.23 -20.83 21.97
N ILE D 9 -20.33 -21.34 21.13
CA ILE D 9 -19.98 -20.74 19.86
C ILE D 9 -20.41 -21.67 18.75
N GLY D 10 -20.95 -21.10 17.68
CA GLY D 10 -21.27 -21.85 16.47
C GLY D 10 -20.31 -21.46 15.37
N VAL D 11 -19.80 -22.46 14.66
CA VAL D 11 -18.85 -22.26 13.58
C VAL D 11 -19.53 -22.67 12.28
N PHE D 12 -19.66 -21.73 11.35
CA PHE D 12 -20.32 -21.97 10.07
C PHE D 12 -19.32 -21.67 8.97
N VAL D 13 -18.99 -22.69 8.18
CA VAL D 13 -17.93 -22.62 7.19
C VAL D 13 -18.55 -22.57 5.80
N CYS D 14 -18.32 -21.48 5.09
CA CYS D 14 -18.85 -21.32 3.75
C CYS D 14 -17.95 -21.98 2.73
N HIS D 15 -18.55 -22.54 1.70
CA HIS D 15 -17.79 -23.02 0.54
C HIS D 15 -17.54 -21.93 -0.48
N CYS D 16 -18.34 -20.87 -0.45
CA CYS D 16 -18.32 -19.81 -1.44
C CYS D 16 -18.50 -20.37 -2.84
N GLY D 17 -19.22 -21.48 -2.95
CA GLY D 17 -19.40 -22.13 -4.24
C GLY D 17 -18.08 -22.51 -4.85
N THR D 18 -17.41 -23.46 -4.22
CA THR D 18 -16.15 -24.11 -4.59
C THR D 18 -14.94 -23.19 -4.57
N ASN D 19 -15.12 -21.89 -4.34
CA ASN D 19 -13.96 -21.00 -4.19
C ASN D 19 -13.12 -21.37 -2.98
N ILE D 20 -13.70 -22.02 -1.99
CA ILE D 20 -12.98 -22.45 -0.80
C ILE D 20 -12.84 -23.96 -0.74
N ALA D 21 -13.86 -24.68 -1.19
CA ALA D 21 -13.80 -26.13 -1.22
C ALA D 21 -12.85 -26.66 -2.28
N GLY D 22 -12.46 -25.81 -3.24
CA GLY D 22 -11.45 -26.17 -4.20
C GLY D 22 -10.05 -25.83 -3.77
N SER D 23 -9.86 -25.44 -2.52
CA SER D 23 -8.52 -25.17 -2.00
C SER D 23 -8.27 -25.92 -0.70
N MET D 24 -9.32 -26.15 0.10
CA MET D 24 -9.11 -26.91 1.34
C MET D 24 -10.17 -27.99 1.48
N SER D 25 -10.03 -28.75 2.56
CA SER D 25 -10.97 -29.81 2.95
C SER D 25 -11.93 -29.23 3.99
N ILE D 26 -13.12 -28.83 3.50
CA ILE D 26 -14.09 -28.20 4.37
C ILE D 26 -14.59 -29.18 5.42
N ASP D 27 -14.71 -30.45 5.05
CA ASP D 27 -15.12 -31.47 6.01
C ASP D 27 -14.13 -31.54 7.18
N ASP D 28 -12.84 -31.53 6.88
CA ASP D 28 -11.83 -31.59 7.93
C ASP D 28 -11.86 -30.33 8.80
N VAL D 29 -12.00 -29.17 8.18
CA VAL D 29 -12.11 -27.94 8.97
C VAL D 29 -13.31 -28.03 9.91
N VAL D 30 -14.43 -28.55 9.43
CA VAL D 30 -15.64 -28.62 10.24
C VAL D 30 -15.46 -29.59 11.40
N ASN D 31 -14.86 -30.76 11.16
CA ASN D 31 -14.64 -31.71 12.24
C ASN D 31 -13.68 -31.14 13.29
N TYR D 32 -12.65 -30.43 12.85
CA TYR D 32 -11.77 -29.77 13.80
C TYR D 32 -12.51 -28.73 14.62
N ALA D 33 -13.39 -27.97 13.98
CA ALA D 33 -14.17 -26.99 14.72
C ALA D 33 -15.06 -27.68 15.75
N LYS D 34 -15.64 -28.82 15.39
CA LYS D 34 -16.45 -29.56 16.36
C LYS D 34 -15.62 -29.97 17.56
N THR D 35 -14.40 -30.44 17.33
CA THR D 35 -13.59 -30.88 18.46
C THR D 35 -12.94 -29.72 19.22
N LEU D 36 -13.01 -28.50 18.68
CA LEU D 36 -12.46 -27.36 19.40
C LEU D 36 -13.19 -27.14 20.72
N PRO D 37 -12.52 -26.53 21.70
CA PRO D 37 -13.22 -26.15 22.94
C PRO D 37 -14.15 -24.97 22.73
N TYR D 38 -15.24 -24.96 23.49
CA TYR D 38 -16.32 -23.98 23.55
C TYR D 38 -17.28 -24.08 22.38
N VAL D 39 -17.03 -24.93 21.40
CA VAL D 39 -17.83 -24.96 20.19
C VAL D 39 -19.03 -25.87 20.40
N ALA D 40 -20.23 -25.30 20.30
CA ALA D 40 -21.46 -26.05 20.45
C ALA D 40 -21.87 -26.74 19.15
N VAL D 41 -21.84 -26.02 18.04
CA VAL D 41 -22.23 -26.55 16.75
C VAL D 41 -21.25 -26.06 15.69
N ALA D 42 -20.86 -26.95 14.79
CA ALA D 42 -20.08 -26.58 13.62
C ALA D 42 -20.80 -27.11 12.39
N ASP D 43 -20.86 -26.31 11.34
CA ASP D 43 -21.70 -26.67 10.22
C ASP D 43 -21.23 -25.87 8.99
N GLN D 44 -21.70 -26.27 7.83
CA GLN D 44 -21.22 -25.73 6.57
C GLN D 44 -22.38 -25.45 5.63
N TYR D 45 -22.13 -24.57 4.68
CA TYR D 45 -23.13 -24.26 3.66
C TYR D 45 -22.44 -23.68 2.45
N GLN D 46 -23.11 -23.76 1.30
CA GLN D 46 -22.51 -23.33 0.04
C GLN D 46 -22.39 -21.81 -0.03
N TYR D 47 -23.42 -21.08 0.38
CA TYR D 47 -23.39 -19.62 0.31
C TYR D 47 -23.93 -19.07 1.63
N MET D 48 -23.05 -18.87 2.60
CA MET D 48 -23.48 -18.36 3.89
C MET D 48 -23.96 -16.92 3.84
N CYS D 49 -23.66 -16.19 2.79
CA CYS D 49 -24.15 -14.83 2.68
C CYS D 49 -25.56 -14.76 2.09
N SER D 50 -26.13 -15.89 1.71
CA SER D 50 -27.45 -15.92 1.12
C SER D 50 -28.51 -16.22 2.17
N THR D 51 -29.76 -15.93 1.80
CA THR D 51 -30.87 -16.04 2.75
C THR D 51 -30.96 -17.40 3.42
N PRO D 52 -30.79 -18.54 2.74
CA PRO D 52 -30.69 -19.79 3.49
C PRO D 52 -29.52 -19.83 4.44
N GLY D 53 -28.42 -19.13 4.15
CA GLY D 53 -27.31 -19.10 5.09
C GLY D 53 -27.62 -18.35 6.36
N GLN D 54 -28.22 -17.15 6.23
CA GLN D 54 -28.68 -16.46 7.43
C GLN D 54 -29.73 -17.27 8.18
N LYS D 55 -30.64 -17.93 7.47
CA LYS D 55 -31.61 -18.78 8.15
C LYS D 55 -30.92 -19.91 8.90
N LYS D 56 -29.87 -20.48 8.31
CA LYS D 56 -29.12 -21.53 8.99
C LYS D 56 -28.49 -21.00 10.28
N ILE D 57 -27.91 -19.81 10.21
CA ILE D 57 -27.33 -19.20 11.42
C ILE D 57 -28.40 -19.01 12.48
N ASP D 58 -29.55 -18.48 12.08
CA ASP D 58 -30.59 -18.15 13.06
C ASP D 58 -31.18 -19.41 13.69
N ASP D 59 -31.42 -20.43 12.87
CA ASP D 59 -31.92 -21.69 13.40
C ASP D 59 -30.91 -22.31 14.36
N ALA D 60 -29.62 -22.26 14.03
CA ALA D 60 -28.62 -22.80 14.93
C ALA D 60 -28.59 -22.04 16.24
N ILE D 61 -28.69 -20.71 16.17
CA ILE D 61 -28.71 -19.91 17.39
C ILE D 61 -29.86 -20.34 18.28
N LYS D 62 -31.08 -20.40 17.71
CA LYS D 62 -32.25 -20.74 18.51
C LYS D 62 -32.16 -22.15 19.07
N GLU D 63 -31.69 -23.11 18.28
CA GLU D 63 -31.70 -24.49 18.73
C GLU D 63 -30.64 -24.74 19.80
N TYR D 64 -29.43 -24.23 19.59
CA TYR D 64 -28.31 -24.58 20.44
C TYR D 64 -28.01 -23.54 21.51
N ASN D 65 -28.83 -22.49 21.60
CA ASN D 65 -28.63 -21.43 22.59
C ASN D 65 -27.23 -20.85 22.50
N LEU D 66 -26.88 -20.40 21.30
CA LEU D 66 -25.52 -19.95 21.03
C LEU D 66 -25.25 -18.60 21.68
N THR D 67 -24.10 -18.50 22.31
CA THR D 67 -23.64 -17.22 22.83
C THR D 67 -23.00 -16.36 21.74
N GLY D 68 -22.22 -16.98 20.85
CA GLY D 68 -21.55 -16.23 19.81
C GLY D 68 -21.49 -17.05 18.54
N VAL D 69 -21.17 -16.37 17.45
CA VAL D 69 -21.16 -16.96 16.12
C VAL D 69 -19.83 -16.66 15.45
N VAL D 70 -19.18 -17.70 14.92
CA VAL D 70 -17.98 -17.55 14.12
C VAL D 70 -18.27 -18.08 12.72
N VAL D 71 -18.01 -17.25 11.71
CA VAL D 71 -18.25 -17.61 10.33
C VAL D 71 -16.90 -17.66 9.61
N ALA D 72 -16.53 -18.83 9.13
CA ALA D 72 -15.28 -19.03 8.39
C ALA D 72 -15.58 -18.81 6.90
N ALA D 73 -15.32 -17.60 6.43
CA ALA D 73 -15.81 -17.15 5.13
C ALA D 73 -14.89 -16.08 4.55
N CYS D 74 -15.44 -15.21 3.73
CA CYS D 74 -14.70 -14.14 3.07
C CYS D 74 -14.30 -13.08 4.09
N SER D 75 -13.85 -11.94 3.58
CA SER D 75 -13.24 -10.92 4.41
C SER D 75 -14.26 -10.20 5.29
N PRO D 76 -13.86 -9.80 6.50
CA PRO D 76 -14.72 -8.93 7.30
C PRO D 76 -15.05 -7.62 6.61
N ARG D 77 -14.08 -7.02 5.91
CA ARG D 77 -14.35 -5.78 5.19
C ARG D 77 -15.43 -5.96 4.14
N LEU D 78 -15.73 -7.19 3.76
CA LEU D 78 -16.83 -7.40 2.81
C LEU D 78 -18.12 -7.75 3.53
N HIS D 79 -18.07 -8.60 4.55
CA HIS D 79 -19.34 -9.07 5.08
C HIS D 79 -19.39 -9.06 6.61
N GLU D 80 -18.95 -7.97 7.25
CA GLU D 80 -19.38 -7.76 8.63
C GLU D 80 -20.82 -7.30 8.73
N PRO D 81 -21.29 -6.29 8.00
CA PRO D 81 -22.68 -5.87 8.19
C PRO D 81 -23.69 -6.99 7.97
N THR D 82 -23.46 -7.82 6.95
CA THR D 82 -24.41 -8.89 6.64
C THR D 82 -24.56 -9.84 7.82
N PHE D 83 -23.46 -10.35 8.33
CA PHE D 83 -23.54 -11.36 9.37
C PHE D 83 -23.78 -10.76 10.75
N ARG D 84 -23.45 -9.49 10.95
CA ARG D 84 -23.87 -8.83 12.18
C ARG D 84 -25.38 -8.67 12.22
N THR D 85 -26.00 -8.32 11.09
CA THR D 85 -27.45 -8.23 11.05
C THR D 85 -28.08 -9.61 11.17
N ALA D 86 -27.45 -10.63 10.58
CA ALA D 86 -27.92 -11.99 10.74
C ALA D 86 -27.82 -12.46 12.19
N THR D 87 -26.79 -12.01 12.90
CA THR D 87 -26.64 -12.38 14.31
C THR D 87 -27.66 -11.65 15.17
N LYS D 88 -27.91 -10.37 14.89
CA LYS D 88 -28.97 -9.65 15.57
C LYS D 88 -30.30 -10.36 15.41
N GLU D 89 -30.69 -10.64 14.17
CA GLU D 89 -31.93 -11.37 13.91
C GLU D 89 -31.70 -12.80 14.35
N GLY D 90 -32.10 -13.11 15.57
CA GLY D 90 -31.75 -14.38 16.14
C GLY D 90 -31.55 -14.28 17.63
N GLY D 91 -31.56 -13.05 18.14
CA GLY D 91 -31.56 -12.85 19.57
C GLY D 91 -30.22 -12.58 20.20
N LEU D 92 -29.19 -12.34 19.39
CA LEU D 92 -27.87 -12.03 19.92
C LEU D 92 -27.57 -10.55 19.69
N ASN D 93 -26.50 -10.09 20.32
CA ASN D 93 -25.97 -8.78 19.98
C ASN D 93 -25.24 -8.89 18.64
N PRO D 94 -25.24 -7.84 17.83
CA PRO D 94 -24.43 -7.88 16.60
C PRO D 94 -22.96 -8.10 16.85
N PHE D 95 -22.45 -7.73 18.01
CA PHE D 95 -21.03 -7.73 18.28
C PHE D 95 -20.57 -8.95 19.05
N ARG D 96 -21.42 -9.98 19.14
CA ARG D 96 -20.98 -11.30 19.56
C ARG D 96 -20.57 -12.16 18.38
N PHE D 97 -20.12 -11.53 17.29
CA PHE D 97 -19.82 -12.21 16.04
C PHE D 97 -18.40 -11.90 15.61
N GLU D 98 -17.74 -12.89 15.01
CA GLU D 98 -16.36 -12.78 14.56
C GLU D 98 -16.16 -13.64 13.32
N MET D 99 -15.43 -13.13 12.34
CA MET D 99 -15.16 -13.87 11.12
C MET D 99 -13.76 -14.46 11.12
N ALA D 100 -13.60 -15.53 10.35
CA ALA D 100 -12.29 -16.12 10.06
C ALA D 100 -12.12 -16.07 8.54
N ASN D 101 -11.27 -15.17 8.06
CA ASN D 101 -11.07 -15.00 6.62
C ASN D 101 -10.27 -16.19 6.09
N ILE D 102 -10.97 -17.17 5.51
CA ILE D 102 -10.34 -18.34 4.95
C ILE D 102 -10.49 -18.40 3.44
N ARG D 103 -10.83 -17.30 2.82
CA ARG D 103 -10.93 -17.30 1.35
C ARG D 103 -9.86 -16.39 0.78
N GLU D 104 -10.02 -15.11 1.03
CA GLU D 104 -9.11 -14.18 0.39
C GLU D 104 -7.71 -14.24 0.97
N GLN D 105 -7.53 -14.93 2.09
CA GLN D 105 -6.23 -15.08 2.71
C GLN D 105 -5.83 -16.53 2.89
N ASN D 106 -6.66 -17.48 2.48
CA ASN D 106 -6.24 -18.88 2.42
C ASN D 106 -6.40 -19.47 1.03
N SER D 107 -7.59 -19.45 0.44
CA SER D 107 -7.84 -20.21 -0.78
C SER D 107 -7.17 -19.56 -1.97
N TRP D 108 -7.51 -18.30 -2.21
CA TRP D 108 -7.06 -17.59 -3.40
C TRP D 108 -5.56 -17.40 -3.42
N VAL D 109 -4.89 -17.62 -2.31
CA VAL D 109 -3.45 -17.49 -2.23
C VAL D 109 -2.73 -18.82 -2.05
N HIS D 110 -3.46 -19.90 -1.73
CA HIS D 110 -2.86 -21.23 -1.66
C HIS D 110 -3.63 -22.20 -2.52
N MET D 111 -4.07 -21.76 -3.70
CA MET D 111 -4.74 -22.66 -4.63
C MET D 111 -3.87 -23.86 -5.01
N HIS D 112 -2.71 -23.60 -5.60
CA HIS D 112 -2.02 -24.58 -6.43
C HIS D 112 -1.12 -25.51 -5.62
N GLY D 113 -1.33 -26.81 -5.76
CA GLY D 113 -0.36 -27.79 -5.34
C GLY D 113 -0.05 -27.81 -3.86
N MET D 114 -0.94 -27.26 -3.04
CA MET D 114 -0.73 -27.23 -1.59
C MET D 114 -2.09 -27.14 -0.91
N TRP D 115 -2.53 -28.27 -0.40
CA TRP D 115 -3.91 -28.53 0.02
C TRP D 115 -4.01 -28.81 1.51
N ASP D 116 -3.23 -29.76 2.02
CA ASP D 116 -3.20 -29.99 3.46
C ASP D 116 -2.57 -28.82 4.20
N GLU D 117 -1.67 -28.09 3.54
CA GLU D 117 -1.13 -26.88 4.14
C GLU D 117 -2.18 -25.80 4.26
N ALA D 118 -3.01 -25.63 3.22
CA ALA D 118 -4.11 -24.68 3.31
C ALA D 118 -5.15 -25.12 4.33
N THR D 119 -5.37 -26.43 4.45
CA THR D 119 -6.30 -26.93 5.46
C THR D 119 -5.79 -26.63 6.86
N GLN D 120 -4.50 -26.84 7.11
CA GLN D 120 -3.94 -26.49 8.41
C GLN D 120 -4.03 -25.00 8.69
N LYS D 121 -3.77 -24.18 7.68
CA LYS D 121 -3.94 -22.74 7.87
C LYS D 121 -5.38 -22.39 8.22
N ALA D 122 -6.35 -23.04 7.56
CA ALA D 122 -7.74 -22.78 7.85
C ALA D 122 -8.12 -23.21 9.26
N LYS D 123 -7.61 -24.35 9.70
CA LYS D 123 -7.86 -24.77 11.08
C LYS D 123 -7.29 -23.77 12.06
N ASP D 124 -6.10 -23.26 11.78
CA ASP D 124 -5.51 -22.25 12.68
C ASP D 124 -6.34 -20.98 12.71
N GLN D 125 -6.81 -20.51 11.56
CA GLN D 125 -7.61 -19.29 11.53
C GLN D 125 -8.94 -19.49 12.26
N VAL D 126 -9.56 -20.65 12.09
CA VAL D 126 -10.81 -20.94 12.78
C VAL D 126 -10.58 -21.00 14.28
N ARG D 127 -9.46 -21.59 14.72
CA ARG D 127 -9.15 -21.66 16.13
C ARG D 127 -8.96 -20.27 16.73
N MET D 128 -8.23 -19.40 16.04
CA MET D 128 -8.04 -18.05 16.54
C MET D 128 -9.35 -17.26 16.58
N ALA D 129 -10.20 -17.45 15.56
CA ALA D 129 -11.49 -16.76 15.56
C ALA D 129 -12.37 -17.24 16.70
N VAL D 130 -12.40 -18.55 16.96
CA VAL D 130 -13.20 -19.07 18.06
C VAL D 130 -12.67 -18.55 19.39
N ALA D 131 -11.35 -18.47 19.54
CA ALA D 131 -10.79 -17.97 20.78
C ALA D 131 -11.17 -16.51 21.03
N LYS D 132 -11.16 -15.68 19.98
CA LYS D 132 -11.61 -14.31 20.18
C LYS D 132 -13.10 -14.25 20.51
N ALA D 133 -13.92 -15.00 19.78
CA ALA D 133 -15.36 -14.90 19.94
C ALA D 133 -15.82 -15.46 21.29
N ALA D 134 -15.08 -16.39 21.87
CA ALA D 134 -15.41 -16.87 23.20
C ALA D 134 -15.19 -15.81 24.26
N LYS D 135 -14.53 -14.70 23.92
CA LYS D 135 -14.27 -13.62 24.85
C LYS D 135 -14.91 -12.30 24.43
N LEU D 136 -15.52 -12.22 23.26
CA LEU D 136 -16.28 -11.03 22.92
C LEU D 136 -17.48 -10.88 23.84
N GLU D 137 -17.87 -9.64 24.09
CA GLU D 137 -19.11 -9.38 24.83
C GLU D 137 -19.81 -8.15 24.26
N ASP D 138 -20.96 -7.85 24.85
CA ASP D 138 -21.97 -7.04 24.21
C ASP D 138 -21.57 -5.57 24.09
N LEU D 139 -21.75 -5.02 22.90
CA LEU D 139 -21.58 -3.60 22.65
C LEU D 139 -22.85 -3.06 22.02
N VAL D 140 -23.12 -1.79 22.27
CA VAL D 140 -24.23 -1.09 21.64
C VAL D 140 -23.67 0.15 20.95
N PRO D 141 -23.93 0.34 19.66
CA PRO D 141 -23.34 1.48 18.96
C PRO D 141 -23.81 2.79 19.54
N LYS D 142 -22.93 3.77 19.53
CA LYS D 142 -23.25 5.10 20.05
C LYS D 142 -24.00 5.89 18.99
N SER D 143 -25.12 6.48 19.38
CA SER D 143 -25.86 7.39 18.52
C SER D 143 -25.56 8.83 18.93
N VAL D 144 -25.22 9.66 17.97
CA VAL D 144 -24.88 11.05 18.25
C VAL D 144 -25.81 11.97 17.47
N PRO D 145 -26.24 13.09 18.05
CA PRO D 145 -27.08 14.03 17.29
C PRO D 145 -26.29 14.70 16.19
N VAL D 146 -27.00 15.14 15.16
CA VAL D 146 -26.41 15.79 14.00
C VAL D 146 -26.92 17.23 13.93
N GLU D 147 -26.01 18.18 13.93
CA GLU D 147 -26.39 19.56 13.72
C GLU D 147 -27.02 19.72 12.34
N LYS D 148 -28.09 20.50 12.28
CA LYS D 148 -28.91 20.60 11.08
C LYS D 148 -28.40 21.62 10.08
N THR D 149 -27.10 21.91 10.10
CA THR D 149 -26.49 22.77 9.09
C THR D 149 -25.49 21.96 8.27
N ALA D 150 -25.11 22.52 7.14
CA ALA D 150 -24.14 21.90 6.25
C ALA D 150 -23.21 22.98 5.72
N MET D 151 -22.00 22.57 5.37
CA MET D 151 -21.01 23.47 4.81
C MET D 151 -20.60 22.98 3.44
N VAL D 152 -20.49 23.91 2.50
CA VAL D 152 -19.99 23.62 1.15
C VAL D 152 -18.79 24.53 0.92
N VAL D 153 -17.62 23.93 0.78
CA VAL D 153 -16.37 24.69 0.52
C VAL D 153 -16.13 24.71 -0.98
N GLY D 154 -16.23 25.88 -1.58
CA GLY D 154 -16.08 25.99 -3.02
C GLY D 154 -17.34 26.53 -3.62
N GLY D 155 -17.23 27.61 -4.37
CA GLY D 155 -18.40 28.27 -4.97
C GLY D 155 -18.37 28.17 -6.46
N GLY D 156 -17.91 27.05 -6.98
CA GLY D 156 -17.91 26.84 -8.43
C GLY D 156 -19.26 26.28 -8.82
N VAL D 157 -19.37 25.66 -9.98
CA VAL D 157 -20.68 25.04 -10.32
C VAL D 157 -20.99 23.91 -9.35
N ALA D 158 -20.01 23.09 -8.98
CA ALA D 158 -20.26 21.95 -8.08
C ALA D 158 -20.63 22.40 -6.67
N GLY D 159 -19.97 23.44 -6.18
CA GLY D 159 -20.35 23.98 -4.89
C GLY D 159 -21.71 24.64 -4.89
N MET D 160 -22.00 25.44 -5.92
CA MET D 160 -23.30 26.09 -6.02
C MET D 160 -24.42 25.08 -6.18
N GLN D 161 -24.21 24.04 -6.99
CA GLN D 161 -25.24 23.02 -7.14
C GLN D 161 -25.49 22.29 -5.83
N ALA D 162 -24.42 21.92 -5.12
CA ALA D 162 -24.59 21.23 -3.84
C ALA D 162 -25.30 22.13 -2.83
N ALA D 163 -24.94 23.41 -2.78
CA ALA D 163 -25.57 24.33 -1.84
C ALA D 163 -27.05 24.52 -2.16
N LEU D 164 -27.39 24.71 -3.44
CA LEU D 164 -28.78 24.85 -3.82
C LEU D 164 -29.57 23.60 -3.51
N ASP D 165 -28.98 22.44 -3.77
CA ASP D 165 -29.66 21.18 -3.50
C ASP D 165 -29.95 21.01 -2.01
N LEU D 166 -28.96 21.27 -1.15
CA LEU D 166 -29.18 21.16 0.29
C LEU D 166 -30.21 22.17 0.77
N ALA D 167 -30.09 23.42 0.32
CA ALA D 167 -31.03 24.44 0.76
C ALA D 167 -32.45 24.13 0.33
N SER D 168 -32.65 23.67 -0.91
CA SER D 168 -33.99 23.33 -1.35
C SER D 168 -34.48 22.05 -0.70
N ALA D 169 -33.58 21.19 -0.21
CA ALA D 169 -34.03 20.13 0.68
C ALA D 169 -34.38 20.65 2.07
N GLY D 170 -33.98 21.87 2.39
CA GLY D 170 -34.40 22.54 3.62
C GLY D 170 -33.33 22.73 4.64
N ILE D 171 -32.14 22.18 4.42
CA ILE D 171 -31.03 22.30 5.35
C ILE D 171 -30.37 23.65 5.18
N LYS D 172 -30.11 24.34 6.29
CA LYS D 172 -29.32 25.56 6.22
C LYS D 172 -27.90 25.23 5.82
N THR D 173 -27.35 26.04 4.92
CA THR D 173 -26.08 25.71 4.28
C THR D 173 -25.16 26.93 4.31
N TYR D 174 -23.88 26.67 4.53
CA TYR D 174 -22.84 27.68 4.39
C TYR D 174 -22.08 27.42 3.10
N LEU D 175 -21.90 28.45 2.29
CA LEU D 175 -21.13 28.36 1.06
C LEU D 175 -19.87 29.18 1.23
N ILE D 176 -18.74 28.51 1.38
CA ILE D 176 -17.45 29.22 1.58
C ILE D 176 -16.74 29.32 0.25
N GLU D 177 -16.33 30.52 -0.13
CA GLU D 177 -15.58 30.73 -1.38
C GLU D 177 -14.39 31.62 -1.02
N ARG D 178 -13.17 31.24 -1.39
CA ARG D 178 -11.96 32.03 -1.10
C ARG D 178 -11.95 33.30 -1.93
N THR D 179 -12.61 33.30 -3.06
CA THR D 179 -12.54 34.47 -3.95
C THR D 179 -13.74 35.39 -3.72
N PRO D 180 -13.74 36.66 -4.13
CA PRO D 180 -14.86 37.58 -3.83
C PRO D 180 -16.16 37.25 -4.55
N THR D 181 -16.18 36.25 -5.43
CA THR D 181 -17.38 35.92 -6.18
C THR D 181 -17.50 34.41 -6.32
N ILE D 182 -18.72 33.93 -6.45
CA ILE D 182 -18.99 32.54 -6.78
C ILE D 182 -18.99 32.39 -8.29
N GLY D 183 -18.99 31.15 -8.80
CA GLY D 183 -19.06 30.90 -10.25
C GLY D 183 -18.01 29.90 -10.67
N GLY D 184 -16.76 30.12 -10.29
CA GLY D 184 -15.67 29.19 -10.62
C GLY D 184 -15.15 29.34 -12.03
N ARG D 185 -14.64 28.26 -12.59
CA ARG D 185 -14.07 28.25 -13.97
C ARG D 185 -15.17 28.45 -15.01
N MET D 186 -16.39 27.99 -14.75
CA MET D 186 -17.46 28.04 -15.77
C MET D 186 -17.81 29.50 -15.99
N SER D 187 -17.62 30.35 -14.99
CA SER D 187 -17.78 31.78 -15.19
C SER D 187 -16.71 32.36 -16.12
N GLN D 188 -15.56 31.71 -16.22
CA GLN D 188 -14.53 32.17 -17.15
C GLN D 188 -14.76 31.63 -18.55
N LEU D 189 -15.34 30.44 -18.68
CA LEU D 189 -15.66 29.87 -20.00
C LEU D 189 -16.49 30.85 -20.82
N ASP D 190 -16.31 30.90 -22.14
CA ASP D 190 -17.09 31.80 -23.05
C ASP D 190 -18.32 31.06 -23.62
N LYS D 191 -18.13 29.89 -24.21
CA LYS D 191 -19.22 29.01 -24.73
C LYS D 191 -18.96 27.62 -24.18
N THR D 192 -19.91 26.71 -24.31
CA THR D 192 -19.78 25.38 -23.71
C THR D 192 -19.99 24.29 -24.75
N PHE D 193 -19.16 23.25 -24.75
CA PHE D 193 -19.38 22.08 -25.61
C PHE D 193 -20.40 21.20 -24.88
N PRO D 194 -21.15 20.30 -25.52
CA PRO D 194 -21.17 20.14 -26.99
C PRO D 194 -22.30 20.95 -27.63
N THR D 195 -22.98 21.79 -26.87
CA THR D 195 -24.20 22.50 -27.32
C THR D 195 -23.95 23.97 -27.72
N LEU D 196 -22.76 24.51 -27.48
CA LEU D 196 -22.38 25.92 -27.79
C LEU D 196 -23.28 26.97 -27.14
N ASP D 197 -23.70 26.73 -25.91
CA ASP D 197 -24.47 27.75 -25.16
C ASP D 197 -23.50 28.73 -24.52
N CYS D 198 -23.92 29.96 -24.22
CA CYS D 198 -23.08 30.94 -23.50
C CYS D 198 -23.03 30.51 -22.04
N SER D 199 -21.84 30.39 -21.46
CA SER D 199 -21.67 29.88 -20.09
C SER D 199 -22.32 30.78 -19.05
N GLN D 200 -22.10 32.09 -19.12
CA GLN D 200 -22.62 33.03 -18.10
C GLN D 200 -24.13 33.06 -18.21
N CYS D 201 -24.65 33.00 -19.43
CA CYS D 201 -26.11 33.08 -19.63
C CYS D 201 -26.78 31.91 -18.92
N ILE D 202 -26.26 30.69 -19.08
CA ILE D 202 -26.83 29.49 -18.39
C ILE D 202 -26.53 29.48 -16.90
N LEU D 203 -25.44 30.08 -16.44
CA LEU D 203 -25.08 30.01 -15.00
C LEU D 203 -25.69 31.17 -14.22
N THR D 204 -25.80 32.37 -14.81
CA THR D 204 -26.31 33.55 -14.05
C THR D 204 -27.62 33.24 -13.35
N PRO D 205 -28.64 32.61 -13.96
CA PRO D 205 -29.83 32.21 -13.23
C PRO D 205 -29.50 31.49 -11.92
N LYS D 206 -28.55 30.54 -11.91
CA LYS D 206 -28.23 29.77 -10.73
C LYS D 206 -27.43 30.58 -9.73
N MET D 207 -26.58 31.50 -10.20
CA MET D 207 -25.90 32.40 -9.28
C MET D 207 -26.90 33.28 -8.55
N VAL D 208 -27.93 33.76 -9.27
CA VAL D 208 -28.96 34.58 -8.63
C VAL D 208 -29.74 33.76 -7.61
N ASP D 209 -30.05 32.51 -7.94
CA ASP D 209 -30.74 31.63 -6.98
C ASP D 209 -29.92 31.47 -5.71
N VAL D 210 -28.61 31.21 -5.86
CA VAL D 210 -27.75 31.07 -4.68
C VAL D 210 -27.71 32.36 -3.88
N GLY D 211 -27.62 33.49 -4.56
CA GLY D 211 -27.53 34.76 -3.86
C GLY D 211 -28.81 35.14 -3.14
N ARG D 212 -29.95 34.65 -3.60
CA ARG D 212 -31.24 35.00 -3.01
C ARG D 212 -31.79 33.95 -2.04
N HIS D 213 -31.25 32.74 -2.05
CA HIS D 213 -31.86 31.67 -1.26
C HIS D 213 -31.77 31.99 0.23
N PRO D 214 -32.87 31.92 0.97
CA PRO D 214 -32.81 32.21 2.41
C PRO D 214 -32.09 31.15 3.22
N ASN D 215 -31.96 29.94 2.70
CA ASN D 215 -31.34 28.84 3.41
C ASN D 215 -29.84 28.72 3.15
N ILE D 216 -29.28 29.62 2.37
CA ILE D 216 -27.85 29.59 2.02
C ILE D 216 -27.19 30.81 2.63
N GLU D 217 -26.13 30.56 3.39
CA GLU D 217 -25.30 31.62 3.97
C GLU D 217 -24.06 31.75 3.10
N MET D 218 -24.15 32.58 2.08
CA MET D 218 -23.06 32.75 1.12
C MET D 218 -21.98 33.61 1.76
N MET D 219 -20.82 33.01 1.97
CA MET D 219 -19.69 33.67 2.61
C MET D 219 -18.53 33.67 1.62
N THR D 220 -18.45 34.72 0.82
CA THR D 220 -17.39 34.84 -0.16
C THR D 220 -16.16 35.49 0.48
N TYR D 221 -15.00 35.21 -0.12
CA TYR D 221 -13.74 35.81 0.29
C TYR D 221 -13.41 35.36 1.71
N THR D 222 -13.56 34.08 1.95
CA THR D 222 -13.44 33.52 3.31
C THR D 222 -12.77 32.17 3.18
N GLU D 223 -11.97 31.80 4.18
CA GLU D 223 -11.26 30.52 4.11
C GLU D 223 -11.60 29.69 5.34
N VAL D 224 -11.11 28.44 5.41
CA VAL D 224 -11.35 27.53 6.53
C VAL D 224 -10.03 27.39 7.28
N GLU D 225 -9.94 28.02 8.45
CA GLU D 225 -8.70 27.93 9.22
C GLU D 225 -8.50 26.56 9.83
N LYS D 226 -9.52 26.03 10.50
CA LYS D 226 -9.33 24.79 11.22
C LYS D 226 -10.66 24.08 11.35
N VAL D 227 -10.60 22.76 11.43
CA VAL D 227 -11.78 21.91 11.60
C VAL D 227 -11.48 20.89 12.69
N GLU D 228 -12.37 20.81 13.67
CA GLU D 228 -12.32 19.74 14.65
C GLU D 228 -13.73 19.24 14.90
N GLY D 229 -13.84 17.98 15.27
CA GLY D 229 -15.11 17.35 15.49
C GLY D 229 -15.23 16.09 14.67
N TYR D 230 -16.47 15.68 14.44
CA TYR D 230 -16.75 14.40 13.80
C TYR D 230 -18.11 14.50 13.11
N ILE D 231 -18.63 13.35 12.69
CA ILE D 231 -19.92 13.29 11.98
C ILE D 231 -20.99 14.12 12.67
N GLY D 232 -20.99 14.13 14.00
CA GLY D 232 -22.01 14.88 14.69
C GLY D 232 -21.86 16.37 14.55
N ASN D 233 -20.83 16.93 15.17
CA ASN D 233 -20.60 18.37 15.18
C ASN D 233 -19.20 18.65 14.70
N PHE D 234 -19.08 19.42 13.62
CA PHE D 234 -17.80 19.90 13.12
C PHE D 234 -17.68 21.36 13.55
N ASP D 235 -16.70 21.65 14.40
CA ASP D 235 -16.45 23.02 14.81
C ASP D 235 -15.48 23.63 13.83
N VAL D 236 -16.02 24.28 12.80
CA VAL D 236 -15.23 24.82 11.71
C VAL D 236 -14.99 26.30 11.96
N THR D 237 -13.73 26.70 11.97
CA THR D 237 -13.35 28.09 12.13
C THR D 237 -13.06 28.70 10.77
N LEU D 238 -13.70 29.82 10.49
CA LEU D 238 -13.57 30.49 9.21
C LEU D 238 -12.79 31.78 9.38
N ARG D 239 -12.02 32.13 8.37
CA ARG D 239 -11.31 33.40 8.34
C ARG D 239 -12.03 34.31 7.36
N LYS D 240 -12.67 35.35 7.88
CA LYS D 240 -13.32 36.35 7.03
C LYS D 240 -12.27 37.38 6.66
N LYS D 241 -11.67 37.22 5.48
CA LYS D 241 -10.61 38.11 5.06
C LYS D 241 -11.15 39.53 4.94
N ALA D 242 -10.26 40.50 5.14
CA ALA D 242 -10.68 41.90 5.14
C ALA D 242 -11.04 42.29 3.73
N ARG D 243 -12.34 42.28 3.42
CA ARG D 243 -12.78 42.68 2.09
C ARG D 243 -12.56 44.15 1.84
N GLY D 244 -12.66 44.97 2.88
CA GLY D 244 -12.48 46.39 2.76
C GLY D 244 -13.74 47.16 2.42
N VAL D 245 -14.82 46.48 2.07
CA VAL D 245 -16.06 47.13 1.66
C VAL D 245 -17.23 46.42 2.34
N LEU D 246 -18.22 47.19 2.77
CA LEU D 246 -19.34 46.71 3.57
C LEU D 246 -20.56 46.47 2.70
N THR D 247 -21.19 45.32 2.87
CA THR D 247 -22.48 45.09 2.24
C THR D 247 -23.53 45.97 2.92
N PRO D 248 -24.67 46.20 2.28
CA PRO D 248 -25.70 47.02 2.94
C PRO D 248 -26.13 46.50 4.29
N THR D 249 -26.25 45.18 4.46
CA THR D 249 -26.67 44.63 5.74
C THR D 249 -25.65 44.96 6.82
N GLU D 250 -24.36 44.72 6.54
CA GLU D 250 -23.32 45.00 7.50
C GLU D 250 -23.20 46.49 7.79
N ALA D 251 -23.44 47.33 6.79
CA ALA D 251 -23.41 48.77 7.01
C ALA D 251 -24.53 49.19 7.96
N THR D 252 -25.74 48.66 7.74
CA THR D 252 -26.84 49.00 8.63
C THR D 252 -26.57 48.49 10.04
N ALA D 253 -25.98 47.30 10.16
CA ALA D 253 -25.62 46.78 11.47
C ALA D 253 -24.62 47.70 12.17
N LYS D 254 -23.59 48.15 11.44
CA LYS D 254 -22.61 49.07 12.01
C LYS D 254 -23.17 50.47 12.23
N GLY D 255 -24.35 50.78 11.69
CA GLY D 255 -25.01 52.03 11.98
C GLY D 255 -25.19 52.97 10.82
N ILE D 256 -24.59 52.68 9.67
CA ILE D 256 -24.73 53.54 8.50
C ILE D 256 -26.07 53.25 7.86
N VAL D 257 -27.01 54.19 8.00
CA VAL D 257 -28.35 53.98 7.45
C VAL D 257 -28.33 54.05 5.92
N GLY D 258 -27.53 54.96 5.36
CA GLY D 258 -27.53 55.19 3.93
C GLY D 258 -27.19 53.96 3.10
N GLY D 259 -26.55 52.97 3.70
CA GLY D 259 -26.30 51.70 3.05
C GLY D 259 -24.84 51.37 3.01
N GLY D 260 -24.53 50.33 2.25
CA GLY D 260 -23.16 49.92 2.02
C GLY D 260 -22.78 50.05 0.56
N CYS D 261 -22.43 48.94 -0.07
CA CYS D 261 -22.01 48.95 -1.46
C CYS D 261 -23.17 48.63 -2.37
N ASN D 262 -23.42 49.50 -3.34
CA ASN D 262 -24.43 49.26 -4.37
C ASN D 262 -23.81 48.94 -5.72
N GLY D 263 -22.49 48.82 -5.79
CA GLY D 263 -21.83 48.50 -7.04
C GLY D 263 -21.88 49.58 -8.08
N CYS D 264 -21.72 50.85 -7.70
CA CYS D 264 -21.80 51.92 -8.68
C CYS D 264 -20.55 51.97 -9.53
N GLY D 265 -19.38 51.78 -8.93
CA GLY D 265 -18.13 51.75 -9.65
C GLY D 265 -17.30 53.02 -9.54
N ASP D 266 -17.76 54.02 -8.80
CA ASP D 266 -17.00 55.26 -8.68
C ASP D 266 -15.65 55.04 -8.02
N CYS D 267 -15.60 54.15 -7.03
CA CYS D 267 -14.35 53.85 -6.37
C CYS D 267 -13.29 53.38 -7.36
N SER D 268 -13.62 52.38 -8.19
CA SER D 268 -12.65 51.91 -9.16
C SER D 268 -12.47 52.90 -10.28
N ALA D 269 -13.40 53.83 -10.47
CA ALA D 269 -13.20 54.88 -11.45
C ALA D 269 -12.12 55.84 -10.99
N VAL D 270 -11.96 56.02 -9.69
CA VAL D 270 -10.96 56.99 -9.21
C VAL D 270 -9.68 56.35 -8.67
N CYS D 271 -9.67 55.05 -8.40
CA CYS D 271 -8.47 54.42 -7.87
C CYS D 271 -7.31 54.58 -8.86
N PRO D 272 -6.12 54.97 -8.40
CA PRO D 272 -4.99 55.12 -9.32
C PRO D 272 -4.11 53.89 -9.49
N VAL D 273 -4.20 52.91 -8.60
CA VAL D 273 -3.42 51.70 -8.74
C VAL D 273 -4.03 50.84 -9.85
N ILE D 274 -3.18 50.20 -10.65
CA ILE D 274 -3.63 49.30 -11.70
C ILE D 274 -2.83 48.01 -11.61
N LYS D 275 -3.52 46.89 -11.54
CA LYS D 275 -2.91 45.58 -11.35
C LYS D 275 -3.58 44.59 -12.27
N PRO D 276 -2.95 43.44 -12.53
CA PRO D 276 -3.57 42.43 -13.38
C PRO D 276 -4.79 41.82 -12.73
N ASN D 277 -5.72 41.38 -13.58
CA ASN D 277 -6.96 40.77 -13.12
C ASN D 277 -6.81 39.26 -13.15
N PRO D 278 -6.86 38.58 -12.01
CA PRO D 278 -6.71 37.11 -12.05
C PRO D 278 -7.85 36.40 -12.74
N PHE D 279 -9.04 36.99 -12.78
CA PHE D 279 -10.15 36.39 -13.51
C PHE D 279 -9.84 36.32 -15.00
N GLU D 280 -9.28 37.40 -15.56
CA GLU D 280 -8.86 37.44 -16.94
C GLU D 280 -7.48 36.85 -17.15
N MET D 281 -7.04 35.97 -16.25
CA MET D 281 -5.73 35.32 -16.36
C MET D 281 -4.61 36.32 -16.56
N GLY D 282 -4.79 37.54 -16.04
CA GLY D 282 -3.77 38.54 -16.11
C GLY D 282 -3.78 39.40 -17.35
N MET D 283 -4.61 39.10 -18.34
CA MET D 283 -4.59 39.92 -19.54
C MET D 283 -5.15 41.32 -19.34
N ALA D 284 -5.89 41.57 -18.26
CA ALA D 284 -6.60 42.83 -18.22
C ALA D 284 -6.30 43.60 -16.95
N PRO D 285 -6.31 44.92 -17.00
CA PRO D 285 -6.07 45.72 -15.79
C PRO D 285 -7.30 45.74 -14.89
N ARG D 286 -7.04 45.95 -13.61
CA ARG D 286 -8.07 46.22 -12.62
C ARG D 286 -7.45 47.05 -11.51
N LYS D 287 -8.25 47.95 -10.95
CA LYS D 287 -7.75 48.84 -9.93
C LYS D 287 -7.51 48.09 -8.62
N ALA D 288 -7.08 48.81 -7.59
CA ALA D 288 -6.89 48.19 -6.29
C ALA D 288 -8.22 47.80 -5.67
N ILE D 289 -9.26 48.57 -5.93
CA ILE D 289 -10.63 48.24 -5.54
C ILE D 289 -11.37 47.82 -6.80
N TYR D 290 -12.00 46.66 -6.76
CA TYR D 290 -12.34 46.03 -8.02
C TYR D 290 -13.40 44.95 -7.83
N ILE D 291 -13.99 44.56 -8.94
CA ILE D 291 -14.71 43.29 -9.10
C ILE D 291 -14.06 42.54 -10.25
N TYR D 292 -14.14 41.21 -10.22
CA TYR D 292 -13.60 40.43 -11.33
C TYR D 292 -14.28 40.79 -12.64
N HIS D 293 -15.57 40.56 -12.74
CA HIS D 293 -16.31 40.91 -13.94
C HIS D 293 -17.63 41.54 -13.53
N ALA D 294 -18.36 42.07 -14.50
CA ALA D 294 -19.59 42.78 -14.21
C ALA D 294 -20.72 41.85 -13.76
N GLN D 295 -20.56 40.54 -13.87
CA GLN D 295 -21.60 39.58 -13.50
C GLN D 295 -21.27 38.83 -12.22
N VAL D 296 -20.43 39.39 -11.35
CA VAL D 296 -20.13 38.73 -10.09
C VAL D 296 -21.37 38.73 -9.22
N MET D 297 -21.58 37.65 -8.46
CA MET D 297 -22.82 37.55 -7.70
C MET D 297 -22.88 38.52 -6.53
N PRO D 298 -21.99 38.47 -5.55
CA PRO D 298 -21.97 39.60 -4.61
C PRO D 298 -21.25 40.77 -5.27
N LEU D 299 -22.01 41.76 -5.72
CA LEU D 299 -21.45 42.91 -6.41
C LEU D 299 -21.01 43.93 -5.37
N ILE D 300 -19.89 43.63 -4.71
CA ILE D 300 -19.50 44.31 -3.47
C ILE D 300 -18.11 44.94 -3.52
N TYR D 301 -17.33 44.74 -4.59
CA TYR D 301 -16.13 45.55 -4.82
C TYR D 301 -15.10 45.40 -3.71
N THR D 302 -14.48 44.23 -3.66
CA THR D 302 -13.33 43.99 -2.79
C THR D 302 -12.26 45.07 -2.94
N VAL D 303 -11.49 45.28 -1.87
CA VAL D 303 -10.28 46.08 -1.89
C VAL D 303 -9.09 45.13 -1.77
N ASP D 304 -8.11 45.30 -2.64
CA ASP D 304 -6.91 44.45 -2.63
C ASP D 304 -5.88 45.12 -1.73
N PHE D 305 -5.78 44.64 -0.49
CA PHE D 305 -4.97 45.34 0.48
C PHE D 305 -3.49 45.12 0.27
N ASP D 306 -3.10 44.08 -0.46
CA ASP D 306 -1.70 43.93 -0.78
C ASP D 306 -1.21 44.98 -1.76
N SER D 307 -2.12 45.64 -2.47
CA SER D 307 -1.74 46.60 -3.49
C SER D 307 -2.33 47.98 -3.28
N CYS D 308 -3.25 48.15 -2.34
CA CYS D 308 -3.77 49.46 -2.03
C CYS D 308 -2.69 50.32 -1.40
N VAL D 309 -2.67 51.61 -1.77
CA VAL D 309 -1.75 52.56 -1.17
C VAL D 309 -2.46 53.48 -0.19
N LYS D 310 -3.71 53.18 0.16
CA LYS D 310 -4.46 53.95 1.14
C LYS D 310 -4.51 55.44 0.79
N CYS D 311 -4.67 55.73 -0.50
CA CYS D 311 -4.71 57.12 -0.92
C CYS D 311 -6.00 57.80 -0.47
N GLY D 312 -7.04 57.02 -0.19
CA GLY D 312 -8.27 57.57 0.29
C GLY D 312 -9.16 58.20 -0.75
N LEU D 313 -8.83 58.09 -2.02
CA LEU D 313 -9.72 58.61 -3.06
C LEU D 313 -11.00 57.79 -3.15
N CYS D 314 -10.89 56.49 -2.89
CA CYS D 314 -12.06 55.62 -3.00
C CYS D 314 -13.13 56.02 -2.01
N VAL D 315 -12.76 56.38 -0.78
CA VAL D 315 -13.77 56.73 0.22
C VAL D 315 -14.45 58.04 -0.15
N GLU D 316 -13.70 58.99 -0.70
CA GLU D 316 -14.32 60.23 -1.15
C GLU D 316 -15.28 59.97 -2.30
N ALA D 317 -14.92 59.08 -3.22
CA ALA D 317 -15.83 58.73 -4.30
C ALA D 317 -17.08 58.03 -3.78
N CYS D 318 -16.92 57.13 -2.81
CA CYS D 318 -18.07 56.43 -2.25
C CYS D 318 -19.01 57.38 -1.53
N GLY D 319 -18.46 58.36 -0.81
CA GLY D 319 -19.29 59.40 -0.25
C GLY D 319 -20.16 58.90 0.88
N ASP D 320 -21.44 59.33 0.85
CA ASP D 320 -22.33 59.07 1.96
C ASP D 320 -22.67 57.60 2.13
N LYS D 321 -22.45 56.78 1.09
CA LYS D 321 -22.66 55.35 1.24
C LYS D 321 -21.71 54.75 2.27
N LYS D 322 -20.49 55.29 2.36
CA LYS D 322 -19.52 54.93 3.40
C LYS D 322 -19.29 53.42 3.45
N ALA D 323 -19.17 52.80 2.29
CA ALA D 323 -19.00 51.36 2.22
C ALA D 323 -17.56 50.92 2.42
N ILE D 324 -16.59 51.83 2.30
CA ILE D 324 -15.19 51.46 2.29
C ILE D 324 -14.60 51.69 3.67
N ASP D 325 -14.04 50.63 4.25
CA ASP D 325 -13.33 50.70 5.52
C ASP D 325 -11.91 50.22 5.28
N LEU D 326 -10.97 51.15 5.10
CA LEU D 326 -9.62 50.79 4.71
C LEU D 326 -8.82 50.16 5.84
N GLU D 327 -9.32 50.16 7.06
CA GLU D 327 -8.61 49.59 8.19
C GLU D 327 -9.16 48.24 8.62
N MET D 328 -10.00 47.63 7.82
CA MET D 328 -10.61 46.35 8.19
C MET D 328 -9.55 45.27 8.33
N GLN D 329 -9.79 44.33 9.24
CA GLN D 329 -8.87 43.25 9.54
C GLN D 329 -9.56 41.90 9.37
N ASP D 330 -8.76 40.85 9.30
CA ASP D 330 -9.28 39.49 9.19
C ASP D 330 -10.08 39.10 10.42
N GLU D 331 -11.38 38.93 10.26
CA GLU D 331 -12.23 38.48 11.34
C GLU D 331 -12.35 36.96 11.32
N PHE D 332 -12.46 36.36 12.50
CA PHE D 332 -12.55 34.92 12.65
C PHE D 332 -13.90 34.55 13.24
N ILE D 333 -14.52 33.52 12.66
CA ILE D 333 -15.83 33.03 13.05
C ILE D 333 -15.76 31.53 13.22
N THR D 334 -16.45 31.00 14.24
CA THR D 334 -16.54 29.58 14.46
C THR D 334 -17.97 29.11 14.23
N VAL D 335 -18.12 28.10 13.38
CA VAL D 335 -19.43 27.63 12.92
C VAL D 335 -19.51 26.14 13.18
N LYS D 336 -20.64 25.68 13.72
CA LYS D 336 -20.87 24.27 13.98
C LYS D 336 -21.75 23.70 12.88
N VAL D 337 -21.27 22.66 12.20
CA VAL D 337 -21.97 22.06 11.07
C VAL D 337 -22.03 20.56 11.25
N GLY D 338 -23.01 19.95 10.59
CA GLY D 338 -23.21 18.52 10.69
C GLY D 338 -22.41 17.73 9.68
N THR D 339 -22.43 18.17 8.43
CA THR D 339 -21.68 17.54 7.36
C THR D 339 -20.95 18.61 6.57
N ALA D 340 -20.02 18.18 5.73
CA ALA D 340 -19.26 19.10 4.90
C ALA D 340 -19.08 18.52 3.50
N VAL D 341 -19.18 19.38 2.49
CA VAL D 341 -18.99 19.02 1.09
C VAL D 341 -17.81 19.81 0.55
N LEU D 342 -16.85 19.10 -0.03
CA LEU D 342 -15.64 19.71 -0.55
C LEU D 342 -15.73 19.78 -2.07
N ALA D 343 -15.55 20.98 -2.61
CA ALA D 343 -15.71 21.25 -4.05
C ALA D 343 -14.65 22.26 -4.46
N THR D 344 -13.37 21.94 -4.32
CA THR D 344 -12.28 22.92 -4.51
C THR D 344 -11.85 23.15 -5.97
N GLY D 345 -12.30 22.31 -6.89
CA GLY D 345 -12.00 22.50 -8.33
C GLY D 345 -10.59 22.22 -8.79
N TYR D 346 -10.04 23.11 -9.60
CA TYR D 346 -8.76 22.79 -10.26
C TYR D 346 -8.08 24.01 -10.79
N GLU D 347 -6.82 23.88 -11.15
CA GLU D 347 -6.04 24.90 -11.83
C GLU D 347 -5.31 24.24 -12.99
N LEU D 348 -4.76 25.08 -13.87
CA LEU D 348 -4.00 24.54 -15.03
C LEU D 348 -2.57 24.20 -14.61
N PHE D 349 -2.10 23.03 -15.01
CA PHE D 349 -0.75 22.60 -14.72
C PHE D 349 0.26 23.58 -15.30
N PRO D 350 1.36 23.86 -14.60
CA PRO D 350 2.33 24.84 -15.12
C PRO D 350 3.08 24.32 -16.33
N ILE D 351 2.69 24.79 -17.52
CA ILE D 351 3.20 24.21 -18.76
C ILE D 351 4.46 24.93 -19.23
N GLU D 352 4.95 25.91 -18.49
CA GLU D 352 6.23 26.51 -18.82
C GLU D 352 7.38 25.57 -18.51
N ASN D 353 7.12 24.50 -17.76
CA ASN D 353 8.15 23.53 -17.46
C ASN D 353 8.51 22.69 -18.69
N LYS D 354 7.54 22.49 -19.59
CA LYS D 354 7.80 21.83 -20.87
C LYS D 354 8.41 22.87 -21.79
N ARG D 355 9.74 22.94 -21.81
CA ARG D 355 10.45 23.97 -22.52
C ARG D 355 10.36 23.86 -24.03
N GLU D 356 10.10 22.65 -24.56
CA GLU D 356 10.08 22.49 -26.01
C GLU D 356 8.90 23.23 -26.64
N TRP D 357 7.85 23.51 -25.88
CA TRP D 357 6.76 24.36 -26.33
C TRP D 357 6.92 25.69 -25.62
N GLY D 358 7.35 26.70 -26.35
CA GLY D 358 7.85 27.89 -25.69
C GLY D 358 6.77 28.75 -25.05
N TYR D 359 6.15 28.24 -23.99
CA TYR D 359 4.96 28.88 -23.46
C TYR D 359 5.25 30.30 -22.96
N LYS D 360 6.17 30.43 -22.00
CA LYS D 360 6.51 31.74 -21.48
C LYS D 360 7.53 32.48 -22.34
N GLN D 361 8.21 31.81 -23.26
CA GLN D 361 9.32 32.44 -23.94
C GLN D 361 8.94 32.97 -25.31
N PHE D 362 7.88 32.44 -25.91
CA PHE D 362 7.34 32.96 -27.16
C PHE D 362 6.03 33.68 -26.88
N ASP D 363 5.88 34.87 -27.47
CA ASP D 363 4.72 35.72 -27.17
C ASP D 363 3.42 35.06 -27.58
N ASN D 364 3.38 34.47 -28.77
CA ASN D 364 2.14 33.98 -29.36
C ASN D 364 1.82 32.54 -28.98
N VAL D 365 2.32 32.06 -27.85
CA VAL D 365 1.93 30.76 -27.31
C VAL D 365 1.14 31.04 -26.03
N ILE D 366 -0.10 30.57 -26.01
CA ILE D 366 -1.00 30.79 -24.87
C ILE D 366 -1.55 29.43 -24.45
N ASN D 367 -2.30 29.42 -23.36
CA ASN D 367 -2.97 28.20 -22.95
C ASN D 367 -4.48 28.34 -23.10
N ALA D 368 -5.19 27.26 -22.83
CA ALA D 368 -6.62 27.25 -23.14
C ALA D 368 -7.53 28.17 -22.29
N LEU D 369 -7.16 28.57 -21.08
CA LEU D 369 -8.02 29.50 -20.32
C LEU D 369 -7.73 30.92 -20.76
N GLU D 370 -6.51 31.19 -21.15
CA GLU D 370 -6.22 32.50 -21.73
C GLU D 370 -6.88 32.64 -23.09
N PHE D 371 -6.90 31.56 -23.87
CA PHE D 371 -7.63 31.61 -25.13
C PHE D 371 -9.11 31.84 -24.90
N GLU D 372 -9.71 31.14 -23.94
CA GLU D 372 -11.14 31.32 -23.60
C GLU D 372 -11.45 32.74 -23.13
N ARG D 373 -10.55 33.40 -22.43
CA ARG D 373 -10.78 34.80 -22.06
C ARG D 373 -10.58 35.73 -23.26
N LEU D 374 -9.64 35.40 -24.14
CA LEU D 374 -9.42 36.23 -25.33
C LEU D 374 -10.59 36.13 -26.30
N ILE D 375 -11.23 34.96 -26.37
CA ILE D 375 -12.32 34.76 -27.30
C ILE D 375 -13.67 35.20 -26.73
N CYS D 376 -13.79 35.29 -25.41
CA CYS D 376 -15.03 35.80 -24.82
C CYS D 376 -15.22 37.27 -25.17
N ALA D 377 -16.48 37.64 -25.38
CA ALA D 377 -16.82 39.02 -25.72
C ALA D 377 -16.70 39.97 -24.54
N SER D 378 -16.61 39.46 -23.32
CA SER D 378 -16.44 40.27 -22.14
C SER D 378 -14.98 40.34 -21.67
N GLY D 379 -14.06 39.82 -22.46
CA GLY D 379 -12.67 39.73 -22.07
C GLY D 379 -11.89 41.00 -22.33
N PRO D 380 -10.57 40.92 -22.21
CA PRO D 380 -9.74 42.11 -22.43
C PRO D 380 -9.88 42.71 -23.81
N THR D 381 -10.00 41.88 -24.83
CA THR D 381 -10.35 42.33 -26.16
C THR D 381 -11.88 42.45 -26.28
N GLY D 382 -12.33 43.03 -27.38
CA GLY D 382 -13.77 43.09 -27.60
C GLY D 382 -14.29 41.77 -28.13
N GLY D 383 -13.79 40.67 -27.59
CA GLY D 383 -14.09 39.37 -28.13
C GLY D 383 -13.30 39.02 -29.37
N HIS D 384 -12.39 39.89 -29.80
CA HIS D 384 -11.59 39.67 -30.99
C HIS D 384 -10.30 38.97 -30.62
N LEU D 385 -10.10 37.76 -31.14
CA LEU D 385 -8.83 37.09 -30.95
C LEU D 385 -7.76 37.82 -31.75
N VAL D 386 -6.74 38.34 -31.06
CA VAL D 386 -5.62 38.99 -31.70
C VAL D 386 -4.33 38.39 -31.15
N ARG D 387 -3.27 38.54 -31.92
CA ARG D 387 -1.99 38.00 -31.51
C ARG D 387 -1.40 38.83 -30.37
N PRO D 388 -0.95 38.20 -29.29
CA PRO D 388 -0.32 38.97 -28.21
C PRO D 388 0.91 39.75 -28.65
N SER D 389 1.64 39.26 -29.65
CA SER D 389 2.90 39.89 -30.02
C SER D 389 2.68 41.26 -30.65
N ASP D 390 1.67 41.40 -31.50
CA ASP D 390 1.48 42.65 -32.21
C ASP D 390 0.03 43.11 -32.32
N GLY D 391 -0.93 42.36 -31.78
CA GLY D 391 -2.31 42.77 -31.87
C GLY D 391 -2.97 42.56 -33.21
N LYS D 392 -2.37 41.79 -34.10
CA LYS D 392 -2.98 41.48 -35.39
C LYS D 392 -3.81 40.21 -35.29
N THR D 393 -4.75 40.09 -36.19
CA THR D 393 -5.67 38.94 -36.18
C THR D 393 -4.96 37.71 -36.74
N PRO D 394 -4.96 36.59 -36.03
CA PRO D 394 -4.38 35.37 -36.58
C PRO D 394 -5.22 34.83 -37.72
N MET D 395 -4.57 34.09 -38.61
CA MET D 395 -5.27 33.35 -39.64
C MET D 395 -5.00 31.85 -39.60
N LYS D 396 -3.98 31.40 -38.89
CA LYS D 396 -3.74 29.99 -38.64
C LYS D 396 -3.51 29.82 -37.15
N VAL D 397 -4.25 28.91 -36.53
CA VAL D 397 -4.15 28.66 -35.11
C VAL D 397 -3.91 27.17 -34.90
N GLY D 398 -2.92 26.84 -34.08
CA GLY D 398 -2.61 25.46 -33.75
C GLY D 398 -3.08 25.16 -32.34
N PHE D 399 -3.52 23.92 -32.14
CA PHE D 399 -3.97 23.45 -30.83
C PHE D 399 -3.14 22.23 -30.49
N VAL D 400 -2.32 22.35 -29.46
CA VAL D 400 -1.47 21.25 -29.01
C VAL D 400 -2.25 20.49 -27.95
N LEU D 401 -2.78 19.36 -28.32
CA LEU D 401 -3.58 18.56 -27.40
C LEU D 401 -2.65 17.68 -26.58
N CYS D 402 -3.02 17.34 -25.35
CA CYS D 402 -2.26 16.40 -24.50
C CYS D 402 -1.06 17.14 -23.94
N ALA D 403 -1.11 18.46 -23.86
CA ALA D 403 0.05 19.25 -23.45
C ALA D 403 0.32 19.02 -21.97
N GLY D 404 1.27 18.17 -21.67
CA GLY D 404 1.59 17.82 -20.30
C GLY D 404 0.77 16.69 -19.72
N SER D 405 0.12 15.91 -20.59
CA SER D 405 -0.79 14.85 -20.12
C SER D 405 -0.40 13.50 -20.67
N ARG D 406 -0.86 12.42 -20.04
CA ARG D 406 -0.53 11.03 -20.48
C ARG D 406 0.99 11.06 -20.64
N ASP D 407 1.73 11.65 -19.70
CA ASP D 407 3.16 11.86 -19.81
C ASP D 407 3.83 11.22 -18.61
N ASN D 408 4.72 10.27 -18.87
CA ASN D 408 5.39 9.52 -17.81
C ASN D 408 6.82 9.95 -17.57
N THR D 409 7.19 11.14 -18.05
CA THR D 409 8.56 11.61 -17.91
C THR D 409 8.83 12.28 -16.57
N GLY D 410 7.81 12.51 -15.76
CA GLY D 410 7.97 13.17 -14.49
C GLY D 410 7.71 14.65 -14.51
N ILE D 411 7.62 15.28 -15.68
CA ILE D 411 7.28 16.69 -15.74
C ILE D 411 5.78 16.89 -15.81
N GLY D 412 5.13 16.26 -16.79
CA GLY D 412 3.70 16.38 -16.94
C GLY D 412 2.95 15.39 -16.06
N LYS D 413 1.65 15.30 -16.33
CA LYS D 413 0.77 14.42 -15.58
C LYS D 413 0.57 13.11 -16.33
N PRO D 414 0.57 11.98 -15.63
CA PRO D 414 0.39 10.69 -16.28
C PRO D 414 -1.04 10.34 -16.63
N TYR D 415 -2.00 11.22 -16.38
CA TYR D 415 -3.40 10.92 -16.61
C TYR D 415 -3.96 11.79 -17.74
N CYS D 416 -5.18 11.46 -18.15
CA CYS D 416 -5.89 12.28 -19.16
C CYS D 416 -6.69 13.30 -18.38
N SER D 417 -6.74 14.53 -18.85
CA SER D 417 -7.51 15.60 -18.17
C SER D 417 -8.98 15.59 -18.62
N ARG D 418 -9.40 14.61 -19.41
CA ARG D 418 -10.84 14.36 -19.74
C ARG D 418 -11.49 15.36 -20.71
N PHE D 419 -11.40 16.65 -20.47
CA PHE D 419 -12.15 17.64 -21.28
C PHE D 419 -11.33 18.41 -22.31
N CYS D 420 -10.02 18.21 -22.34
CA CYS D 420 -9.13 19.03 -23.21
C CYS D 420 -9.30 18.72 -24.72
N CYS D 421 -9.78 17.55 -25.08
CA CYS D 421 -10.01 17.22 -26.51
C CYS D 421 -11.28 17.97 -26.91
N MET D 422 -12.25 18.00 -26.01
CA MET D 422 -13.54 18.61 -26.31
C MET D 422 -13.45 20.12 -26.37
N TYR D 423 -12.68 20.71 -25.46
CA TYR D 423 -12.61 22.18 -25.45
C TYR D 423 -11.73 22.66 -26.59
N SER D 424 -10.78 21.84 -27.03
CA SER D 424 -9.98 22.21 -28.20
C SER D 424 -10.83 22.17 -29.47
N LEU D 425 -11.71 21.18 -29.59
CA LEU D 425 -12.68 21.19 -30.68
C LEU D 425 -13.54 22.44 -30.63
N LYS D 426 -13.98 22.87 -29.45
CA LYS D 426 -14.84 24.07 -29.29
C LYS D 426 -14.08 25.30 -29.76
N HIS D 427 -12.84 25.41 -29.37
CA HIS D 427 -12.01 26.59 -29.72
C HIS D 427 -11.71 26.59 -31.21
N ALA D 428 -11.48 25.43 -31.80
CA ALA D 428 -11.29 25.39 -33.24
C ALA D 428 -12.55 25.88 -33.96
N HIS D 429 -13.71 25.43 -33.51
CA HIS D 429 -14.96 25.91 -34.10
C HIS D 429 -15.08 27.41 -33.93
N GLN D 430 -14.77 27.91 -32.73
CA GLN D 430 -14.95 29.33 -32.46
C GLN D 430 -14.05 30.18 -33.36
N ILE D 431 -12.79 29.77 -33.56
CA ILE D 431 -11.94 30.57 -34.44
C ILE D 431 -12.42 30.47 -35.88
N MET D 432 -12.77 29.26 -36.34
CA MET D 432 -13.20 29.14 -37.73
C MET D 432 -14.50 29.89 -38.01
N GLU D 433 -15.33 30.13 -37.00
CA GLU D 433 -16.54 30.89 -37.24
C GLU D 433 -16.39 32.37 -36.97
N LYS D 434 -15.42 32.77 -36.13
CA LYS D 434 -15.28 34.19 -35.81
C LYS D 434 -14.31 34.92 -36.73
N ILE D 435 -13.26 34.25 -37.19
CA ILE D 435 -12.35 34.87 -38.14
C ILE D 435 -12.58 34.22 -39.51
N PRO D 436 -13.11 34.93 -40.50
CA PRO D 436 -13.40 34.31 -41.79
C PRO D 436 -12.12 33.94 -42.52
N GLY D 437 -12.04 32.68 -42.94
CA GLY D 437 -10.89 32.18 -43.64
C GLY D 437 -9.78 31.64 -42.76
N ALA D 438 -9.92 31.72 -41.45
CA ALA D 438 -8.92 31.16 -40.55
C ALA D 438 -9.04 29.64 -40.51
N VAL D 439 -7.90 28.98 -40.37
CA VAL D 439 -7.82 27.53 -40.34
C VAL D 439 -7.30 27.08 -38.99
N ALA D 440 -7.91 26.05 -38.44
CA ALA D 440 -7.51 25.47 -37.17
C ALA D 440 -6.80 24.15 -37.43
N TYR D 441 -5.63 23.99 -36.82
CA TYR D 441 -4.87 22.74 -36.89
C TYR D 441 -4.82 22.15 -35.50
N LEU D 442 -5.25 20.90 -35.36
CA LEU D 442 -5.24 20.21 -34.09
C LEU D 442 -4.23 19.08 -34.17
N PHE D 443 -3.17 19.19 -33.38
CA PHE D 443 -2.13 18.18 -33.32
C PHE D 443 -2.51 17.24 -32.18
N TYR D 444 -3.06 16.10 -32.54
CA TYR D 444 -3.78 15.30 -31.57
C TYR D 444 -3.17 13.91 -31.45
N MET D 445 -3.52 13.15 -30.46
CA MET D 445 -2.95 11.80 -30.24
C MET D 445 -4.06 11.04 -29.53
N ASP D 446 -5.12 10.66 -30.19
CA ASP D 446 -6.35 10.06 -29.57
C ASP D 446 -7.40 11.11 -29.26
N ILE D 447 -8.17 11.54 -30.24
CA ILE D 447 -9.35 12.37 -29.99
C ILE D 447 -10.31 11.60 -29.08
N ARG D 448 -10.71 12.23 -27.96
CA ARG D 448 -11.51 11.55 -26.90
C ARG D 448 -12.87 12.25 -26.74
N SER D 449 -13.80 11.97 -27.64
CA SER D 449 -15.14 12.54 -27.61
C SER D 449 -16.09 11.41 -27.23
N PHE D 450 -16.23 11.18 -25.93
CA PHE D 450 -16.87 10.00 -25.38
C PHE D 450 -18.27 10.26 -24.85
N GLY D 451 -18.59 11.51 -24.50
CA GLY D 451 -19.83 11.84 -23.85
C GLY D 451 -21.00 11.95 -24.81
N LYS D 452 -22.12 12.40 -24.27
CA LYS D 452 -23.34 12.51 -25.04
C LYS D 452 -23.24 13.65 -26.05
N MET D 453 -23.44 13.33 -27.33
CA MET D 453 -23.33 14.25 -28.46
C MET D 453 -21.90 14.69 -28.74
N TYR D 454 -20.91 14.08 -28.08
CA TYR D 454 -19.52 14.48 -28.29
C TYR D 454 -19.01 14.04 -29.64
N GLU D 455 -19.31 12.80 -30.03
CA GLU D 455 -18.87 12.30 -31.32
C GLU D 455 -19.51 13.11 -32.45
N GLU D 456 -20.77 13.48 -32.29
CA GLU D 456 -21.43 14.33 -33.27
C GLU D 456 -20.79 15.71 -33.33
N PHE D 457 -20.36 16.24 -32.17
CA PHE D 457 -19.62 17.50 -32.17
C PHE D 457 -18.32 17.37 -32.94
N TYR D 458 -17.61 16.26 -32.74
CA TYR D 458 -16.36 16.01 -33.46
C TYR D 458 -16.59 15.93 -34.96
N TYR D 459 -17.64 15.22 -35.36
CA TYR D 459 -18.01 15.15 -36.76
C TYR D 459 -18.30 16.52 -37.34
N ARG D 460 -19.03 17.35 -36.59
CA ARG D 460 -19.39 18.67 -37.07
C ARG D 460 -18.16 19.57 -37.21
N ILE D 461 -17.20 19.46 -36.28
CA ILE D 461 -16.00 20.28 -36.37
C ILE D 461 -15.18 19.88 -37.59
N GLN D 462 -15.00 18.57 -37.79
CA GLN D 462 -14.30 18.14 -38.99
C GLN D 462 -15.02 18.60 -40.26
N HIS D 463 -16.36 18.58 -40.24
CA HIS D 463 -17.14 19.03 -41.39
C HIS D 463 -16.92 20.51 -41.66
N GLU D 464 -16.88 21.33 -40.62
CA GLU D 464 -16.58 22.75 -40.82
C GLU D 464 -15.14 22.99 -41.24
N GLY D 465 -14.25 22.03 -41.02
CA GLY D 465 -12.99 22.07 -41.74
C GLY D 465 -11.74 22.25 -40.90
N ALA D 466 -11.76 21.80 -39.66
CA ALA D 466 -10.55 21.75 -38.88
C ALA D 466 -9.66 20.62 -39.38
N LYS D 467 -8.36 20.87 -39.43
CA LYS D 467 -7.40 19.87 -39.85
C LYS D 467 -6.94 19.08 -38.64
N PHE D 468 -7.03 17.76 -38.71
CA PHE D 468 -6.62 16.90 -37.62
C PHE D 468 -5.35 16.18 -38.03
N ILE D 469 -4.25 16.51 -37.38
CA ILE D 469 -2.95 15.91 -37.64
C ILE D 469 -2.62 15.03 -36.45
N ARG D 470 -2.58 13.72 -36.66
CA ARG D 470 -2.30 12.81 -35.57
C ARG D 470 -0.80 12.76 -35.34
N GLY D 471 -0.33 13.66 -34.49
CA GLY D 471 1.04 13.64 -34.05
C GLY D 471 1.23 14.55 -32.86
N ARG D 472 1.86 14.03 -31.81
CA ARG D 472 2.21 14.86 -30.67
C ARG D 472 3.30 15.83 -31.06
N VAL D 473 3.11 17.10 -30.70
CA VAL D 473 4.07 18.12 -31.09
C VAL D 473 5.42 17.82 -30.47
N ALA D 474 6.47 17.89 -31.28
CA ALA D 474 7.81 17.62 -30.78
C ALA D 474 8.42 18.87 -30.16
N ASN D 475 8.50 19.95 -30.92
CA ASN D 475 9.01 21.20 -30.38
C ASN D 475 8.47 22.34 -31.23
N VAL D 476 8.62 23.55 -30.71
CA VAL D 476 8.09 24.75 -31.34
C VAL D 476 9.21 25.76 -31.46
N LEU D 477 9.40 26.30 -32.66
CA LEU D 477 10.38 27.35 -32.89
C LEU D 477 9.66 28.63 -33.29
N GLU D 478 10.19 29.76 -32.85
CA GLU D 478 9.61 31.05 -33.13
C GLU D 478 10.39 31.73 -34.24
N ASP D 479 9.70 32.15 -35.29
CA ASP D 479 10.33 32.96 -36.31
C ASP D 479 10.73 34.30 -35.73
N LYS D 480 11.97 34.72 -36.00
CA LYS D 480 12.54 35.86 -35.30
C LYS D 480 11.84 37.17 -35.64
N GLU D 481 11.26 37.29 -36.84
CA GLU D 481 10.74 38.57 -37.32
C GLU D 481 9.22 38.62 -37.29
N THR D 482 8.55 37.66 -37.91
CA THR D 482 7.10 37.66 -37.93
C THR D 482 6.49 37.18 -36.62
N LYS D 483 7.30 36.64 -35.72
CA LYS D 483 6.84 36.06 -34.45
C LYS D 483 5.93 34.87 -34.68
N ASN D 484 5.92 34.31 -35.88
CA ASN D 484 5.13 33.12 -36.15
C ASN D 484 5.80 31.90 -35.54
N LEU D 485 5.01 30.86 -35.32
CA LEU D 485 5.46 29.71 -34.55
C LEU D 485 5.55 28.52 -35.50
N HIS D 486 6.71 27.90 -35.56
CA HIS D 486 6.90 26.71 -36.40
C HIS D 486 6.73 25.48 -35.53
N VAL D 487 5.68 24.72 -35.80
CA VAL D 487 5.33 23.55 -35.02
C VAL D 487 5.88 22.33 -35.74
N PHE D 488 6.71 21.57 -35.05
CA PHE D 488 7.38 20.41 -35.64
C PHE D 488 6.84 19.15 -34.98
N THR D 489 6.30 18.27 -35.80
CA THR D 489 5.91 16.93 -35.34
C THR D 489 5.92 16.02 -36.56
N GLU D 490 5.40 14.83 -36.40
CA GLU D 490 5.18 13.93 -37.52
C GLU D 490 3.69 13.70 -37.68
N ASP D 491 3.23 13.73 -38.93
CA ASP D 491 1.89 13.24 -39.24
C ASP D 491 1.98 11.73 -39.30
N THR D 492 1.58 11.09 -38.20
CA THR D 492 1.77 9.65 -38.07
C THR D 492 0.95 8.87 -39.09
N LEU D 493 -0.24 9.36 -39.44
CA LEU D 493 -1.05 8.68 -40.45
C LEU D 493 -0.50 8.92 -41.85
N LEU D 494 -0.11 10.15 -42.16
CA LEU D 494 0.54 10.42 -43.43
C LEU D 494 1.90 9.75 -43.53
N GLY D 495 2.62 9.67 -42.42
CA GLY D 495 3.93 9.05 -42.39
C GLY D 495 5.09 9.96 -42.73
N ARG D 496 4.91 11.27 -42.59
CA ARG D 496 5.97 12.22 -42.90
C ARG D 496 6.08 13.23 -41.77
N PRO D 497 7.27 13.78 -41.54
CA PRO D 497 7.38 14.93 -40.66
C PRO D 497 6.65 16.13 -41.26
N VAL D 498 6.27 17.06 -40.39
CA VAL D 498 5.55 18.25 -40.82
C VAL D 498 6.19 19.48 -40.16
N ASP D 499 5.97 20.63 -40.79
CA ASP D 499 6.38 21.91 -40.21
C ASP D 499 5.27 22.92 -40.52
N VAL D 500 4.33 23.04 -39.60
CA VAL D 500 3.16 23.89 -39.76
C VAL D 500 3.46 25.23 -39.10
N GLU D 501 3.39 26.30 -39.86
CA GLU D 501 3.65 27.64 -39.35
C GLU D 501 2.33 28.33 -39.04
N VAL D 502 2.11 28.63 -37.76
CA VAL D 502 0.84 29.20 -37.30
C VAL D 502 1.11 30.58 -36.73
N ASP D 503 0.05 31.39 -36.69
CA ASP D 503 0.14 32.72 -36.08
C ASP D 503 -0.06 32.67 -34.58
N LEU D 504 -0.77 31.65 -34.09
CA LEU D 504 -1.09 31.55 -32.67
C LEU D 504 -1.10 30.07 -32.30
N LEU D 505 -0.46 29.74 -31.20
CA LEU D 505 -0.41 28.37 -30.71
C LEU D 505 -1.09 28.30 -29.36
N VAL D 506 -2.01 27.36 -29.22
CA VAL D 506 -2.79 27.19 -28.01
C VAL D 506 -2.46 25.83 -27.44
N LEU D 507 -2.08 25.80 -26.16
CA LEU D 507 -1.70 24.57 -25.49
C LEU D 507 -2.88 24.10 -24.64
N ALA D 508 -3.35 22.88 -24.90
CA ALA D 508 -4.40 22.28 -24.10
C ALA D 508 -3.75 21.61 -22.89
N ALA D 509 -3.43 22.43 -21.89
CA ALA D 509 -2.63 22.01 -20.76
C ALA D 509 -3.43 21.10 -19.83
N ALA D 510 -2.71 20.27 -19.08
CA ALA D 510 -3.33 19.40 -18.10
C ALA D 510 -3.85 20.22 -16.93
N VAL D 511 -4.74 19.61 -16.16
CA VAL D 511 -5.29 20.24 -14.96
C VAL D 511 -4.76 19.50 -13.75
N GLN D 512 -4.67 20.21 -12.64
CA GLN D 512 -4.18 19.67 -11.39
C GLN D 512 -5.01 20.25 -10.26
N PRO D 513 -4.98 19.64 -9.07
CA PRO D 513 -5.74 20.18 -7.95
C PRO D 513 -5.37 21.62 -7.65
N ASN D 514 -6.39 22.39 -7.29
CA ASN D 514 -6.22 23.82 -7.04
C ASN D 514 -5.16 24.09 -5.98
N GLU D 515 -4.75 25.35 -5.89
CA GLU D 515 -3.76 25.78 -4.91
C GLU D 515 -4.37 25.78 -3.51
N GLY D 516 -3.72 25.11 -2.57
CA GLY D 516 -4.22 24.98 -1.22
C GLY D 516 -5.18 23.85 -0.98
N ALA D 517 -5.50 23.08 -2.03
CA ALA D 517 -6.46 22.00 -1.88
C ALA D 517 -5.94 20.90 -0.96
N ASN D 518 -4.64 20.62 -1.01
CA ASN D 518 -4.08 19.61 -0.13
C ASN D 518 -4.12 20.07 1.32
N GLU D 519 -3.85 21.34 1.57
CA GLU D 519 -4.00 21.88 2.91
C GLU D 519 -5.43 21.72 3.41
N LEU D 520 -6.41 22.08 2.60
CA LEU D 520 -7.82 21.96 3.04
C LEU D 520 -8.22 20.49 3.25
N ARG D 521 -7.79 19.57 2.38
CA ARG D 521 -8.21 18.19 2.58
C ARG D 521 -7.47 17.55 3.74
N LYS D 522 -6.30 18.07 4.12
CA LYS D 522 -5.69 17.61 5.36
C LYS D 522 -6.39 18.19 6.58
N LYS D 523 -6.90 19.43 6.48
CA LYS D 523 -7.71 19.96 7.56
C LYS D 523 -8.95 19.10 7.79
N PHE D 524 -9.57 18.64 6.72
CA PHE D 524 -10.78 17.83 6.86
C PHE D 524 -10.51 16.35 7.03
N GLY D 525 -9.27 15.90 6.85
CA GLY D 525 -8.96 14.50 7.08
C GLY D 525 -9.10 13.59 5.88
N VAL D 526 -9.18 14.14 4.69
CA VAL D 526 -9.37 13.37 3.47
C VAL D 526 -8.00 12.98 2.92
N SER D 527 -7.90 11.79 2.36
CA SER D 527 -6.65 11.34 1.76
C SER D 527 -6.60 11.74 0.29
N ALA D 528 -5.52 11.35 -0.39
CA ALA D 528 -5.33 11.68 -1.79
C ALA D 528 -5.24 10.39 -2.60
N SER D 529 -5.47 10.53 -3.90
CA SER D 529 -5.39 9.40 -4.81
C SER D 529 -3.95 9.22 -5.29
N GLN D 530 -3.73 8.19 -6.11
CA GLN D 530 -2.46 8.08 -6.81
C GLN D 530 -2.22 9.30 -7.69
N ASP D 531 -3.28 9.77 -8.35
CA ASP D 531 -3.22 10.90 -9.26
C ASP D 531 -3.01 12.24 -8.55
N GLY D 532 -3.24 12.30 -7.25
CA GLY D 532 -3.15 13.55 -6.51
C GLY D 532 -4.47 14.23 -6.22
N TRP D 533 -5.57 13.70 -6.73
CA TRP D 533 -6.89 14.23 -6.42
C TRP D 533 -7.42 13.59 -5.13
N MET D 534 -8.47 14.19 -4.58
CA MET D 534 -9.05 13.69 -3.35
C MET D 534 -9.63 12.30 -3.57
N LEU D 535 -9.49 11.44 -2.56
CA LEU D 535 -9.89 10.04 -2.68
C LEU D 535 -11.31 9.83 -2.17
N GLU D 536 -12.01 8.91 -2.81
CA GLU D 536 -13.39 8.58 -2.49
C GLU D 536 -13.46 7.29 -1.68
N ALA D 537 -14.62 7.05 -1.06
CA ALA D 537 -14.76 5.92 -0.15
C ALA D 537 -14.58 4.58 -0.87
N HIS D 538 -15.33 4.38 -1.96
CA HIS D 538 -15.18 3.20 -2.79
C HIS D 538 -15.17 3.66 -4.23
N PRO D 539 -14.13 3.36 -5.01
CA PRO D 539 -14.00 3.96 -6.34
C PRO D 539 -15.14 3.64 -7.28
N LYS D 540 -15.83 2.52 -7.10
CA LYS D 540 -16.96 2.17 -7.97
C LYS D 540 -18.29 2.65 -7.38
N LEU D 541 -18.63 2.16 -6.19
CA LEU D 541 -19.98 2.31 -5.66
C LEU D 541 -20.13 3.46 -4.68
N ASN D 542 -19.12 4.29 -4.52
CA ASN D 542 -19.30 5.43 -3.63
C ASN D 542 -18.34 6.54 -4.04
N PRO D 543 -18.55 7.17 -5.19
CA PRO D 543 -17.60 8.17 -5.69
C PRO D 543 -17.72 9.52 -5.02
N CYS D 544 -18.68 9.72 -4.12
CA CYS D 544 -18.87 11.00 -3.46
C CYS D 544 -18.32 11.02 -2.03
N GLY D 545 -18.69 10.04 -1.22
CA GLY D 545 -18.23 10.02 0.15
C GLY D 545 -16.76 9.67 0.27
N THR D 546 -16.16 10.12 1.37
CA THR D 546 -14.80 9.80 1.73
C THR D 546 -14.80 8.82 2.88
N THR D 547 -13.60 8.36 3.24
CA THR D 547 -13.48 7.41 4.36
C THR D 547 -13.79 8.09 5.69
N THR D 548 -13.42 9.36 5.84
CA THR D 548 -13.84 10.11 7.02
C THR D 548 -15.32 10.45 6.91
N ALA D 549 -16.08 10.03 7.91
CA ALA D 549 -17.53 10.20 7.88
C ALA D 549 -17.92 11.67 7.95
N GLY D 550 -18.99 12.02 7.26
CA GLY D 550 -19.49 13.36 7.26
C GLY D 550 -18.83 14.31 6.29
N VAL D 551 -17.90 13.84 5.48
CA VAL D 551 -17.25 14.67 4.46
C VAL D 551 -17.51 14.03 3.11
N PHE D 552 -17.89 14.86 2.14
CA PHE D 552 -18.26 14.39 0.82
C PHE D 552 -17.59 15.24 -0.24
N LEU D 553 -17.34 14.63 -1.40
CA LEU D 553 -16.63 15.26 -2.49
C LEU D 553 -17.59 15.61 -3.62
N ALA D 554 -17.29 16.69 -4.32
CA ALA D 554 -18.11 17.10 -5.46
C ALA D 554 -17.25 17.85 -6.46
N GLY D 555 -17.35 17.49 -7.72
CA GLY D 555 -16.68 18.28 -8.76
C GLY D 555 -15.31 17.82 -9.19
N VAL D 556 -14.59 18.73 -9.81
CA VAL D 556 -13.25 18.38 -10.36
C VAL D 556 -12.27 18.08 -9.23
N CYS D 557 -12.56 18.47 -7.99
CA CYS D 557 -11.63 18.22 -6.90
C CYS D 557 -11.38 16.73 -6.69
N GLN D 558 -12.33 15.88 -7.09
CA GLN D 558 -12.16 14.44 -7.02
C GLN D 558 -11.56 13.86 -8.30
N GLY D 559 -11.37 14.67 -9.33
CA GLY D 559 -10.89 14.21 -10.60
C GLY D 559 -11.52 15.00 -11.72
N PRO D 560 -10.80 15.21 -12.82
CA PRO D 560 -11.31 16.10 -13.88
C PRO D 560 -12.62 15.58 -14.47
N LYS D 561 -13.51 16.50 -14.81
CA LYS D 561 -14.84 16.12 -15.38
C LYS D 561 -15.46 17.30 -16.10
N ASP D 562 -16.42 17.06 -16.97
CA ASP D 562 -17.17 18.14 -17.66
C ASP D 562 -18.25 18.69 -16.72
N ILE D 563 -18.86 19.82 -17.07
CA ILE D 563 -19.89 20.48 -16.21
C ILE D 563 -21.08 19.54 -15.96
N PRO D 564 -21.60 18.75 -16.92
CA PRO D 564 -22.64 17.75 -16.64
C PRO D 564 -22.30 16.72 -15.56
N ASP D 565 -21.16 16.03 -15.67
CA ASP D 565 -20.67 15.07 -14.70
C ASP D 565 -20.42 15.74 -13.35
N THR D 566 -19.89 16.97 -13.37
CA THR D 566 -19.62 17.74 -12.12
C THR D 566 -20.93 18.00 -11.39
N VAL D 567 -21.99 18.36 -12.11
CA VAL D 567 -23.26 18.68 -11.47
C VAL D 567 -23.91 17.42 -10.94
N ALA D 568 -23.83 16.31 -11.68
CA ALA D 568 -24.35 15.05 -11.18
C ALA D 568 -23.64 14.64 -9.90
N GLN D 569 -22.32 14.77 -9.88
CA GLN D 569 -21.54 14.45 -8.68
C GLN D 569 -21.92 15.37 -7.52
N ALA D 570 -22.12 16.67 -7.80
CA ALA D 570 -22.48 17.62 -6.75
C ALA D 570 -23.83 17.30 -6.14
N GLU D 571 -24.82 16.94 -6.96
CA GLU D 571 -26.12 16.59 -6.39
C GLU D 571 -26.06 15.27 -5.64
N GLY D 572 -25.25 14.33 -6.13
CA GLY D 572 -25.04 13.10 -5.38
C GLY D 572 -24.45 13.36 -4.01
N ALA D 573 -23.45 14.25 -3.94
CA ALA D 573 -22.85 14.60 -2.66
C ALA D 573 -23.84 15.31 -1.77
N ALA D 574 -24.68 16.18 -2.32
CA ALA D 574 -25.69 16.84 -1.50
C ALA D 574 -26.67 15.84 -0.93
N SER D 575 -27.07 14.84 -1.72
CA SER D 575 -27.95 13.81 -1.20
C SER D 575 -27.30 13.03 -0.07
N ALA D 576 -26.02 12.65 -0.26
CA ALA D 576 -25.32 11.90 0.77
C ALA D 576 -25.15 12.72 2.05
N ALA D 577 -24.92 14.02 1.91
CA ALA D 577 -24.81 14.87 3.08
C ALA D 577 -26.15 15.12 3.74
N SER D 578 -27.25 15.01 2.99
CA SER D 578 -28.57 15.18 3.57
C SER D 578 -29.04 13.95 4.30
N ILE D 579 -28.57 12.77 3.91
CA ILE D 579 -29.02 11.53 4.57
C ILE D 579 -28.93 11.60 6.08
N PRO D 580 -27.80 12.01 6.70
CA PRO D 580 -27.75 12.00 8.17
C PRO D 580 -28.43 13.20 8.80
N ILE D 581 -28.53 14.31 8.06
CA ILE D 581 -29.17 15.49 8.61
C ILE D 581 -30.68 15.28 8.72
N HIS D 582 -31.29 14.67 7.71
CA HIS D 582 -32.73 14.41 7.76
C HIS D 582 -33.08 13.44 8.89
N MET D 583 -32.30 12.37 9.05
CA MET D 583 -32.52 11.49 10.18
C MET D 583 -32.29 12.19 11.50
N GLY D 584 -31.25 13.00 11.62
CA GLY D 584 -30.92 13.63 12.87
C GLY D 584 -30.12 12.78 13.82
N GLU D 585 -30.17 11.46 13.69
CA GLU D 585 -29.31 10.57 14.45
C GLU D 585 -28.27 10.01 13.50
N VAL D 586 -27.14 9.59 14.05
CA VAL D 586 -26.18 8.78 13.33
C VAL D 586 -25.46 7.91 14.34
N GLU D 587 -25.25 6.65 13.98
CA GLU D 587 -24.67 5.67 14.88
C GLU D 587 -23.17 5.56 14.63
N LEU D 588 -22.38 5.71 15.69
CA LEU D 588 -20.95 5.51 15.61
C LEU D 588 -20.60 4.07 15.97
N GLU D 589 -19.45 3.64 15.49
CA GLU D 589 -19.02 2.26 15.68
C GLU D 589 -18.45 2.10 17.08
N PRO D 590 -18.96 1.17 17.88
CA PRO D 590 -18.56 1.10 19.30
C PRO D 590 -17.17 0.48 19.49
N TYR D 591 -16.16 1.15 18.96
CA TYR D 591 -14.78 0.72 19.12
C TYR D 591 -14.03 1.61 20.09
N PHE D 592 -14.74 2.40 20.88
CA PHE D 592 -14.15 3.45 21.68
C PHE D 592 -13.25 2.89 22.76
N ALA D 593 -12.39 3.76 23.28
CA ALA D 593 -11.59 3.49 24.45
C ALA D 593 -12.41 3.78 25.69
N MET D 594 -12.31 2.89 26.68
CA MET D 594 -13.02 3.07 27.94
C MET D 594 -12.01 2.93 29.07
N CYS D 595 -11.85 3.99 29.87
CA CYS D 595 -10.90 3.97 30.96
C CYS D 595 -11.48 3.24 32.15
N ILE D 596 -10.70 2.31 32.70
CA ILE D 596 -11.05 1.61 33.93
C ILE D 596 -10.44 2.41 35.07
N ASP D 597 -11.27 3.15 35.78
CA ASP D 597 -10.77 4.17 36.69
C ASP D 597 -10.03 3.58 37.87
N GLU D 598 -10.53 2.51 38.47
CA GLU D 598 -9.81 1.94 39.59
C GLU D 598 -8.60 1.14 39.17
N LEU D 599 -8.16 1.27 37.92
CA LEU D 599 -6.83 0.89 37.48
C LEU D 599 -6.00 2.06 36.99
N CYS D 600 -6.63 3.18 36.64
CA CYS D 600 -5.86 4.35 36.23
C CYS D 600 -5.12 4.95 37.40
N ALA D 601 -3.86 5.31 37.16
CA ALA D 601 -3.02 5.94 38.17
C ALA D 601 -2.86 7.44 37.96
N GLY D 602 -3.47 8.00 36.92
CA GLY D 602 -3.45 9.43 36.75
C GLY D 602 -2.15 10.01 36.26
N CYS D 603 -1.30 9.20 35.64
CA CYS D 603 -0.03 9.71 35.16
C CYS D 603 -0.20 10.75 34.05
N GLY D 604 -1.28 10.66 33.29
CA GLY D 604 -1.52 11.62 32.23
C GLY D 604 -0.67 11.48 31.00
N MET D 605 0.06 10.37 30.88
CA MET D 605 0.98 10.21 29.76
C MET D 605 0.26 9.82 28.48
N CYS D 606 -0.89 9.14 28.59
CA CYS D 606 -1.68 8.79 27.42
C CYS D 606 -2.34 9.98 26.75
N VAL D 607 -2.46 11.10 27.46
CA VAL D 607 -3.26 12.21 26.95
C VAL D 607 -2.72 12.73 25.64
N ASN D 608 -1.40 12.75 25.48
CA ASN D 608 -0.79 13.29 24.27
C ASN D 608 -0.71 12.27 23.15
N LEU D 609 -1.14 11.05 23.35
CA LEU D 609 -1.10 10.05 22.30
C LEU D 609 -2.36 10.05 21.44
N CYS D 610 -3.33 10.89 21.74
CA CYS D 610 -4.56 10.89 20.96
C CYS D 610 -4.50 11.99 19.92
N PRO D 611 -4.57 11.66 18.63
CA PRO D 611 -4.63 12.70 17.62
C PRO D 611 -5.87 13.55 17.71
N TYR D 612 -6.95 13.01 18.26
CA TYR D 612 -8.24 13.67 18.29
C TYR D 612 -8.54 14.36 19.62
N SER D 613 -7.59 14.34 20.55
CA SER D 613 -7.73 14.99 21.85
C SER D 613 -8.93 14.46 22.61
N ALA D 614 -9.19 13.17 22.49
CA ALA D 614 -10.30 12.56 23.19
C ALA D 614 -9.99 12.27 24.64
N LEU D 615 -8.74 12.34 25.06
CA LEU D 615 -8.31 11.98 26.40
C LEU D 615 -7.99 13.23 27.20
N SER D 616 -8.30 13.19 28.48
CA SER D 616 -7.99 14.28 29.39
C SER D 616 -7.97 13.74 30.80
N LEU D 617 -7.37 14.51 31.70
CA LEU D 617 -7.31 14.15 33.11
C LEU D 617 -8.43 14.87 33.85
N GLY D 618 -9.19 14.11 34.63
CA GLY D 618 -10.31 14.66 35.34
C GLY D 618 -10.44 14.06 36.73
N GLU D 619 -11.33 14.66 37.51
CA GLU D 619 -11.54 14.29 38.90
C GLU D 619 -12.68 13.29 38.98
N LYS D 620 -12.41 12.10 39.50
CA LYS D 620 -13.47 11.17 39.84
C LYS D 620 -13.15 10.52 41.17
N ASN D 621 -13.99 10.76 42.17
CA ASN D 621 -13.84 10.20 43.52
C ASN D 621 -12.51 10.64 44.14
N GLY D 622 -12.16 11.91 43.96
CA GLY D 622 -10.95 12.44 44.54
C GLY D 622 -9.71 12.10 43.75
N ARG D 623 -9.64 10.87 43.26
CA ARG D 623 -8.53 10.46 42.42
C ARG D 623 -8.57 11.18 41.09
N THR D 624 -7.40 11.61 40.61
CA THR D 624 -7.28 12.14 39.26
C THR D 624 -7.11 10.97 38.31
N VAL D 625 -8.10 10.74 37.46
CA VAL D 625 -8.03 9.66 36.49
C VAL D 625 -8.25 10.23 35.10
N MET D 626 -8.12 9.39 34.08
CA MET D 626 -8.28 9.82 32.71
C MET D 626 -9.75 9.72 32.29
N VAL D 627 -10.17 10.63 31.42
CA VAL D 627 -11.55 10.71 30.95
C VAL D 627 -11.56 10.64 29.43
N VAL D 628 -12.35 9.73 28.88
CA VAL D 628 -12.49 9.59 27.43
C VAL D 628 -13.76 10.31 27.00
N THR D 629 -13.62 11.23 26.04
CA THR D 629 -14.79 11.74 25.32
C THR D 629 -15.14 10.72 24.25
N GLU D 630 -16.09 9.85 24.59
CA GLU D 630 -16.40 8.71 23.76
C GLU D 630 -16.88 9.12 22.38
N ALA D 631 -17.40 10.34 22.24
CA ALA D 631 -17.76 10.83 20.91
C ALA D 631 -16.52 11.12 20.08
N LYS D 632 -15.50 11.70 20.69
CA LYS D 632 -14.28 12.06 19.96
C LYS D 632 -13.39 10.87 19.68
N CYS D 633 -13.45 9.83 20.50
CA CYS D 633 -12.62 8.66 20.24
C CYS D 633 -12.99 8.02 18.91
N LYS D 634 -12.00 7.49 18.22
CA LYS D 634 -12.21 6.83 16.93
C LYS D 634 -11.86 5.36 16.94
N GLY D 635 -11.34 4.83 18.02
CA GLY D 635 -11.09 3.41 18.12
C GLY D 635 -9.77 2.94 17.59
N CYS D 636 -8.81 3.84 17.37
CA CYS D 636 -7.51 3.44 16.84
C CYS D 636 -6.80 2.47 17.76
N GLY D 637 -6.76 2.78 19.05
CA GLY D 637 -6.13 1.93 20.03
C GLY D 637 -4.76 2.35 20.48
N THR D 638 -4.27 3.51 20.06
CA THR D 638 -2.94 3.92 20.45
C THR D 638 -2.80 4.06 21.95
N CYS D 639 -3.75 4.74 22.58
CA CYS D 639 -3.70 4.94 24.02
C CYS D 639 -3.74 3.61 24.76
N GLY D 640 -4.63 2.71 24.35
CA GLY D 640 -4.76 1.44 25.02
C GLY D 640 -3.62 0.49 24.76
N GLY D 641 -2.91 0.67 23.65
CA GLY D 641 -1.68 -0.04 23.45
C GLY D 641 -0.51 0.55 24.19
N PHE D 642 -0.65 1.80 24.64
CA PHE D 642 0.40 2.41 25.44
C PHE D 642 0.28 2.07 26.92
N CYS D 643 -0.87 2.37 27.53
CA CYS D 643 -1.03 2.38 28.98
C CYS D 643 -0.40 1.16 29.66
N PRO D 644 0.67 1.35 30.48
CA PRO D 644 1.38 0.23 31.06
C PRO D 644 0.52 -0.57 32.03
N GLY D 645 -0.39 0.07 32.76
CA GLY D 645 -1.18 -0.61 33.75
C GLY D 645 -2.40 -1.32 33.23
N GLY D 646 -2.69 -1.21 31.94
CA GLY D 646 -3.88 -1.82 31.39
C GLY D 646 -5.16 -1.17 31.87
N ALA D 647 -5.15 0.14 32.04
CA ALA D 647 -6.30 0.87 32.53
C ALA D 647 -7.17 1.41 31.41
N ILE D 648 -6.82 1.16 30.16
CA ILE D 648 -7.62 1.54 29.02
C ILE D 648 -8.11 0.27 28.33
N LYS D 649 -9.42 0.12 28.16
CA LYS D 649 -10.02 -1.04 27.47
C LYS D 649 -10.53 -0.66 26.09
N MET D 650 -10.11 -1.39 25.05
CA MET D 650 -10.58 -1.15 23.67
C MET D 650 -11.78 -2.06 23.51
N GLN D 651 -12.92 -1.52 23.13
CA GLN D 651 -14.18 -2.30 23.24
C GLN D 651 -14.31 -3.59 22.43
N HIS D 652 -13.90 -3.67 21.19
CA HIS D 652 -14.08 -4.98 20.50
C HIS D 652 -12.74 -5.65 20.28
N PHE D 653 -11.65 -4.99 20.64
CA PHE D 653 -10.28 -5.49 20.46
C PHE D 653 -9.57 -5.32 21.79
N THR D 654 -10.05 -5.94 22.85
CA THR D 654 -9.49 -5.86 24.21
C THR D 654 -8.23 -6.69 24.28
N THR D 655 -7.32 -6.37 25.20
CA THR D 655 -6.08 -7.16 25.36
C THR D 655 -6.45 -8.61 25.64
N PRO D 656 -7.34 -8.98 26.60
CA PRO D 656 -7.64 -10.41 26.76
C PRO D 656 -8.05 -11.08 25.46
N GLN D 657 -8.79 -10.39 24.59
CA GLN D 657 -9.21 -10.99 23.33
C GLN D 657 -8.03 -11.21 22.39
N ILE D 658 -7.18 -10.19 22.22
CA ILE D 658 -6.05 -10.33 21.33
C ILE D 658 -5.07 -11.37 21.85
N VAL D 659 -4.83 -11.39 23.16
CA VAL D 659 -3.92 -12.37 23.73
C VAL D 659 -4.52 -13.77 23.65
N ALA D 660 -5.83 -13.90 23.73
CA ALA D 660 -6.46 -15.20 23.51
C ALA D 660 -6.25 -15.67 22.08
N GLN D 661 -6.29 -14.74 21.12
CA GLN D 661 -6.00 -15.12 19.74
C GLN D 661 -4.57 -15.61 19.59
N ILE D 662 -3.61 -14.91 20.20
CA ILE D 662 -2.21 -15.33 20.14
C ILE D 662 -2.04 -16.71 20.77
N ASP D 663 -2.63 -16.90 21.95
CA ASP D 663 -2.52 -18.17 22.65
C ASP D 663 -3.12 -19.30 21.83
N ALA D 664 -4.26 -19.05 21.18
CA ALA D 664 -4.89 -20.07 20.36
C ALA D 664 -4.04 -20.39 19.14
N PHE D 665 -3.35 -19.40 18.58
CA PHE D 665 -2.45 -19.69 17.49
C PHE D 665 -1.35 -20.64 17.93
N PHE D 666 -0.81 -20.44 19.11
CA PHE D 666 0.27 -21.33 19.53
C PHE D 666 -0.21 -22.61 20.16
N ALA D 667 -1.51 -22.75 20.42
CA ALA D 667 -2.04 -24.03 20.85
C ALA D 667 -1.86 -25.08 19.75
N GLY D 668 -1.49 -26.29 20.14
CA GLY D 668 -1.27 -27.36 19.19
C GLY D 668 -2.14 -28.58 19.44
N ASP E 4 9.81 -32.10 10.08
CA ASP E 4 9.31 -32.09 11.46
C ASP E 4 9.08 -30.67 11.95
N TRP E 5 9.78 -29.70 11.35
CA TRP E 5 9.70 -28.31 11.77
C TRP E 5 9.10 -27.47 10.65
N LYS E 6 8.07 -26.71 10.99
CA LYS E 6 7.49 -25.69 10.14
C LYS E 6 7.51 -24.35 10.87
N PRO E 7 7.99 -23.28 10.24
CA PRO E 7 8.05 -22.00 10.93
C PRO E 7 6.67 -21.56 11.40
N GLN E 8 6.62 -20.94 12.56
CA GLN E 8 5.41 -20.36 13.13
C GLN E 8 5.56 -18.85 13.10
N ILE E 9 5.03 -18.22 12.07
CA ILE E 9 5.11 -16.78 11.91
C ILE E 9 3.75 -16.19 12.17
N LEU E 10 3.71 -15.11 12.95
CA LEU E 10 2.48 -14.44 13.33
C LEU E 10 2.54 -13.01 12.80
N ALA E 11 1.47 -12.58 12.14
CA ALA E 11 1.39 -11.23 11.62
C ALA E 11 0.27 -10.48 12.33
N ILE E 12 0.48 -9.20 12.56
CA ILE E 12 -0.51 -8.33 13.18
C ILE E 12 -0.67 -7.15 12.22
N ILE E 13 -1.72 -7.17 11.42
CA ILE E 13 -1.86 -6.25 10.31
C ILE E 13 -3.02 -5.31 10.58
N CYS E 14 -2.83 -4.04 10.26
CA CYS E 14 -3.89 -3.07 10.46
C CYS E 14 -5.02 -3.33 9.48
N ASN E 15 -6.19 -2.78 9.81
CA ASN E 15 -7.38 -3.03 9.02
C ASN E 15 -7.42 -2.23 7.73
N TRP E 16 -6.78 -1.07 7.70
CA TRP E 16 -7.07 -0.10 6.65
C TRP E 16 -6.05 -0.10 5.52
N CYS E 17 -4.85 -0.63 5.73
CA CYS E 17 -3.95 -0.76 4.59
C CYS E 17 -3.37 -2.16 4.45
N SER E 18 -3.00 -2.81 5.54
CA SER E 18 -2.37 -4.11 5.38
C SER E 18 -3.40 -5.20 5.17
N TYR E 19 -4.53 -5.14 5.87
CA TYR E 19 -5.59 -6.10 5.59
C TYR E 19 -6.15 -5.89 4.19
N ALA E 20 -6.29 -4.63 3.78
CA ALA E 20 -6.74 -4.35 2.43
C ALA E 20 -5.75 -4.84 1.40
N GLY E 21 -4.45 -4.69 1.67
CA GLY E 21 -3.44 -5.17 0.74
C GLY E 21 -3.42 -6.68 0.64
N ALA E 22 -3.54 -7.38 1.78
CA ALA E 22 -3.61 -8.83 1.75
C ALA E 22 -4.85 -9.30 1.00
N ASP E 23 -5.98 -8.62 1.23
CA ASP E 23 -7.21 -8.96 0.52
C ASP E 23 -7.06 -8.73 -0.97
N LEU E 24 -6.41 -7.64 -1.36
CA LEU E 24 -6.18 -7.36 -2.77
C LEU E 24 -5.28 -8.42 -3.40
N ALA E 25 -4.24 -8.86 -2.68
CA ALA E 25 -3.39 -9.92 -3.20
C ALA E 25 -4.19 -11.20 -3.41
N GLY E 26 -5.03 -11.54 -2.44
CA GLY E 26 -5.89 -12.70 -2.62
C GLY E 26 -6.82 -12.55 -3.80
N GLY E 27 -7.44 -11.39 -3.96
CA GLY E 27 -8.33 -11.17 -5.08
C GLY E 27 -7.63 -11.29 -6.41
N ALA E 28 -6.41 -10.75 -6.50
CA ALA E 28 -5.59 -10.84 -7.69
C ALA E 28 -4.94 -12.20 -7.87
N ARG E 29 -5.11 -13.11 -6.92
CA ARG E 29 -4.64 -14.49 -7.03
C ARG E 29 -3.12 -14.57 -7.04
N ILE E 30 -2.49 -13.82 -6.17
CA ILE E 30 -1.04 -13.85 -6.00
C ILE E 30 -0.72 -14.95 -5.00
N GLN E 31 0.01 -15.96 -5.44
CA GLN E 31 0.31 -17.10 -4.58
C GLN E 31 1.50 -16.80 -3.69
N TYR E 32 1.49 -17.38 -2.50
CA TYR E 32 2.63 -17.33 -1.60
C TYR E 32 2.49 -18.47 -0.60
N PRO E 33 3.57 -18.84 0.09
CA PRO E 33 3.51 -20.02 0.96
C PRO E 33 2.61 -19.80 2.16
N PRO E 34 1.97 -20.85 2.65
CA PRO E 34 1.01 -20.73 3.77
C PRO E 34 1.65 -20.84 5.15
N THR E 35 2.50 -19.89 5.49
CA THR E 35 3.22 -19.96 6.76
C THR E 35 2.84 -18.88 7.76
N VAL E 36 2.23 -17.79 7.31
CA VAL E 36 1.92 -16.65 8.17
C VAL E 36 0.43 -16.64 8.47
N ARG E 37 0.08 -16.42 9.74
CA ARG E 37 -1.30 -16.24 10.17
C ARG E 37 -1.45 -14.88 10.83
N ALA E 38 -2.53 -14.17 10.49
CA ALA E 38 -2.69 -12.77 10.84
C ALA E 38 -3.76 -12.57 11.92
N ILE E 39 -3.70 -11.40 12.57
CA ILE E 39 -4.54 -11.11 13.73
C ILE E 39 -5.55 -10.00 13.43
N ARG E 40 -5.19 -9.00 12.62
CA ARG E 40 -6.11 -7.93 12.26
C ARG E 40 -6.60 -7.04 13.39
N VAL E 41 -5.79 -6.07 13.80
CA VAL E 41 -6.20 -5.00 14.68
C VAL E 41 -6.60 -3.79 13.84
N MET E 42 -7.22 -2.78 14.45
CA MET E 42 -7.69 -1.63 13.68
C MET E 42 -6.54 -0.81 13.12
N CYS E 43 -5.68 -0.31 13.99
CA CYS E 43 -4.47 0.40 13.60
C CYS E 43 -3.29 -0.37 14.14
N THR E 44 -2.10 -0.08 13.63
CA THR E 44 -0.92 -0.63 14.28
C THR E 44 -0.56 0.11 15.55
N GLY E 45 -1.14 1.29 15.79
CA GLY E 45 -1.01 1.91 17.09
C GLY E 45 -1.56 1.06 18.21
N ARG E 46 -2.50 0.16 17.89
CA ARG E 46 -3.04 -0.72 18.91
C ARG E 46 -2.02 -1.73 19.39
N VAL E 47 -1.03 -2.04 18.57
CA VAL E 47 -0.11 -3.12 18.90
C VAL E 47 0.74 -2.69 20.09
N ASP E 48 0.49 -3.32 21.23
CA ASP E 48 1.29 -3.15 22.42
C ASP E 48 2.57 -3.97 22.31
N MET E 49 3.62 -3.53 23.01
CA MET E 49 4.84 -4.30 23.05
C MET E 49 4.63 -5.68 23.64
N LEU E 50 3.75 -5.77 24.64
CA LEU E 50 3.53 -7.04 25.30
C LEU E 50 2.90 -8.06 24.36
N PHE E 51 2.21 -7.63 23.31
CA PHE E 51 1.72 -8.57 22.30
C PHE E 51 2.89 -9.26 21.61
N ILE E 52 3.86 -8.48 21.15
CA ILE E 52 5.02 -9.03 20.46
C ILE E 52 5.81 -9.93 21.38
N LEU E 53 6.05 -9.47 22.60
CA LEU E 53 6.84 -10.26 23.53
C LEU E 53 6.13 -11.53 23.94
N LYS E 54 4.81 -11.47 24.10
CA LYS E 54 4.03 -12.66 24.38
C LYS E 54 4.10 -13.66 23.25
N ALA E 55 4.03 -13.18 22.00
CA ALA E 55 4.19 -14.08 20.86
C ALA E 55 5.56 -14.76 20.90
N PHE E 56 6.61 -13.97 21.10
CA PHE E 56 7.95 -14.52 21.06
C PHE E 56 8.21 -15.48 22.22
N VAL E 57 7.56 -15.27 23.36
CA VAL E 57 7.77 -16.18 24.48
C VAL E 57 6.87 -17.40 24.37
N GLU E 58 5.74 -17.32 23.69
CA GLU E 58 5.00 -18.54 23.38
C GLU E 58 5.68 -19.37 22.31
N GLY E 59 6.52 -18.76 21.49
CA GLY E 59 7.31 -19.57 20.60
C GLY E 59 7.22 -19.18 19.14
N ALA E 60 6.82 -17.95 18.86
CA ALA E 60 6.83 -17.49 17.47
C ALA E 60 8.25 -17.53 16.94
N ASP E 61 8.45 -18.31 15.88
CA ASP E 61 9.73 -18.27 15.19
C ASP E 61 9.94 -16.91 14.54
N GLY E 62 8.87 -16.23 14.17
CA GLY E 62 8.97 -14.87 13.68
C GLY E 62 7.69 -14.14 13.97
N VAL E 63 7.78 -12.82 13.97
CA VAL E 63 6.64 -11.94 14.18
C VAL E 63 6.73 -10.83 13.15
N LEU E 64 5.62 -10.54 12.50
CA LEU E 64 5.54 -9.48 11.52
C LEU E 64 4.43 -8.53 11.91
N VAL E 65 4.68 -7.23 11.80
CA VAL E 65 3.69 -6.20 12.07
C VAL E 65 3.60 -5.33 10.83
N SER E 66 2.43 -5.27 10.22
CA SER E 66 2.29 -4.58 8.95
C SER E 66 1.27 -3.46 9.09
N GLY E 67 1.62 -2.28 8.60
CA GLY E 67 0.73 -1.15 8.71
C GLY E 67 0.79 -0.19 7.55
N CYS E 68 0.21 0.98 7.72
CA CYS E 68 0.11 1.97 6.66
C CYS E 68 1.43 2.70 6.51
N HIS E 69 1.66 3.28 5.34
CA HIS E 69 2.84 4.09 5.15
C HIS E 69 2.78 5.32 6.04
N PHE E 70 3.95 5.88 6.31
CA PHE E 70 4.00 7.10 7.10
C PHE E 70 3.25 8.20 6.38
N GLY E 71 2.33 8.85 7.07
CA GLY E 71 1.47 9.84 6.47
C GLY E 71 0.19 9.31 5.91
N ASP E 72 -0.01 7.99 5.90
CA ASP E 72 -1.21 7.38 5.35
C ASP E 72 -1.97 6.56 6.37
N CYS E 73 -1.77 6.80 7.66
CA CYS E 73 -2.56 6.11 8.67
C CYS E 73 -4.00 6.59 8.61
N HIS E 74 -4.94 5.66 8.75
CA HIS E 74 -6.34 6.05 8.80
C HIS E 74 -6.61 6.97 9.97
N TYR E 75 -6.04 6.64 11.12
CA TYR E 75 -6.05 7.51 12.28
C TYR E 75 -4.75 8.29 12.30
N LEU E 76 -4.84 9.60 12.19
CA LEU E 76 -3.82 10.44 11.58
C LEU E 76 -2.38 10.02 11.83
N GLU E 77 -2.06 9.56 13.03
CA GLU E 77 -0.65 9.33 13.35
C GLU E 77 -0.43 8.08 14.18
N GLY E 78 -1.26 7.07 14.02
CA GLY E 78 -1.13 5.92 14.87
C GLY E 78 -0.01 4.97 14.52
N ASN E 79 0.62 5.12 13.36
CA ASN E 79 1.69 4.20 13.03
C ASN E 79 3.06 4.76 13.36
N TYR E 80 3.16 6.06 13.66
CA TYR E 80 4.38 6.59 14.25
C TYR E 80 4.62 5.98 15.62
N LYS E 81 3.56 5.88 16.43
CA LYS E 81 3.67 5.25 17.73
C LYS E 81 4.09 3.80 17.58
N ALA E 82 3.51 3.08 16.62
CA ALA E 82 3.89 1.70 16.39
C ALA E 82 5.34 1.59 15.94
N ALA E 83 5.79 2.51 15.08
CA ALA E 83 7.16 2.46 14.61
C ALA E 83 8.15 2.65 15.74
N LYS E 84 7.90 3.64 16.62
CA LYS E 84 8.77 3.80 17.77
C LYS E 84 8.76 2.58 18.66
N ARG E 85 7.58 2.01 18.89
CA ARG E 85 7.49 0.82 19.73
C ARG E 85 8.29 -0.32 19.12
N MET E 86 8.21 -0.52 17.81
CA MET E 86 8.92 -1.64 17.20
C MET E 86 10.41 -1.42 17.10
N PHE E 87 10.86 -0.17 16.96
CA PHE E 87 12.29 0.09 17.08
C PHE E 87 12.79 -0.33 18.46
N MET E 88 12.06 0.07 19.51
CA MET E 88 12.44 -0.35 20.84
C MET E 88 12.37 -1.87 21.03
N ILE E 89 11.40 -2.53 20.39
CA ILE E 89 11.33 -3.99 20.50
C ILE E 89 12.52 -4.65 19.83
N LYS E 90 12.95 -4.10 18.69
CA LYS E 90 14.16 -4.61 18.01
C LYS E 90 15.35 -4.53 18.96
N ASN E 91 15.51 -3.41 19.66
CA ASN E 91 16.60 -3.24 20.63
C ASN E 91 16.51 -4.25 21.78
N LEU E 92 15.34 -4.49 22.34
CA LEU E 92 15.17 -5.42 23.47
C LEU E 92 15.55 -6.83 23.03
N LEU E 93 15.12 -7.27 21.87
CA LEU E 93 15.36 -8.67 21.44
C LEU E 93 16.85 -8.87 21.19
N ARG E 94 17.53 -7.86 20.65
CA ARG E 94 19.00 -7.92 20.43
C ARG E 94 19.72 -8.06 21.76
N ASN E 95 19.27 -7.38 22.81
CA ASN E 95 19.95 -7.35 24.13
C ASN E 95 19.51 -8.47 25.05
N ILE E 96 18.49 -9.22 24.70
CA ILE E 96 18.14 -10.41 25.51
C ILE E 96 18.77 -11.57 24.77
N GLY E 97 19.43 -11.29 23.67
CA GLY E 97 20.14 -12.34 22.92
C GLY E 97 19.28 -13.14 21.97
N LEU E 98 18.07 -12.72 21.66
CA LEU E 98 17.29 -13.44 20.63
C LEU E 98 17.63 -12.71 19.35
N ASP E 99 17.51 -13.39 18.23
CA ASP E 99 17.89 -12.83 16.94
C ASP E 99 16.85 -11.79 16.51
N ASP E 100 17.23 -10.52 16.42
CA ASP E 100 16.27 -9.42 16.16
C ASP E 100 15.69 -9.45 14.76
N ARG E 101 16.33 -10.11 13.80
CA ARG E 101 15.70 -10.31 12.50
C ARG E 101 14.55 -11.32 12.53
N ARG E 102 14.21 -11.91 13.67
CA ARG E 102 12.93 -12.61 13.73
C ARG E 102 11.73 -11.67 13.72
N PHE E 103 11.96 -10.37 13.85
CA PHE E 103 10.89 -9.39 13.92
C PHE E 103 11.12 -8.31 12.89
N ARG E 104 10.05 -7.88 12.22
CA ARG E 104 10.15 -6.74 11.32
C ARG E 104 8.79 -6.07 11.22
N MET E 105 8.80 -4.82 10.76
CA MET E 105 7.57 -4.07 10.55
C MET E 105 7.59 -3.53 9.12
N THR E 106 6.62 -3.93 8.32
CA THR E 106 6.52 -3.51 6.95
C THR E 106 5.37 -2.52 6.78
N PHE E 107 5.52 -1.61 5.84
CA PHE E 107 4.50 -0.63 5.53
C PHE E 107 3.92 -0.98 4.17
N VAL E 108 2.71 -1.51 4.16
CA VAL E 108 2.03 -1.98 2.97
C VAL E 108 0.78 -1.15 2.77
N SER E 109 0.64 -0.55 1.59
CA SER E 109 -0.53 0.27 1.32
C SER E 109 -1.70 -0.61 0.90
N ALA E 110 -2.86 0.01 0.72
CA ALA E 110 -4.06 -0.74 0.39
C ALA E 110 -4.01 -1.31 -1.02
N SER E 111 -3.17 -0.77 -1.90
CA SER E 111 -3.10 -1.20 -3.28
C SER E 111 -1.91 -2.10 -3.59
N GLU E 112 -1.09 -2.44 -2.60
CA GLU E 112 0.13 -3.20 -2.84
C GLU E 112 -0.06 -4.67 -2.50
N GLY E 113 -0.91 -5.32 -3.29
CA GLY E 113 -1.07 -6.77 -3.13
C GLY E 113 0.19 -7.53 -3.55
N ALA E 114 0.85 -7.06 -4.60
CA ALA E 114 2.10 -7.68 -5.02
C ALA E 114 3.16 -7.54 -3.95
N LYS E 115 3.28 -6.35 -3.36
CA LYS E 115 4.23 -6.15 -2.28
C LYS E 115 3.88 -6.98 -1.07
N TRP E 116 2.59 -7.18 -0.78
CA TRP E 116 2.23 -8.08 0.30
C TRP E 116 2.70 -9.50 0.03
N GLY E 117 2.53 -9.97 -1.20
CA GLY E 117 3.03 -11.30 -1.55
C GLY E 117 4.54 -11.40 -1.40
N MET E 118 5.26 -10.36 -1.82
CA MET E 118 6.72 -10.39 -1.69
C MET E 118 7.15 -10.36 -0.23
N VAL E 119 6.45 -9.58 0.59
CA VAL E 119 6.73 -9.57 2.03
C VAL E 119 6.51 -10.95 2.63
N MET E 120 5.42 -11.61 2.24
CA MET E 120 5.17 -12.96 2.74
C MET E 120 6.31 -13.90 2.40
N GLU E 121 6.73 -13.88 1.13
CA GLU E 121 7.80 -14.75 0.70
C GLU E 121 9.10 -14.47 1.44
N ASP E 122 9.44 -13.19 1.60
CA ASP E 122 10.71 -12.85 2.23
C ASP E 122 10.71 -13.18 3.71
N VAL E 123 9.61 -12.93 4.41
CA VAL E 123 9.53 -13.31 5.82
C VAL E 123 9.69 -14.80 5.97
N THR E 124 9.00 -15.58 5.13
CA THR E 124 9.14 -17.03 5.22
C THR E 124 10.59 -17.46 4.99
N ASN E 125 11.24 -16.89 3.98
CA ASN E 125 12.62 -17.27 3.68
C ASN E 125 13.56 -16.93 4.83
N THR E 126 13.41 -15.73 5.39
CA THR E 126 14.30 -15.31 6.47
C THR E 126 14.15 -16.20 7.69
N ILE E 127 12.91 -16.51 8.07
CA ILE E 127 12.72 -17.37 9.23
C ILE E 127 13.22 -18.77 8.96
N LYS E 128 13.05 -19.27 7.73
CA LYS E 128 13.59 -20.59 7.43
C LYS E 128 15.11 -20.62 7.55
N GLU E 129 15.78 -19.57 7.09
CA GLU E 129 17.23 -19.48 7.29
C GLU E 129 17.57 -19.45 8.77
N LEU E 130 16.84 -18.66 9.56
CA LEU E 130 17.17 -18.50 10.97
C LEU E 130 17.01 -19.79 11.75
N GLY E 131 15.95 -20.53 11.51
CA GLY E 131 15.74 -21.78 12.20
C GLY E 131 14.80 -21.65 13.38
N PRO E 132 14.60 -22.74 14.11
CA PRO E 132 13.67 -22.71 15.24
C PRO E 132 14.13 -21.75 16.32
N SER E 133 13.18 -21.12 16.97
CA SER E 133 13.48 -20.16 18.01
C SER E 133 14.11 -20.87 19.20
N PRO E 134 15.00 -20.21 19.95
CA PRO E 134 15.65 -20.88 21.08
C PRO E 134 14.81 -20.93 22.35
N ILE E 135 13.76 -20.13 22.48
CA ILE E 135 12.97 -20.11 23.70
C ILE E 135 12.35 -21.48 23.95
N LYS E 136 11.93 -22.15 22.88
CA LYS E 136 11.19 -23.40 23.01
C LYS E 136 12.02 -24.47 23.68
N GLU E 137 13.34 -24.42 23.53
CA GLU E 137 14.18 -25.37 24.26
C GLU E 137 14.76 -24.76 25.52
N PHE E 138 14.88 -23.44 25.60
CA PHE E 138 15.45 -22.85 26.80
C PHE E 138 14.49 -22.97 27.97
N LYS E 139 13.19 -23.00 27.70
CA LYS E 139 12.21 -23.15 28.77
C LYS E 139 12.41 -24.45 29.55
N LYS E 140 12.20 -25.58 28.88
CA LYS E 140 12.26 -26.90 29.52
C LYS E 140 11.39 -26.96 30.77
N ALA F 2 24.45 31.86 45.71
CA ALA F 2 23.70 33.09 45.85
C ALA F 2 22.90 33.39 44.59
N ALA F 3 23.34 32.87 43.43
CA ALA F 3 22.53 32.99 42.22
C ALA F 3 22.89 31.84 41.27
N LYS F 4 22.12 30.75 41.37
CA LYS F 4 21.93 29.79 40.28
C LYS F 4 23.19 29.54 39.44
N GLY F 5 24.23 29.00 40.04
CA GLY F 5 25.44 28.70 39.30
C GLY F 5 26.66 29.02 40.12
N ASP F 6 26.46 29.79 41.19
CA ASP F 6 27.54 30.08 42.11
C ASP F 6 28.06 28.81 42.74
N MET F 7 29.37 28.76 42.94
CA MET F 7 30.02 27.68 43.66
C MET F 7 30.64 28.26 44.92
N LEU F 8 30.27 27.70 46.08
CA LEU F 8 30.54 28.32 47.36
C LEU F 8 31.12 27.31 48.33
N TYR F 9 31.79 27.84 49.35
CA TYR F 9 32.11 27.09 50.56
C TYR F 9 31.09 27.47 51.62
N ALA F 10 30.54 26.47 52.30
CA ALA F 10 29.51 26.71 53.28
C ALA F 10 29.74 25.86 54.51
N TRP F 11 29.60 26.46 55.68
CA TRP F 11 29.66 25.72 56.93
C TRP F 11 28.64 26.33 57.88
N ALA F 12 28.30 25.57 58.91
CA ALA F 12 27.26 25.98 59.84
C ALA F 12 27.80 26.97 60.87
N LYS F 13 27.00 28.00 61.17
CA LYS F 13 27.33 28.90 62.27
C LYS F 13 27.32 28.18 63.61
N ASP F 14 26.36 27.27 63.82
CA ASP F 14 26.29 26.52 65.06
C ASP F 14 27.42 25.51 65.13
N ALA F 15 28.22 25.59 66.19
CA ALA F 15 29.44 24.79 66.27
C ALA F 15 29.11 23.31 66.39
N GLU F 16 28.01 22.98 67.06
CA GLU F 16 27.67 21.57 67.21
C GLU F 16 27.19 20.98 65.89
N ILE F 17 26.39 21.75 65.14
CA ILE F 17 25.97 21.30 63.82
C ILE F 17 27.19 21.14 62.93
N GLN F 18 28.17 22.03 63.08
CA GLN F 18 29.34 22.00 62.22
C GLN F 18 30.27 20.85 62.60
N LYS F 19 30.28 20.44 63.86
CA LYS F 19 31.02 19.24 64.25
C LYS F 19 30.35 17.99 63.71
N LYS F 20 29.04 17.84 63.92
CA LYS F 20 28.39 16.60 63.51
C LYS F 20 28.20 16.51 62.00
N GLY F 21 28.41 17.57 61.25
CA GLY F 21 28.32 17.38 59.81
C GLY F 21 29.47 16.54 59.33
N GLU F 22 29.30 15.79 58.25
CA GLU F 22 30.40 15.01 57.65
C GLU F 22 31.43 16.02 57.20
N CYS F 23 31.00 17.14 56.65
CA CYS F 23 31.94 18.22 56.26
C CYS F 23 31.66 19.44 57.14
N GLY F 24 30.97 20.45 56.61
CA GLY F 24 30.73 21.70 57.35
C GLY F 24 29.36 21.82 57.94
N GLY F 25 28.48 20.85 57.77
CA GLY F 25 27.13 20.87 58.32
C GLY F 25 26.16 21.72 57.52
N ALA F 26 26.49 22.09 56.30
CA ALA F 26 25.63 22.98 55.50
C ALA F 26 24.33 22.29 55.10
N VAL F 27 24.32 21.01 54.81
CA VAL F 27 23.02 20.34 54.53
C VAL F 27 22.13 20.38 55.77
N THR F 28 22.67 20.20 56.97
CA THR F 28 21.85 20.19 58.19
C THR F 28 21.53 21.62 58.62
N ALA F 29 22.35 22.62 58.29
CA ALA F 29 21.96 23.99 58.58
C ALA F 29 20.88 24.47 57.63
N LEU F 30 20.99 24.13 56.35
CA LEU F 30 19.96 24.52 55.40
C LEU F 30 18.62 23.87 55.73
N LEU F 31 18.62 22.58 56.05
CA LEU F 31 17.38 21.85 56.38
C LEU F 31 16.77 22.44 57.65
N LYS F 32 17.58 22.71 58.66
CA LYS F 32 17.09 23.30 59.91
C LYS F 32 16.50 24.68 59.66
N HIS F 33 17.17 25.49 58.84
CA HIS F 33 16.65 26.81 58.56
C HIS F 33 15.33 26.73 57.83
N ALA F 34 15.25 25.90 56.80
CA ALA F 34 13.99 25.80 56.06
C ALA F 34 12.85 25.41 56.97
N LEU F 35 13.08 24.41 57.82
CA LEU F 35 12.06 23.97 58.75
C LEU F 35 11.63 25.09 59.70
N GLU F 36 12.60 25.76 60.32
CA GLU F 36 12.25 26.71 61.36
C GLU F 36 11.82 28.08 60.84
N THR F 37 12.09 28.41 59.57
CA THR F 37 11.54 29.61 58.97
C THR F 37 10.29 29.33 58.17
N LYS F 38 9.91 28.06 58.06
CA LYS F 38 8.62 27.64 57.52
C LYS F 38 8.54 27.79 56.01
N MET F 39 9.67 27.63 55.32
CA MET F 39 9.59 27.28 53.91
C MET F 39 8.94 25.93 53.71
N VAL F 40 9.25 24.96 54.56
CA VAL F 40 8.77 23.60 54.38
C VAL F 40 8.04 23.15 55.63
N ASP F 41 7.13 22.20 55.46
CA ASP F 41 6.36 21.68 56.57
C ASP F 41 6.96 20.43 57.18
N ALA F 42 7.88 19.77 56.49
CA ALA F 42 8.57 18.61 57.02
C ALA F 42 9.91 18.49 56.33
N VAL F 43 10.71 17.53 56.78
CA VAL F 43 12.04 17.29 56.25
C VAL F 43 12.28 15.80 56.25
N VAL F 44 12.62 15.25 55.09
CA VAL F 44 12.82 13.81 54.95
C VAL F 44 14.32 13.57 54.81
N ALA F 45 14.94 13.11 55.88
CA ALA F 45 16.40 12.89 55.88
C ALA F 45 16.70 11.50 56.40
N ILE F 46 17.98 11.13 56.40
CA ILE F 46 18.39 9.79 56.89
C ILE F 46 19.07 9.96 58.24
N LYS F 47 18.68 9.15 59.18
CA LYS F 47 19.33 9.10 60.48
C LYS F 47 19.72 7.66 60.77
N LYS F 48 20.69 7.50 61.66
CA LYS F 48 21.03 6.16 62.12
C LYS F 48 20.00 5.69 63.12
N GLY F 49 19.49 4.49 62.94
CA GLY F 49 18.53 3.96 63.89
C GLY F 49 19.25 3.16 64.97
N LYS F 50 20.43 2.70 64.63
CA LYS F 50 21.24 1.78 65.42
C LYS F 50 22.69 2.10 65.09
N ASP F 51 23.56 1.11 65.18
CA ASP F 51 24.93 1.25 64.69
C ASP F 51 24.94 1.94 63.33
N LEU F 52 26.04 2.63 62.99
CA LEU F 52 26.09 3.44 61.79
C LEU F 52 25.85 2.65 60.52
N TYR F 53 25.65 1.35 60.60
CA TYR F 53 25.33 0.58 59.42
C TYR F 53 23.85 0.56 59.11
N ASP F 54 23.03 1.12 59.99
CA ASP F 54 21.58 1.12 59.86
C ASP F 54 21.16 2.54 59.51
N ALA F 55 20.63 2.72 58.31
CA ALA F 55 20.14 4.02 57.86
C ALA F 55 18.63 3.95 57.78
N VAL F 56 17.96 4.85 58.49
CA VAL F 56 16.52 4.86 58.63
C VAL F 56 16.00 6.19 58.11
N PRO F 57 15.11 6.22 57.13
CA PRO F 57 14.54 7.49 56.69
C PRO F 57 13.62 8.05 57.76
N THR F 58 13.52 9.37 57.79
CA THR F 58 12.82 10.03 58.89
C THR F 58 12.16 11.30 58.39
N VAL F 59 10.86 11.43 58.67
CA VAL F 59 10.15 12.68 58.46
C VAL F 59 10.23 13.46 59.76
N ILE F 60 10.76 14.67 59.70
CA ILE F 60 11.04 15.47 60.89
C ILE F 60 10.27 16.77 60.79
N THR F 61 9.49 17.07 61.82
CA THR F 61 8.78 18.33 61.89
C THR F 61 9.27 19.23 63.02
N ASN F 62 9.81 18.65 64.08
CA ASN F 62 10.43 19.43 65.14
C ASN F 62 11.81 19.88 64.68
N PRO F 63 12.07 21.19 64.57
CA PRO F 63 13.41 21.64 64.16
C PRO F 63 14.52 21.20 65.09
N GLU F 64 14.20 20.59 66.22
CA GLU F 64 15.17 20.18 67.22
C GLU F 64 15.77 18.81 66.92
N ASP F 65 15.32 18.13 65.87
CA ASP F 65 15.69 16.75 65.62
C ASP F 65 16.57 16.58 64.40
N ILE F 66 17.01 17.66 63.77
CA ILE F 66 17.83 17.53 62.57
C ILE F 66 19.32 17.40 62.90
N ILE F 67 19.72 17.80 64.10
CA ILE F 67 21.06 17.49 64.57
C ILE F 67 21.26 15.99 64.64
N GLN F 68 20.19 15.21 64.78
CA GLN F 68 20.30 13.77 64.76
C GLN F 68 20.48 13.22 63.35
N THR F 69 20.12 14.01 62.34
CA THR F 69 20.20 13.59 60.93
C THR F 69 21.57 13.94 60.38
N ALA F 70 22.38 14.68 61.13
CA ALA F 70 23.66 15.16 60.58
C ALA F 70 24.64 14.01 60.44
N GLY F 71 25.47 14.07 59.41
CA GLY F 71 26.43 13.00 59.11
C GLY F 71 25.95 12.22 57.93
N SER F 72 26.86 11.65 57.17
CA SER F 72 26.50 10.85 55.97
C SER F 72 26.71 9.37 56.26
N LEU F 73 25.72 8.56 55.95
CA LEU F 73 25.79 7.09 56.17
C LEU F 73 26.07 6.47 54.81
N HIS F 74 27.22 5.82 54.66
CA HIS F 74 27.63 5.29 53.35
C HIS F 74 27.01 3.92 53.19
N CYS F 75 26.42 3.41 54.25
CA CYS F 75 25.70 2.17 54.15
C CYS F 75 24.22 2.39 53.90
N GLY F 76 23.82 3.61 53.61
CA GLY F 76 22.42 3.93 53.31
C GLY F 76 22.15 3.73 51.86
N THR F 77 21.73 2.54 51.49
CA THR F 77 21.50 2.19 50.11
C THR F 77 20.04 2.33 49.73
N LEU F 78 19.29 3.16 50.42
CA LEU F 78 17.86 3.24 50.20
C LEU F 78 17.53 4.33 49.20
N LEU F 79 16.26 4.39 48.82
CA LEU F 79 15.78 5.33 47.82
C LEU F 79 14.56 6.01 48.40
N ILE F 80 14.60 7.34 48.49
CA ILE F 80 13.61 8.15 49.21
C ILE F 80 12.33 8.46 48.43
N PRO F 81 12.39 8.85 47.16
CA PRO F 81 11.19 9.40 46.52
C PRO F 81 10.01 8.44 46.46
N LYS F 82 10.25 7.14 46.32
CA LYS F 82 9.12 6.22 46.29
C LYS F 82 8.42 6.17 47.64
N LEU F 83 9.10 6.39 48.75
CA LEU F 83 8.45 6.46 50.09
C LEU F 83 7.56 7.70 50.21
N ILE F 84 7.96 8.83 49.65
CA ILE F 84 7.15 10.07 49.66
C ILE F 84 5.85 9.85 48.87
N LYS F 85 5.87 9.17 47.75
CA LYS F 85 4.62 8.87 47.01
C LYS F 85 3.72 7.95 47.82
N LYS F 86 4.24 6.86 48.38
CA LYS F 86 3.43 5.85 49.09
C LYS F 86 2.87 6.30 50.44
N TYR F 87 3.65 6.97 51.27
CA TYR F 87 3.21 7.29 52.65
C TYR F 87 3.14 8.80 52.97
N LEU F 88 3.43 9.67 52.02
CA LEU F 88 3.29 11.14 52.24
C LEU F 88 2.40 11.73 51.16
N ASN F 89 1.55 10.91 50.53
CA ASN F 89 0.59 11.37 49.49
C ASN F 89 1.31 12.14 48.39
N GLY F 90 2.52 11.75 48.04
CA GLY F 90 3.16 12.37 46.90
C GLY F 90 3.47 13.83 47.07
N ALA F 91 3.49 14.32 48.30
CA ALA F 91 3.77 15.73 48.59
C ALA F 91 2.83 16.65 47.82
N LYS F 92 1.57 16.24 47.69
CA LYS F 92 0.60 17.01 46.93
C LYS F 92 -0.01 18.15 47.73
N ASP F 93 0.07 18.09 49.06
CA ASP F 93 -0.48 19.14 49.91
C ASP F 93 0.53 19.81 50.80
N MET F 94 1.66 19.18 51.10
CA MET F 94 2.64 19.71 52.04
C MET F 94 3.98 19.89 51.36
N LYS F 95 4.62 21.01 51.64
CA LYS F 95 6.00 21.23 51.21
C LYS F 95 6.95 20.39 52.04
N LEU F 96 7.96 19.84 51.38
CA LEU F 96 9.01 19.07 52.01
C LEU F 96 10.36 19.60 51.55
N ALA F 97 11.38 19.33 52.35
CA ALA F 97 12.77 19.51 51.95
C ALA F 97 13.45 18.17 52.12
N VAL F 98 13.99 17.62 51.04
CA VAL F 98 14.51 16.26 51.02
C VAL F 98 15.98 16.30 50.66
N THR F 99 16.79 15.60 51.45
CA THR F 99 18.23 15.40 51.16
C THR F 99 18.33 14.15 50.30
N CYS F 100 19.02 14.19 49.17
CA CYS F 100 18.95 13.11 48.20
C CYS F 100 20.30 12.93 47.51
N LYS F 101 20.63 11.70 47.13
CA LYS F 101 21.83 11.38 46.35
C LYS F 101 21.48 11.52 44.87
N GLY F 102 22.35 11.16 43.93
CA GLY F 102 22.11 11.26 42.51
C GLY F 102 20.98 10.36 42.04
N CYS F 103 20.96 9.12 42.53
CA CYS F 103 19.86 8.22 42.21
C CYS F 103 18.55 8.71 42.79
N ASP F 104 18.57 9.31 43.97
CA ASP F 104 17.34 9.83 44.58
C ASP F 104 16.85 11.07 43.83
N ALA F 105 17.72 11.88 43.23
CA ALA F 105 17.27 12.99 42.39
C ALA F 105 16.71 12.49 41.07
N MET F 106 17.36 11.51 40.45
CA MET F 106 16.83 10.94 39.22
C MET F 106 15.45 10.33 39.46
N ALA F 107 15.27 9.63 40.58
CA ALA F 107 13.98 9.04 40.87
C ALA F 107 12.92 10.11 41.09
N PHE F 108 13.28 11.21 41.74
CA PHE F 108 12.35 12.32 41.86
C PHE F 108 11.86 12.76 40.49
N TYR F 109 12.78 12.90 39.55
CA TYR F 109 12.37 13.39 38.24
C TYR F 109 11.56 12.36 37.46
N GLU F 110 11.87 11.07 37.60
CA GLU F 110 11.07 10.04 36.94
C GLU F 110 9.64 10.04 37.47
N LEU F 111 9.47 10.09 38.79
CA LEU F 111 8.13 10.09 39.34
C LEU F 111 7.39 11.39 39.04
N ALA F 112 8.10 12.52 38.94
CA ALA F 112 7.42 13.74 38.54
C ALA F 112 7.02 13.73 37.08
N LYS F 113 7.81 13.13 36.20
CA LYS F 113 7.38 12.90 34.83
C LYS F 113 6.07 12.14 34.81
N ARG F 114 6.01 11.04 35.56
CA ARG F 114 4.81 10.25 35.59
C ARG F 114 3.76 10.77 36.55
N ASN F 115 3.93 11.99 37.06
CA ASN F 115 2.86 12.70 37.76
C ASN F 115 2.55 12.12 39.12
N GLN F 116 3.53 11.50 39.76
CA GLN F 116 3.30 10.82 41.04
C GLN F 116 3.76 11.63 42.25
N ILE F 117 4.52 12.71 42.04
CA ILE F 117 4.93 13.60 43.11
C ILE F 117 4.86 15.03 42.58
N ASN F 118 4.94 15.98 43.49
CA ASN F 118 4.85 17.40 43.17
C ASN F 118 6.20 18.07 43.46
N LEU F 119 7.00 18.20 42.40
CA LEU F 119 8.29 18.86 42.54
C LEU F 119 8.17 20.36 42.74
N ASP F 120 6.99 20.94 42.53
CA ASP F 120 6.76 22.29 43.00
C ASP F 120 6.80 22.35 44.53
N ASN F 121 6.39 21.28 45.20
CA ASN F 121 6.40 21.25 46.65
C ASN F 121 7.72 20.77 47.21
N ILE F 122 8.38 19.84 46.55
CA ILE F 122 9.59 19.22 47.08
C ILE F 122 10.79 20.12 46.81
N ILE F 123 11.64 20.30 47.83
CA ILE F 123 12.96 20.91 47.68
C ILE F 123 13.99 19.81 47.80
N MET F 124 14.88 19.71 46.81
CA MET F 124 15.88 18.65 46.76
C MET F 124 17.25 19.25 47.04
N ILE F 125 17.81 18.93 48.21
CA ILE F 125 19.20 19.23 48.53
C ILE F 125 19.99 18.00 48.13
N GLY F 126 20.72 18.07 47.03
CA GLY F 126 21.45 16.93 46.55
C GLY F 126 22.86 16.89 47.09
N VAL F 127 23.31 15.65 47.34
CA VAL F 127 24.67 15.41 47.90
C VAL F 127 25.46 14.75 46.77
N ASN F 128 26.79 14.88 46.72
CA ASN F 128 27.60 14.16 45.73
C ASN F 128 27.58 12.71 46.18
N CYS F 129 27.64 11.73 45.31
CA CYS F 129 27.72 10.35 45.81
C CYS F 129 28.79 9.62 45.03
N GLY F 130 29.75 9.04 45.72
CA GLY F 130 30.78 8.22 45.07
C GLY F 130 30.48 6.78 45.29
N GLY F 131 29.41 6.47 45.98
CA GLY F 131 29.03 5.06 46.07
C GLY F 131 28.51 4.67 47.41
N SER F 132 27.74 3.61 47.46
CA SER F 132 27.14 3.15 48.72
C SER F 132 27.45 1.69 48.86
N VAL F 133 27.54 1.23 50.08
CA VAL F 133 27.84 -0.16 50.36
C VAL F 133 26.66 -0.76 51.08
N SER F 134 26.33 -2.01 50.76
CA SER F 134 25.33 -2.71 51.54
C SER F 134 25.81 -2.87 52.97
N PRO F 135 24.95 -2.71 53.97
CA PRO F 135 25.42 -2.80 55.36
C PRO F 135 26.03 -4.13 55.71
N VAL F 136 25.40 -5.23 55.31
CA VAL F 136 25.90 -6.55 55.68
C VAL F 136 27.19 -6.86 54.94
N THR F 137 27.30 -6.43 53.68
CA THR F 137 28.54 -6.61 52.94
C THR F 137 29.66 -5.77 53.54
N ALA F 138 29.34 -4.57 54.03
CA ALA F 138 30.34 -3.77 54.74
C ALA F 138 30.81 -4.48 56.00
N ARG F 139 29.88 -5.10 56.71
CA ARG F 139 30.26 -5.88 57.90
C ARG F 139 31.22 -7.01 57.54
N LYS F 140 30.90 -7.79 56.51
CA LYS F 140 31.78 -8.88 56.11
C LYS F 140 33.13 -8.36 55.63
N MET F 141 33.12 -7.24 54.91
CA MET F 141 34.35 -6.58 54.49
C MET F 141 35.24 -6.32 55.69
N ILE F 142 34.67 -5.69 56.72
CA ILE F 142 35.45 -5.27 57.87
C ILE F 142 35.91 -6.47 58.69
N SER F 143 35.06 -7.51 58.80
CA SER F 143 35.47 -8.70 59.53
C SER F 143 36.61 -9.43 58.85
N ASN F 144 36.57 -9.55 57.52
CA ASN F 144 37.55 -10.38 56.82
C ASN F 144 38.74 -9.58 56.32
N LYS F 145 38.52 -8.61 55.46
CA LYS F 145 39.63 -7.93 54.81
C LYS F 145 40.35 -6.96 55.75
N PHE F 146 39.61 -6.19 56.55
CA PHE F 146 40.23 -5.25 57.47
C PHE F 146 40.70 -5.90 58.76
N GLY F 147 40.23 -7.10 59.07
CA GLY F 147 40.62 -7.76 60.31
C GLY F 147 40.19 -7.03 61.56
N VAL F 148 38.97 -6.49 61.58
CA VAL F 148 38.46 -5.74 62.71
C VAL F 148 37.10 -6.31 63.08
N ASP F 149 36.75 -6.21 64.34
CA ASP F 149 35.38 -6.51 64.75
C ASP F 149 34.50 -5.36 64.29
N PRO F 150 33.45 -5.61 63.51
CA PRO F 150 32.70 -4.50 62.92
C PRO F 150 32.01 -3.62 63.94
N ASP F 151 31.70 -4.13 65.12
CA ASP F 151 31.04 -3.33 66.14
C ASP F 151 31.96 -2.29 66.75
N THR F 152 33.26 -2.40 66.51
CA THR F 152 34.23 -1.45 67.02
C THR F 152 34.24 -0.15 66.24
N VAL F 153 33.90 -0.19 64.95
CA VAL F 153 34.01 0.99 64.10
C VAL F 153 33.14 2.13 64.61
N HIS F 154 33.69 3.34 64.60
CA HIS F 154 32.95 4.55 64.91
C HIS F 154 32.40 5.19 63.65
N LYS F 155 33.27 5.57 62.72
CA LYS F 155 32.86 6.13 61.45
C LYS F 155 33.60 5.43 60.34
N GLU F 156 33.12 5.61 59.12
CA GLU F 156 33.61 4.90 57.95
C GLU F 156 33.15 5.63 56.70
N GLU F 157 34.07 5.83 55.76
CA GLU F 157 33.78 6.67 54.62
C GLU F 157 34.61 6.24 53.42
N ILE F 158 34.10 6.53 52.24
CA ILE F 158 34.88 6.29 51.00
C ILE F 158 35.45 7.65 50.62
N ASP F 159 36.76 7.84 50.79
CA ASP F 159 37.47 9.08 50.55
C ASP F 159 38.72 8.79 49.74
N LYS F 160 38.89 9.52 48.65
CA LYS F 160 40.00 9.31 47.73
C LYS F 160 40.06 7.89 47.19
N GLY F 161 38.91 7.29 46.92
CA GLY F 161 38.92 5.97 46.34
C GLY F 161 39.39 4.87 47.25
N GLN F 162 39.39 5.08 48.55
CA GLN F 162 39.71 4.03 49.51
C GLN F 162 38.72 4.08 50.66
N PHE F 163 38.64 2.96 51.38
CA PHE F 163 37.62 2.74 52.39
C PHE F 163 38.23 2.98 53.77
N ILE F 164 38.16 4.21 54.24
CA ILE F 164 38.71 4.55 55.55
C ILE F 164 37.70 4.16 56.62
N ILE F 165 38.16 3.43 57.63
CA ILE F 165 37.36 3.15 58.81
C ILE F 165 38.10 3.66 60.03
N GLU F 166 37.36 4.20 60.98
CA GLU F 166 37.90 4.70 62.24
C GLU F 166 37.36 3.83 63.36
N TYR F 167 38.24 3.03 63.96
CA TYR F 167 37.88 2.16 65.06
C TYR F 167 38.67 2.56 66.30
N GLU F 168 38.47 1.85 67.40
CA GLU F 168 39.25 2.12 68.60
C GLU F 168 40.62 1.47 68.44
N GLY F 169 41.66 2.30 68.39
CA GLY F 169 42.99 1.85 68.07
C GLY F 169 43.64 2.70 66.98
N GLY F 170 42.86 3.13 66.01
CA GLY F 170 43.40 3.96 64.95
C GLY F 170 42.42 4.05 63.79
N HIS F 171 42.99 4.13 62.58
CA HIS F 171 42.21 4.06 61.36
C HIS F 171 42.98 3.27 60.31
N LYS F 172 42.24 2.77 59.33
CA LYS F 172 42.79 1.92 58.29
C LYS F 172 42.26 2.37 56.94
N GLY F 173 42.82 1.81 55.88
CA GLY F 173 42.39 2.16 54.54
C GLY F 173 42.78 1.11 53.51
N ILE F 174 41.85 0.80 52.61
CA ILE F 174 42.10 -0.15 51.53
C ILE F 174 41.46 0.40 50.27
N LYS F 175 42.16 0.28 49.14
CA LYS F 175 41.65 0.77 47.87
C LYS F 175 40.33 0.11 47.52
N ILE F 176 39.33 0.92 47.15
CA ILE F 176 38.03 0.36 46.81
C ILE F 176 38.12 -0.49 45.57
N ASP F 177 39.04 -0.18 44.65
CA ASP F 177 39.18 -1.04 43.48
C ASP F 177 39.68 -2.43 43.86
N GLU F 178 40.64 -2.51 44.77
CA GLU F 178 41.11 -3.80 45.27
C GLU F 178 39.98 -4.56 45.96
N LEU F 179 39.18 -3.86 46.77
CA LEU F 179 38.07 -4.54 47.42
C LEU F 179 37.08 -5.06 46.39
N GLU F 180 36.80 -4.25 45.36
CA GLU F 180 35.82 -4.62 44.36
C GLU F 180 36.29 -5.79 43.51
N GLU F 181 37.60 -5.90 43.28
CA GLU F 181 38.11 -7.11 42.67
C GLU F 181 37.95 -8.32 43.59
N GLU F 182 38.23 -8.17 44.88
CA GLU F 182 38.07 -9.31 45.78
C GLU F 182 36.61 -9.69 46.04
N GLY F 183 35.66 -8.86 45.65
CA GLY F 183 34.26 -9.27 45.74
C GLY F 183 33.47 -8.51 46.79
N TYR F 184 33.87 -7.27 47.02
CA TYR F 184 33.26 -6.43 48.04
C TYR F 184 33.15 -5.04 47.44
N GLY F 185 32.96 -4.05 48.28
CA GLY F 185 33.00 -2.68 47.86
C GLY F 185 31.62 -2.10 47.63
N ARG F 186 31.58 -1.10 46.78
CA ARG F 186 30.33 -0.47 46.44
C ARG F 186 29.41 -1.45 45.74
N ARG F 187 28.13 -1.12 45.70
CA ARG F 187 27.18 -1.96 44.99
C ARG F 187 27.49 -1.95 43.50
N SER F 188 27.00 -2.96 42.80
CA SER F 188 27.29 -3.08 41.37
C SER F 188 26.78 -1.87 40.61
N ASN F 189 25.56 -1.45 40.89
CA ASN F 189 25.03 -0.29 40.19
C ASN F 189 25.77 0.96 40.57
N CYS F 190 26.34 1.01 41.78
CA CYS F 190 27.13 2.17 42.15
C CYS F 190 28.44 2.20 41.39
N ARG F 191 28.98 1.03 41.10
CA ARG F 191 30.17 0.96 40.25
C ARG F 191 29.87 1.41 38.84
N ARG F 192 28.69 1.08 38.34
CA ARG F 192 28.30 1.53 37.01
C ARG F 192 27.73 2.94 36.98
N CYS F 193 27.48 3.57 38.12
CA CYS F 193 26.78 4.85 38.15
C CYS F 193 27.65 5.97 37.62
N LYS F 194 27.00 6.96 37.02
CA LYS F 194 27.69 8.13 36.51
C LYS F 194 26.97 9.41 36.86
N MET F 195 26.05 9.37 37.82
CA MET F 195 25.35 10.56 38.25
C MET F 195 25.99 11.03 39.55
N LYS F 196 27.17 11.62 39.40
CA LYS F 196 28.02 11.87 40.56
C LYS F 196 27.71 13.19 41.23
N ILE F 197 27.40 14.23 40.47
CA ILE F 197 27.03 15.51 41.04
C ILE F 197 25.61 15.85 40.60
N PRO F 198 24.63 15.82 41.50
CA PRO F 198 23.25 15.99 41.08
C PRO F 198 22.94 17.42 40.70
N ARG F 199 23.25 17.80 39.48
CA ARG F 199 22.97 19.15 39.02
C ARG F 199 21.52 19.38 38.66
N GLN F 200 20.69 18.34 38.70
CA GLN F 200 19.26 18.50 38.52
C GLN F 200 18.53 18.82 39.81
N ALA F 201 19.21 18.73 40.94
CA ALA F 201 18.61 19.05 42.23
C ALA F 201 18.65 20.57 42.41
N ASP F 202 18.23 21.05 43.58
CA ASP F 202 18.26 22.48 43.83
C ASP F 202 19.58 22.95 44.43
N ILE F 203 20.28 22.09 45.15
CA ILE F 203 21.61 22.38 45.68
C ILE F 203 22.41 21.10 45.64
N ALA F 204 23.70 21.20 45.31
CA ALA F 204 24.61 20.06 45.26
C ALA F 204 25.75 20.31 46.23
N ALA F 205 25.81 19.47 47.25
CA ALA F 205 26.77 19.61 48.35
C ALA F 205 27.77 18.49 48.30
N GLY F 206 29.06 18.75 48.48
CA GLY F 206 30.05 17.66 48.52
C GLY F 206 31.35 18.01 49.19
N ASN F 207 32.24 17.04 49.34
CA ASN F 207 33.57 17.30 49.91
C ASN F 207 34.63 17.38 48.82
N TRP F 208 34.24 17.51 47.55
CA TRP F 208 35.18 17.56 46.39
C TRP F 208 35.38 19.01 46.06
N GLY F 209 36.62 19.48 45.86
CA GLY F 209 36.90 20.86 45.57
C GLY F 209 37.09 21.75 46.76
N VAL F 210 37.07 21.21 47.98
CA VAL F 210 37.37 21.99 49.17
C VAL F 210 38.82 21.73 49.53
N ILE F 211 39.67 22.75 49.41
CA ILE F 211 41.11 22.60 49.53
C ILE F 211 41.67 23.59 50.53
N GLY F 212 42.71 23.18 51.22
CA GLY F 212 43.50 24.10 52.03
C GLY F 212 43.06 24.09 53.49
N ASP F 213 42.85 25.30 54.03
CA ASP F 213 42.52 25.48 55.44
C ASP F 213 41.13 25.00 55.79
N LYS F 214 40.30 24.63 54.82
CA LYS F 214 38.94 24.18 55.09
C LYS F 214 38.71 22.76 54.63
N ALA F 215 39.74 21.93 54.58
CA ALA F 215 39.63 20.62 53.95
C ALA F 215 38.68 19.68 54.66
N GLY F 216 38.27 19.99 55.88
CA GLY F 216 37.35 19.12 56.59
C GLY F 216 36.29 19.88 57.35
N LYS F 217 36.20 21.18 57.10
CA LYS F 217 35.24 22.01 57.81
C LYS F 217 34.53 22.98 56.86
N ALA F 218 34.28 22.55 55.63
CA ALA F 218 33.51 23.35 54.69
C ALA F 218 32.89 22.42 53.67
N THR F 219 31.68 22.75 53.21
CA THR F 219 30.97 21.97 52.19
C THR F 219 30.98 22.76 50.90
N PHE F 220 31.36 22.14 49.80
CA PHE F 220 31.32 22.76 48.49
C PHE F 220 29.87 22.78 48.03
N LEU F 221 29.30 23.97 47.88
CA LEU F 221 27.93 24.13 47.44
C LEU F 221 27.91 24.63 46.01
N GLU F 222 27.12 23.98 45.17
CA GLU F 222 26.80 24.48 43.84
C GLU F 222 25.31 24.78 43.80
N ILE F 223 24.96 26.03 43.53
CA ILE F 223 23.56 26.45 43.47
C ILE F 223 23.02 26.10 42.09
N CYS F 224 22.07 25.19 42.04
CA CYS F 224 21.59 24.66 40.76
C CYS F 224 20.21 25.16 40.37
N SER F 225 19.60 26.06 41.13
CA SER F 225 18.29 26.58 40.74
C SER F 225 17.98 27.82 41.55
N GLU F 226 16.95 28.55 41.11
CA GLU F 226 16.50 29.74 41.80
C GLU F 226 15.93 29.42 43.18
N LYS F 227 15.26 28.27 43.31
CA LYS F 227 14.74 27.86 44.61
C LYS F 227 15.89 27.62 45.60
N GLY F 228 16.95 26.96 45.14
CA GLY F 228 18.11 26.79 45.98
C GLY F 228 18.84 28.08 46.28
N ALA F 229 18.88 28.98 45.31
CA ALA F 229 19.47 30.30 45.56
C ALA F 229 18.71 31.03 46.65
N ASN F 230 17.38 30.97 46.62
CA ASN F 230 16.59 31.61 47.64
C ASN F 230 16.82 30.97 49.01
N LEU F 231 16.85 29.65 49.06
CA LEU F 231 17.10 28.98 50.34
C LEU F 231 18.46 29.39 50.91
N VAL F 232 19.49 29.39 50.07
CA VAL F 232 20.83 29.72 50.53
C VAL F 232 20.91 31.17 50.97
N ASN F 233 20.34 32.09 50.19
CA ASN F 233 20.41 33.50 50.56
C ASN F 233 19.67 33.76 51.85
N SER F 234 18.51 33.13 52.03
CA SER F 234 17.78 33.30 53.29
C SER F 234 18.58 32.77 54.46
N ALA F 235 19.19 31.59 54.31
CA ALA F 235 19.97 31.02 55.40
C ALA F 235 21.16 31.89 55.75
N GLN F 236 21.84 32.43 54.74
CA GLN F 236 22.99 33.29 54.98
C GLN F 236 22.58 34.60 55.64
N SER F 237 21.42 35.15 55.26
CA SER F 237 21.01 36.42 55.84
C SER F 237 20.51 36.25 57.27
N LYS F 238 19.74 35.20 57.55
CA LYS F 238 19.34 34.93 58.91
C LYS F 238 20.49 34.40 59.75
N GLY F 239 21.61 34.05 59.15
CA GLY F 239 22.81 33.76 59.90
C GLY F 239 22.90 32.36 60.43
N ALA F 240 22.34 31.40 59.71
CA ALA F 240 22.48 29.99 60.05
C ALA F 240 23.58 29.32 59.24
N LEU F 241 24.25 30.04 58.35
CA LEU F 241 25.14 29.42 57.38
C LEU F 241 26.14 30.47 56.95
N GLU F 242 27.41 30.09 56.82
CA GLU F 242 28.45 30.98 56.36
C GLU F 242 28.79 30.70 54.91
N ILE F 243 29.08 31.74 54.15
CA ILE F 243 29.29 31.63 52.72
C ILE F 243 30.58 32.35 52.34
N SER F 244 31.48 31.64 51.67
CA SER F 244 32.63 32.27 51.03
C SER F 244 32.77 31.71 49.62
N PRO F 245 33.11 32.57 48.64
CA PRO F 245 33.21 32.09 47.26
C PRO F 245 34.30 31.03 47.13
N ALA F 246 34.04 30.04 46.28
CA ALA F 246 34.90 28.88 46.21
C ALA F 246 36.22 29.22 45.52
N ASP F 247 37.19 28.34 45.71
CA ASP F 247 38.52 28.54 45.18
C ASP F 247 38.60 27.98 43.75
N PRO F 248 39.12 28.75 42.78
CA PRO F 248 39.15 28.25 41.40
C PRO F 248 39.91 26.94 41.24
N LYS F 249 40.99 26.76 42.00
CA LYS F 249 41.69 25.49 42.00
C LYS F 249 40.79 24.37 42.51
N GLY F 250 39.98 24.67 43.52
CA GLY F 250 39.01 23.70 43.99
C GLY F 250 38.01 23.32 42.92
N ILE F 251 37.53 24.32 42.18
CA ILE F 251 36.58 24.02 41.10
C ILE F 251 37.22 23.13 40.05
N ASP F 252 38.48 23.42 39.70
CA ASP F 252 39.17 22.61 38.70
C ASP F 252 39.33 21.16 39.15
N ILE F 253 39.78 20.95 40.39
CA ILE F 253 40.00 19.57 40.77
C ILE F 253 38.68 18.87 41.05
N ARG F 254 37.63 19.61 41.37
CA ARG F 254 36.30 19.02 41.42
C ARG F 254 35.91 18.47 40.05
N ALA F 255 36.14 19.26 39.01
CA ALA F 255 35.86 18.79 37.66
C ALA F 255 36.68 17.56 37.31
N LYS F 256 37.97 17.55 37.68
CA LYS F 256 38.81 16.40 37.37
C LYS F 256 38.36 15.14 38.09
N VAL F 257 37.99 15.24 39.37
CA VAL F 257 37.52 14.05 40.08
C VAL F 257 36.21 13.55 39.48
N GLU F 258 35.31 14.47 39.13
CA GLU F 258 34.06 14.05 38.49
C GLU F 258 34.33 13.31 37.19
N LYS F 259 35.23 13.84 36.38
CA LYS F 259 35.56 13.20 35.10
C LYS F 259 36.19 11.82 35.30
N ALA F 260 37.09 11.70 36.27
CA ALA F 260 37.68 10.40 36.55
C ALA F 260 36.63 9.40 37.01
N MET F 261 35.66 9.87 37.79
CA MET F 261 34.58 8.98 38.21
C MET F 261 33.72 8.56 37.03
N PHE F 262 33.52 9.45 36.06
CA PHE F 262 32.85 9.08 34.83
C PHE F 262 33.59 7.95 34.12
N ASN F 263 34.91 8.08 34.00
CA ASN F 263 35.69 7.06 33.30
C ASN F 263 35.62 5.72 34.01
N LEU F 264 35.74 5.73 35.34
CA LEU F 264 35.64 4.49 36.10
C LEU F 264 34.27 3.85 35.92
N GLY F 265 33.21 4.66 35.93
CA GLY F 265 31.88 4.14 35.69
C GLY F 265 31.76 3.50 34.31
N ASP F 266 32.37 4.12 33.31
CA ASP F 266 32.36 3.53 31.96
C ASP F 266 33.08 2.19 31.95
N GLU F 267 34.22 2.10 32.62
CA GLU F 267 34.95 0.83 32.64
C GLU F 267 34.12 -0.27 33.27
N TRP F 268 33.43 0.04 34.36
CA TRP F 268 32.65 -1.00 35.00
C TRP F 268 31.43 -1.37 34.17
N ARG F 269 30.81 -0.38 33.52
CA ARG F 269 29.73 -0.67 32.59
C ARG F 269 30.19 -1.65 31.53
N HIS F 270 31.34 -1.39 30.93
CA HIS F 270 31.92 -2.30 29.95
C HIS F 270 32.05 -3.69 30.57
N ARG F 271 32.92 -3.84 31.56
CA ARG F 271 33.26 -5.19 32.00
C ARG F 271 32.02 -5.96 32.46
N ASP F 272 31.02 -5.28 33.03
CA ASP F 272 29.79 -5.98 33.43
C ASP F 272 28.94 -6.40 32.24
N PHE F 273 28.73 -5.50 31.28
CA PHE F 273 27.84 -5.82 30.18
C PHE F 273 28.43 -6.87 29.25
N GLU F 274 29.75 -6.85 29.01
CA GLU F 274 30.34 -8.01 28.33
C GLU F 274 30.47 -9.23 29.22
N GLY F 275 30.47 -9.09 30.54
CA GLY F 275 30.41 -10.28 31.37
C GLY F 275 29.09 -11.01 31.23
N MET F 276 28.03 -10.38 30.75
CA MET F 276 26.68 -11.03 30.69
C MET F 276 26.62 -11.99 29.50
N GLY F 277 27.44 -11.73 28.49
CA GLY F 277 27.49 -12.63 27.31
C GLY F 277 26.92 -11.95 26.11
N LYS F 278 26.81 -12.66 25.00
CA LYS F 278 26.25 -12.12 23.74
C LYS F 278 25.50 -13.26 23.07
N GLY F 279 24.48 -12.95 22.26
CA GLY F 279 23.75 -13.98 21.51
C GLY F 279 22.95 -14.90 22.37
N LYS F 280 22.82 -16.16 21.99
CA LYS F 280 21.97 -17.14 22.71
C LYS F 280 22.53 -17.42 24.11
N ASP F 281 23.82 -17.19 24.35
CA ASP F 281 24.39 -17.30 25.72
C ASP F 281 23.75 -16.29 26.67
N ARG F 282 23.53 -15.05 26.24
CA ARG F 282 22.84 -14.02 27.06
C ARG F 282 21.41 -14.46 27.30
N LEU F 283 20.71 -15.05 26.34
CA LEU F 283 19.34 -15.59 26.56
C LEU F 283 19.38 -16.74 27.56
N LYS F 284 20.34 -17.63 27.49
CA LYS F 284 20.39 -18.67 28.55
C LYS F 284 20.78 -18.02 29.89
N LEU F 285 21.69 -17.03 29.92
CA LEU F 285 21.90 -16.40 31.21
C LEU F 285 20.62 -15.80 31.75
N MET F 286 19.95 -14.98 30.94
CA MET F 286 18.75 -14.30 31.40
C MET F 286 17.66 -15.29 31.78
N MET F 287 17.43 -16.29 30.94
CA MET F 287 16.31 -17.20 31.22
C MET F 287 16.59 -18.08 32.43
N SER F 288 17.81 -18.58 32.56
CA SER F 288 18.11 -19.42 33.71
C SER F 288 18.11 -18.63 35.00
N GLU F 289 18.55 -17.38 34.98
CA GLU F 289 18.47 -16.56 36.18
C GLU F 289 17.02 -16.26 36.53
N SER F 290 16.24 -15.79 35.56
CA SER F 290 14.86 -15.41 35.83
C SER F 290 13.96 -16.58 36.13
N SER F 291 14.39 -17.82 35.88
CA SER F 291 13.56 -18.94 36.29
C SER F 291 13.51 -19.10 37.81
N LYS F 292 14.33 -18.36 38.54
CA LYS F 292 14.34 -18.42 39.99
C LYS F 292 13.26 -17.58 40.65
N CYS F 293 12.67 -16.63 39.93
CA CYS F 293 11.79 -15.65 40.55
C CYS F 293 10.61 -16.32 41.25
N ILE F 294 10.38 -15.94 42.52
CA ILE F 294 9.26 -16.45 43.29
C ILE F 294 8.10 -15.47 43.33
N LYS F 295 8.14 -14.43 42.51
CA LYS F 295 7.03 -13.50 42.37
C LYS F 295 6.72 -12.77 43.67
N CYS F 296 7.76 -12.33 44.37
CA CYS F 296 7.55 -11.51 45.54
C CYS F 296 7.15 -10.08 45.18
N TYR F 297 7.38 -9.66 43.95
CA TYR F 297 7.06 -8.33 43.43
C TYR F 297 7.83 -7.22 44.12
N ALA F 298 8.91 -7.56 44.81
CA ALA F 298 9.71 -6.52 45.46
C ALA F 298 10.35 -5.60 44.44
N CYS F 299 10.78 -6.14 43.31
CA CYS F 299 11.36 -5.32 42.25
C CYS F 299 10.36 -4.31 41.72
N VAL F 300 9.11 -4.69 41.56
CA VAL F 300 8.03 -3.78 41.05
C VAL F 300 7.72 -2.76 42.13
N GLU F 301 7.60 -3.19 43.38
CA GLU F 301 7.22 -2.22 44.40
C GLU F 301 8.35 -1.27 44.77
N ALA F 302 9.60 -1.64 44.50
CA ALA F 302 10.72 -0.78 44.80
C ALA F 302 11.16 0.08 43.63
N CYS F 303 10.84 -0.29 42.40
CA CYS F 303 11.28 0.49 41.26
C CYS F 303 10.63 1.87 41.27
N PRO F 304 11.39 2.94 41.07
CA PRO F 304 10.77 4.26 40.93
C PRO F 304 9.86 4.39 39.73
N ILE F 305 10.09 3.62 38.67
CA ILE F 305 9.40 3.81 37.37
C ILE F 305 8.13 2.98 37.33
N CYS F 306 7.99 2.09 38.28
CA CYS F 306 6.80 1.22 38.32
C CYS F 306 5.76 1.91 39.18
N TYR F 307 4.81 2.60 38.56
CA TYR F 307 3.81 3.42 39.28
C TYR F 307 2.41 2.93 39.02
N CYS F 308 2.24 1.72 38.55
CA CYS F 308 0.93 1.28 38.05
C CYS F 308 0.09 0.68 39.15
N ILE F 309 -1.21 0.98 39.15
CA ILE F 309 -2.05 0.47 40.22
C ILE F 309 -1.97 -1.04 40.29
N GLU F 310 -2.13 -1.70 39.15
CA GLU F 310 -1.94 -3.14 39.06
C GLU F 310 -0.93 -3.42 37.97
N CYS F 311 0.10 -4.18 38.30
CA CYS F 311 1.12 -4.52 37.31
C CYS F 311 0.53 -5.46 36.28
N SER F 312 0.98 -5.37 35.05
CA SER F 312 0.57 -6.33 34.01
C SER F 312 1.15 -7.68 34.37
N THR F 313 2.18 -7.74 35.20
CA THR F 313 2.64 -9.05 35.62
C THR F 313 1.62 -9.76 36.50
N LYS F 314 0.56 -9.08 36.92
CA LYS F 314 -0.47 -9.66 37.75
C LYS F 314 -1.73 -10.02 36.97
N LYS F 315 -1.75 -9.79 35.69
CA LYS F 315 -2.95 -10.01 34.91
C LYS F 315 -2.97 -11.43 34.36
N PRO F 316 -4.07 -12.17 34.53
CA PRO F 316 -4.03 -13.60 34.24
C PRO F 316 -3.83 -13.95 32.78
N TRP F 317 -4.04 -13.01 31.86
CA TRP F 317 -3.78 -13.31 30.47
C TRP F 317 -2.33 -13.15 30.08
N TYR F 318 -1.49 -12.62 30.97
CA TYR F 318 -0.05 -12.58 30.75
C TYR F 318 0.67 -13.65 31.55
N ILE F 319 0.40 -13.74 32.84
CA ILE F 319 1.08 -14.66 33.75
C ILE F 319 0.05 -15.56 34.42
N ALA F 320 0.26 -16.86 34.32
CA ALA F 320 -0.64 -17.80 34.97
C ALA F 320 -0.54 -17.66 36.49
N PRO F 321 -1.66 -17.47 37.19
CA PRO F 321 -1.59 -17.06 38.60
C PRO F 321 -0.86 -18.01 39.52
N GLY F 322 -0.97 -19.31 39.31
CA GLY F 322 -0.44 -20.25 40.29
C GLY F 322 0.85 -20.93 39.90
N VAL F 323 1.22 -20.86 38.63
CA VAL F 323 2.42 -21.53 38.14
C VAL F 323 3.63 -20.80 38.71
N LEU F 324 4.36 -21.47 39.60
CA LEU F 324 5.46 -20.79 40.30
C LEU F 324 6.74 -20.70 39.49
N PRO F 325 7.20 -21.75 38.79
CA PRO F 325 8.36 -21.55 37.92
C PRO F 325 7.99 -20.63 36.79
N THR F 326 7.90 -19.35 37.12
CA THR F 326 7.18 -18.38 36.30
C THR F 326 7.83 -18.19 34.94
N SER F 327 7.04 -17.67 34.01
CA SER F 327 7.48 -17.47 32.65
C SER F 327 8.52 -16.37 32.56
N PHE F 328 9.28 -16.38 31.47
CA PHE F 328 10.16 -15.26 31.14
C PHE F 328 9.37 -14.01 30.82
N MET F 329 8.06 -14.14 30.62
CA MET F 329 7.21 -12.99 30.35
C MET F 329 7.22 -12.01 31.52
N PHE F 330 7.42 -12.51 32.74
CA PHE F 330 7.45 -11.63 33.90
C PHE F 330 8.53 -10.58 33.76
N HIS F 331 9.71 -10.98 33.34
CA HIS F 331 10.81 -10.04 33.20
C HIS F 331 10.82 -9.35 31.86
N LEU F 332 10.22 -9.95 30.84
CA LEU F 332 10.06 -9.24 29.58
C LEU F 332 9.13 -8.05 29.74
N ILE F 333 8.13 -8.13 30.62
CA ILE F 333 7.13 -7.05 30.83
C ILE F 333 7.80 -5.91 31.58
N ARG F 334 8.84 -6.19 32.36
CA ARG F 334 9.59 -5.11 33.04
C ARG F 334 10.63 -4.56 32.10
N PHE F 335 11.27 -5.38 31.28
CA PHE F 335 12.20 -4.83 30.29
C PHE F 335 11.49 -3.90 29.33
N ALA F 336 10.28 -4.26 28.92
CA ALA F 336 9.54 -3.42 27.99
C ALA F 336 9.12 -2.11 28.64
N HIS F 337 8.70 -2.15 29.91
CA HIS F 337 8.11 -0.94 30.54
C HIS F 337 9.12 -0.03 31.20
N VAL F 338 10.25 -0.55 31.67
CA VAL F 338 11.17 0.25 32.46
C VAL F 338 12.44 0.58 31.70
N SER F 339 12.91 -0.32 30.84
CA SER F 339 14.27 -0.20 30.32
C SER F 339 14.50 1.09 29.57
N ASP F 340 13.45 1.72 29.06
CA ASP F 340 13.67 3.00 28.40
C ASP F 340 14.07 4.10 29.39
N SER F 341 13.60 4.02 30.63
CA SER F 341 14.01 4.98 31.66
C SER F 341 14.31 4.22 32.94
N CYS F 342 15.53 3.73 33.07
CA CYS F 342 16.03 3.11 34.28
C CYS F 342 17.15 3.99 34.81
N ILE F 343 17.08 4.34 36.08
CA ILE F 343 18.03 5.29 36.65
C ILE F 343 19.14 4.54 37.36
N ASN F 344 19.13 3.21 37.26
CA ASN F 344 20.18 2.37 37.82
C ASN F 344 20.32 2.60 39.32
N CYS F 345 19.21 2.54 40.02
CA CYS F 345 19.23 2.70 41.47
C CYS F 345 19.58 1.41 42.18
N GLY F 346 19.38 0.27 41.56
CA GLY F 346 19.77 -1.00 42.11
C GLY F 346 18.81 -1.61 43.10
N GLN F 347 17.67 -0.96 43.36
CA GLN F 347 16.75 -1.47 44.37
C GLN F 347 16.19 -2.82 43.97
N CYS F 348 15.89 -2.99 42.69
CA CYS F 348 15.40 -4.27 42.20
C CYS F 348 16.41 -5.37 42.41
N GLU F 349 17.69 -5.07 42.20
CA GLU F 349 18.71 -6.10 42.38
C GLU F 349 18.90 -6.43 43.85
N GLU F 350 18.89 -5.43 44.71
CA GLU F 350 19.25 -5.67 46.09
C GLU F 350 18.09 -6.13 46.96
N LEU F 351 16.84 -6.02 46.50
CA LEU F 351 15.72 -6.52 47.27
C LEU F 351 15.21 -7.86 46.78
N CYS F 352 15.93 -8.53 45.90
CA CYS F 352 15.44 -9.78 45.32
C CYS F 352 15.82 -10.95 46.22
N PRO F 353 14.85 -11.69 46.75
CA PRO F 353 15.19 -12.85 47.58
C PRO F 353 15.93 -13.92 46.85
N MET F 354 15.89 -13.95 45.53
CA MET F 354 16.50 -15.02 44.76
C MET F 354 17.80 -14.58 44.11
N GLU F 355 18.23 -13.35 44.35
CA GLU F 355 19.53 -12.86 43.90
C GLU F 355 19.65 -12.86 42.38
N ILE F 356 18.67 -12.28 41.72
CA ILE F 356 18.64 -12.15 40.27
C ILE F 356 19.22 -10.79 39.91
N PRO F 357 20.12 -10.71 38.94
CA PRO F 357 20.72 -9.42 38.60
C PRO F 357 19.78 -8.49 37.85
N ASN F 358 18.69 -8.09 38.50
CA ASN F 358 17.68 -7.27 37.82
C ASN F 358 18.27 -5.96 37.33
N ALA F 359 19.07 -5.30 38.17
CA ALA F 359 19.60 -4.00 37.79
C ALA F 359 20.62 -4.14 36.67
N LEU F 360 21.39 -5.21 36.67
CA LEU F 360 22.37 -5.41 35.60
C LEU F 360 21.67 -5.62 34.28
N PHE F 361 20.67 -6.50 34.24
CA PHE F 361 19.92 -6.71 33.01
C PHE F 361 19.28 -5.40 32.54
N MET F 362 18.61 -4.70 33.45
CA MET F 362 17.85 -3.53 33.06
C MET F 362 18.76 -2.41 32.59
N HIS F 363 19.89 -2.21 33.26
CA HIS F 363 20.81 -1.16 32.85
C HIS F 363 21.51 -1.51 31.55
N SER F 364 21.80 -2.79 31.33
CA SER F 364 22.39 -3.18 30.06
C SER F 364 21.46 -2.87 28.90
N GLN F 365 20.17 -2.97 29.12
CA GLN F 365 19.23 -2.57 28.07
C GLN F 365 19.09 -1.06 27.99
N GLN F 366 19.10 -0.39 29.13
CA GLN F 366 18.89 1.04 29.19
C GLN F 366 19.99 1.81 28.47
N VAL F 367 21.24 1.40 28.63
CA VAL F 367 22.33 2.24 28.12
C VAL F 367 22.20 2.41 26.62
N GLU F 368 21.76 1.36 25.93
CA GLU F 368 21.68 1.52 24.49
C GLU F 368 20.29 1.89 23.99
N ILE F 369 19.23 1.69 24.78
CA ILE F 369 18.03 2.48 24.47
C ILE F 369 18.38 3.97 24.51
N GLU F 370 19.28 4.35 25.40
CA GLU F 370 19.73 5.74 25.48
C GLU F 370 20.54 6.13 24.25
N LYS F 371 21.52 5.33 23.86
CA LYS F 371 22.28 5.74 22.68
C LYS F 371 21.50 5.56 21.38
N MET F 372 20.35 4.90 21.42
CA MET F 372 19.45 4.82 20.28
C MET F 372 18.56 6.05 20.17
N PHE F 373 17.80 6.35 21.22
CA PHE F 373 16.83 7.44 21.18
C PHE F 373 17.36 8.73 21.74
N GLY F 374 18.47 8.73 22.46
CA GLY F 374 19.04 9.96 22.98
C GLY F 374 18.30 10.54 24.17
N HIS F 375 17.71 9.69 25.00
CA HIS F 375 16.92 10.12 26.14
C HIS F 375 17.62 9.67 27.41
N ILE F 376 18.00 10.63 28.24
CA ILE F 376 18.73 10.37 29.48
C ILE F 376 17.72 10.41 30.62
N PRO F 377 17.49 9.31 31.33
CA PRO F 377 16.47 9.29 32.37
C PRO F 377 16.87 10.12 33.59
N GLY F 378 15.88 10.78 34.17
CA GLY F 378 16.03 11.41 35.46
C GLY F 378 16.66 12.78 35.47
N GLN F 379 16.88 13.40 34.30
CA GLN F 379 17.55 14.68 34.29
C GLN F 379 16.58 15.86 34.35
N ASP F 380 15.44 15.80 33.67
CA ASP F 380 14.48 16.90 33.70
C ASP F 380 13.11 16.37 33.32
N MET F 381 12.19 17.27 33.02
CA MET F 381 10.79 16.96 32.74
C MET F 381 10.52 16.41 31.35
N THR F 382 11.54 15.95 30.63
CA THR F 382 11.33 15.38 29.30
C THR F 382 10.41 14.16 29.41
N PRO F 383 9.32 14.11 28.64
CA PRO F 383 8.40 12.98 28.76
C PRO F 383 9.06 11.70 28.28
N PRO F 384 8.62 10.55 28.78
CA PRO F 384 9.16 9.29 28.29
C PRO F 384 8.98 9.10 26.79
N ILE F 385 9.83 8.24 26.23
CA ILE F 385 9.95 8.16 24.78
C ILE F 385 8.66 7.73 24.14
N HIS F 386 7.90 6.86 24.79
CA HIS F 386 6.62 6.42 24.26
C HIS F 386 5.47 7.30 24.69
N ALA F 387 5.66 8.16 25.66
CA ALA F 387 4.64 9.13 26.00
C ALA F 387 4.68 10.34 25.10
N PHE F 388 5.78 10.54 24.38
CA PHE F 388 5.84 11.65 23.42
C PHE F 388 6.51 11.19 22.13
N VAL F 389 5.70 10.78 21.15
CA VAL F 389 6.18 10.39 19.83
C VAL F 389 5.99 11.56 18.88
N GLU F 390 6.97 11.79 18.00
CA GLU F 390 6.94 12.95 17.15
C GLU F 390 7.07 12.54 15.68
N GLU F 391 6.26 13.19 14.85
CA GLU F 391 6.17 12.89 13.41
C GLU F 391 7.52 13.00 12.71
N LYS F 392 8.20 14.13 12.90
CA LYS F 392 9.47 14.37 12.22
C LYS F 392 10.54 13.40 12.68
N ALA F 393 10.61 13.11 13.98
CA ALA F 393 11.61 12.17 14.47
C ALA F 393 11.37 10.76 13.93
N GLU F 394 10.11 10.36 13.81
CA GLU F 394 9.83 9.03 13.30
C GLU F 394 10.23 8.90 11.83
N ARG F 395 9.86 9.91 11.03
CA ARG F 395 10.40 9.97 9.68
C ARG F 395 11.91 9.87 9.68
N ALA F 396 12.57 10.58 10.60
CA ALA F 396 14.02 10.64 10.60
C ALA F 396 14.66 9.28 10.82
N ARG F 397 14.12 8.48 11.73
CA ARG F 397 14.72 7.17 12.06
C ARG F 397 14.41 6.18 10.95
N LEU F 398 13.30 6.33 10.24
CA LEU F 398 13.05 5.45 9.11
C LEU F 398 13.93 5.79 7.93
N ASP F 399 14.17 7.08 7.68
CA ASP F 399 15.06 7.48 6.60
C ASP F 399 16.50 7.12 6.91
N ALA F 400 16.91 7.26 8.17
CA ALA F 400 18.29 6.93 8.54
C ALA F 400 18.59 5.45 8.31
N THR F 401 17.59 4.58 8.47
CA THR F 401 17.85 3.18 8.13
C THR F 401 18.05 2.98 6.64
N GLY F 402 17.68 3.95 5.81
CA GLY F 402 17.80 3.80 4.37
C GLY F 402 17.03 2.62 3.81
N THR F 403 15.84 2.35 4.36
CA THR F 403 15.14 1.12 4.09
C THR F 403 13.65 1.42 4.09
N ASP F 404 12.88 0.56 3.44
CA ASP F 404 11.44 0.74 3.34
C ASP F 404 10.68 0.11 4.50
N SER F 405 11.37 -0.49 5.47
CA SER F 405 10.69 -1.13 6.57
C SER F 405 11.55 -0.98 7.82
N ILE F 406 11.16 -1.67 8.88
CA ILE F 406 12.00 -1.75 10.06
C ILE F 406 12.52 -3.17 10.12
N TYR F 407 13.62 -3.44 9.44
CA TYR F 407 14.15 -4.80 9.44
C TYR F 407 15.64 -4.89 9.73
N THR F 408 16.45 -4.02 9.11
CA THR F 408 17.91 -4.12 9.22
C THR F 408 18.53 -2.74 9.01
N ASN F 409 19.86 -2.69 9.04
CA ASN F 409 20.61 -1.43 8.95
C ASN F 409 20.21 -0.45 10.04
N ILE F 410 19.89 -1.01 11.21
CA ILE F 410 19.46 -0.21 12.40
C ILE F 410 20.63 -0.19 13.42
N PHE F 411 21.37 -1.29 13.53
CA PHE F 411 22.48 -1.36 14.53
C PHE F 411 23.85 -1.53 13.88
N THR F 412 24.96 -1.18 14.58
CA THR F 412 26.33 -1.46 14.18
C THR F 412 26.96 -2.57 15.02
N ALA G 2 17.73 18.47 -47.76
CA ALA G 2 16.52 19.26 -47.62
C ALA G 2 16.84 20.69 -47.22
N ALA G 3 18.13 21.04 -47.26
CA ALA G 3 18.54 22.39 -46.88
C ALA G 3 18.02 23.42 -47.87
N LYS G 4 18.20 23.15 -49.17
CA LYS G 4 17.69 24.01 -50.24
C LYS G 4 17.90 23.27 -51.56
N SER G 5 17.60 23.96 -52.65
CA SER G 5 17.78 23.39 -53.98
C SER G 5 19.24 23.49 -54.39
N TYR G 6 19.82 22.35 -54.78
CA TYR G 6 21.21 22.30 -55.18
C TYR G 6 21.40 22.27 -56.69
N ASN G 7 20.36 21.89 -57.44
CA ASN G 7 20.40 21.76 -58.89
C ASN G 7 21.34 20.67 -59.36
N ILE G 8 21.61 19.67 -58.52
CA ILE G 8 22.27 18.45 -58.96
C ILE G 8 21.22 17.35 -58.88
N PRO G 9 20.66 16.90 -60.01
CA PRO G 9 19.38 16.16 -59.97
C PRO G 9 19.39 14.94 -59.07
N GLU G 10 20.47 14.16 -59.04
CA GLU G 10 20.49 12.99 -58.18
C GLU G 10 20.51 13.38 -56.71
N LEU G 11 21.26 14.41 -56.35
CA LEU G 11 21.24 14.86 -54.96
C LEU G 11 19.92 15.51 -54.58
N ASP G 12 19.27 16.21 -55.52
CA ASP G 12 17.93 16.72 -55.24
C ASP G 12 16.95 15.58 -54.99
N LYS G 13 17.05 14.51 -55.79
CA LYS G 13 16.21 13.34 -55.57
C LYS G 13 16.50 12.68 -54.23
N LYS G 14 17.78 12.63 -53.84
CA LYS G 14 18.14 11.94 -52.60
C LYS G 14 17.76 12.75 -51.37
N LEU G 15 17.92 14.08 -51.43
CA LEU G 15 17.65 14.96 -50.30
C LEU G 15 16.39 15.78 -50.52
N ALA G 16 15.42 15.24 -51.26
CA ALA G 16 14.12 15.89 -51.37
C ALA G 16 13.54 16.14 -49.99
N ASP G 17 12.99 17.34 -49.80
CA ASP G 17 12.34 17.68 -48.55
C ASP G 17 11.13 16.77 -48.32
N ARG G 18 11.18 15.93 -47.30
CA ARG G 18 10.11 15.00 -46.99
C ARG G 18 9.08 15.60 -46.04
N ARG G 19 9.22 16.87 -45.69
CA ARG G 19 8.48 17.48 -44.60
C ARG G 19 7.31 18.27 -45.16
N TYR G 20 6.11 17.96 -44.69
CA TYR G 20 4.90 18.63 -45.17
C TYR G 20 4.85 20.06 -44.65
N HIS G 21 4.64 21.00 -45.57
CA HIS G 21 4.45 22.41 -45.24
C HIS G 21 3.03 22.81 -45.62
N LEU G 22 2.57 23.92 -45.04
CA LEU G 22 1.26 24.46 -45.42
C LEU G 22 1.26 25.06 -46.81
N SER G 23 2.44 25.25 -47.42
CA SER G 23 2.50 25.66 -48.81
C SER G 23 2.19 24.51 -49.76
N ASP G 24 2.12 23.28 -49.26
CA ASP G 24 1.88 22.10 -50.07
C ASP G 24 0.41 21.82 -50.29
N THR G 25 -0.49 22.51 -49.59
CA THR G 25 -1.91 22.23 -49.68
C THR G 25 -2.53 22.96 -50.85
N ASN G 26 -3.37 22.25 -51.61
CA ASN G 26 -4.12 22.82 -52.73
C ASN G 26 -5.60 22.67 -52.45
N PRO G 27 -6.22 23.66 -51.80
CA PRO G 27 -7.67 23.59 -51.56
C PRO G 27 -8.48 23.55 -52.83
N GLU G 28 -7.99 24.16 -53.91
CA GLU G 28 -8.67 24.04 -55.20
C GLU G 28 -8.68 22.59 -55.66
N PHE G 29 -7.56 21.89 -55.50
CA PHE G 29 -7.52 20.46 -55.81
C PHE G 29 -8.54 19.69 -54.99
N THR G 30 -8.62 19.99 -53.69
CA THR G 30 -9.60 19.29 -52.86
C THR G 30 -11.02 19.56 -53.32
N GLN G 31 -11.33 20.82 -53.67
CA GLN G 31 -12.68 21.15 -54.07
C GLN G 31 -13.05 20.51 -55.41
N LYS G 32 -12.10 20.46 -56.34
CA LYS G 32 -12.33 19.75 -57.60
C LYS G 32 -12.59 18.28 -57.35
N ILE G 33 -11.83 17.66 -56.45
CA ILE G 33 -12.05 16.25 -56.15
C ILE G 33 -13.43 16.05 -55.56
N LEU G 34 -13.84 16.91 -54.63
CA LEU G 34 -15.15 16.75 -54.02
C LEU G 34 -16.25 16.88 -55.05
N LYS G 35 -16.16 17.89 -55.92
CA LYS G 35 -17.17 18.08 -56.94
C LYS G 35 -17.26 16.88 -57.87
N THR G 36 -16.12 16.45 -58.41
CA THR G 36 -16.15 15.38 -59.41
C THR G 36 -16.56 14.04 -58.78
N SER G 37 -16.06 13.74 -57.59
CA SER G 37 -16.35 12.46 -56.96
C SER G 37 -17.76 12.37 -56.39
N ARG G 38 -18.38 13.50 -56.04
CA ARG G 38 -19.73 13.52 -55.48
C ARG G 38 -19.79 12.74 -54.18
N THR G 39 -18.72 12.81 -53.40
CA THR G 39 -18.63 12.08 -52.14
C THR G 39 -18.07 13.02 -51.06
N ILE G 40 -18.32 12.66 -49.81
CA ILE G 40 -17.84 13.46 -48.67
C ILE G 40 -16.47 12.91 -48.32
N ALA G 41 -15.46 13.37 -49.05
CA ALA G 41 -14.12 12.83 -48.87
C ALA G 41 -13.37 13.53 -47.75
N ASN G 42 -13.71 14.78 -47.47
CA ASN G 42 -13.06 15.52 -46.39
C ASN G 42 -13.42 15.01 -45.01
N MET G 43 -14.27 13.99 -44.91
CA MET G 43 -14.74 13.50 -43.62
C MET G 43 -14.06 12.20 -43.21
N CYS G 44 -13.00 11.82 -43.91
CA CYS G 44 -12.25 10.62 -43.55
C CYS G 44 -11.54 10.83 -42.22
N TYR G 45 -11.62 9.83 -41.35
CA TYR G 45 -10.82 9.87 -40.13
C TYR G 45 -9.85 8.71 -40.03
N GLN G 46 -9.43 8.19 -41.18
CA GLN G 46 -8.23 7.35 -41.29
C GLN G 46 -8.31 6.11 -40.42
N CYS G 47 -9.44 5.41 -40.51
CA CYS G 47 -9.62 4.17 -39.77
C CYS G 47 -8.88 2.99 -40.38
N GLY G 48 -8.58 3.03 -41.67
CA GLY G 48 -7.87 1.96 -42.33
C GLY G 48 -8.73 0.83 -42.86
N THR G 49 -10.04 0.93 -42.77
CA THR G 49 -10.91 -0.14 -43.27
C THR G 49 -10.78 -0.32 -44.77
N CYS G 50 -10.67 0.80 -45.50
CA CYS G 50 -10.53 0.76 -46.95
C CYS G 50 -9.28 -0.02 -47.36
N THR G 51 -8.13 0.31 -46.78
CA THR G 51 -6.91 -0.41 -47.09
C THR G 51 -7.00 -1.86 -46.63
N GLY G 52 -7.64 -2.09 -45.48
CA GLY G 52 -7.78 -3.46 -45.02
C GLY G 52 -8.64 -4.31 -45.91
N SER G 53 -9.50 -3.70 -46.72
CA SER G 53 -10.34 -4.45 -47.64
C SER G 53 -9.82 -4.49 -49.07
N CYS G 54 -8.87 -3.62 -49.43
CA CYS G 54 -8.39 -3.54 -50.81
C CYS G 54 -7.72 -4.84 -51.25
N PRO G 55 -8.02 -5.36 -52.44
CA PRO G 55 -7.28 -6.52 -52.96
C PRO G 55 -5.97 -6.16 -53.63
N SER G 56 -5.74 -4.87 -53.94
CA SER G 56 -4.48 -4.45 -54.53
C SER G 56 -3.41 -4.18 -53.48
N ALA G 57 -3.82 -3.85 -52.26
CA ALA G 57 -2.84 -3.49 -51.22
C ALA G 57 -1.88 -4.61 -50.85
N PRO G 58 -2.28 -5.88 -50.70
CA PRO G 58 -1.34 -6.90 -50.22
C PRO G 58 -0.19 -7.22 -51.18
N ARG G 59 -0.20 -6.69 -52.40
CA ARG G 59 0.80 -7.06 -53.39
C ARG G 59 1.45 -5.86 -54.04
N SER G 60 1.32 -4.68 -53.45
CA SER G 60 1.85 -3.48 -54.06
C SER G 60 2.00 -2.43 -52.96
N SER G 61 2.41 -1.24 -53.36
CA SER G 61 2.49 -0.11 -52.44
C SER G 61 1.24 0.75 -52.46
N TYR G 62 0.19 0.30 -53.14
CA TYR G 62 -1.05 1.06 -53.24
C TYR G 62 -1.76 1.12 -51.90
N ARG G 63 -2.04 2.33 -51.43
CA ARG G 63 -2.74 2.56 -50.16
C ARG G 63 -3.86 3.57 -50.39
N ILE G 64 -5.09 3.08 -50.44
CA ILE G 64 -6.22 3.95 -50.69
C ILE G 64 -6.41 4.93 -49.53
N ARG G 65 -6.12 4.51 -48.29
CA ARG G 65 -6.20 5.44 -47.17
C ARG G 65 -5.21 6.58 -47.32
N LEU G 66 -4.01 6.26 -47.80
CA LEU G 66 -3.03 7.30 -48.08
C LEU G 66 -3.52 8.26 -49.15
N PHE G 67 -4.18 7.73 -50.18
CA PHE G 67 -4.75 8.62 -51.20
C PHE G 67 -5.84 9.51 -50.62
N MET G 68 -6.65 8.97 -49.71
CA MET G 68 -7.67 9.78 -49.04
C MET G 68 -7.04 10.89 -48.21
N ARG G 69 -5.95 10.58 -47.51
CA ARG G 69 -5.25 11.59 -46.73
C ARG G 69 -4.67 12.67 -47.63
N ARG G 70 -4.10 12.28 -48.77
CA ARG G 70 -3.59 13.27 -49.71
C ARG G 70 -4.71 14.16 -50.24
N CYS G 71 -5.87 13.57 -50.54
CA CYS G 71 -7.01 14.38 -50.94
C CYS G 71 -7.40 15.38 -49.87
N VAL G 72 -7.47 14.94 -48.61
CA VAL G 72 -7.87 15.82 -47.53
C VAL G 72 -6.87 16.97 -47.37
N LEU G 73 -5.57 16.66 -47.42
CA LEU G 73 -4.55 17.67 -47.23
C LEU G 73 -4.23 18.46 -48.49
N GLY G 74 -4.82 18.12 -49.63
CA GLY G 74 -4.59 18.90 -50.83
C GLY G 74 -3.28 18.64 -51.51
N LEU G 75 -2.72 17.43 -51.36
CA LEU G 75 -1.39 17.12 -51.89
C LEU G 75 -1.52 16.72 -53.35
N GLU G 76 -1.82 17.72 -54.17
CA GLU G 76 -1.69 17.65 -55.61
C GLU G 76 -0.21 17.64 -55.97
N ASN G 77 0.14 16.87 -57.00
CA ASN G 77 1.48 16.49 -57.43
C ASN G 77 2.07 15.41 -56.54
N GLU G 78 1.44 15.06 -55.42
CA GLU G 78 1.74 13.82 -54.73
C GLU G 78 0.75 12.73 -55.09
N ALA G 79 -0.54 13.08 -55.14
CA ALA G 79 -1.55 12.10 -55.51
C ALA G 79 -1.51 11.79 -57.01
N LEU G 80 -1.43 12.83 -57.85
CA LEU G 80 -1.63 12.64 -59.28
C LEU G 80 -0.48 11.90 -59.93
N THR G 81 0.75 12.19 -59.51
CA THR G 81 1.91 11.56 -60.13
C THR G 81 2.24 10.20 -59.56
N ASP G 82 1.52 9.74 -58.56
CA ASP G 82 1.80 8.43 -57.98
C ASP G 82 1.46 7.35 -58.99
N PRO G 83 2.42 6.51 -59.39
CA PRO G 83 2.09 5.42 -60.33
C PRO G 83 1.12 4.41 -59.75
N ASP G 84 0.98 4.33 -58.43
CA ASP G 84 -0.06 3.48 -57.87
C ASP G 84 -1.37 4.22 -57.76
N LEU G 85 -1.75 4.96 -58.78
CA LEU G 85 -3.09 5.50 -58.91
C LEU G 85 -3.91 4.66 -59.86
N TRP G 86 -3.26 3.79 -60.63
CA TRP G 86 -3.88 2.97 -61.64
C TRP G 86 -3.93 1.51 -61.24
N LEU G 87 -3.72 1.21 -59.97
CA LEU G 87 -3.84 -0.16 -59.47
C LEU G 87 -5.16 -0.43 -58.78
N CYS G 88 -6.07 0.54 -58.77
CA CYS G 88 -7.41 0.32 -58.24
C CYS G 88 -8.24 -0.42 -59.27
N THR G 89 -8.81 -1.56 -58.89
CA THR G 89 -9.70 -2.30 -59.76
C THR G 89 -11.14 -1.82 -59.69
N THR G 90 -11.42 -0.80 -58.89
CA THR G 90 -12.77 -0.30 -58.66
C THR G 90 -13.71 -1.44 -58.24
N CYS G 91 -13.23 -2.29 -57.35
CA CYS G 91 -14.05 -3.36 -56.82
C CYS G 91 -15.08 -2.87 -55.82
N TYR G 92 -14.93 -1.65 -55.32
CA TYR G 92 -15.87 -0.99 -54.42
C TYR G 92 -15.97 -1.65 -53.04
N SER G 93 -14.99 -2.45 -52.62
CA SER G 93 -15.02 -2.99 -51.26
C SER G 93 -14.81 -1.88 -50.23
N CYS G 94 -13.91 -0.96 -50.51
CA CYS G 94 -13.70 0.17 -49.61
C CYS G 94 -14.98 0.97 -49.43
N THR G 95 -15.66 1.27 -50.52
CA THR G 95 -16.91 2.01 -50.45
C THR G 95 -17.97 1.19 -49.73
N ASP G 96 -17.94 -0.12 -49.91
CA ASP G 96 -18.89 -0.98 -49.23
C ASP G 96 -18.71 -0.93 -47.72
N ARG G 97 -17.48 -0.71 -47.24
CA ARG G 97 -17.23 -0.86 -45.81
C ARG G 97 -16.89 0.42 -45.06
N CYS G 98 -16.71 1.55 -45.72
CA CYS G 98 -16.28 2.74 -45.02
C CYS G 98 -17.30 3.15 -43.96
N PRO G 99 -16.88 3.39 -42.71
CA PRO G 99 -17.83 3.77 -41.67
C PRO G 99 -18.34 5.20 -41.78
N ARG G 100 -17.76 6.01 -42.65
CA ARG G 100 -18.14 7.40 -42.80
C ARG G 100 -18.98 7.66 -44.03
N ASP G 101 -19.39 6.62 -44.75
CA ASP G 101 -20.06 6.74 -46.05
C ASP G 101 -19.27 7.58 -47.03
N ILE G 102 -18.01 7.22 -47.20
CA ILE G 102 -17.17 7.81 -48.23
C ILE G 102 -17.05 6.79 -49.35
N ALA G 103 -16.86 7.30 -50.56
CA ALA G 103 -16.57 6.46 -51.72
C ALA G 103 -15.12 6.71 -52.13
N PRO G 104 -14.16 6.02 -51.50
CA PRO G 104 -12.76 6.22 -51.87
C PRO G 104 -12.48 5.88 -53.31
N THR G 105 -13.15 4.88 -53.86
CA THR G 105 -12.97 4.56 -55.27
C THR G 105 -13.51 5.66 -56.18
N ASP G 106 -14.54 6.39 -55.75
CA ASP G 106 -14.97 7.55 -56.51
C ASP G 106 -13.95 8.68 -56.42
N VAL G 107 -13.31 8.82 -55.27
CA VAL G 107 -12.20 9.78 -55.17
C VAL G 107 -11.07 9.38 -56.10
N ILE G 108 -10.77 8.09 -56.18
CA ILE G 108 -9.76 7.59 -57.10
C ILE G 108 -10.13 7.92 -58.54
N MET G 109 -11.40 7.76 -58.89
CA MET G 109 -11.84 8.04 -60.25
C MET G 109 -11.66 9.52 -60.58
N ALA G 110 -12.03 10.40 -59.65
CA ALA G 110 -11.83 11.83 -59.87
C ALA G 110 -10.35 12.18 -60.00
N MET G 111 -9.50 11.56 -59.18
CA MET G 111 -8.07 11.77 -59.29
C MET G 111 -7.54 11.33 -60.65
N ARG G 112 -8.04 10.19 -61.15
CA ARG G 112 -7.62 9.73 -62.47
C ARG G 112 -8.03 10.70 -63.56
N ASN G 113 -9.22 11.30 -63.43
CA ASN G 113 -9.63 12.31 -64.41
C ASN G 113 -8.69 13.51 -64.37
N LEU G 114 -8.32 13.98 -63.18
CA LEU G 114 -7.39 15.10 -63.09
C LEU G 114 -6.02 14.74 -63.64
N ALA G 115 -5.58 13.50 -63.41
CA ALA G 115 -4.30 13.04 -63.95
C ALA G 115 -4.34 13.02 -65.48
N PHE G 116 -5.45 12.58 -66.05
CA PHE G 116 -5.57 12.64 -67.51
C PHE G 116 -5.52 14.07 -68.01
N LYS G 117 -6.22 14.98 -67.33
CA LYS G 117 -6.20 16.37 -67.76
C LYS G 117 -4.81 16.99 -67.66
N ARG G 118 -3.96 16.49 -66.77
CA ARG G 118 -2.57 16.93 -66.75
C ARG G 118 -1.64 16.00 -67.53
N ASP G 119 -2.20 15.06 -68.30
CA ASP G 119 -1.52 14.21 -69.29
C ASP G 119 -0.80 13.00 -68.72
N ILE G 120 -1.01 12.65 -67.47
CA ILE G 120 -0.52 11.38 -66.93
C ILE G 120 -1.61 10.34 -67.12
N VAL G 121 -1.34 9.32 -67.92
CA VAL G 121 -2.33 8.31 -68.22
C VAL G 121 -1.66 7.13 -68.92
N PRO G 122 -1.95 5.89 -68.52
CA PRO G 122 -1.40 4.73 -69.23
C PRO G 122 -1.96 4.61 -70.63
N LYS G 123 -1.18 3.92 -71.48
CA LYS G 123 -1.47 3.88 -72.90
C LYS G 123 -2.65 2.99 -73.28
N ASN G 124 -2.99 2.01 -72.45
CA ASN G 124 -4.15 1.18 -72.77
C ASN G 124 -5.42 2.01 -72.79
N PHE G 125 -5.52 2.99 -71.91
CA PHE G 125 -6.67 3.87 -71.89
C PHE G 125 -6.80 4.64 -73.20
N LEU G 126 -5.69 5.18 -73.69
CA LEU G 126 -5.71 5.92 -74.95
C LEU G 126 -6.03 5.00 -76.12
N GLN G 127 -5.50 3.78 -76.10
CA GLN G 127 -5.81 2.85 -77.18
C GLN G 127 -7.28 2.47 -77.19
N THR G 128 -7.88 2.31 -76.01
CA THR G 128 -9.31 2.05 -75.93
C THR G 128 -10.10 3.24 -76.47
N VAL G 129 -9.64 4.46 -76.18
CA VAL G 129 -10.28 5.64 -76.74
C VAL G 129 -10.24 5.58 -78.27
N GLN G 130 -9.09 5.21 -78.84
CA GLN G 130 -8.98 5.12 -80.28
C GLN G 130 -9.95 4.09 -80.84
N LEU G 131 -10.02 2.92 -80.20
CA LEU G 131 -10.91 1.86 -80.69
C LEU G 131 -12.37 2.29 -80.64
N ILE G 132 -12.79 2.91 -79.54
CA ILE G 132 -14.18 3.33 -79.41
C ILE G 132 -14.50 4.43 -80.40
N TYR G 133 -13.54 5.33 -80.65
CA TYR G 133 -13.75 6.34 -81.67
C TYR G 133 -13.94 5.72 -83.04
N ASN G 134 -13.12 4.72 -83.38
CA ASN G 134 -13.19 4.16 -84.73
C ASN G 134 -14.44 3.33 -84.93
N SER G 135 -14.79 2.47 -83.96
CA SER G 135 -15.87 1.52 -84.16
C SER G 135 -16.96 1.57 -83.10
N GLY G 136 -16.81 2.37 -82.06
CA GLY G 136 -17.78 2.36 -80.98
C GLY G 136 -17.67 1.19 -80.03
N HIS G 137 -16.67 0.34 -80.17
CA HIS G 137 -16.54 -0.87 -79.36
C HIS G 137 -15.15 -0.94 -78.76
N GLY G 138 -15.08 -1.10 -77.44
CA GLY G 138 -13.79 -1.28 -76.80
C GLY G 138 -13.11 -2.57 -77.18
N VAL G 139 -13.88 -3.62 -77.41
CA VAL G 139 -13.36 -4.90 -77.86
C VAL G 139 -14.02 -5.25 -79.19
N PRO G 140 -13.45 -4.86 -80.31
CA PRO G 140 -14.14 -4.99 -81.60
C PRO G 140 -14.08 -6.40 -82.16
N ASN G 141 -14.92 -6.64 -83.16
CA ASN G 141 -15.01 -7.92 -83.85
C ASN G 141 -13.84 -8.11 -84.80
N ASN G 142 -13.52 -9.38 -85.06
CA ASN G 142 -12.49 -9.73 -86.04
C ASN G 142 -13.02 -10.84 -86.94
N ASP G 143 -12.19 -11.24 -87.91
CA ASP G 143 -12.61 -12.21 -88.91
C ASP G 143 -12.90 -13.57 -88.30
N VAL G 144 -12.08 -14.01 -87.36
CA VAL G 144 -12.26 -15.34 -86.79
C VAL G 144 -13.55 -15.39 -85.98
N ASN G 145 -13.87 -14.31 -85.27
CA ASN G 145 -15.12 -14.29 -84.54
C ASN G 145 -16.31 -14.15 -85.47
N ARG G 146 -16.16 -13.44 -86.59
CA ARG G 146 -17.24 -13.44 -87.58
C ARG G 146 -17.52 -14.83 -88.09
N ALA G 147 -16.45 -15.59 -88.38
CA ALA G 147 -16.62 -16.98 -88.82
C ALA G 147 -17.28 -17.82 -87.74
N ALA G 148 -16.87 -17.64 -86.48
CA ALA G 148 -17.46 -18.41 -85.39
C ALA G 148 -18.94 -18.09 -85.22
N ARG G 149 -19.30 -16.81 -85.30
CA ARG G 149 -20.71 -16.42 -85.20
C ARG G 149 -21.51 -17.03 -86.34
N THR G 150 -20.96 -17.00 -87.56
CA THR G 150 -21.64 -17.61 -88.69
C THR G 150 -21.86 -19.10 -88.47
N LYS G 151 -20.83 -19.80 -88.00
CA LYS G 151 -21.00 -21.24 -87.77
C LYS G 151 -22.01 -21.51 -86.67
N LEU G 152 -22.10 -20.62 -85.68
CA LEU G 152 -23.14 -20.73 -84.67
C LEU G 152 -24.52 -20.60 -85.29
N GLY G 153 -24.69 -19.60 -86.16
CA GLY G 153 -25.99 -19.26 -86.71
C GLY G 153 -26.39 -17.82 -86.51
N LEU G 154 -25.64 -17.06 -85.72
CA LEU G 154 -25.88 -15.64 -85.59
C LEU G 154 -25.42 -14.92 -86.86
N PRO G 155 -25.91 -13.70 -87.07
CA PRO G 155 -25.36 -12.88 -88.16
C PRO G 155 -23.88 -12.61 -87.93
N ALA G 156 -23.15 -12.43 -89.03
CA ALA G 156 -21.71 -12.29 -88.97
C ALA G 156 -21.28 -11.09 -88.15
N ASP G 157 -22.17 -10.12 -87.94
CA ASP G 157 -21.89 -9.00 -87.06
C ASP G 157 -23.05 -8.79 -86.11
N PRO G 158 -22.77 -8.36 -84.89
CA PRO G 158 -23.83 -8.13 -83.90
C PRO G 158 -24.66 -6.92 -84.28
N PRO G 159 -25.87 -6.80 -83.72
CA PRO G 159 -26.76 -5.66 -84.06
C PRO G 159 -26.23 -4.30 -83.66
N THR G 160 -24.99 -4.23 -83.21
CA THR G 160 -24.41 -2.99 -82.69
C THR G 160 -23.96 -2.05 -83.81
N THR G 161 -23.17 -1.04 -83.43
CA THR G 161 -22.58 -0.14 -84.43
C THR G 161 -21.61 -0.84 -85.37
N HIS G 162 -21.34 -2.13 -85.13
CA HIS G 162 -20.60 -2.91 -86.12
C HIS G 162 -21.46 -3.21 -87.34
N SER G 163 -22.79 -3.23 -87.17
CA SER G 163 -23.69 -3.46 -88.28
C SER G 163 -24.53 -2.22 -88.61
N TYR G 164 -24.49 -1.18 -87.77
CA TYR G 164 -25.19 0.07 -88.04
C TYR G 164 -24.20 1.23 -87.93
N PRO G 165 -23.34 1.41 -88.93
CA PRO G 165 -22.24 2.38 -88.80
C PRO G 165 -22.67 3.84 -88.80
N GLU G 166 -23.96 4.14 -88.89
CA GLU G 166 -24.36 5.55 -88.86
C GLU G 166 -24.37 6.13 -87.46
N PHE G 167 -24.51 5.30 -86.42
CA PHE G 167 -24.41 5.79 -85.05
C PHE G 167 -22.98 6.07 -84.62
N VAL G 168 -22.00 5.54 -85.35
CA VAL G 168 -20.60 5.80 -85.03
C VAL G 168 -20.32 7.29 -85.10
N LYS G 169 -20.94 7.96 -86.06
CA LYS G 169 -20.73 9.40 -86.21
C LYS G 169 -21.23 10.16 -84.99
N GLY G 170 -22.38 9.75 -84.43
CA GLY G 170 -22.86 10.38 -83.21
C GLY G 170 -21.94 10.12 -82.02
N ILE G 171 -21.43 8.89 -81.91
CA ILE G 171 -20.47 8.59 -80.85
C ILE G 171 -19.23 9.47 -81.01
N GLN G 172 -18.76 9.64 -82.24
CA GLN G 172 -17.58 10.45 -82.50
C GLN G 172 -17.84 11.91 -82.15
N LYS G 173 -19.04 12.41 -82.42
CA LYS G 173 -19.32 13.79 -82.01
C LYS G 173 -19.35 13.92 -80.49
N ILE G 174 -19.90 12.92 -79.79
CA ILE G 174 -19.87 12.96 -78.32
C ILE G 174 -18.43 13.02 -77.82
N ILE G 175 -17.56 12.18 -78.36
CA ILE G 175 -16.16 12.17 -77.91
C ILE G 175 -15.48 13.47 -78.27
N ASP G 176 -15.72 13.99 -79.48
CA ASP G 176 -15.07 15.22 -79.92
C ASP G 176 -15.52 16.42 -79.10
N HIS G 177 -16.75 16.39 -78.58
CA HIS G 177 -17.22 17.51 -77.78
C HIS G 177 -16.35 17.71 -76.56
N TYR G 178 -15.93 16.62 -75.92
CA TYR G 178 -15.04 16.68 -74.78
C TYR G 178 -13.57 16.65 -75.18
N GLU G 179 -13.28 16.46 -76.47
CA GLU G 179 -11.92 16.55 -77.02
C GLU G 179 -11.07 15.36 -76.62
N LEU G 180 -11.72 14.25 -76.30
CA LEU G 180 -11.03 13.08 -75.80
C LEU G 180 -10.08 12.52 -76.86
N LYS G 181 -10.54 12.44 -78.11
CA LYS G 181 -9.67 11.96 -79.18
C LYS G 181 -8.50 12.92 -79.43
N GLU G 182 -8.78 14.22 -79.45
CA GLU G 182 -7.74 15.20 -79.71
C GLU G 182 -6.69 15.23 -78.61
N ASN G 183 -7.03 14.78 -77.41
CA ASN G 183 -6.01 14.66 -76.38
C ASN G 183 -5.32 13.29 -76.42
N ALA G 184 -6.08 12.22 -76.69
CA ALA G 184 -5.49 10.89 -76.70
C ALA G 184 -4.45 10.74 -77.79
N ASP G 185 -4.75 11.22 -79.00
CA ASP G 185 -3.77 11.10 -80.08
C ASP G 185 -2.54 11.94 -79.80
N ARG G 186 -2.73 13.15 -79.25
CA ARG G 186 -1.59 14.00 -78.93
C ARG G 186 -0.69 13.35 -77.88
N ILE G 187 -1.28 12.77 -76.84
CA ILE G 187 -0.48 12.12 -75.82
C ILE G 187 0.22 10.89 -76.39
N LEU G 188 -0.48 10.11 -77.21
CA LEU G 188 0.15 8.94 -77.83
C LEU G 188 1.32 9.33 -78.72
N LYS G 189 1.24 10.49 -79.38
CA LYS G 189 2.35 10.95 -80.21
C LYS G 189 3.49 11.41 -79.32
N GLY G 190 4.55 10.61 -79.25
CA GLY G 190 5.72 10.97 -78.46
C GLY G 190 6.81 9.92 -78.51
N MET H 1 -45.02 -13.70 -71.92
CA MET H 1 -43.64 -13.57 -72.34
C MET H 1 -43.17 -12.12 -72.21
N HIS H 2 -42.40 -11.85 -71.16
CA HIS H 2 -41.87 -10.51 -70.95
C HIS H 2 -40.82 -10.20 -72.02
N GLU H 3 -40.77 -8.93 -72.43
CA GLU H 3 -39.89 -8.50 -73.50
C GLU H 3 -38.91 -7.46 -72.97
N TYR H 4 -37.63 -7.64 -73.29
CA TYR H 4 -36.58 -6.73 -72.88
C TYR H 4 -35.66 -6.44 -74.04
N ALA H 5 -35.16 -5.21 -74.12
CA ALA H 5 -34.08 -4.90 -75.03
C ALA H 5 -32.80 -5.53 -74.53
N PHE H 6 -32.07 -6.19 -75.41
CA PHE H 6 -30.88 -6.95 -75.06
C PHE H 6 -29.66 -6.12 -75.41
N PHE H 7 -28.94 -5.64 -74.37
CA PHE H 7 -27.90 -4.64 -74.63
C PHE H 7 -26.69 -5.23 -75.34
N LEU H 8 -26.18 -6.36 -74.88
CA LEU H 8 -25.13 -7.06 -75.64
C LEU H 8 -23.87 -6.24 -75.85
N GLY H 9 -23.03 -6.09 -74.83
CA GLY H 9 -21.90 -5.18 -74.94
C GLY H 9 -20.80 -5.67 -75.87
N CYS H 10 -19.54 -5.50 -75.51
CA CYS H 10 -18.48 -5.79 -76.46
C CYS H 10 -17.95 -7.22 -76.41
N ILE H 11 -17.71 -7.78 -75.22
CA ILE H 11 -16.98 -9.03 -75.15
C ILE H 11 -17.85 -10.23 -75.50
N ALA H 12 -19.10 -10.25 -75.09
CA ALA H 12 -19.96 -11.39 -75.39
C ALA H 12 -20.16 -11.57 -76.90
N PRO H 13 -20.50 -10.52 -77.66
CA PRO H 13 -20.69 -10.74 -79.10
C PRO H 13 -19.40 -10.97 -79.87
N ASN H 14 -18.29 -10.39 -79.43
CA ASN H 14 -17.05 -10.38 -80.21
C ASN H 14 -15.99 -11.35 -79.70
N ARG H 15 -16.18 -11.95 -78.56
CA ARG H 15 -15.22 -12.95 -78.11
C ARG H 15 -15.89 -14.26 -77.72
N TYR H 16 -17.07 -14.21 -77.13
CA TYR H 16 -17.77 -15.38 -76.62
C TYR H 16 -19.20 -15.41 -77.14
N PRO H 17 -19.39 -15.53 -78.46
CA PRO H 17 -20.74 -15.43 -79.02
C PRO H 17 -21.68 -16.51 -78.53
N GLY H 18 -21.16 -17.65 -78.07
CA GLY H 18 -22.02 -18.66 -77.51
C GLY H 18 -22.77 -18.16 -76.30
N CYS H 19 -22.17 -17.23 -75.55
CA CYS H 19 -22.84 -16.64 -74.40
C CYS H 19 -24.12 -15.94 -74.85
N GLU H 20 -24.05 -15.10 -75.88
CA GLU H 20 -25.25 -14.38 -76.32
C GLU H 20 -26.24 -15.32 -77.00
N ALA H 21 -25.75 -16.31 -77.74
CA ALA H 21 -26.65 -17.25 -78.39
C ALA H 21 -27.45 -18.04 -77.36
N SER H 22 -26.76 -18.58 -76.35
CA SER H 22 -27.46 -19.28 -75.29
C SER H 22 -28.35 -18.34 -74.49
N ALA H 23 -27.93 -17.08 -74.33
CA ALA H 23 -28.79 -16.12 -73.65
C ALA H 23 -30.14 -16.03 -74.35
N ILE H 24 -30.14 -15.81 -75.66
CA ILE H 24 -31.39 -15.66 -76.38
C ILE H 24 -32.20 -16.95 -76.32
N LYS H 25 -31.56 -18.09 -76.56
CA LYS H 25 -32.30 -19.36 -76.60
C LYS H 25 -32.90 -19.71 -75.24
N THR H 26 -32.10 -19.67 -74.18
CA THR H 26 -32.59 -20.05 -72.86
C THR H 26 -33.61 -19.06 -72.34
N SER H 27 -33.39 -17.77 -72.56
CA SER H 27 -34.36 -16.78 -72.15
C SER H 27 -35.69 -16.99 -72.86
N GLU H 28 -35.65 -17.39 -74.13
CA GLU H 28 -36.91 -17.69 -74.82
C GLU H 28 -37.56 -18.95 -74.28
N LYS H 29 -36.75 -19.95 -73.89
CA LYS H 29 -37.34 -21.17 -73.35
C LYS H 29 -38.08 -20.88 -72.05
N VAL H 30 -37.49 -20.09 -71.16
CA VAL H 30 -38.23 -19.54 -70.04
C VAL H 30 -39.01 -18.36 -70.58
N GLY H 31 -39.90 -17.77 -69.79
CA GLY H 31 -40.79 -16.78 -70.36
C GLY H 31 -40.22 -15.39 -70.57
N ILE H 32 -39.12 -15.26 -71.31
CA ILE H 32 -38.46 -13.97 -71.53
C ILE H 32 -38.12 -13.84 -73.01
N LYS H 33 -38.29 -12.62 -73.54
CA LYS H 33 -38.05 -12.35 -74.95
C LYS H 33 -37.01 -11.25 -75.06
N LEU H 34 -35.85 -11.58 -75.61
CA LEU H 34 -34.71 -10.67 -75.66
C LEU H 34 -34.62 -10.05 -77.05
N LEU H 35 -34.93 -8.77 -77.15
CA LEU H 35 -34.97 -8.02 -78.41
C LEU H 35 -33.65 -7.33 -78.67
N PRO H 36 -33.15 -7.37 -79.90
CA PRO H 36 -31.90 -6.68 -80.22
C PRO H 36 -32.01 -5.18 -79.98
N LEU H 37 -30.92 -4.59 -79.49
CA LEU H 37 -30.83 -3.15 -79.33
C LEU H 37 -30.25 -2.56 -80.61
N LYS H 38 -30.89 -1.51 -81.11
CA LYS H 38 -30.63 -1.03 -82.46
C LYS H 38 -29.47 -0.03 -82.42
N GLY H 39 -28.29 -0.48 -82.83
CA GLY H 39 -27.15 0.39 -82.88
C GLY H 39 -26.53 0.72 -81.54
N ALA H 40 -26.71 -0.14 -80.54
CA ALA H 40 -26.02 0.04 -79.27
C ALA H 40 -24.52 -0.11 -79.48
N SER H 41 -23.75 0.49 -78.59
CA SER H 41 -22.31 0.44 -78.70
C SER H 41 -21.71 -0.11 -77.41
N CYS H 42 -20.40 0.01 -77.28
CA CYS H 42 -19.76 -0.14 -75.98
C CYS H 42 -20.51 0.71 -74.97
N CYS H 43 -21.05 0.08 -73.94
CA CYS H 43 -21.32 0.84 -72.76
C CYS H 43 -19.97 1.41 -72.37
N PRO H 44 -19.84 2.69 -72.19
CA PRO H 44 -18.51 3.20 -71.94
C PRO H 44 -17.98 2.44 -70.73
N ALA H 45 -17.01 1.56 -70.98
CA ALA H 45 -16.63 0.57 -69.98
C ALA H 45 -16.20 1.29 -68.71
N PRO H 46 -16.77 0.94 -67.56
CA PRO H 46 -16.66 1.84 -66.39
C PRO H 46 -15.24 2.09 -65.96
N GLY H 47 -14.36 1.11 -66.06
CA GLY H 47 -12.99 1.32 -65.65
C GLY H 47 -12.17 2.07 -66.68
N ALA H 48 -12.01 1.45 -67.84
CA ALA H 48 -11.10 1.97 -68.85
C ALA H 48 -11.56 3.28 -69.48
N PHE H 49 -12.78 3.74 -69.17
CA PHE H 49 -13.29 4.92 -69.85
C PHE H 49 -13.79 5.92 -68.81
N GLY H 50 -14.35 5.40 -67.72
CA GLY H 50 -14.64 6.24 -66.58
C GLY H 50 -13.40 6.79 -65.92
N SER H 51 -12.30 6.03 -65.94
CA SER H 51 -11.04 6.53 -65.41
C SER H 51 -10.54 7.73 -66.21
N ILE H 52 -10.87 7.78 -67.49
CA ILE H 52 -10.41 8.87 -68.34
C ILE H 52 -11.32 10.08 -68.20
N ASP H 53 -12.63 9.92 -68.40
CA ASP H 53 -13.51 11.08 -68.43
C ASP H 53 -14.93 10.69 -68.03
N LEU H 54 -15.35 11.16 -66.87
CA LEU H 54 -16.67 10.83 -66.35
C LEU H 54 -17.79 11.46 -67.17
N ASN H 55 -17.56 12.64 -67.73
CA ASN H 55 -18.62 13.29 -68.51
C ASN H 55 -18.91 12.53 -69.80
N VAL H 56 -17.88 12.05 -70.49
CA VAL H 56 -18.13 11.27 -71.68
C VAL H 56 -18.64 9.88 -71.32
N TRP H 57 -18.25 9.36 -70.16
CA TRP H 57 -18.89 8.16 -69.65
C TRP H 57 -20.40 8.34 -69.52
N TYR H 58 -20.81 9.44 -68.90
CA TYR H 58 -22.23 9.75 -68.74
C TYR H 58 -22.91 9.88 -70.09
N ALA H 59 -22.30 10.61 -71.02
CA ALA H 59 -22.94 10.85 -72.30
C ALA H 59 -23.13 9.56 -73.08
N MET H 60 -22.12 8.70 -73.13
CA MET H 60 -22.28 7.47 -73.92
C MET H 60 -23.25 6.50 -73.26
N ALA H 61 -23.21 6.38 -71.93
CA ALA H 61 -24.19 5.51 -71.28
C ALA H 61 -25.60 6.04 -71.48
N ALA H 62 -25.76 7.36 -71.47
CA ALA H 62 -27.09 7.93 -71.69
C ALA H 62 -27.55 7.70 -73.12
N ARG H 63 -26.65 7.75 -74.09
CA ARG H 63 -27.05 7.45 -75.46
C ARG H 63 -27.52 6.00 -75.58
N ASN H 64 -26.80 5.09 -74.95
CA ASN H 64 -27.23 3.69 -74.94
C ASN H 64 -28.59 3.56 -74.27
N LEU H 65 -28.86 4.36 -73.24
CA LEU H 65 -30.15 4.28 -72.55
C LEU H 65 -31.28 4.85 -73.39
N VAL H 66 -31.01 5.92 -74.14
CA VAL H 66 -32.08 6.54 -74.91
C VAL H 66 -32.39 5.76 -76.18
N LEU H 67 -31.47 4.93 -76.66
CA LEU H 67 -31.84 3.99 -77.72
C LEU H 67 -33.00 3.10 -77.27
N ALA H 68 -32.85 2.44 -76.12
CA ALA H 68 -33.92 1.62 -75.59
C ALA H 68 -35.11 2.44 -75.12
N GLU H 69 -34.89 3.70 -74.75
CA GLU H 69 -36.01 4.57 -74.44
C GLU H 69 -36.91 4.79 -75.65
N GLU H 70 -36.29 5.08 -76.81
CA GLU H 70 -37.06 5.19 -78.04
C GLU H 70 -37.72 3.86 -78.39
N MET H 71 -37.02 2.75 -78.14
CA MET H 71 -37.63 1.45 -78.31
C MET H 71 -38.78 1.21 -77.33
N LYS H 72 -38.84 1.99 -76.25
CA LYS H 72 -39.86 1.83 -75.20
C LYS H 72 -39.80 0.44 -74.58
N LYS H 73 -38.63 0.07 -74.09
CA LYS H 73 -38.42 -1.25 -73.50
C LYS H 73 -37.44 -1.15 -72.35
N ASP H 74 -37.40 -2.20 -71.53
CA ASP H 74 -36.49 -2.29 -70.40
C ASP H 74 -35.22 -3.03 -70.83
N ILE H 75 -34.07 -2.47 -70.46
CA ILE H 75 -32.79 -3.08 -70.81
C ILE H 75 -32.61 -4.38 -70.01
N ALA H 76 -32.09 -5.40 -70.68
CA ALA H 76 -31.60 -6.62 -70.03
C ALA H 76 -30.13 -6.80 -70.38
N LEU H 77 -29.33 -7.16 -69.39
CA LEU H 77 -27.88 -7.22 -69.52
C LEU H 77 -27.37 -8.61 -69.15
N ILE H 78 -26.15 -8.91 -69.55
CA ILE H 78 -25.50 -10.14 -69.12
C ILE H 78 -24.09 -9.88 -68.62
N CYS H 79 -23.74 -8.62 -68.39
CA CYS H 79 -22.40 -8.27 -67.95
C CYS H 79 -22.47 -7.39 -66.72
N ASN H 80 -21.66 -7.68 -65.70
CA ASN H 80 -21.61 -6.84 -64.47
C ASN H 80 -21.03 -5.46 -64.79
N GLY H 81 -20.02 -5.34 -65.65
CA GLY H 81 -19.49 -4.03 -65.98
C GLY H 81 -20.47 -3.20 -66.79
N CYS H 82 -21.14 -3.83 -67.74
CA CYS H 82 -22.19 -3.14 -68.49
C CYS H 82 -23.33 -2.75 -67.57
N TYR H 83 -23.65 -3.60 -66.60
CA TYR H 83 -24.64 -3.23 -65.60
C TYR H 83 -24.22 -1.99 -64.85
N LYS H 84 -22.97 -1.95 -64.39
CA LYS H 84 -22.47 -0.76 -63.73
C LYS H 84 -22.72 0.47 -64.60
N SER H 85 -22.16 0.47 -65.81
CA SER H 85 -22.32 1.65 -66.68
C SER H 85 -23.79 2.01 -66.87
N ILE H 86 -24.55 1.10 -67.48
CA ILE H 86 -25.91 1.42 -67.91
C ILE H 86 -26.79 1.73 -66.70
N TRP H 87 -26.92 0.77 -65.79
CA TRP H 87 -27.83 0.93 -64.66
C TRP H 87 -27.44 2.11 -63.79
N GLU H 88 -26.14 2.28 -63.51
CA GLU H 88 -25.75 3.34 -62.58
C GLU H 88 -25.89 4.71 -63.21
N VAL H 89 -25.59 4.86 -64.50
CA VAL H 89 -25.82 6.15 -65.14
C VAL H 89 -27.30 6.45 -65.22
N ASN H 90 -28.12 5.43 -65.50
CA ASN H 90 -29.56 5.61 -65.47
C ASN H 90 -30.02 6.10 -64.10
N HIS H 91 -29.52 5.47 -63.03
CA HIS H 91 -29.93 5.84 -61.69
C HIS H 91 -29.46 7.24 -61.32
N ILE H 92 -28.23 7.60 -61.71
CA ILE H 92 -27.69 8.91 -61.38
C ILE H 92 -28.43 10.01 -62.12
N LEU H 93 -28.70 9.80 -63.40
CA LEU H 93 -29.40 10.78 -64.21
C LEU H 93 -30.90 10.76 -63.98
N LYS H 94 -31.42 9.81 -63.23
CA LYS H 94 -32.81 9.95 -62.86
C LYS H 94 -33.00 10.88 -61.67
N HIS H 95 -31.92 11.27 -60.99
CA HIS H 95 -32.06 12.03 -59.75
C HIS H 95 -31.24 13.31 -59.73
N ASN H 96 -30.16 13.40 -60.51
CA ASN H 96 -29.30 14.57 -60.48
C ASN H 96 -29.64 15.49 -61.64
N ASP H 97 -30.18 16.67 -61.31
CA ASP H 97 -30.76 17.55 -62.32
C ASP H 97 -29.68 18.22 -63.17
N GLU H 98 -28.61 18.70 -62.54
CA GLU H 98 -27.59 19.40 -63.33
C GLU H 98 -26.86 18.43 -64.25
N LEU H 99 -26.71 17.17 -63.81
CA LEU H 99 -26.13 16.17 -64.69
C LEU H 99 -27.07 15.81 -65.83
N ARG H 100 -28.38 15.69 -65.55
CA ARG H 100 -29.33 15.56 -66.64
C ARG H 100 -29.16 16.68 -67.65
N ASP H 101 -29.10 17.92 -67.15
CA ASP H 101 -29.01 19.06 -68.05
C ASP H 101 -27.75 18.97 -68.91
N ASN H 102 -26.60 18.71 -68.28
CA ASN H 102 -25.35 18.65 -69.01
C ASN H 102 -25.38 17.57 -70.08
N VAL H 103 -25.83 16.36 -69.71
CA VAL H 103 -25.89 15.27 -70.67
C VAL H 103 -26.87 15.60 -71.79
N ASN H 104 -27.96 16.28 -71.48
CA ASN H 104 -28.94 16.60 -72.50
C ASN H 104 -28.42 17.62 -73.48
N GLU H 105 -27.68 18.63 -73.01
CA GLU H 105 -27.14 19.56 -73.99
C GLU H 105 -25.91 19.01 -74.71
N VAL H 106 -25.32 17.93 -74.21
CA VAL H 106 -24.34 17.22 -75.04
C VAL H 106 -25.04 16.40 -76.12
N LEU H 107 -26.10 15.71 -75.74
CA LEU H 107 -26.83 14.83 -76.65
C LEU H 107 -27.65 15.59 -77.67
N ALA H 108 -28.00 16.84 -77.40
CA ALA H 108 -28.75 17.65 -78.36
C ALA H 108 -27.98 17.92 -79.63
N GLU H 109 -26.66 17.68 -79.64
CA GLU H 109 -25.90 17.80 -80.87
C GLU H 109 -26.14 16.62 -81.79
N ILE H 110 -26.77 15.56 -81.31
CA ILE H 110 -27.11 14.41 -82.15
C ILE H 110 -28.60 14.12 -82.12
N ASP H 111 -29.41 15.12 -81.79
CA ASP H 111 -30.88 15.06 -81.90
C ASP H 111 -31.44 13.90 -81.07
N MET H 112 -31.27 14.03 -79.76
CA MET H 112 -31.41 12.87 -78.88
C MET H 112 -31.50 13.36 -77.44
N GLN H 113 -32.50 12.89 -76.69
CA GLN H 113 -32.74 13.40 -75.34
C GLN H 113 -32.94 12.26 -74.37
N PHE H 114 -32.50 12.48 -73.13
CA PHE H 114 -32.68 11.53 -72.04
C PHE H 114 -33.76 12.05 -71.11
N LYS H 115 -34.76 11.21 -70.84
CA LYS H 115 -35.83 11.57 -69.93
C LYS H 115 -35.97 10.63 -68.74
N GLY H 116 -35.36 9.45 -68.78
CA GLY H 116 -35.41 8.56 -67.64
C GLY H 116 -36.72 7.84 -67.46
N THR H 117 -37.05 6.96 -68.40
CA THR H 117 -38.33 6.28 -68.40
C THR H 117 -38.25 4.77 -68.30
N ILE H 118 -37.06 4.18 -68.36
CA ILE H 118 -36.93 2.73 -68.41
C ILE H 118 -36.10 2.25 -67.23
N ASP H 119 -36.04 0.92 -67.10
CA ASP H 119 -35.31 0.26 -66.03
C ASP H 119 -34.32 -0.72 -66.64
N VAL H 120 -33.26 -1.00 -65.88
CA VAL H 120 -32.16 -1.84 -66.33
C VAL H 120 -32.10 -3.06 -65.44
N TRP H 121 -32.02 -4.24 -66.05
CA TRP H 121 -31.98 -5.50 -65.32
C TRP H 121 -30.84 -6.35 -65.81
N HIS H 122 -30.24 -7.09 -64.89
CA HIS H 122 -29.33 -8.15 -65.24
C HIS H 122 -30.13 -9.41 -65.51
N LEU H 123 -29.70 -10.20 -66.48
CA LEU H 123 -30.44 -11.40 -66.85
C LEU H 123 -30.53 -12.38 -65.68
N ALA H 124 -29.46 -12.52 -64.90
CA ALA H 124 -29.53 -13.40 -63.74
C ALA H 124 -30.49 -12.87 -62.70
N GLU H 125 -30.55 -11.53 -62.56
CA GLU H 125 -31.53 -10.92 -61.68
C GLU H 125 -32.96 -11.25 -62.13
N LEU H 126 -33.21 -11.21 -63.43
CA LEU H 126 -34.52 -11.60 -63.94
C LEU H 126 -34.79 -13.09 -63.69
N TYR H 127 -33.79 -13.94 -63.93
CA TYR H 127 -33.96 -15.36 -63.67
C TYR H 127 -34.24 -15.64 -62.21
N TYR H 128 -33.79 -14.77 -61.32
CA TYR H 128 -34.01 -14.98 -59.90
C TYR H 128 -35.32 -14.41 -59.41
N ASP H 129 -35.79 -13.32 -60.02
CA ASP H 129 -37.04 -12.71 -59.60
C ASP H 129 -38.19 -13.69 -59.76
N ASP H 130 -39.22 -13.54 -58.91
CA ASP H 130 -40.35 -14.46 -58.94
C ASP H 130 -41.45 -14.01 -59.89
N LYS H 131 -41.65 -12.71 -60.07
CA LYS H 131 -42.61 -12.23 -61.06
C LYS H 131 -42.22 -12.70 -62.44
N VAL H 132 -40.97 -12.43 -62.83
CA VAL H 132 -40.34 -12.94 -64.04
C VAL H 132 -39.90 -14.36 -63.68
N CYS H 133 -39.42 -15.12 -64.66
CA CYS H 133 -38.90 -16.48 -64.42
C CYS H 133 -38.17 -16.60 -63.09
N GLY H 134 -38.59 -17.56 -62.28
CA GLY H 134 -37.99 -17.81 -60.99
C GLY H 134 -37.12 -19.06 -60.99
N VAL H 135 -36.57 -19.34 -59.81
CA VAL H 135 -35.72 -20.52 -59.65
C VAL H 135 -36.49 -21.78 -59.99
N GLN H 136 -37.77 -21.82 -59.61
CA GLN H 136 -38.59 -22.99 -59.91
C GLN H 136 -38.78 -23.14 -61.41
N LYS H 137 -39.00 -22.03 -62.13
CA LYS H 137 -39.14 -22.12 -63.58
C LYS H 137 -37.84 -22.57 -64.24
N ILE H 138 -36.70 -22.14 -63.70
CA ILE H 138 -35.41 -22.61 -64.22
C ILE H 138 -35.29 -24.12 -64.02
N LYS H 139 -35.65 -24.60 -62.83
CA LYS H 139 -35.62 -26.03 -62.55
C LYS H 139 -36.53 -26.78 -63.51
N ASP H 140 -37.69 -26.21 -63.81
CA ASP H 140 -38.62 -26.83 -64.75
C ASP H 140 -38.00 -26.92 -66.14
N SER H 141 -37.35 -25.84 -66.60
CA SER H 141 -36.81 -25.82 -67.94
C SER H 141 -35.61 -26.74 -68.09
N VAL H 142 -34.89 -27.01 -66.99
CA VAL H 142 -33.72 -27.87 -67.07
C VAL H 142 -34.12 -29.27 -67.51
N THR H 143 -33.44 -29.78 -68.54
CA THR H 143 -33.72 -31.12 -69.05
C THR H 143 -32.55 -32.07 -68.97
N THR H 144 -31.31 -31.58 -68.90
CA THR H 144 -30.17 -32.44 -68.61
C THR H 144 -29.68 -32.14 -67.21
N PRO H 145 -29.61 -33.14 -66.32
CA PRO H 145 -29.41 -32.84 -64.90
C PRO H 145 -28.11 -32.10 -64.57
N LEU H 146 -27.02 -32.32 -65.30
CA LEU H 146 -25.70 -31.79 -64.92
C LEU H 146 -25.33 -32.18 -63.50
N SER H 147 -25.70 -33.39 -63.11
CA SER H 147 -25.43 -33.85 -61.76
C SER H 147 -24.00 -34.34 -61.63
N GLY H 148 -23.52 -34.35 -60.39
CA GLY H 148 -22.17 -34.81 -60.12
C GLY H 148 -21.09 -33.89 -60.65
N ALA H 149 -21.29 -32.59 -60.56
CA ALA H 149 -20.29 -31.61 -60.97
C ALA H 149 -20.16 -30.55 -59.89
N LYS H 150 -18.93 -30.30 -59.45
CA LYS H 150 -18.67 -29.25 -58.49
C LYS H 150 -18.38 -27.97 -59.26
N VAL H 151 -19.12 -26.92 -58.95
CA VAL H 151 -19.09 -25.68 -59.72
C VAL H 151 -18.91 -24.51 -58.77
N ALA H 152 -17.91 -23.68 -59.02
CA ALA H 152 -17.62 -22.54 -58.17
C ALA H 152 -18.18 -21.28 -58.81
N ALA H 153 -18.97 -20.52 -58.07
CA ALA H 153 -19.48 -19.21 -58.51
C ALA H 153 -18.61 -17.99 -58.25
N HIS H 154 -18.44 -17.15 -59.27
CA HIS H 154 -17.77 -15.86 -59.10
C HIS H 154 -18.84 -14.80 -59.34
N TYR H 155 -19.22 -14.06 -58.31
CA TYR H 155 -20.25 -13.00 -58.40
C TYR H 155 -19.75 -11.79 -59.15
N GLY H 156 -18.50 -11.43 -58.98
CA GLY H 156 -17.98 -10.19 -59.57
C GLY H 156 -18.20 -9.08 -58.58
N CYS H 157 -18.01 -7.85 -58.96
CA CYS H 157 -18.05 -6.76 -57.98
C CYS H 157 -19.06 -5.72 -58.42
N HIS H 158 -19.22 -5.52 -59.71
CA HIS H 158 -20.02 -4.40 -60.16
C HIS H 158 -21.51 -4.69 -60.14
N LEU H 159 -21.91 -5.94 -60.03
CA LEU H 159 -23.33 -6.24 -59.90
C LEU H 159 -23.85 -5.88 -58.52
N MET H 160 -23.18 -6.36 -57.49
CA MET H 160 -23.63 -6.25 -56.08
C MET H 160 -23.02 -5.09 -55.31
N LYS H 161 -21.95 -4.44 -55.77
CA LYS H 161 -21.32 -3.48 -54.89
C LYS H 161 -21.27 -2.10 -55.54
N PRO H 162 -21.38 -1.02 -54.76
CA PRO H 162 -21.58 -1.01 -53.31
C PRO H 162 -23.02 -1.26 -52.91
N LYS H 163 -23.25 -1.93 -51.79
CA LYS H 163 -24.61 -2.27 -51.42
C LYS H 163 -25.44 -1.05 -51.04
N LYS H 164 -24.80 0.09 -50.75
CA LYS H 164 -25.52 1.32 -50.57
C LYS H 164 -26.01 1.91 -51.89
N GLU H 165 -25.60 1.35 -53.02
CA GLU H 165 -26.04 1.81 -54.32
C GLU H 165 -26.82 0.75 -55.10
N ARG H 166 -26.88 -0.48 -54.62
CA ARG H 166 -27.64 -1.53 -55.29
C ARG H 166 -28.74 -2.04 -54.36
N HIS H 167 -29.44 -3.08 -54.82
CA HIS H 167 -30.58 -3.63 -54.11
C HIS H 167 -30.55 -5.14 -54.04
N PHE H 168 -29.37 -5.75 -54.08
CA PHE H 168 -29.25 -7.19 -54.06
C PHE H 168 -28.98 -7.76 -52.68
N GLY H 169 -28.90 -6.91 -51.65
CA GLY H 169 -28.76 -7.39 -50.30
C GLY H 169 -27.34 -7.55 -49.81
N ASP H 170 -27.07 -8.66 -49.13
CA ASP H 170 -25.77 -8.87 -48.51
C ASP H 170 -24.69 -9.09 -49.55
N THR H 171 -23.58 -8.39 -49.41
CA THR H 171 -22.41 -8.61 -50.25
C THR H 171 -21.36 -9.50 -49.60
N GLU H 172 -21.48 -9.77 -48.30
CA GLU H 172 -20.43 -10.54 -47.64
C GLU H 172 -20.51 -12.04 -47.96
N ASN H 173 -21.71 -12.60 -48.03
CA ASN H 173 -21.88 -14.01 -48.37
C ASN H 173 -23.24 -14.23 -49.01
N PRO H 174 -23.45 -13.73 -50.26
CA PRO H 174 -24.69 -13.97 -50.96
C PRO H 174 -24.82 -15.42 -51.38
N MET H 175 -26.05 -15.89 -51.58
CA MET H 175 -26.25 -17.32 -51.92
C MET H 175 -27.21 -17.41 -53.09
N TRP H 176 -27.64 -16.27 -53.62
CA TRP H 176 -28.67 -16.27 -54.67
C TRP H 176 -28.14 -16.92 -55.95
N PHE H 177 -26.92 -16.57 -56.33
CA PHE H 177 -26.29 -17.12 -57.55
C PHE H 177 -26.01 -18.58 -57.29
N GLU H 178 -25.77 -18.97 -56.06
CA GLU H 178 -25.54 -20.40 -55.74
C GLU H 178 -26.84 -21.19 -55.94
N GLU H 179 -28.00 -20.57 -55.70
CA GLU H 179 -29.32 -21.19 -55.94
C GLU H 179 -29.58 -21.42 -57.44
N LEU H 180 -29.21 -20.46 -58.29
CA LEU H 180 -29.35 -20.63 -59.75
C LEU H 180 -28.49 -21.80 -60.25
N ILE H 181 -27.27 -21.98 -59.73
CA ILE H 181 -26.40 -23.13 -60.10
C ILE H 181 -26.98 -24.40 -59.50
N GLY H 182 -27.58 -24.33 -58.30
CA GLY H 182 -28.22 -25.51 -57.74
C GLY H 182 -29.49 -25.90 -58.46
N ALA H 183 -30.16 -24.93 -59.08
CA ALA H 183 -31.32 -25.25 -59.91
C ALA H 183 -30.92 -26.12 -61.09
N LEU H 184 -29.78 -25.84 -61.72
CA LEU H 184 -29.32 -26.62 -62.85
C LEU H 184 -28.99 -28.05 -62.48
N GLY H 185 -28.83 -28.38 -61.20
CA GLY H 185 -28.46 -29.69 -60.77
C GLY H 185 -27.01 -29.84 -60.35
N ALA H 186 -26.16 -28.89 -60.72
CA ALA H 186 -24.77 -28.90 -60.30
C ALA H 186 -24.68 -28.40 -58.87
N GLU H 187 -23.84 -29.05 -58.06
CA GLU H 187 -23.70 -28.62 -56.68
C GLU H 187 -22.70 -27.46 -56.59
N PRO H 188 -23.10 -26.30 -56.13
CA PRO H 188 -22.15 -25.20 -55.98
C PRO H 188 -21.35 -25.36 -54.70
N ILE H 189 -20.05 -25.16 -54.83
CA ILE H 189 -19.11 -25.33 -53.69
C ILE H 189 -18.70 -23.95 -53.18
N GLN H 190 -18.22 -23.90 -51.95
CA GLN H 190 -17.78 -22.63 -51.34
C GLN H 190 -16.25 -22.69 -51.22
N TYR H 191 -15.59 -21.58 -51.51
CA TYR H 191 -14.11 -21.54 -51.50
C TYR H 191 -13.73 -20.34 -50.65
N ARG H 192 -12.45 -20.24 -50.28
CA ARG H 192 -12.00 -19.12 -49.42
C ARG H 192 -12.12 -17.79 -50.14
N ASN H 193 -12.54 -16.74 -49.45
CA ASN H 193 -12.60 -15.37 -50.03
C ASN H 193 -13.35 -15.40 -51.36
N LYS H 194 -14.56 -15.96 -51.42
CA LYS H 194 -15.33 -16.12 -52.68
C LYS H 194 -15.77 -14.79 -53.25
N MET H 195 -15.65 -13.71 -52.51
CA MET H 195 -16.18 -12.41 -52.94
C MET H 195 -15.02 -11.52 -53.37
N GLN H 196 -13.87 -12.11 -53.65
CA GLN H 196 -12.72 -11.35 -54.08
C GLN H 196 -12.83 -10.93 -55.53
N CYS H 197 -12.31 -9.75 -55.84
CA CYS H 197 -12.26 -9.28 -57.22
C CYS H 197 -11.39 -10.21 -58.05
N CYS H 198 -11.76 -10.38 -59.32
CA CYS H 198 -10.95 -11.17 -60.23
C CYS H 198 -9.69 -10.43 -60.68
N GLY H 199 -9.66 -9.11 -60.54
CA GLY H 199 -8.48 -8.33 -60.83
C GLY H 199 -8.50 -7.58 -62.13
N ALA H 200 -9.52 -7.80 -62.96
CA ALA H 200 -9.56 -7.19 -64.29
C ALA H 200 -10.25 -5.84 -64.32
N GLY H 201 -10.87 -5.42 -63.24
CA GLY H 201 -11.63 -4.19 -63.26
C GLY H 201 -10.75 -2.97 -63.27
N GLY H 202 -11.36 -1.84 -63.56
CA GLY H 202 -10.70 -0.55 -63.47
C GLY H 202 -9.59 -0.30 -64.45
N GLY H 203 -9.43 -1.15 -65.47
CA GLY H 203 -8.33 -1.02 -66.39
C GLY H 203 -7.03 -1.61 -65.92
N VAL H 204 -7.02 -2.28 -64.76
CA VAL H 204 -5.80 -2.90 -64.27
C VAL H 204 -5.36 -4.02 -65.21
N ARG H 205 -6.34 -4.74 -65.77
CA ARG H 205 -6.09 -5.77 -66.78
C ARG H 205 -5.14 -5.27 -67.86
N GLY H 206 -5.27 -4.01 -68.25
CA GLY H 206 -4.40 -3.45 -69.27
C GLY H 206 -3.17 -2.78 -68.71
N TYR H 207 -3.32 -2.06 -67.60
CA TYR H 207 -2.21 -1.27 -67.07
C TYR H 207 -1.11 -2.16 -66.50
N ASP H 208 -1.47 -3.12 -65.64
CA ASP H 208 -0.48 -3.96 -64.96
C ASP H 208 -0.99 -5.39 -64.98
N ILE H 209 -0.59 -6.12 -66.03
CA ILE H 209 -1.10 -7.45 -66.24
C ILE H 209 -0.61 -8.41 -65.16
N VAL H 210 0.61 -8.22 -64.66
CA VAL H 210 1.13 -9.10 -63.62
C VAL H 210 0.37 -8.91 -62.31
N HIS H 211 0.09 -7.66 -61.96
CA HIS H 211 -0.70 -7.37 -60.76
C HIS H 211 -2.09 -7.99 -60.87
N ALA H 212 -2.75 -7.78 -62.01
CA ALA H 212 -4.08 -8.34 -62.23
C ALA H 212 -4.04 -9.87 -62.17
N LEU H 213 -3.02 -10.48 -62.78
CA LEU H 213 -2.91 -11.93 -62.78
C LEU H 213 -2.62 -12.48 -61.40
N ASP H 214 -1.89 -11.75 -60.56
CA ASP H 214 -1.69 -12.22 -59.19
C ASP H 214 -3.02 -12.22 -58.42
N ILE H 215 -3.81 -11.16 -58.60
CA ILE H 215 -5.14 -11.15 -57.98
C ILE H 215 -5.97 -12.32 -58.48
N THR H 216 -5.92 -12.61 -59.77
CA THR H 216 -6.66 -13.75 -60.31
C THR H 216 -6.14 -15.08 -59.79
N ASN H 217 -4.82 -15.19 -59.64
CA ASN H 217 -4.21 -16.44 -59.23
C ASN H 217 -4.57 -16.79 -57.79
N GLU H 218 -4.73 -15.76 -56.95
CA GLU H 218 -5.20 -16.01 -55.56
C GLU H 218 -6.52 -16.74 -55.63
N LYS H 219 -7.48 -16.24 -56.43
CA LYS H 219 -8.79 -16.90 -56.63
C LYS H 219 -8.65 -18.32 -57.17
N LEU H 220 -7.87 -18.51 -58.23
CA LEU H 220 -7.72 -19.82 -58.85
C LEU H 220 -7.16 -20.83 -57.86
N ILE H 221 -6.24 -20.40 -57.00
CA ILE H 221 -5.70 -21.29 -55.97
C ILE H 221 -6.80 -21.71 -55.00
N ASN H 222 -7.60 -20.74 -54.54
CA ASN H 222 -8.68 -21.07 -53.62
C ASN H 222 -9.70 -22.02 -54.26
N ILE H 223 -10.02 -21.77 -55.53
CA ILE H 223 -11.02 -22.58 -56.22
C ILE H 223 -10.53 -24.00 -56.42
N GLN H 224 -9.27 -24.17 -56.84
CA GLN H 224 -8.71 -25.51 -56.97
C GLN H 224 -8.68 -26.22 -55.63
N GLU H 225 -8.34 -25.51 -54.57
CA GLU H 225 -8.31 -26.11 -53.25
C GLU H 225 -9.69 -26.60 -52.85
N ALA H 226 -10.73 -25.82 -53.16
CA ALA H 226 -12.10 -26.28 -52.90
C ALA H 226 -12.42 -27.52 -53.72
N GLY H 227 -12.01 -27.54 -54.99
CA GLY H 227 -12.21 -28.73 -55.80
C GLY H 227 -13.18 -28.54 -56.94
N ALA H 228 -13.26 -27.31 -57.44
CA ALA H 228 -14.22 -27.00 -58.50
C ALA H 228 -13.82 -27.67 -59.81
N ASP H 229 -14.84 -27.94 -60.63
CA ASP H 229 -14.66 -28.48 -61.96
C ASP H 229 -14.97 -27.48 -63.03
N ALA H 230 -15.56 -26.34 -62.68
CA ALA H 230 -15.76 -25.22 -63.58
C ALA H 230 -16.02 -23.99 -62.73
N ILE H 231 -15.90 -22.83 -63.34
CA ILE H 231 -16.20 -21.55 -62.64
C ILE H 231 -17.34 -20.85 -63.41
N THR H 232 -18.53 -20.79 -62.84
CA THR H 232 -19.61 -19.99 -63.45
C THR H 232 -19.35 -18.54 -63.11
N GLU H 233 -19.84 -17.62 -63.93
CA GLU H 233 -19.60 -16.19 -63.75
C GLU H 233 -20.74 -15.47 -64.45
N LEU H 234 -20.98 -14.22 -64.09
CA LEU H 234 -22.07 -13.42 -64.70
C LEU H 234 -21.46 -12.21 -65.40
N CYS H 235 -20.21 -12.26 -65.81
CA CYS H 235 -19.54 -11.09 -66.42
C CYS H 235 -18.57 -11.51 -67.52
N PRO H 236 -18.68 -11.00 -68.78
CA PRO H 236 -17.65 -11.30 -69.78
C PRO H 236 -16.26 -10.74 -69.46
N PHE H 237 -16.14 -9.60 -68.78
CA PHE H 237 -14.83 -9.24 -68.22
C PHE H 237 -14.24 -10.33 -67.36
N CYS H 238 -14.99 -10.81 -66.37
CA CYS H 238 -14.44 -11.78 -65.45
C CYS H 238 -14.15 -13.09 -66.16
N GLN H 239 -15.00 -13.46 -67.12
CA GLN H 239 -14.74 -14.66 -67.91
C GLN H 239 -13.48 -14.51 -68.73
N LEU H 240 -13.27 -13.35 -69.34
CA LEU H 240 -12.05 -13.11 -70.10
C LEU H 240 -10.84 -13.19 -69.20
N GLN H 241 -10.91 -12.58 -68.02
CA GLN H 241 -9.79 -12.67 -67.09
C GLN H 241 -9.53 -14.11 -66.69
N PHE H 242 -10.54 -14.81 -66.21
CA PHE H 242 -10.35 -16.20 -65.77
C PHE H 242 -9.97 -17.14 -66.91
N ASP H 243 -10.22 -16.77 -68.16
CA ASP H 243 -9.95 -17.63 -69.30
C ASP H 243 -8.60 -17.34 -69.94
N ARG H 244 -8.39 -16.12 -70.44
CA ARG H 244 -7.08 -15.73 -70.93
C ARG H 244 -6.04 -15.81 -69.82
N GLY H 245 -6.33 -15.20 -68.67
CA GLY H 245 -5.39 -15.17 -67.58
C GLY H 245 -4.92 -16.52 -67.10
N GLN H 246 -5.67 -17.59 -67.31
CA GLN H 246 -5.10 -18.90 -67.01
C GLN H 246 -3.93 -19.22 -67.93
N ILE H 247 -4.06 -18.86 -69.20
CA ILE H 247 -2.98 -19.07 -70.16
C ILE H 247 -1.80 -18.14 -69.85
N GLU H 248 -2.09 -16.87 -69.59
CA GLU H 248 -1.03 -15.95 -69.22
C GLU H 248 -0.38 -16.32 -67.89
N ILE H 249 -1.12 -16.94 -66.97
CA ILE H 249 -0.52 -17.41 -65.74
C ILE H 249 0.36 -18.61 -66.02
N LYS H 250 -0.09 -19.51 -66.88
CA LYS H 250 0.72 -20.67 -67.24
C LYS H 250 2.03 -20.24 -67.90
N GLU H 251 2.05 -19.09 -68.58
CA GLU H 251 3.28 -18.68 -69.25
C GLU H 251 4.14 -17.77 -68.38
N LYS H 252 3.53 -16.78 -67.71
CA LYS H 252 4.29 -15.84 -66.90
C LYS H 252 4.73 -16.44 -65.57
N PHE H 253 3.89 -17.27 -64.98
CA PHE H 253 4.19 -18.07 -63.80
C PHE H 253 4.27 -19.52 -64.26
N GLY H 254 4.37 -20.44 -63.32
CA GLY H 254 4.40 -21.84 -63.68
C GLY H 254 3.23 -22.63 -63.15
N ASP H 255 2.03 -22.04 -63.15
CA ASP H 255 0.86 -22.61 -62.51
C ASP H 255 -0.11 -23.14 -63.54
N VAL H 256 -0.56 -24.38 -63.33
CA VAL H 256 -1.50 -25.03 -64.24
C VAL H 256 -2.74 -25.40 -63.43
N TYR H 257 -3.90 -24.96 -63.90
CA TYR H 257 -5.17 -25.30 -63.29
C TYR H 257 -6.11 -26.01 -64.24
N ASN H 258 -6.22 -25.55 -65.49
CA ASN H 258 -7.13 -26.08 -66.49
C ASN H 258 -8.55 -26.23 -65.92
N ILE H 259 -9.09 -25.10 -65.47
CA ILE H 259 -10.44 -25.03 -64.93
C ILE H 259 -11.31 -24.30 -65.93
N PRO H 260 -12.30 -24.95 -66.53
CA PRO H 260 -13.15 -24.26 -67.52
C PRO H 260 -13.92 -23.12 -66.87
N VAL H 261 -14.07 -22.03 -67.62
CA VAL H 261 -14.80 -20.85 -67.19
C VAL H 261 -15.99 -20.68 -68.12
N LEU H 262 -17.19 -20.70 -67.56
CA LEU H 262 -18.41 -20.62 -68.34
C LEU H 262 -19.34 -19.57 -67.77
N HIS H 263 -19.97 -18.83 -68.67
CA HIS H 263 -21.04 -17.93 -68.26
C HIS H 263 -22.24 -18.74 -67.80
N TYR H 264 -23.03 -18.14 -66.91
CA TYR H 264 -24.21 -18.85 -66.42
C TYR H 264 -25.17 -19.17 -67.54
N ASN H 265 -25.22 -18.32 -68.56
CA ASN H 265 -26.09 -18.60 -69.70
C ASN H 265 -25.60 -19.81 -70.48
N GLU H 266 -24.29 -19.99 -70.57
CA GLU H 266 -23.76 -21.19 -71.20
C GLU H 266 -24.09 -22.43 -70.39
N LEU H 267 -23.99 -22.36 -69.06
CA LEU H 267 -24.41 -23.52 -68.27
C LEU H 267 -25.89 -23.78 -68.38
N LEU H 268 -26.70 -22.72 -68.45
CA LEU H 268 -28.13 -22.89 -68.60
C LEU H 268 -28.45 -23.55 -69.94
N GLY H 269 -27.73 -23.17 -70.99
CA GLY H 269 -27.90 -23.85 -72.26
C GLY H 269 -27.51 -25.31 -72.20
N LEU H 270 -26.39 -25.61 -71.53
CA LEU H 270 -25.99 -27.01 -71.37
C LEU H 270 -27.05 -27.79 -70.60
N ALA H 271 -27.63 -27.17 -69.57
CA ALA H 271 -28.67 -27.84 -68.80
C ALA H 271 -29.93 -28.06 -69.64
N GLN H 272 -30.28 -27.09 -70.46
CA GLN H 272 -31.48 -27.18 -71.28
C GLN H 272 -31.27 -27.98 -72.56
N GLY H 273 -30.06 -28.47 -72.82
CA GLY H 273 -29.83 -29.41 -73.88
C GLY H 273 -29.14 -28.88 -75.10
N MET H 274 -28.66 -27.64 -75.08
CA MET H 274 -27.94 -27.09 -76.23
C MET H 274 -26.62 -27.83 -76.41
N SER H 275 -26.14 -27.84 -77.64
CA SER H 275 -24.95 -28.61 -77.91
C SER H 275 -23.69 -27.79 -77.62
N PRO H 276 -22.57 -28.44 -77.29
CA PRO H 276 -21.32 -27.70 -77.12
C PRO H 276 -20.91 -26.93 -78.37
N GLN H 277 -21.14 -27.51 -79.55
CA GLN H 277 -20.86 -26.78 -80.79
C GLN H 277 -21.78 -25.55 -80.91
N ASP H 278 -23.05 -25.70 -80.54
CA ASP H 278 -23.97 -24.57 -80.60
C ASP H 278 -23.66 -23.53 -79.54
N LEU H 279 -22.90 -23.89 -78.51
CA LEU H 279 -22.44 -22.94 -77.51
C LEU H 279 -21.07 -22.39 -77.81
N ALA H 280 -20.37 -22.94 -78.80
CA ALA H 280 -19.05 -22.46 -79.20
C ALA H 280 -18.05 -22.53 -78.04
N LEU H 281 -18.06 -23.67 -77.35
CA LEU H 281 -17.10 -23.89 -76.27
C LEU H 281 -15.68 -24.05 -76.78
N ASP H 282 -15.50 -24.18 -78.10
CA ASP H 282 -14.17 -24.23 -78.69
C ASP H 282 -13.49 -22.88 -78.76
N LEU H 283 -14.21 -21.81 -78.45
CA LEU H 283 -13.65 -20.45 -78.49
C LEU H 283 -13.05 -20.03 -77.15
N HIS H 284 -13.11 -20.89 -76.13
CA HIS H 284 -12.47 -20.60 -74.86
C HIS H 284 -11.02 -21.06 -74.89
N ALA H 285 -10.16 -20.33 -74.19
CA ALA H 285 -8.76 -20.73 -74.08
C ALA H 285 -8.64 -22.06 -73.35
N ILE H 286 -9.39 -22.24 -72.28
CA ILE H 286 -9.30 -23.43 -71.45
C ILE H 286 -10.32 -24.45 -71.93
N ASP H 287 -9.85 -25.65 -72.25
CA ASP H 287 -10.72 -26.69 -72.76
C ASP H 287 -11.76 -27.07 -71.72
N CYS H 288 -13.01 -27.17 -72.18
CA CYS H 288 -14.11 -27.59 -71.32
C CYS H 288 -14.34 -29.09 -71.34
N THR H 289 -13.55 -29.82 -72.10
CA THR H 289 -13.82 -31.24 -72.32
C THR H 289 -13.88 -32.08 -71.05
N PRO H 290 -13.01 -31.91 -70.04
CA PRO H 290 -13.21 -32.71 -68.81
C PRO H 290 -14.54 -32.46 -68.14
N PHE H 291 -14.96 -31.19 -68.08
CA PHE H 291 -16.25 -30.85 -67.49
C PHE H 291 -17.39 -31.46 -68.30
N LEU H 292 -17.27 -31.43 -69.63
CA LEU H 292 -18.29 -32.06 -70.47
C LEU H 292 -18.33 -33.57 -70.27
N GLN H 293 -17.18 -34.21 -70.09
CA GLN H 293 -17.19 -35.64 -69.78
C GLN H 293 -17.88 -35.90 -68.46
N LYS H 294 -17.68 -35.02 -67.48
CA LYS H 294 -18.32 -35.24 -66.18
C LYS H 294 -19.83 -35.06 -66.27
N VAL H 295 -20.29 -33.97 -66.89
CA VAL H 295 -21.72 -33.65 -66.89
C VAL H 295 -22.45 -34.25 -68.08
N LEU H 296 -21.79 -35.02 -68.92
CA LEU H 296 -22.46 -35.65 -70.06
C LEU H 296 -22.07 -37.12 -70.18
N SER I 5 0.60 13.17 65.12
CA SER I 5 1.55 12.47 65.97
C SER I 5 2.83 12.15 65.21
N GLU I 6 2.79 11.03 64.48
CA GLU I 6 3.93 10.48 63.77
C GLU I 6 3.56 10.26 62.32
N ILE I 7 4.45 10.63 61.41
CA ILE I 7 4.24 10.42 59.98
C ILE I 7 5.37 9.52 59.48
N MET I 8 5.01 8.37 58.93
CA MET I 8 6.00 7.43 58.33
C MET I 8 7.10 7.16 59.35
N LYS I 9 6.78 6.44 60.40
CA LYS I 9 7.77 6.00 61.35
C LYS I 9 8.09 4.54 61.11
N TYR I 10 9.36 4.19 61.13
CA TYR I 10 9.84 2.84 60.85
C TYR I 10 10.00 2.09 62.15
N VAL I 11 9.45 0.88 62.23
CA VAL I 11 9.56 0.02 63.40
C VAL I 11 10.08 -1.34 62.95
N ALA I 12 11.22 -1.75 63.49
CA ALA I 12 11.81 -3.03 63.11
C ALA I 12 11.13 -4.16 63.86
N THR I 13 10.84 -5.25 63.14
CA THR I 13 10.11 -6.38 63.69
C THR I 13 10.52 -7.63 62.94
N THR I 14 10.15 -8.78 63.49
CA THR I 14 10.35 -10.05 62.83
C THR I 14 9.09 -10.47 62.09
N CYS I 15 9.27 -11.11 60.95
CA CYS I 15 8.13 -11.61 60.20
C CYS I 15 7.49 -12.77 60.95
N PRO I 16 6.17 -12.81 61.07
CA PRO I 16 5.54 -13.87 61.87
C PRO I 16 5.12 -15.09 61.09
N TYR I 17 5.59 -15.29 59.86
CA TYR I 17 4.96 -16.28 59.00
C TYR I 17 5.72 -17.57 58.82
N CYS I 18 7.01 -17.63 59.10
CA CYS I 18 7.69 -18.92 59.14
C CYS I 18 8.94 -18.78 60.00
N GLY I 19 9.70 -19.86 60.08
CA GLY I 19 10.80 -19.97 61.00
C GLY I 19 12.10 -19.34 60.58
N VAL I 20 12.16 -18.70 59.41
CA VAL I 20 13.37 -18.02 59.01
C VAL I 20 13.62 -16.81 59.91
N GLY I 21 12.56 -16.11 60.30
CA GLY I 21 12.72 -14.98 61.18
C GLY I 21 13.24 -13.74 60.50
N CYS I 22 12.79 -13.46 59.29
CA CYS I 22 13.28 -12.29 58.57
C CYS I 22 12.88 -11.02 59.31
N THR I 23 13.70 -9.99 59.16
CA THR I 23 13.44 -8.71 59.79
C THR I 23 12.86 -7.75 58.76
N LEU I 24 11.92 -6.92 59.21
CA LEU I 24 11.26 -6.00 58.33
C LEU I 24 10.90 -4.76 59.11
N ASN I 25 10.64 -3.67 58.39
CA ASN I 25 10.20 -2.42 58.99
C ASN I 25 8.72 -2.26 58.72
N LEU I 26 7.95 -2.02 59.77
CA LEU I 26 6.57 -1.61 59.62
C LEU I 26 6.51 -0.09 59.62
N VAL I 27 5.77 0.47 58.67
CA VAL I 27 5.61 1.95 58.56
C VAL I 27 4.34 2.31 59.32
N VAL I 28 4.42 3.20 60.29
CA VAL I 28 3.32 3.51 61.17
C VAL I 28 3.01 4.99 61.06
N SER I 29 1.85 5.34 60.51
CA SER I 29 1.46 6.72 60.33
C SER I 29 0.16 6.97 61.09
N ASN I 30 0.21 7.92 62.03
CA ASN I 30 -0.93 8.22 62.92
C ASN I 30 -1.43 6.96 63.62
N GLY I 31 -0.51 6.16 64.14
CA GLY I 31 -0.91 4.98 64.88
C GLY I 31 -1.58 3.91 64.05
N LYS I 32 -1.36 3.89 62.74
CA LYS I 32 -1.85 2.83 61.87
C LYS I 32 -0.69 2.27 61.07
N VAL I 33 -0.58 0.95 61.02
CA VAL I 33 0.43 0.32 60.18
C VAL I 33 0.00 0.44 58.73
N VAL I 34 0.81 1.10 57.93
CA VAL I 34 0.39 1.46 56.55
C VAL I 34 1.27 0.77 55.52
N GLY I 35 2.26 0.00 55.94
CA GLY I 35 3.08 -0.72 54.97
C GLY I 35 4.22 -1.47 55.60
N VAL I 36 4.96 -2.23 54.81
CA VAL I 36 6.15 -2.99 55.26
C VAL I 36 7.29 -2.52 54.40
N GLU I 37 8.43 -2.23 55.00
CA GLU I 37 9.59 -1.68 54.28
C GLU I 37 10.76 -2.65 54.49
N PRO I 38 11.78 -2.75 53.61
CA PRO I 38 12.95 -3.58 53.87
C PRO I 38 13.80 -3.03 55.00
N ASN I 39 14.44 -3.95 55.71
CA ASN I 39 15.45 -3.63 56.72
C ASN I 39 16.76 -4.24 56.22
N GLN I 40 17.57 -3.43 55.54
CA GLN I 40 18.79 -3.94 54.95
C GLN I 40 19.85 -4.27 55.97
N ARG I 41 19.69 -3.84 57.21
CA ARG I 41 20.70 -4.11 58.23
C ARG I 41 20.69 -5.57 58.66
N SER I 42 19.59 -6.29 58.54
CA SER I 42 19.48 -7.64 59.11
C SER I 42 20.42 -8.68 58.51
N PRO I 43 21.15 -9.42 59.34
CA PRO I 43 21.94 -10.50 58.84
C PRO I 43 21.12 -11.64 58.21
N ILE I 44 19.93 -11.98 58.72
CA ILE I 44 19.15 -13.16 58.25
C ILE I 44 18.70 -13.00 56.82
N ASN I 45 18.12 -11.87 56.49
CA ASN I 45 17.62 -11.55 55.15
C ASN I 45 18.22 -10.18 54.98
N GLU I 46 18.83 -9.87 53.88
CA GLU I 46 19.40 -8.52 53.90
C GLU I 46 18.39 -7.55 53.34
N GLY I 47 17.24 -7.41 53.98
CA GLY I 47 16.18 -6.53 53.48
C GLY I 47 15.28 -7.22 52.49
N LYS I 48 15.49 -8.50 52.26
CA LYS I 48 14.75 -9.25 51.24
C LYS I 48 13.65 -9.99 51.96
N LEU I 49 12.46 -10.04 51.39
CA LEU I 49 11.31 -10.67 52.03
C LEU I 49 10.56 -11.42 50.93
N CYS I 50 9.81 -12.44 51.29
CA CYS I 50 9.00 -13.23 50.38
C CYS I 50 7.64 -12.56 50.25
N PRO I 51 6.70 -13.09 49.45
CA PRO I 51 5.38 -12.45 49.38
C PRO I 51 4.69 -12.32 50.71
N LYS I 52 4.80 -13.33 51.58
CA LYS I 52 4.15 -13.27 52.88
C LYS I 52 4.71 -12.15 53.73
N GLY I 53 6.03 -11.99 53.74
CA GLY I 53 6.61 -10.89 54.47
C GLY I 53 6.26 -9.55 53.87
N VAL I 54 6.19 -9.47 52.55
CA VAL I 54 5.87 -8.21 51.91
C VAL I 54 4.47 -7.76 52.26
N THR I 55 3.53 -8.69 52.40
CA THR I 55 2.15 -8.33 52.69
C THR I 55 1.69 -8.73 54.09
N CYS I 56 2.62 -8.90 55.02
CA CYS I 56 2.24 -9.21 56.40
C CYS I 56 1.43 -8.12 57.08
N TRP I 57 1.44 -6.89 56.55
CA TRP I 57 0.80 -5.78 57.25
C TRP I 57 -0.69 -5.66 56.97
N GLU I 58 -1.25 -6.50 56.11
CA GLU I 58 -2.61 -6.26 55.64
C GLU I 58 -3.66 -6.64 56.68
N HIS I 59 -3.40 -7.68 57.45
CA HIS I 59 -4.39 -8.23 58.36
C HIS I 59 -4.45 -7.50 59.69
N ILE I 60 -3.60 -6.51 59.90
CA ILE I 60 -3.46 -5.94 61.24
C ILE I 60 -4.70 -5.16 61.62
N HIS I 61 -5.17 -4.28 60.74
CA HIS I 61 -6.24 -3.35 61.05
C HIS I 61 -7.56 -3.75 60.42
N SER I 62 -7.75 -5.04 60.17
CA SER I 62 -9.01 -5.51 59.63
C SER I 62 -10.15 -5.21 60.61
N PRO I 63 -11.34 -4.92 60.09
CA PRO I 63 -12.49 -4.71 60.99
C PRO I 63 -12.92 -5.97 61.73
N ASP I 64 -12.56 -7.16 61.25
CA ASP I 64 -12.99 -8.41 61.87
C ASP I 64 -12.27 -8.70 63.17
N ARG I 65 -11.26 -7.92 63.54
CA ARG I 65 -10.50 -8.19 64.74
C ARG I 65 -11.38 -8.11 65.98
N LEU I 66 -11.23 -9.10 66.86
CA LEU I 66 -11.92 -9.04 68.15
C LEU I 66 -11.48 -7.84 68.94
N THR I 67 -12.45 -7.15 69.53
CA THR I 67 -12.23 -5.88 70.20
C THR I 67 -12.53 -5.92 71.68
N THR I 68 -13.45 -6.76 72.13
CA THR I 68 -13.88 -6.81 73.51
C THR I 68 -14.27 -8.24 73.85
N PRO I 69 -14.20 -8.64 75.12
CA PRO I 69 -14.54 -10.01 75.48
C PRO I 69 -15.99 -10.34 75.16
N LEU I 70 -16.24 -11.60 74.86
CA LEU I 70 -17.56 -12.09 74.53
C LEU I 70 -17.91 -13.24 75.47
N ILE I 71 -19.16 -13.30 75.88
CA ILE I 71 -19.64 -14.38 76.74
C ILE I 71 -20.83 -15.04 76.07
N LYS I 72 -20.81 -16.36 76.00
CA LYS I 72 -21.95 -17.12 75.48
C LYS I 72 -23.01 -17.18 76.56
N LYS I 73 -24.05 -16.38 76.41
CA LYS I 73 -25.16 -16.30 77.37
C LYS I 73 -26.42 -16.87 76.70
N ASP I 74 -26.60 -18.18 76.84
CA ASP I 74 -27.77 -18.88 76.31
C ASP I 74 -27.94 -18.64 74.81
N GLY I 75 -26.82 -18.64 74.09
CA GLY I 75 -26.85 -18.37 72.67
C GLY I 75 -25.78 -17.42 72.21
N LYS I 76 -26.11 -16.60 71.23
CA LYS I 76 -25.13 -15.73 70.57
C LYS I 76 -24.37 -14.87 71.58
N PHE I 77 -23.10 -14.64 71.26
CA PHE I 77 -22.20 -13.98 72.20
C PHE I 77 -22.58 -12.52 72.40
N ILE I 78 -22.66 -12.11 73.67
CA ILE I 78 -22.93 -10.72 74.01
C ILE I 78 -21.64 -10.09 74.51
N GLU I 79 -21.65 -8.78 74.61
CA GLU I 79 -20.41 -8.04 74.82
C GLU I 79 -20.17 -7.91 76.32
N ALA I 80 -18.96 -8.22 76.75
CA ALA I 80 -18.68 -8.29 78.17
C ALA I 80 -17.53 -7.36 78.52
N SER I 81 -17.42 -7.04 79.80
CA SER I 81 -16.32 -6.27 80.32
C SER I 81 -15.20 -7.20 80.75
N TRP I 82 -13.99 -6.66 80.84
CA TRP I 82 -12.84 -7.49 81.17
C TRP I 82 -13.00 -8.10 82.55
N ASP I 83 -13.44 -7.30 83.52
CA ASP I 83 -13.65 -7.82 84.87
C ASP I 83 -14.69 -8.92 84.89
N GLU I 84 -15.80 -8.73 84.17
CA GLU I 84 -16.85 -9.74 84.13
C GLU I 84 -16.33 -11.05 83.54
N ALA I 85 -15.71 -10.97 82.37
CA ALA I 85 -15.23 -12.17 81.70
C ALA I 85 -14.18 -12.88 82.51
N LEU I 86 -13.24 -12.13 83.10
CA LEU I 86 -12.19 -12.77 83.85
C LEU I 86 -12.71 -13.38 85.15
N ASP I 87 -13.69 -12.75 85.80
CA ASP I 87 -14.25 -13.36 87.00
C ASP I 87 -15.00 -14.64 86.65
N LEU I 88 -15.70 -14.65 85.53
CA LEU I 88 -16.35 -15.88 85.07
C LEU I 88 -15.32 -16.99 84.83
N VAL I 89 -14.22 -16.65 84.15
CA VAL I 89 -13.21 -17.66 83.85
C VAL I 89 -12.58 -18.18 85.13
N ALA I 90 -12.23 -17.28 86.05
CA ALA I 90 -11.62 -17.70 87.29
C ALA I 90 -12.55 -18.61 88.08
N LYS I 91 -13.83 -18.27 88.16
CA LYS I 91 -14.78 -19.11 88.88
C LYS I 91 -14.86 -20.51 88.26
N ASN I 92 -15.02 -20.58 86.94
CA ASN I 92 -15.20 -21.88 86.31
C ASN I 92 -13.93 -22.74 86.39
N LEU I 93 -12.77 -22.14 86.17
CA LEU I 93 -11.52 -22.89 86.31
C LEU I 93 -11.34 -23.37 87.74
N LYS I 94 -11.67 -22.51 88.72
CA LYS I 94 -11.57 -22.89 90.12
C LYS I 94 -12.41 -24.11 90.43
N VAL I 95 -13.66 -24.13 89.96
CA VAL I 95 -14.54 -25.25 90.30
C VAL I 95 -14.08 -26.53 89.60
N ILE I 96 -13.65 -26.43 88.34
CA ILE I 96 -13.21 -27.64 87.65
C ILE I 96 -11.97 -28.22 88.32
N TYR I 97 -11.00 -27.37 88.65
CA TYR I 97 -9.90 -27.79 89.51
C TYR I 97 -10.38 -28.49 90.77
N ASP I 98 -11.14 -27.81 91.62
CA ASP I 98 -11.47 -28.37 92.91
C ASP I 98 -12.27 -29.66 92.78
N LYS I 99 -12.88 -29.90 91.63
CA LYS I 99 -13.60 -31.16 91.48
C LYS I 99 -12.74 -32.28 90.91
N HIS I 100 -11.84 -31.99 89.95
CA HIS I 100 -11.19 -33.06 89.21
C HIS I 100 -9.66 -32.98 89.21
N GLY I 101 -9.07 -32.25 90.15
CA GLY I 101 -7.63 -32.23 90.27
C GLY I 101 -6.95 -31.57 89.09
N PRO I 102 -5.70 -31.93 88.84
CA PRO I 102 -4.97 -31.32 87.73
C PRO I 102 -5.20 -32.03 86.40
N LYS I 103 -5.68 -33.27 86.47
CA LYS I 103 -5.95 -34.02 85.24
C LYS I 103 -7.13 -33.43 84.48
N GLY I 104 -8.02 -32.71 85.16
CA GLY I 104 -9.24 -32.26 84.54
C GLY I 104 -9.10 -31.12 83.57
N LEU I 105 -7.98 -30.39 83.63
CA LEU I 105 -7.77 -29.21 82.80
C LEU I 105 -6.88 -29.55 81.61
N GLY I 106 -6.90 -28.66 80.63
CA GLY I 106 -6.11 -28.86 79.43
C GLY I 106 -5.75 -27.55 78.77
N PHE I 107 -4.47 -27.38 78.45
CA PHE I 107 -3.96 -26.15 77.88
C PHE I 107 -3.30 -26.43 76.55
N GLN I 108 -3.50 -25.55 75.58
CA GLN I 108 -2.67 -25.60 74.40
C GLN I 108 -2.59 -24.23 73.73
N THR I 109 -1.37 -23.86 73.41
CA THR I 109 -1.03 -22.61 72.77
C THR I 109 -0.67 -22.86 71.31
N SER I 110 -0.51 -21.76 70.58
CA SER I 110 -0.08 -21.84 69.19
C SER I 110 1.40 -21.54 69.11
N CYS I 111 1.98 -21.88 67.97
CA CYS I 111 3.35 -21.51 67.69
C CYS I 111 3.46 -20.11 67.10
N ARG I 112 2.34 -19.43 66.87
CA ARG I 112 2.32 -18.07 66.38
C ARG I 112 2.70 -17.05 67.44
N THR I 113 2.80 -17.46 68.68
CA THR I 113 2.82 -16.55 69.81
C THR I 113 4.26 -16.28 70.24
N VAL I 114 4.48 -15.19 70.95
CA VAL I 114 5.84 -14.81 71.33
C VAL I 114 6.32 -15.64 72.51
N ASN I 115 7.63 -15.65 72.70
CA ASN I 115 8.22 -16.55 73.72
C ASN I 115 7.67 -16.19 75.09
N GLU I 116 7.56 -14.90 75.40
CA GLU I 116 7.13 -14.45 76.74
C GLU I 116 5.71 -14.93 77.03
N ASP I 117 4.81 -14.92 76.06
CA ASP I 117 3.43 -15.46 76.23
C ASP I 117 3.42 -16.98 76.31
N CYS I 118 4.29 -17.69 75.59
CA CYS I 118 4.37 -19.14 75.77
C CYS I 118 4.90 -19.50 77.16
N TYR I 119 5.91 -18.78 77.63
CA TYR I 119 6.47 -19.08 78.93
C TYR I 119 5.48 -18.78 80.04
N ILE I 120 4.80 -17.63 79.98
CA ILE I 120 3.85 -17.29 81.02
C ILE I 120 2.64 -18.21 80.97
N PHE I 121 2.29 -18.71 79.79
CA PHE I 121 1.20 -19.65 79.65
C PHE I 121 1.53 -20.98 80.32
N GLN I 122 2.72 -21.52 80.06
CA GLN I 122 3.08 -22.77 80.73
C GLN I 122 3.32 -22.56 82.22
N LYS I 123 3.81 -21.38 82.62
CA LYS I 123 3.94 -21.08 84.03
C LYS I 123 2.58 -21.02 84.70
N PHE I 124 1.59 -20.44 84.02
CA PHE I 124 0.23 -20.44 84.54
C PHE I 124 -0.30 -21.85 84.68
N ALA I 125 -0.04 -22.69 83.68
CA ALA I 125 -0.54 -24.06 83.71
C ALA I 125 0.12 -24.91 84.78
N ARG I 126 1.34 -24.58 85.21
CA ARG I 126 2.02 -25.43 86.19
C ARG I 126 2.10 -24.86 87.60
N VAL I 127 2.32 -23.55 87.75
CA VAL I 127 2.45 -22.95 89.07
C VAL I 127 1.13 -22.97 89.83
N GLY I 128 0.02 -22.85 89.13
CA GLY I 128 -1.23 -22.84 89.81
C GLY I 128 -1.62 -24.27 90.08
N PHE I 129 -2.75 -24.69 89.55
CA PHE I 129 -3.03 -26.11 89.42
C PHE I 129 -1.91 -26.87 88.73
N LYS I 130 -1.32 -27.83 89.40
CA LYS I 130 -0.12 -28.47 88.84
C LYS I 130 -0.47 -29.48 87.76
N THR I 131 -0.60 -29.06 86.51
CA THR I 131 -0.88 -30.01 85.40
C THR I 131 0.20 -29.90 84.33
N ASN I 132 0.61 -31.00 83.69
CA ASN I 132 1.54 -30.87 82.55
C ASN I 132 0.76 -31.06 81.26
N ASN I 133 -0.55 -30.92 81.31
CA ASN I 133 -1.39 -31.04 80.10
C ASN I 133 -1.25 -29.72 79.33
N VAL I 134 -0.03 -29.36 78.92
CA VAL I 134 0.24 -28.13 78.15
C VAL I 134 0.83 -28.63 76.84
N ASP I 135 0.56 -27.96 75.71
CA ASP I 135 1.06 -28.46 74.40
C ASP I 135 0.91 -27.37 73.36
N ASN I 136 1.34 -27.64 72.13
CA ASN I 136 1.24 -26.65 71.06
C ASN I 136 1.18 -27.34 69.71
N CYS I 137 1.13 -26.52 68.65
CA CYS I 137 0.87 -26.98 67.29
C CYS I 137 1.88 -28.00 66.80
N ALA I 138 3.11 -28.00 67.34
CA ALA I 138 4.19 -28.77 66.72
C ALA I 138 3.84 -30.24 66.61
N ARG I 139 2.99 -30.74 67.50
CA ARG I 139 2.53 -32.12 67.40
C ARG I 139 1.82 -32.36 66.07
N ILE I 140 0.67 -31.73 65.88
CA ILE I 140 -0.13 -31.92 64.67
C ILE I 140 0.56 -31.37 63.45
N CYS I 141 1.49 -30.43 63.60
CA CYS I 141 2.23 -29.96 62.44
C CYS I 141 3.16 -31.06 61.94
N HIS I 142 3.76 -30.80 60.79
CA HIS I 142 4.48 -31.80 60.02
C HIS I 142 5.45 -32.64 60.86
N GLY I 143 6.22 -31.99 61.74
CA GLY I 143 7.39 -32.63 62.29
C GLY I 143 7.35 -32.95 63.77
N PRO I 144 7.26 -34.24 64.08
CA PRO I 144 7.75 -34.73 65.39
C PRO I 144 9.23 -35.08 65.31
N SER I 145 9.90 -34.55 64.28
CA SER I 145 11.32 -34.80 64.04
C SER I 145 12.21 -34.33 65.18
N VAL I 146 11.71 -33.45 66.05
CA VAL I 146 12.52 -32.99 67.18
C VAL I 146 12.92 -34.16 68.06
N ALA I 147 11.98 -35.07 68.33
CA ALA I 147 12.30 -36.22 69.17
C ALA I 147 13.37 -37.10 68.53
N GLY I 148 13.25 -37.34 67.22
CA GLY I 148 14.24 -38.18 66.55
C GLY I 148 15.62 -37.57 66.57
N LEU I 149 15.70 -36.28 66.22
CA LEU I 149 17.01 -35.64 66.22
C LEU I 149 17.57 -35.51 67.62
N SER I 150 16.69 -35.40 68.63
CA SER I 150 17.15 -35.42 70.01
C SER I 150 17.74 -36.76 70.37
N LEU I 151 17.12 -37.84 69.92
CA LEU I 151 17.67 -39.17 70.17
C LEU I 151 19.02 -39.33 69.51
N SER I 152 19.17 -38.84 68.28
CA SER I 152 20.44 -38.95 67.56
C SER I 152 21.54 -38.14 68.22
N PHE I 153 21.28 -36.87 68.49
CA PHE I 153 22.34 -35.94 68.90
C PHE I 153 22.26 -35.55 70.36
N GLY I 154 21.09 -35.14 70.84
CA GLY I 154 20.97 -34.59 72.17
C GLY I 154 20.12 -33.34 72.19
N SER I 155 20.17 -32.57 71.10
CA SER I 155 19.35 -31.38 70.93
C SER I 155 18.59 -31.53 69.62
N GLY I 156 17.26 -31.49 69.70
CA GLY I 156 16.48 -31.64 68.50
C GLY I 156 16.54 -30.48 67.54
N ALA I 157 17.21 -29.40 67.91
CA ALA I 157 17.28 -28.23 67.06
C ALA I 157 18.22 -28.48 65.88
N ALA I 158 18.21 -27.54 64.93
CA ALA I 158 19.13 -27.59 63.82
C ALA I 158 20.55 -27.36 64.29
N THR I 159 21.49 -28.16 63.78
CA THR I 159 22.86 -28.08 64.29
C THR I 159 23.56 -26.81 63.88
N ASN I 160 23.38 -26.37 62.64
CA ASN I 160 24.05 -25.16 62.16
C ASN I 160 23.00 -24.12 61.76
N GLY I 161 23.46 -23.03 61.17
CA GLY I 161 22.61 -21.93 60.80
C GLY I 161 22.18 -22.00 59.35
N PHE I 162 21.84 -20.84 58.79
CA PHE I 162 21.49 -20.71 57.38
C PHE I 162 22.63 -20.17 56.54
N GLU I 163 23.30 -19.11 56.99
CA GLU I 163 24.48 -18.60 56.32
C GLU I 163 25.57 -19.65 56.25
N ASP I 164 25.49 -20.65 57.12
CA ASP I 164 26.54 -21.64 57.28
C ASP I 164 26.69 -22.52 56.05
N ALA I 165 25.60 -22.84 55.37
CA ALA I 165 25.67 -23.75 54.23
C ALA I 165 26.47 -23.16 53.07
N LEU I 166 26.76 -21.87 53.10
CA LEU I 166 27.65 -21.28 52.10
C LEU I 166 29.06 -21.85 52.19
N ASN I 167 29.39 -22.52 53.30
CA ASN I 167 30.73 -23.05 53.50
C ASN I 167 30.88 -24.51 53.10
N ALA I 168 29.82 -25.15 52.62
CA ALA I 168 29.92 -26.55 52.28
C ALA I 168 30.35 -26.74 50.84
N ASP I 169 30.62 -27.98 50.46
CA ASP I 169 30.73 -28.33 49.06
C ASP I 169 29.49 -29.00 48.52
N LEU I 170 28.68 -29.63 49.38
CA LEU I 170 27.65 -30.55 48.93
C LEU I 170 26.33 -30.35 49.69
N ILE I 171 25.76 -29.14 49.62
CA ILE I 171 24.40 -28.99 50.09
C ILE I 171 23.55 -30.12 49.54
N LEU I 172 22.87 -30.84 50.42
CA LEU I 172 22.06 -31.99 50.02
C LEU I 172 20.64 -31.72 50.49
N ILE I 173 19.86 -31.07 49.64
CA ILE I 173 18.44 -30.90 49.93
C ILE I 173 17.79 -32.26 49.83
N TRP I 174 16.93 -32.58 50.79
CA TRP I 174 16.31 -33.89 50.82
C TRP I 174 14.83 -33.73 51.13
N GLY I 175 13.99 -33.97 50.12
CA GLY I 175 12.56 -33.96 50.33
C GLY I 175 12.06 -32.65 50.88
N SER I 176 12.62 -31.54 50.41
CA SER I 176 12.29 -30.22 50.93
C SER I 176 11.80 -29.33 49.81
N ASN I 177 10.73 -28.59 50.08
CA ASN I 177 10.31 -27.48 49.23
C ASN I 177 10.80 -26.17 49.86
N ALA I 178 12.12 -26.04 49.91
CA ALA I 178 12.73 -24.97 50.68
C ALA I 178 12.54 -23.61 50.04
N VAL I 179 12.10 -23.55 48.79
CA VAL I 179 11.86 -22.27 48.15
C VAL I 179 10.38 -21.92 48.16
N GLU I 180 9.49 -22.90 48.28
CA GLU I 180 8.08 -22.62 48.50
C GLU I 180 7.83 -22.22 49.94
N ALA I 181 8.32 -23.03 50.87
CA ALA I 181 8.30 -22.69 52.29
C ALA I 181 9.73 -22.40 52.72
N HIS I 182 9.92 -21.34 53.48
CA HIS I 182 11.23 -20.78 53.82
C HIS I 182 11.99 -20.26 52.60
N PRO I 183 11.39 -19.40 51.78
CA PRO I 183 12.11 -18.90 50.60
C PRO I 183 13.42 -18.22 50.91
N LEU I 184 13.56 -17.55 52.05
CA LEU I 184 14.84 -16.93 52.33
C LEU I 184 15.77 -17.85 53.08
N ALA I 185 15.38 -19.09 53.33
CA ALA I 185 16.35 -20.14 53.56
C ALA I 185 16.83 -20.73 52.24
N GLY I 186 15.94 -20.84 51.26
CA GLY I 186 16.35 -21.29 49.94
C GLY I 186 17.20 -20.28 49.20
N ARG I 187 17.13 -19.02 49.59
CA ARG I 187 18.06 -18.04 49.06
C ARG I 187 19.51 -18.46 49.28
N ARG I 188 19.80 -19.14 50.38
CA ARG I 188 21.14 -19.64 50.60
C ARG I 188 21.53 -20.67 49.55
N ILE I 189 20.59 -21.52 49.15
CA ILE I 189 20.86 -22.46 48.06
C ILE I 189 21.15 -21.72 46.77
N ALA I 190 20.40 -20.65 46.50
CA ALA I 190 20.66 -19.87 45.30
C ALA I 190 22.05 -19.24 45.33
N GLN I 191 22.43 -18.66 46.47
CA GLN I 191 23.76 -18.08 46.61
C GLN I 191 24.84 -19.14 46.47
N ALA I 192 24.61 -20.32 47.03
CA ALA I 192 25.60 -21.38 46.95
C ALA I 192 25.80 -21.83 45.51
N LYS I 193 24.71 -22.01 44.76
CA LYS I 193 24.93 -22.45 43.38
C LYS I 193 25.59 -21.35 42.57
N LYS I 194 25.32 -20.09 42.90
CA LYS I 194 26.05 -19.02 42.24
C LYS I 194 27.54 -19.08 42.58
N LYS I 195 27.87 -19.48 43.81
CA LYS I 195 29.26 -19.70 44.20
C LYS I 195 29.84 -20.99 43.64
N GLY I 196 29.02 -21.84 43.03
CA GLY I 196 29.54 -23.08 42.49
C GLY I 196 29.72 -24.16 43.54
N ILE I 197 28.64 -24.54 44.20
CA ILE I 197 28.64 -25.56 45.22
C ILE I 197 27.78 -26.72 44.74
N GLN I 198 28.30 -27.94 44.87
CA GLN I 198 27.53 -29.11 44.47
C GLN I 198 26.24 -29.16 45.27
N ILE I 199 25.11 -29.33 44.59
CA ILE I 199 23.81 -29.36 45.22
C ILE I 199 23.06 -30.56 44.68
N ILE I 200 22.57 -31.40 45.56
CA ILE I 200 21.83 -32.60 45.19
C ILE I 200 20.46 -32.52 45.85
N ALA I 201 19.41 -32.50 45.04
CA ALA I 201 18.05 -32.53 45.55
C ALA I 201 17.50 -33.93 45.40
N VAL I 202 16.67 -34.35 46.36
CA VAL I 202 16.17 -35.72 46.40
C VAL I 202 14.67 -35.78 46.61
N ASP I 203 13.93 -34.72 46.37
CA ASP I 203 12.49 -34.76 46.60
C ASP I 203 11.79 -35.75 45.66
N PRO I 204 10.64 -36.28 46.07
CA PRO I 204 9.86 -37.13 45.14
C PRO I 204 9.33 -36.39 43.91
N ARG I 205 9.15 -35.08 43.95
CA ARG I 205 8.63 -34.35 42.81
C ARG I 205 9.56 -33.20 42.45
N TYR I 206 9.57 -32.86 41.16
CA TYR I 206 10.51 -31.87 40.61
C TYR I 206 10.05 -30.49 41.04
N THR I 207 10.48 -30.08 42.22
CA THR I 207 10.04 -28.81 42.78
C THR I 207 10.95 -27.67 42.34
N MET I 208 10.52 -26.45 42.67
CA MET I 208 11.25 -25.27 42.25
C MET I 208 12.55 -25.12 43.04
N THR I 209 12.69 -25.83 44.15
CA THR I 209 13.99 -25.95 44.81
C THR I 209 14.81 -27.10 44.25
N ALA I 210 14.19 -28.04 43.54
CA ALA I 210 14.94 -29.05 42.83
C ALA I 210 15.44 -28.55 41.49
N ARG I 211 14.90 -27.44 41.01
CA ARG I 211 15.47 -26.81 39.81
C ARG I 211 16.89 -26.33 40.07
N LEU I 212 17.17 -25.79 41.26
CA LEU I 212 18.47 -25.22 41.57
C LEU I 212 19.57 -26.26 41.66
N ALA I 213 19.24 -27.54 41.72
CA ALA I 213 20.20 -28.57 42.05
C ALA I 213 20.92 -29.10 40.82
N ASP I 214 22.20 -29.44 41.01
CA ASP I 214 22.97 -30.07 39.97
C ASP I 214 22.45 -31.47 39.65
N THR I 215 22.17 -32.25 40.67
CA THR I 215 21.56 -33.56 40.50
C THR I 215 20.19 -33.56 41.15
N TYR I 216 19.22 -34.14 40.46
CA TYR I 216 17.89 -34.33 41.02
C TYR I 216 17.54 -35.81 40.97
N VAL I 217 16.96 -36.32 42.05
CA VAL I 217 16.72 -37.75 42.20
C VAL I 217 15.26 -37.97 42.61
N ARG I 218 14.51 -38.64 41.74
CA ARG I 218 13.19 -39.15 42.11
C ARG I 218 13.31 -40.35 43.02
N PHE I 219 12.40 -40.47 43.97
CA PHE I 219 12.16 -41.75 44.61
C PHE I 219 10.69 -41.89 44.90
N ASN I 220 10.26 -43.13 45.04
CA ASN I 220 8.87 -43.40 45.36
C ASN I 220 8.53 -42.82 46.72
N PRO I 221 7.42 -42.09 46.85
CA PRO I 221 7.12 -41.43 48.13
C PRO I 221 7.02 -42.45 49.26
N SER I 222 7.42 -42.00 50.46
CA SER I 222 7.44 -42.82 51.68
C SER I 222 8.48 -43.95 51.57
N THR I 223 9.68 -43.58 51.13
CA THR I 223 10.78 -44.54 51.06
C THR I 223 12.10 -43.95 51.55
N HIS I 224 12.05 -42.90 52.37
CA HIS I 224 13.28 -42.26 52.82
C HIS I 224 14.17 -43.25 53.56
N ILE I 225 13.57 -44.10 54.39
CA ILE I 225 14.35 -45.07 55.14
C ILE I 225 15.10 -45.99 54.20
N ALA I 226 14.43 -46.49 53.16
CA ALA I 226 15.08 -47.41 52.24
C ALA I 226 16.20 -46.72 51.47
N LEU I 227 15.94 -45.50 50.98
CA LEU I 227 16.96 -44.81 50.20
C LEU I 227 18.18 -44.48 51.06
N ALA I 228 17.96 -43.95 52.27
CA ALA I 228 19.09 -43.63 53.13
C ALA I 228 19.81 -44.89 53.59
N ASN I 229 19.09 -45.99 53.80
CA ASN I 229 19.75 -47.23 54.15
C ASN I 229 20.65 -47.70 53.02
N SER I 230 20.20 -47.58 51.78
CA SER I 230 21.05 -47.94 50.66
C SER I 230 22.30 -47.06 50.59
N MET I 231 22.12 -45.75 50.76
CA MET I 231 23.27 -44.85 50.68
C MET I 231 24.29 -45.19 51.76
N MET I 232 23.82 -45.43 52.98
CA MET I 232 24.75 -45.83 54.03
C MET I 232 25.36 -47.20 53.78
N TYR I 233 24.64 -48.10 53.11
CA TYR I 233 25.26 -49.37 52.77
C TYR I 233 26.43 -49.17 51.84
N TRP I 234 26.29 -48.32 50.84
CA TRP I 234 27.42 -48.14 49.92
C TRP I 234 28.56 -47.40 50.60
N ILE I 235 28.25 -46.42 51.43
CA ILE I 235 29.29 -45.71 52.17
C ILE I 235 30.10 -46.70 53.01
N ILE I 236 29.41 -47.57 53.74
CA ILE I 236 30.10 -48.58 54.53
C ILE I 236 30.88 -49.53 53.64
N LYS I 237 30.29 -49.96 52.52
CA LYS I 237 30.87 -51.01 51.70
C LYS I 237 32.18 -50.56 51.11
N GLU I 238 32.26 -49.33 50.62
CA GLU I 238 33.52 -48.82 50.11
C GLU I 238 34.35 -48.12 51.16
N GLY I 239 33.86 -48.05 52.40
CA GLY I 239 34.68 -47.55 53.49
C GLY I 239 35.03 -46.08 53.41
N LEU I 240 34.06 -45.24 53.05
CA LEU I 240 34.24 -43.80 53.09
C LEU I 240 33.72 -43.18 54.37
N GLU I 241 33.32 -44.02 55.32
CA GLU I 241 33.00 -43.57 56.66
C GLU I 241 34.19 -42.84 57.29
N ASP I 242 33.90 -42.10 58.35
CA ASP I 242 34.92 -41.30 59.04
C ASP I 242 35.34 -42.07 60.29
N LYS I 243 36.54 -42.63 60.25
CA LYS I 243 36.96 -43.52 61.34
C LYS I 243 37.22 -42.78 62.64
N LYS I 244 37.94 -41.65 62.59
CA LYS I 244 38.20 -40.92 63.82
C LYS I 244 36.89 -40.45 64.44
N PHE I 245 35.99 -39.92 63.62
CA PHE I 245 34.71 -39.45 64.12
C PHE I 245 33.91 -40.58 64.72
N ILE I 246 33.78 -41.70 64.01
CA ILE I 246 32.94 -42.78 64.51
C ILE I 246 33.55 -43.38 65.77
N GLN I 247 34.87 -43.50 65.81
CA GLN I 247 35.52 -44.11 66.97
C GLN I 247 35.55 -43.18 68.17
N ASP I 248 35.41 -41.88 67.96
CA ASP I 248 35.57 -40.91 69.02
C ASP I 248 34.25 -40.35 69.54
N ARG I 249 33.29 -40.09 68.67
CA ARG I 249 32.11 -39.32 69.02
C ARG I 249 30.79 -40.00 68.70
N VAL I 250 30.80 -41.23 68.20
CA VAL I 250 29.58 -41.87 67.75
C VAL I 250 29.53 -43.29 68.32
N ASN I 251 28.31 -43.79 68.52
CA ASN I 251 28.11 -45.11 69.13
C ASN I 251 26.95 -45.81 68.44
N GLY I 252 27.07 -47.12 68.25
CA GLY I 252 26.04 -47.93 67.61
C GLY I 252 26.38 -48.45 66.23
N PHE I 253 27.65 -48.39 65.84
CA PHE I 253 28.02 -48.67 64.46
C PHE I 253 27.73 -50.11 64.07
N GLU I 254 27.91 -51.05 64.98
CA GLU I 254 27.61 -52.43 64.64
C GLU I 254 26.12 -52.61 64.36
N ASP I 255 25.27 -51.96 65.16
CA ASP I 255 23.85 -52.04 64.91
C ASP I 255 23.49 -51.46 63.55
N LEU I 256 24.08 -50.32 63.20
CA LEU I 256 23.87 -49.78 61.86
C LEU I 256 24.33 -50.77 60.80
N LYS I 257 25.46 -51.45 61.04
CA LYS I 257 26.00 -52.40 60.09
C LYS I 257 24.99 -53.50 59.77
N LYS I 258 24.54 -54.22 60.80
CA LYS I 258 23.49 -55.22 60.57
C LYS I 258 22.29 -54.62 59.86
N THR I 259 21.79 -53.49 60.35
CA THR I 259 20.50 -53.02 59.85
C THR I 259 20.59 -52.68 58.37
N VAL I 260 21.68 -52.05 57.93
CA VAL I 260 21.76 -51.61 56.55
C VAL I 260 22.23 -52.68 55.59
N GLU I 261 22.90 -53.74 56.06
CA GLU I 261 23.45 -54.64 55.06
C GLU I 261 22.39 -55.37 54.24
N ASN I 262 21.10 -55.13 54.45
CA ASN I 262 20.04 -55.74 53.64
C ASN I 262 19.50 -54.79 52.59
N TYR I 263 20.24 -53.76 52.22
CA TYR I 263 19.74 -52.76 51.29
C TYR I 263 20.72 -52.54 50.16
N ALA I 264 21.33 -53.63 49.67
CA ALA I 264 22.17 -53.51 48.48
C ALA I 264 21.35 -53.11 47.27
N ASP I 265 20.27 -53.85 47.00
CA ASP I 265 19.39 -53.60 45.87
C ASP I 265 18.02 -53.26 46.41
N ALA I 266 17.73 -51.96 46.51
CA ALA I 266 16.42 -51.52 46.99
C ALA I 266 15.64 -50.79 45.91
N GLU I 267 15.99 -51.00 44.63
CA GLU I 267 15.24 -50.39 43.54
C GLU I 267 13.77 -50.79 43.59
N ALA I 268 13.48 -51.95 44.18
CA ALA I 268 12.09 -52.35 44.35
C ALA I 268 11.33 -51.35 45.20
N ILE I 269 11.94 -50.88 46.30
CA ILE I 269 11.24 -49.99 47.21
C ILE I 269 11.28 -48.56 46.70
N HIS I 270 12.47 -47.99 46.62
CA HIS I 270 12.66 -46.65 46.07
C HIS I 270 13.00 -46.77 44.59
N GLY I 271 12.60 -45.77 43.81
CA GLY I 271 12.77 -45.91 42.39
C GLY I 271 14.16 -45.67 41.86
N VAL I 272 15.13 -45.42 42.73
CA VAL I 272 16.43 -44.90 42.30
C VAL I 272 17.30 -46.05 41.80
N PRO I 273 17.84 -45.96 40.57
CA PRO I 273 18.77 -46.98 40.10
C PRO I 273 20.05 -47.01 40.91
N LEU I 274 20.67 -48.18 40.95
CA LEU I 274 21.89 -48.37 41.74
C LEU I 274 22.99 -47.42 41.30
N ASP I 275 23.02 -47.07 40.02
CA ASP I 275 24.04 -46.13 39.55
C ASP I 275 23.85 -44.76 40.19
N VAL I 276 22.61 -44.27 40.23
CA VAL I 276 22.35 -42.97 40.84
C VAL I 276 22.57 -43.03 42.35
N VAL I 277 22.21 -44.14 42.98
CA VAL I 277 22.44 -44.29 44.40
C VAL I 277 23.92 -44.19 44.71
N LYS I 278 24.75 -44.94 43.98
CA LYS I 278 26.18 -44.87 44.20
C LYS I 278 26.70 -43.46 43.93
N ASP I 279 26.18 -42.80 42.90
CA ASP I 279 26.64 -41.45 42.60
C ASP I 279 26.42 -40.52 43.78
N ILE I 280 25.19 -40.47 44.30
CA ILE I 280 24.92 -39.54 45.38
C ILE I 280 25.64 -39.96 46.65
N ALA I 281 25.69 -41.26 46.94
CA ALA I 281 26.35 -41.73 48.14
C ALA I 281 27.83 -41.39 48.14
N PHE I 282 28.51 -41.61 47.03
CA PHE I 282 29.94 -41.34 47.01
C PHE I 282 30.23 -39.86 46.94
N ARG I 283 29.40 -39.07 46.25
CA ARG I 283 29.60 -37.63 46.30
C ARG I 283 29.46 -37.11 47.73
N TYR I 284 28.47 -37.62 48.47
CA TYR I 284 28.27 -37.18 49.84
C TYR I 284 29.41 -37.62 50.74
N ALA I 285 29.81 -38.89 50.65
CA ALA I 285 30.88 -39.39 51.50
C ALA I 285 32.23 -38.79 51.16
N LYS I 286 32.44 -38.38 49.91
CA LYS I 286 33.71 -37.80 49.51
C LYS I 286 33.79 -36.30 49.77
N ALA I 287 32.66 -35.61 49.75
CA ALA I 287 32.67 -34.21 50.11
C ALA I 287 33.25 -34.03 51.50
N LYS I 288 34.15 -33.06 51.64
CA LYS I 288 34.77 -32.85 52.94
C LYS I 288 33.79 -32.23 53.93
N ASN I 289 32.99 -31.28 53.48
CA ASN I 289 32.02 -30.58 54.31
C ASN I 289 30.68 -30.59 53.60
N ALA I 290 29.75 -31.41 54.06
CA ALA I 290 28.46 -31.57 53.40
C ALA I 290 27.34 -31.34 54.39
N VAL I 291 26.34 -30.58 53.99
CA VAL I 291 25.22 -30.19 54.86
C VAL I 291 23.95 -30.78 54.32
N ILE I 292 23.13 -31.35 55.21
CA ILE I 292 21.84 -31.93 54.86
C ILE I 292 20.75 -30.97 55.29
N ILE I 293 19.82 -30.68 54.38
CA ILE I 293 18.66 -29.85 54.68
C ILE I 293 17.43 -30.73 54.55
N TYR I 294 16.71 -30.90 55.65
CA TYR I 294 15.58 -31.83 55.71
C TYR I 294 14.28 -31.06 55.84
N CYS I 295 13.25 -31.55 55.15
CA CYS I 295 11.90 -31.03 55.30
C CYS I 295 10.88 -32.02 54.74
N THR I 305 9.88 -39.43 62.39
CA THR I 305 10.74 -39.83 63.52
C THR I 305 11.89 -40.67 62.98
N ASP I 306 11.56 -41.79 62.34
CA ASP I 306 12.59 -42.67 61.72
C ASP I 306 13.23 -41.88 60.59
N ASN I 307 12.44 -41.06 59.92
CA ASN I 307 12.96 -40.28 58.77
C ASN I 307 14.06 -39.34 59.23
N VAL I 308 13.94 -38.68 60.39
CA VAL I 308 15.01 -37.71 60.78
C VAL I 308 16.18 -38.45 61.45
N ARG I 309 15.95 -39.57 62.13
CA ARG I 309 17.05 -40.35 62.66
C ARG I 309 17.89 -40.98 61.56
N SER I 310 17.31 -41.27 60.41
CA SER I 310 18.12 -41.72 59.30
C SER I 310 19.06 -40.61 58.82
N MET I 311 18.58 -39.37 58.81
CA MET I 311 19.45 -38.25 58.50
C MET I 311 20.58 -38.11 59.52
N GLY I 312 20.24 -38.25 60.80
CA GLY I 312 21.28 -38.26 61.81
C GLY I 312 22.26 -39.38 61.57
N ASN I 313 21.77 -40.54 61.14
CA ASN I 313 22.65 -41.65 60.82
C ASN I 313 23.62 -41.26 59.73
N LEU I 314 23.13 -40.62 58.67
CA LEU I 314 24.00 -40.23 57.57
C LEU I 314 25.07 -39.26 58.03
N ALA I 315 24.67 -38.21 58.74
CA ALA I 315 25.63 -37.20 59.17
C ALA I 315 26.66 -37.78 60.11
N LEU I 316 26.24 -38.61 61.06
CA LEU I 316 27.19 -39.21 61.98
C LEU I 316 28.10 -40.19 61.25
N LEU I 317 27.55 -40.92 60.28
CA LEU I 317 28.35 -41.91 59.55
C LEU I 317 29.45 -41.24 58.76
N THR I 318 29.16 -40.10 58.15
CA THR I 318 30.19 -39.39 57.40
C THR I 318 30.92 -38.35 58.25
N GLY I 319 30.65 -38.28 59.54
CA GLY I 319 31.34 -37.35 60.40
C GLY I 319 31.05 -35.91 60.08
N ASN I 320 29.85 -35.62 59.61
CA ASN I 320 29.47 -34.29 59.15
C ASN I 320 28.64 -33.55 60.19
N VAL I 321 29.19 -33.27 61.37
CA VAL I 321 28.35 -32.64 62.38
C VAL I 321 28.89 -31.35 62.99
N GLY I 322 29.98 -31.44 63.72
CA GLY I 322 30.34 -30.33 64.60
C GLY I 322 31.33 -29.32 64.06
N ARG I 323 30.95 -28.54 63.05
CA ARG I 323 31.96 -27.76 62.34
C ARG I 323 31.24 -26.75 61.45
N GLU I 324 31.97 -25.73 61.03
CA GLU I 324 31.43 -24.79 60.06
C GLU I 324 31.22 -25.46 58.72
N GLY I 325 30.14 -25.07 58.04
CA GLY I 325 29.86 -25.58 56.71
C GLY I 325 29.31 -26.99 56.65
N VAL I 326 28.66 -27.45 57.70
CA VAL I 326 28.26 -28.84 57.72
C VAL I 326 26.99 -28.94 58.58
N GLY I 327 26.46 -30.14 58.76
CA GLY I 327 25.43 -30.37 59.75
C GLY I 327 24.12 -30.83 59.15
N VAL I 328 23.07 -30.74 59.97
CA VAL I 328 21.71 -31.11 59.59
C VAL I 328 20.80 -29.96 59.99
N ASN I 329 19.98 -29.49 59.05
CA ASN I 329 19.12 -28.32 59.26
C ASN I 329 17.69 -28.65 58.92
N PRO I 330 16.95 -29.29 59.82
CA PRO I 330 15.52 -29.50 59.58
C PRO I 330 14.75 -28.21 59.71
N LEU I 331 14.01 -27.86 58.66
CA LEU I 331 13.29 -26.59 58.59
C LEU I 331 11.97 -26.70 59.32
N ARG I 332 11.64 -25.68 60.13
CA ARG I 332 10.54 -25.81 61.08
C ARG I 332 9.18 -25.54 60.45
N GLY I 333 8.94 -24.32 59.99
CA GLY I 333 7.72 -23.98 59.29
C GLY I 333 6.81 -22.99 59.98
N GLN I 334 6.83 -22.93 61.31
CA GLN I 334 6.04 -21.96 62.05
C GLN I 334 6.98 -20.93 62.65
N ASN I 335 6.47 -19.71 62.84
CA ASN I 335 7.38 -18.61 63.17
C ASN I 335 8.03 -18.80 64.53
N ASN I 336 7.32 -19.36 65.49
CA ASN I 336 7.87 -19.49 66.83
C ASN I 336 7.67 -20.89 67.40
N VAL I 337 7.68 -21.90 66.55
CA VAL I 337 7.58 -23.28 67.04
C VAL I 337 8.79 -23.62 67.89
N GLN I 338 9.98 -23.25 67.43
CA GLN I 338 11.18 -23.46 68.22
C GLN I 338 11.08 -22.71 69.54
N GLY I 339 10.59 -21.48 69.51
CA GLY I 339 10.48 -20.70 70.72
C GLY I 339 9.52 -21.28 71.72
N ALA I 340 8.38 -21.78 71.26
CA ALA I 340 7.43 -22.39 72.17
C ALA I 340 8.00 -23.64 72.81
N CYS I 341 8.65 -24.50 72.02
CA CYS I 341 9.28 -25.66 72.60
C CYS I 341 10.37 -25.28 73.59
N ASP I 342 11.13 -24.23 73.28
CA ASP I 342 12.17 -23.76 74.19
C ASP I 342 11.58 -23.27 75.50
N MET I 343 10.52 -22.47 75.42
CA MET I 343 9.89 -21.93 76.62
C MET I 343 9.25 -23.01 77.46
N GLY I 344 8.91 -24.13 76.87
CA GLY I 344 8.49 -25.24 77.70
C GLY I 344 7.01 -25.47 77.64
N ALA I 345 6.46 -25.31 76.44
CA ALA I 345 5.06 -25.60 76.18
C ALA I 345 4.86 -27.02 75.70
N TYR I 346 5.66 -27.93 76.18
CA TYR I 346 5.48 -29.36 76.02
C TYR I 346 5.11 -30.02 77.33
N PRO I 347 4.50 -31.20 77.27
CA PRO I 347 4.17 -31.91 78.51
C PRO I 347 5.36 -32.29 79.35
N ASN I 348 6.51 -32.58 78.75
CA ASN I 348 7.59 -33.22 79.48
C ASN I 348 8.75 -32.30 79.85
N VAL I 349 8.85 -31.12 79.26
CA VAL I 349 9.99 -30.25 79.50
C VAL I 349 9.52 -28.97 80.19
N TYR I 350 10.33 -28.49 81.12
CA TYR I 350 10.00 -27.25 81.82
C TYR I 350 10.36 -26.04 80.98
N SER I 351 11.63 -25.88 80.66
CA SER I 351 12.09 -24.76 79.86
C SER I 351 13.55 -24.99 79.52
N GLY I 352 13.94 -24.64 78.29
CA GLY I 352 15.26 -25.02 77.83
C GLY I 352 15.45 -26.51 77.80
N TYR I 353 14.38 -27.26 77.59
CA TYR I 353 14.40 -28.72 77.53
C TYR I 353 14.93 -29.33 78.83
N GLN I 354 14.53 -28.75 79.96
CA GLN I 354 14.77 -29.37 81.25
C GLN I 354 13.64 -30.37 81.51
N LYS I 355 13.96 -31.66 81.45
CA LYS I 355 12.94 -32.68 81.64
C LYS I 355 12.32 -32.58 83.04
N CYS I 356 11.03 -32.86 83.11
CA CYS I 356 10.32 -32.91 84.38
C CYS I 356 10.42 -34.28 85.02
N GLU I 357 10.97 -35.27 84.32
CA GLU I 357 11.16 -36.59 84.90
C GLU I 357 12.26 -36.62 85.94
N VAL I 358 13.08 -35.58 86.01
CA VAL I 358 14.24 -35.57 86.89
C VAL I 358 13.97 -34.64 88.07
N ALA I 359 14.01 -35.23 89.27
CA ALA I 359 13.68 -34.52 90.49
C ALA I 359 14.60 -33.33 90.72
N GLU I 360 15.79 -33.35 90.11
CA GLU I 360 16.74 -32.27 90.31
C GLU I 360 16.16 -30.94 89.85
N ASN I 361 15.87 -30.82 88.56
CA ASN I 361 15.30 -29.55 88.10
C ASN I 361 13.83 -29.45 88.45
N ARG I 362 13.15 -30.55 88.79
CA ARG I 362 11.82 -30.38 89.37
C ARG I 362 11.87 -29.57 90.66
N ALA I 363 12.79 -29.93 91.56
CA ALA I 363 12.95 -29.16 92.79
C ALA I 363 13.50 -27.78 92.51
N LYS I 364 14.34 -27.64 91.49
CA LYS I 364 14.80 -26.29 91.14
C LYS I 364 13.64 -25.41 90.70
N MET I 365 12.71 -25.98 89.91
CA MET I 365 11.51 -25.23 89.54
C MET I 365 10.70 -24.86 90.78
N GLU I 366 10.53 -25.81 91.70
CA GLU I 366 9.76 -25.52 92.90
C GLU I 366 10.37 -24.37 93.68
N LYS I 367 11.69 -24.41 93.90
CA LYS I 367 12.34 -23.33 94.64
C LYS I 367 12.23 -22.00 93.91
N ALA I 368 12.45 -22.00 92.59
CA ALA I 368 12.47 -20.74 91.86
C ALA I 368 11.07 -20.13 91.78
N TRP I 369 10.05 -20.94 91.58
CA TRP I 369 8.68 -20.46 91.39
C TRP I 369 7.93 -20.32 92.70
N SER I 370 8.51 -20.75 93.82
CA SER I 370 7.88 -20.64 95.13
C SER I 370 6.58 -21.43 95.18
N VAL I 371 6.61 -22.62 94.59
CA VAL I 371 5.47 -23.52 94.53
C VAL I 371 5.98 -24.91 94.88
N THR I 372 5.05 -25.79 95.27
CA THR I 372 5.41 -27.11 95.78
C THR I 372 4.68 -28.20 95.03
N ASN I 373 5.27 -29.39 95.03
CA ASN I 373 4.64 -30.60 94.50
C ASN I 373 4.29 -30.45 93.02
N LEU I 374 5.31 -30.23 92.21
CA LEU I 374 5.12 -30.19 90.76
C LEU I 374 4.78 -31.59 90.25
N PRO I 375 4.01 -31.68 89.15
CA PRO I 375 3.37 -32.96 88.80
C PRO I 375 4.33 -34.12 88.60
N ASP I 376 5.25 -33.99 87.65
CA ASP I 376 6.28 -34.91 87.17
C ASP I 376 5.76 -35.98 86.21
N TRP I 377 4.45 -36.08 85.99
CA TRP I 377 3.96 -37.09 85.07
C TRP I 377 3.90 -36.54 83.65
N TYR I 378 3.97 -37.44 82.68
CA TYR I 378 3.97 -37.04 81.29
C TYR I 378 2.57 -36.55 80.93
N GLY I 379 2.46 -35.31 80.50
CA GLY I 379 1.16 -34.71 80.24
C GLY I 379 0.45 -35.32 79.05
N ALA I 380 -0.54 -34.61 78.54
CA ALA I 380 -1.32 -35.06 77.40
C ALA I 380 -1.06 -34.12 76.23
N THR I 381 -0.69 -34.69 75.09
CA THR I 381 -0.43 -33.90 73.90
C THR I 381 -1.76 -33.41 73.33
N LEU I 382 -1.71 -32.71 72.19
CA LEU I 382 -2.93 -32.13 71.64
C LEU I 382 -3.97 -33.20 71.33
N THR I 383 -3.59 -34.21 70.56
CA THR I 383 -4.54 -35.23 70.16
C THR I 383 -4.96 -36.07 71.35
N GLU I 384 -4.04 -36.31 72.29
CA GLU I 384 -4.41 -37.00 73.52
C GLU I 384 -5.54 -36.27 74.22
N GLN I 385 -5.38 -34.95 74.38
CA GLN I 385 -6.41 -34.15 75.04
C GLN I 385 -7.72 -34.19 74.27
N ILE I 386 -7.66 -33.99 72.96
CA ILE I 386 -8.88 -33.89 72.18
C ILE I 386 -9.63 -35.22 72.21
N ASN I 387 -8.92 -36.34 72.15
CA ASN I 387 -9.59 -37.64 72.21
C ASN I 387 -10.18 -37.90 73.59
N GLN I 388 -9.48 -37.52 74.67
CA GLN I 388 -10.06 -37.67 76.00
C GLN I 388 -10.77 -36.40 76.48
N CYS I 389 -11.32 -35.61 75.55
CA CYS I 389 -11.89 -34.30 75.86
C CYS I 389 -13.18 -34.37 76.67
N GLY I 390 -13.76 -35.54 76.86
CA GLY I 390 -14.91 -35.62 77.73
C GLY I 390 -14.71 -36.61 78.85
N ASP I 391 -13.82 -37.58 78.62
CA ASP I 391 -13.66 -38.69 79.54
C ASP I 391 -13.10 -38.24 80.88
N GLU I 392 -12.00 -37.50 80.86
CA GLU I 392 -11.46 -36.98 82.12
C GLU I 392 -11.07 -35.51 82.01
N ILE I 393 -10.75 -35.03 80.81
CA ILE I 393 -10.46 -33.61 80.63
C ILE I 393 -11.78 -32.88 80.40
N LYS I 394 -11.95 -31.77 81.10
CA LYS I 394 -13.13 -30.92 80.92
C LYS I 394 -12.77 -29.52 81.41
N GLY I 395 -12.86 -28.55 80.52
CA GLY I 395 -12.26 -27.25 80.79
C GLY I 395 -10.96 -27.14 80.04
N MET I 396 -10.85 -26.15 79.17
CA MET I 396 -9.74 -26.06 78.25
C MET I 396 -9.48 -24.61 77.92
N TYR I 397 -8.23 -24.15 78.02
CA TYR I 397 -7.86 -22.80 77.55
C TYR I 397 -7.12 -22.99 76.24
N ILE I 398 -7.54 -22.35 75.17
CA ILE I 398 -6.87 -22.47 73.85
C ILE I 398 -6.27 -21.12 73.51
N LEU I 399 -4.96 -20.96 73.60
CA LEU I 399 -4.34 -19.62 73.43
C LEU I 399 -4.39 -19.04 72.01
N GLY I 400 -4.25 -19.80 70.94
CA GLY I 400 -4.40 -19.17 69.62
C GLY I 400 -4.78 -20.16 68.55
N LEU I 401 -5.29 -21.31 68.93
CA LEU I 401 -5.56 -22.40 68.00
C LEU I 401 -6.94 -22.27 67.35
N ASN I 402 -7.05 -22.92 66.19
CA ASN I 402 -8.32 -23.12 65.49
C ASN I 402 -8.43 -24.62 65.20
N PRO I 403 -8.62 -25.43 66.23
CA PRO I 403 -8.58 -26.88 66.05
C PRO I 403 -9.61 -27.40 65.06
N VAL I 404 -10.81 -26.81 65.02
CA VAL I 404 -11.85 -27.33 64.15
C VAL I 404 -11.44 -27.22 62.70
N VAL I 405 -10.60 -26.23 62.36
CA VAL I 405 -10.15 -26.09 60.99
C VAL I 405 -8.80 -26.77 60.77
N THR I 406 -8.01 -26.98 61.82
CA THR I 406 -6.68 -27.53 61.62
C THR I 406 -6.62 -29.05 61.74
N TYR I 407 -7.26 -29.63 62.75
CA TYR I 407 -7.15 -31.07 62.93
C TYR I 407 -7.90 -31.81 61.83
N PRO I 408 -7.43 -32.99 61.45
CA PRO I 408 -8.24 -33.89 60.62
C PRO I 408 -9.43 -34.43 61.40
N SER I 409 -10.46 -34.83 60.66
CA SER I 409 -11.75 -35.20 61.23
C SER I 409 -12.33 -34.03 62.04
N SER I 410 -12.56 -32.93 61.32
CA SER I 410 -13.07 -31.72 61.95
C SER I 410 -14.40 -31.97 62.64
N ASN I 411 -15.24 -32.84 62.09
CA ASN I 411 -16.51 -33.15 62.73
C ASN I 411 -16.31 -33.86 64.06
N HIS I 412 -15.33 -34.77 64.11
CA HIS I 412 -14.98 -35.39 65.39
C HIS I 412 -14.45 -34.37 66.37
N VAL I 413 -13.65 -33.41 65.89
CA VAL I 413 -13.17 -32.34 66.76
C VAL I 413 -14.32 -31.55 67.33
N LYS I 414 -15.30 -31.21 66.49
CA LYS I 414 -16.47 -30.47 66.96
C LYS I 414 -17.26 -31.27 67.98
N ALA I 415 -17.41 -32.57 67.75
CA ALA I 415 -18.12 -33.40 68.71
C ALA I 415 -17.42 -33.39 70.06
N GLN I 416 -16.09 -33.57 70.04
CA GLN I 416 -15.36 -33.60 71.30
C GLN I 416 -15.41 -32.25 72.00
N LEU I 417 -15.30 -31.15 71.26
CA LEU I 417 -15.32 -29.83 71.87
C LEU I 417 -16.69 -29.51 72.46
N GLU I 418 -17.77 -29.93 71.80
CA GLU I 418 -19.09 -29.73 72.39
C GLU I 418 -19.32 -30.68 73.57
N LYS I 419 -18.59 -31.79 73.64
CA LYS I 419 -18.64 -32.62 74.84
C LYS I 419 -17.95 -32.00 76.02
N LEU I 420 -17.53 -30.74 75.91
CA LEU I 420 -16.59 -30.14 76.85
C LEU I 420 -17.24 -29.05 77.68
N ASP I 421 -16.90 -29.01 78.96
CA ASP I 421 -17.38 -27.99 79.89
C ASP I 421 -16.39 -26.83 79.91
N PHE I 422 -16.87 -25.65 79.54
CA PHE I 422 -16.13 -24.40 79.70
C PHE I 422 -14.81 -24.38 78.92
N LEU I 423 -14.95 -24.36 77.61
CA LEU I 423 -13.85 -23.95 76.75
C LEU I 423 -13.62 -22.46 76.88
N VAL I 424 -12.37 -21.97 76.93
CA VAL I 424 -12.04 -20.51 76.91
C VAL I 424 -11.16 -20.30 75.68
N VAL I 425 -11.39 -19.31 74.83
CA VAL I 425 -10.57 -19.21 73.61
C VAL I 425 -10.02 -17.80 73.54
N GLN I 426 -8.71 -17.64 73.35
CA GLN I 426 -8.15 -16.27 73.18
C GLN I 426 -7.74 -16.11 71.71
N ASP I 427 -8.34 -15.20 70.96
CA ASP I 427 -7.87 -15.03 69.57
C ASP I 427 -7.88 -13.57 69.12
N ILE I 428 -7.25 -13.26 67.98
CA ILE I 428 -7.37 -11.93 67.39
C ILE I 428 -8.54 -11.83 66.42
N PHE I 429 -9.08 -12.97 65.98
CA PHE I 429 -10.16 -12.99 65.01
C PHE I 429 -11.25 -13.94 65.50
N PHE I 430 -12.44 -13.78 64.97
CA PHE I 430 -13.54 -14.68 65.30
C PHE I 430 -13.43 -15.89 64.40
N THR I 431 -12.84 -16.95 64.91
CA THR I 431 -12.59 -18.14 64.13
C THR I 431 -13.81 -19.07 64.17
N GLU I 432 -13.64 -20.30 63.68
CA GLU I 432 -14.71 -21.27 63.74
C GLU I 432 -14.76 -21.96 65.09
N THR I 433 -13.60 -22.10 65.75
CA THR I 433 -13.53 -22.69 67.07
C THR I 433 -14.18 -21.80 68.12
N CYS I 434 -14.35 -20.52 67.79
CA CYS I 434 -14.88 -19.57 68.76
C CYS I 434 -16.34 -19.86 69.11
N GLN I 435 -17.14 -20.37 68.16
CA GLN I 435 -18.54 -20.63 68.48
C GLN I 435 -18.70 -21.60 69.63
N TYR I 436 -17.72 -22.47 69.85
CA TYR I 436 -17.86 -23.46 70.90
C TYR I 436 -17.30 -22.97 72.21
N ALA I 437 -16.75 -21.77 72.23
CA ALA I 437 -16.21 -21.21 73.45
C ALA I 437 -17.33 -20.74 74.36
N ASP I 438 -17.02 -20.67 75.65
CA ASP I 438 -17.91 -20.00 76.60
C ASP I 438 -17.45 -18.59 76.91
N VAL I 439 -16.16 -18.34 76.83
CA VAL I 439 -15.60 -17.00 76.97
C VAL I 439 -14.64 -16.83 75.81
N ILE I 440 -14.57 -15.61 75.28
CA ILE I 440 -13.62 -15.29 74.23
C ILE I 440 -12.86 -14.05 74.64
N LEU I 441 -11.57 -14.21 74.88
CA LEU I 441 -10.75 -13.08 75.34
C LEU I 441 -10.00 -12.51 74.14
N PRO I 442 -10.18 -11.26 73.68
CA PRO I 442 -9.48 -10.73 72.52
C PRO I 442 -7.99 -10.59 72.78
N GLY I 443 -7.21 -10.78 71.72
CA GLY I 443 -5.76 -10.76 71.81
C GLY I 443 -5.15 -9.73 70.89
N ALA I 444 -3.83 -9.64 70.96
CA ALA I 444 -3.05 -8.76 70.12
C ALA I 444 -2.23 -9.58 69.14
N CYS I 445 -1.93 -9.00 68.00
CA CYS I 445 -1.12 -9.67 67.00
C CYS I 445 0.33 -9.23 67.15
N PHE I 446 1.16 -9.63 66.18
CA PHE I 446 2.59 -9.37 66.29
C PHE I 446 2.92 -7.90 66.22
N ALA I 447 2.04 -7.08 65.66
CA ALA I 447 2.29 -5.64 65.59
C ALA I 447 1.93 -4.92 66.88
N GLU I 448 1.22 -5.57 67.79
CA GLU I 448 0.94 -4.98 69.09
C GLU I 448 1.68 -5.64 70.24
N LYS I 449 2.19 -6.85 70.05
CA LYS I 449 2.99 -7.44 71.11
C LYS I 449 4.38 -6.80 71.15
N ASP I 450 5.15 -7.14 72.17
CA ASP I 450 6.50 -6.61 72.33
C ASP I 450 7.45 -7.69 72.83
N GLY I 451 7.37 -8.89 72.30
CA GLY I 451 8.14 -10.02 72.77
C GLY I 451 9.31 -10.38 71.89
N THR I 452 9.63 -11.67 71.85
CA THR I 452 10.67 -12.21 70.99
C THR I 452 10.14 -13.43 70.25
N PHE I 453 10.62 -13.63 69.04
CA PHE I 453 10.47 -14.90 68.34
C PHE I 453 11.78 -15.66 68.40
N THR I 454 11.73 -16.94 68.03
CA THR I 454 12.93 -17.76 67.94
C THR I 454 12.93 -18.47 66.60
N SER I 455 13.92 -18.17 65.76
CA SER I 455 13.99 -18.74 64.43
C SER I 455 14.20 -20.25 64.49
N GLY I 456 14.16 -20.88 63.32
CA GLY I 456 14.49 -22.29 63.23
C GLY I 456 15.96 -22.57 63.40
N GLU I 457 16.81 -21.57 63.19
CA GLU I 457 18.23 -21.66 63.44
C GLU I 457 18.60 -21.24 64.85
N ARG I 458 17.66 -21.32 65.79
CA ARG I 458 17.87 -21.09 67.21
C ARG I 458 18.14 -19.63 67.55
N ARG I 459 17.86 -18.71 66.64
CA ARG I 459 18.16 -17.30 66.88
C ARG I 459 16.97 -16.59 67.50
N ILE I 460 17.20 -15.89 68.61
CA ILE I 460 16.17 -15.10 69.26
C ILE I 460 16.15 -13.71 68.65
N ASN I 461 15.01 -13.32 68.10
CA ASN I 461 14.83 -12.03 67.45
C ASN I 461 13.80 -11.22 68.22
N ARG I 462 13.94 -9.91 68.19
CA ARG I 462 13.03 -9.02 68.89
C ARG I 462 11.80 -8.71 68.04
N VAL I 463 10.64 -8.69 68.68
CA VAL I 463 9.41 -8.16 68.12
C VAL I 463 9.12 -6.85 68.82
N ARG I 464 8.81 -5.82 68.06
CA ARG I 464 8.64 -4.48 68.61
C ARG I 464 7.21 -4.00 68.40
N LYS I 465 6.75 -3.17 69.33
CA LYS I 465 5.39 -2.68 69.30
C LYS I 465 5.29 -1.54 68.30
N ALA I 466 4.37 -1.69 67.34
CA ALA I 466 4.14 -0.68 66.33
C ALA I 466 2.89 0.15 66.63
N VAL I 467 1.80 -0.52 66.97
CA VAL I 467 0.52 0.14 67.22
C VAL I 467 -0.08 -0.44 68.49
N ASN I 468 -1.21 0.08 68.87
CA ASN I 468 -1.95 -0.39 70.04
C ASN I 468 -3.01 -1.40 69.63
N PRO I 469 -3.38 -2.30 70.53
CA PRO I 469 -4.43 -3.26 70.21
C PRO I 469 -5.73 -2.53 69.88
N PRO I 470 -6.55 -3.11 69.00
CA PRO I 470 -7.63 -2.33 68.35
C PRO I 470 -8.52 -1.55 69.30
N GLY I 471 -9.21 -2.25 70.19
CA GLY I 471 -10.09 -1.59 71.14
C GLY I 471 -9.70 -1.86 72.57
N GLN I 472 -10.48 -2.71 73.22
CA GLN I 472 -10.21 -3.18 74.57
C GLN I 472 -9.37 -4.45 74.60
N ALA I 473 -8.87 -4.89 73.45
CA ALA I 473 -8.04 -6.08 73.40
C ALA I 473 -6.72 -5.84 74.13
N LYS I 474 -6.19 -6.91 74.71
CA LYS I 474 -4.93 -6.85 75.44
C LYS I 474 -4.03 -7.97 74.97
N GLU I 475 -2.75 -7.83 75.26
CA GLU I 475 -1.79 -8.88 74.93
C GLU I 475 -1.75 -9.95 76.01
N ASP I 476 -1.30 -11.14 75.64
CA ASP I 476 -1.40 -12.36 76.46
C ASP I 476 -0.69 -12.33 77.81
N ILE I 477 0.50 -11.75 77.88
CA ILE I 477 1.10 -11.64 79.21
C ILE I 477 0.16 -10.87 80.13
N HIS I 478 -0.44 -9.79 79.64
CA HIS I 478 -1.36 -9.00 80.45
C HIS I 478 -2.59 -9.81 80.83
N ILE I 479 -3.24 -10.44 79.86
CA ILE I 479 -4.42 -11.32 80.16
C ILE I 479 -4.06 -12.36 81.21
N ILE I 480 -2.99 -13.15 81.00
CA ILE I 480 -2.69 -14.24 81.92
C ILE I 480 -2.32 -13.71 83.30
N SER I 481 -1.62 -12.57 83.35
CA SER I 481 -1.31 -12.00 84.65
C SER I 481 -2.58 -11.57 85.37
N GLU I 482 -3.52 -10.97 84.64
CA GLU I 482 -4.75 -10.52 85.28
C GLU I 482 -5.60 -11.70 85.75
N LEU I 483 -5.64 -12.78 84.96
CA LEU I 483 -6.35 -13.98 85.39
C LEU I 483 -5.70 -14.61 86.61
N ALA I 484 -4.37 -14.64 86.65
CA ALA I 484 -3.71 -15.23 87.82
C ALA I 484 -3.89 -14.37 89.05
N ALA I 485 -3.92 -13.05 88.89
CA ALA I 485 -4.23 -12.17 90.00
C ALA I 485 -5.67 -12.35 90.47
N LYS I 486 -6.59 -12.62 89.54
CA LYS I 486 -7.96 -12.94 89.92
C LYS I 486 -8.00 -14.24 90.73
N MET I 487 -7.26 -15.25 90.30
CA MET I 487 -7.35 -16.55 90.95
C MET I 487 -6.46 -16.66 92.18
N GLY I 488 -5.63 -15.64 92.46
CA GLY I 488 -4.78 -15.68 93.63
C GLY I 488 -3.56 -16.56 93.44
N PHE I 489 -2.75 -16.22 92.45
CA PHE I 489 -1.53 -16.96 92.15
C PHE I 489 -0.34 -16.03 92.27
N LYS I 490 0.66 -16.44 93.05
CA LYS I 490 1.83 -15.62 93.27
C LYS I 490 2.91 -15.95 92.25
N GLY I 491 3.54 -14.92 91.71
CA GLY I 491 4.57 -15.07 90.70
C GLY I 491 4.22 -14.50 89.35
N PHE I 492 3.07 -13.86 89.19
CA PHE I 492 2.65 -13.30 87.93
C PHE I 492 2.55 -11.78 88.02
N GLU I 493 3.55 -11.17 88.64
CA GLU I 493 3.62 -9.72 88.83
C GLU I 493 4.49 -9.08 87.77
N LEU I 494 4.41 -9.58 86.54
CA LEU I 494 5.36 -9.30 85.48
C LEU I 494 4.73 -8.33 84.50
N PRO I 495 4.97 -7.03 84.61
CA PRO I 495 4.24 -6.06 83.78
C PRO I 495 4.75 -5.93 82.36
N THR I 496 5.91 -6.47 82.04
CA THR I 496 6.49 -6.31 80.71
C THR I 496 7.10 -7.60 80.21
N ALA I 497 7.26 -7.67 78.90
CA ALA I 497 7.95 -8.78 78.28
C ALA I 497 9.37 -8.90 78.79
N LYS I 498 10.00 -7.79 79.17
CA LYS I 498 11.33 -7.88 79.76
C LYS I 498 11.29 -8.60 81.10
N ASP I 499 10.29 -8.32 81.93
CA ASP I 499 10.21 -9.01 83.21
C ASP I 499 9.90 -10.49 83.02
N VAL I 500 9.03 -10.81 82.06
CA VAL I 500 8.79 -12.22 81.76
C VAL I 500 10.07 -12.89 81.30
N TRP I 501 10.82 -12.23 80.43
CA TRP I 501 12.07 -12.79 79.93
C TRP I 501 13.07 -13.00 81.04
N ASP I 502 13.16 -12.05 81.98
CA ASP I 502 14.12 -12.19 83.06
C ASP I 502 13.73 -13.32 84.01
N ASP I 503 12.44 -13.50 84.26
CA ASP I 503 12.03 -14.66 85.05
C ASP I 503 12.41 -15.95 84.34
N MET I 504 12.18 -16.03 83.04
CA MET I 504 12.55 -17.23 82.29
C MET I 504 14.05 -17.46 82.37
N ARG I 505 14.84 -16.40 82.23
CA ARG I 505 16.29 -16.53 82.24
C ARG I 505 16.78 -17.00 83.60
N ALA I 506 16.20 -16.49 84.68
CA ALA I 506 16.55 -17.00 86.00
C ALA I 506 16.26 -18.48 86.10
N VAL I 507 15.16 -18.93 85.49
CA VAL I 507 14.79 -20.34 85.57
C VAL I 507 15.76 -21.20 84.77
N THR I 508 16.06 -20.82 83.53
CA THR I 508 16.72 -21.74 82.61
C THR I 508 18.24 -21.58 82.64
N PRO I 509 18.99 -22.69 82.61
CA PRO I 509 20.45 -22.59 82.58
C PRO I 509 20.98 -21.95 81.32
N SER I 510 20.61 -22.47 80.15
CA SER I 510 20.90 -21.75 78.92
C SER I 510 19.97 -20.55 78.82
N MET I 511 20.13 -19.76 77.77
CA MET I 511 19.41 -18.51 77.61
C MET I 511 19.61 -17.56 78.78
N PHE I 512 20.54 -17.86 79.69
CA PHE I 512 20.83 -16.95 80.77
C PHE I 512 21.59 -15.73 80.28
N GLY I 513 22.30 -15.84 79.17
CA GLY I 513 23.01 -14.72 78.64
C GLY I 513 22.23 -13.84 77.70
N ALA I 514 21.01 -14.23 77.34
CA ALA I 514 20.24 -13.52 76.31
C ALA I 514 19.39 -12.43 76.97
N THR I 515 20.06 -11.35 77.35
CA THR I 515 19.38 -10.18 77.87
C THR I 515 18.86 -9.33 76.72
N TYR I 516 17.82 -8.54 76.98
CA TYR I 516 17.35 -7.66 75.90
C TYR I 516 18.37 -6.62 75.46
N GLU I 517 19.24 -6.16 76.36
CA GLU I 517 20.29 -5.27 75.89
C GLU I 517 21.18 -5.95 74.86
N LYS I 518 21.24 -7.28 74.91
CA LYS I 518 21.98 -8.04 73.91
C LYS I 518 21.12 -8.42 72.71
N LEU I 519 19.81 -8.54 72.88
CA LEU I 519 18.93 -8.83 71.76
C LEU I 519 18.59 -7.60 70.93
N GLU I 520 18.86 -6.40 71.45
CA GLU I 520 18.70 -5.21 70.64
C GLU I 520 19.70 -5.13 69.50
N ARG I 521 20.70 -6.01 69.49
CA ARG I 521 21.58 -6.08 68.34
C ARG I 521 20.79 -6.68 67.16
N PRO I 522 20.99 -6.17 65.95
CA PRO I 522 20.31 -6.75 64.79
C PRO I 522 20.67 -8.19 64.56
N GLU I 523 21.78 -8.67 65.11
CA GLU I 523 22.20 -10.05 64.91
C GLU I 523 21.37 -11.04 65.72
N GLY I 524 20.83 -10.65 66.88
CA GLY I 524 20.05 -11.57 67.73
C GLY I 524 20.97 -12.45 68.54
N ILE I 525 20.46 -13.51 69.16
CA ILE I 525 21.32 -14.46 69.92
C ILE I 525 20.89 -15.89 69.61
N CYS I 526 21.82 -16.82 69.43
CA CYS I 526 21.46 -18.25 69.24
C CYS I 526 21.26 -18.90 70.60
N TRP I 527 20.41 -19.92 70.71
CA TRP I 527 19.91 -20.39 72.03
C TRP I 527 20.89 -20.93 73.05
N PRO I 528 21.92 -21.72 72.76
CA PRO I 528 22.76 -22.16 73.87
C PRO I 528 23.65 -20.94 74.17
N CYS I 529 23.20 -20.04 75.06
CA CYS I 529 23.98 -18.85 75.46
C CYS I 529 24.02 -18.84 76.98
N PRO I 530 24.82 -19.71 77.63
CA PRO I 530 24.81 -19.84 79.08
C PRO I 530 25.30 -18.71 79.99
N THR I 531 26.09 -17.77 79.48
CA THR I 531 26.68 -16.70 80.33
C THR I 531 26.46 -15.36 79.65
N GLU I 532 26.59 -14.26 80.36
CA GLU I 532 26.24 -12.93 79.78
C GLU I 532 27.33 -12.38 78.86
N GLU I 533 28.53 -12.93 78.87
CA GLU I 533 29.55 -12.51 77.90
C GLU I 533 29.65 -13.46 76.73
N HIS I 534 28.99 -14.61 76.79
CA HIS I 534 28.97 -15.55 75.69
C HIS I 534 28.30 -14.92 74.47
N PRO I 535 28.89 -15.02 73.28
CA PRO I 535 28.27 -14.45 72.08
C PRO I 535 27.17 -15.31 71.48
N GLY I 536 26.94 -16.51 71.99
CA GLY I 536 26.00 -17.44 71.41
C GLY I 536 26.69 -18.64 70.79
N THR I 537 25.88 -19.61 70.42
CA THR I 537 26.37 -20.87 69.85
C THR I 537 25.68 -21.09 68.51
N PRO I 538 26.15 -20.41 67.46
CA PRO I 538 25.55 -20.63 66.13
C PRO I 538 25.73 -22.03 65.60
N ILE I 539 26.69 -22.82 66.10
CA ILE I 539 26.91 -24.18 65.62
C ILE I 539 26.93 -25.10 66.82
N LEU I 540 26.01 -26.06 66.85
CA LEU I 540 25.86 -26.94 68.00
C LEU I 540 26.86 -28.08 67.96
N HIS I 541 26.91 -28.82 69.07
CA HIS I 541 27.76 -30.01 69.20
C HIS I 541 29.19 -29.70 68.80
N ARG I 542 29.72 -28.64 69.39
CA ARG I 542 30.96 -28.01 68.95
C ARG I 542 32.12 -29.00 68.93
N GLU I 543 32.33 -29.72 70.05
CA GLU I 543 33.16 -30.92 69.98
C GLU I 543 32.63 -32.08 70.83
N LYS I 544 31.54 -31.92 71.55
CA LYS I 544 30.91 -33.08 72.16
C LYS I 544 29.41 -32.93 72.07
N PHE I 545 28.72 -34.07 72.03
CA PHE I 545 27.27 -34.07 71.83
C PHE I 545 26.58 -33.82 73.16
N ALA I 546 25.26 -34.01 73.18
CA ALA I 546 24.44 -33.65 74.33
C ALA I 546 23.66 -34.85 74.87
N THR I 547 24.27 -36.03 74.74
CA THR I 547 23.66 -37.28 75.24
C THR I 547 24.40 -37.73 76.51
N ALA I 548 24.05 -38.90 77.07
CA ALA I 548 24.62 -39.36 78.36
C ALA I 548 26.15 -39.52 78.38
N ASP I 549 26.72 -40.13 77.35
CA ASP I 549 28.19 -40.33 77.27
C ASP I 549 28.79 -39.15 76.53
N GLY I 550 27.97 -38.18 76.12
CA GLY I 550 28.46 -37.06 75.30
C GLY I 550 28.65 -37.54 73.87
N LYS I 551 28.17 -38.74 73.56
CA LYS I 551 28.41 -39.31 72.22
C LYS I 551 27.09 -39.52 71.48
N GLY I 552 27.03 -39.13 70.20
CA GLY I 552 25.84 -39.38 69.39
C GLY I 552 25.58 -40.85 69.23
N ASN I 553 24.33 -41.25 69.20
CA ASN I 553 24.01 -42.67 68.97
C ASN I 553 23.42 -42.76 67.58
N LEU I 554 23.86 -43.71 66.78
CA LEU I 554 23.24 -43.86 65.48
C LEU I 554 22.52 -45.21 65.43
N PHE I 555 21.27 -45.18 64.97
CA PHE I 555 20.36 -46.29 65.12
C PHE I 555 20.21 -47.05 63.81
N GLY I 556 19.72 -48.28 63.92
CA GLY I 556 19.41 -49.07 62.76
C GLY I 556 17.92 -49.21 62.53
N ILE I 557 17.42 -48.52 61.52
CA ILE I 557 15.98 -48.49 61.22
C ILE I 557 15.71 -49.40 60.03
N ASP I 558 14.74 -50.29 60.19
CA ASP I 558 14.27 -51.09 59.07
C ASP I 558 13.07 -50.41 58.43
N TYR I 559 13.02 -50.45 57.11
CA TYR I 559 11.92 -49.81 56.39
C TYR I 559 10.64 -50.61 56.54
N ARG I 560 9.56 -49.93 56.94
CA ARG I 560 8.25 -50.56 57.09
C ARG I 560 7.36 -50.16 55.93
N PRO I 561 7.02 -51.07 55.02
CA PRO I 561 6.13 -50.71 53.93
C PRO I 561 4.71 -50.52 54.44
N PRO I 562 4.02 -49.44 54.04
CA PRO I 562 2.72 -49.10 54.61
C PRO I 562 1.57 -49.93 54.03
#